data_6QFB
#
_entry.id   6QFB
#
_cell.length_a   214.277
_cell.length_b   215.398
_cell.length_c   158.421
_cell.angle_alpha   90.00
_cell.angle_beta   117.27
_cell.angle_gamma   90.00
#
_symmetry.space_group_name_H-M   'C 1 2 1'
#
loop_
_entity.id
_entity.type
_entity.pdbx_description
1 polymer 'ATP-citrate synthase'
2 non-polymer 'DIHYDROGENPHOSPHATE ION'
3 non-polymer 'COENZYME A'
4 non-polymer "ADENOSINE-5'-DIPHOSPHATE"
5 non-polymer 'MAGNESIUM ION'
6 non-polymer 'CITRATE ANION'
#
_entity_poly.entity_id   1
_entity_poly.type   'polypeptide(L)'
_entity_poly.pdbx_seq_one_letter_code
;MSAKAISEQTGKELLYKFICTTSAIQNRFKYARVTPDTDWARLLQDHPWLLSQNLVVKPDQLIKRRGKLGLVGVNLTLDG
VKSWLKPRLGQEATVGKATGFLKNFLIEPFVPHSQAEEFYVCIYATREGDYVLFHHEGGVDVGDVDAKAQKLLVGVDEKL
NPEDIKKHLLVHAPEDKKEILASFISGLFNFYEDLYFTYLEINPLVVTKDGVYVLDLAAKVDATADYICKVKWGDIEFPP
PFGREAYPEEAYIADLDAKSGASLKLTLLNPKGRIWTMVAGGGASVVYSDTICDLGGVNELANYGEYSGAPSEQQTYDYA
KTILSLMTREKHPDGKILIIGGSIANFTNVAATFKGIVRAIRDYQGPLKEHEVTIFVRRGGPNYQEGLRVMGEVGKTTGI
PIHVFGTETHMTAIVGMALGHRPIPMGKSTTLFSRHTKAIVWGMQTRAVQGMLDFDYVCSRDEPSVAAMVYPFTGDHKQK
FYWGHKEILIPVFKNMADAMRKHPEVDVLINFASLRSAYDSTMETMNYAQIRTIAIIAEGIPEALTRKLIKKADQKGVTI
IGPATVGGIKPGCFKIGNTGGMLDNILASKLYRPGSVAYVSRSGGMSNELNNIISRTTDGVYEGVAIGGDRYPGSTFMDH
VLRYQDTPGVKMIVVLGEIGGTEEYKICRGIKEGRLTKPIVCWCIGTCATMFSSEVQFGHAGACANQASETAVAKNQALK
EAGVFVPRSFDELGEIIQSVYEDLVANGVIVPAQEVPPPTVPMDYSWARELGLIRKPASFMTSICDERGQELIYAGMPIT
EVFKEEMGIGGVLGLLWFQKRLPKYSCQFIEMCLMVTADHGPAVSGAHNTIICARAGKDLVSSLTSGLLTIGDRFGGALD
AAAKMFSKAFDSGIIPMEFVNKMKKEGKLIMGIGHRVKSINNPDMRVQILKDYVRQHFPATPLLDYALEVEKITTSKKPN
LILNVDGLIGVAFVDMLRNCGSFTREEADEYIDIGALNGIFVLGRSMGFIGHYLDQKRLKQGLYRHPWDDISYVLPEHMS
MGGSHHHHHH
;
_entity_poly.pdbx_strand_id   A,B,C,D
#
# COMPACT_ATOMS: atom_id res chain seq x y z
N SER A 2 -86.52 90.11 22.74
CA SER A 2 -87.40 91.26 22.90
C SER A 2 -86.93 92.52 22.11
N ALA A 3 -87.80 93.53 21.95
CA ALA A 3 -87.46 94.79 21.28
C ALA A 3 -86.68 95.58 22.33
N LYS A 4 -85.49 96.05 21.95
CA LYS A 4 -84.59 96.77 22.85
C LYS A 4 -84.23 98.13 22.32
N ALA A 5 -84.17 99.13 23.19
CA ALA A 5 -83.78 100.46 22.80
C ALA A 5 -82.28 100.55 22.64
N ILE A 6 -81.85 101.36 21.66
CA ILE A 6 -80.45 101.68 21.33
C ILE A 6 -80.20 103.18 21.55
N SER A 7 -78.91 103.56 21.75
CA SER A 7 -78.55 104.96 21.92
C SER A 7 -78.75 105.76 20.61
N GLU A 8 -78.89 107.07 20.75
CA GLU A 8 -79.07 108.00 19.63
C GLU A 8 -77.83 107.93 18.75
N GLN A 9 -76.64 107.79 19.37
CA GLN A 9 -75.37 107.67 18.66
C GLN A 9 -75.34 106.39 17.82
N THR A 10 -75.71 105.24 18.43
CA THR A 10 -75.79 103.96 17.75
C THR A 10 -76.70 104.06 16.53
N GLY A 11 -77.89 104.65 16.73
CA GLY A 11 -78.89 104.81 15.67
C GLY A 11 -78.43 105.67 14.53
N LYS A 12 -77.85 106.83 14.88
CA LYS A 12 -77.35 107.79 13.90
C LYS A 12 -76.21 107.15 13.10
N GLU A 13 -75.30 106.43 13.78
CA GLU A 13 -74.20 105.74 13.12
C GLU A 13 -74.71 104.79 12.03
N LEU A 14 -75.69 103.93 12.37
CA LEU A 14 -76.31 102.98 11.46
C LEU A 14 -77.02 103.70 10.34
N LEU A 15 -77.77 104.76 10.68
CA LEU A 15 -78.50 105.54 9.69
C LEU A 15 -77.53 106.13 8.66
N TYR A 16 -76.51 106.86 9.12
CA TYR A 16 -75.52 107.45 8.22
C TYR A 16 -74.81 106.38 7.38
N LYS A 17 -74.45 105.27 8.00
CA LYS A 17 -73.78 104.18 7.31
C LYS A 17 -74.63 103.51 6.24
N PHE A 18 -75.95 103.32 6.50
CA PHE A 18 -76.76 102.46 5.64
C PHE A 18 -77.95 103.06 4.88
N ILE A 19 -78.46 104.25 5.25
CA ILE A 19 -79.61 104.80 4.52
C ILE A 19 -79.27 105.07 3.04
N CYS A 20 -80.13 104.60 2.14
CA CYS A 20 -79.97 104.78 0.69
C CYS A 20 -81.01 105.77 0.25
N THR A 21 -80.57 106.97 -0.16
CA THR A 21 -81.47 108.05 -0.60
C THR A 21 -80.78 109.00 -1.56
N THR A 22 -81.57 109.61 -2.47
CA THR A 22 -81.12 110.63 -3.43
C THR A 22 -80.85 111.92 -2.64
N SER A 23 -81.63 112.12 -1.54
CA SER A 23 -81.55 113.22 -0.57
C SER A 23 -80.15 113.28 0.04
N ALA A 24 -79.54 114.47 0.03
CA ALA A 24 -78.21 114.64 0.60
C ALA A 24 -78.36 114.82 2.10
N ILE A 25 -77.94 113.81 2.89
CA ILE A 25 -78.00 113.90 4.33
C ILE A 25 -76.72 114.58 4.79
N GLN A 26 -76.90 115.71 5.47
CA GLN A 26 -75.81 116.56 5.95
C GLN A 26 -75.30 116.13 7.31
N ASN A 27 -74.05 116.56 7.62
CA ASN A 27 -73.35 116.32 8.89
C ASN A 27 -73.17 114.81 9.22
N ARG A 28 -73.01 113.96 8.18
CA ARG A 28 -72.83 112.52 8.35
C ARG A 28 -71.60 112.25 9.18
N PHE A 29 -71.77 111.43 10.22
CA PHE A 29 -70.75 110.99 11.21
C PHE A 29 -70.15 112.13 12.07
N LYS A 30 -70.77 113.34 12.01
CA LYS A 30 -70.34 114.51 12.77
C LYS A 30 -71.01 114.57 14.14
N TYR A 31 -70.52 113.72 15.05
CA TYR A 31 -70.93 113.67 16.44
C TYR A 31 -69.74 113.24 17.27
N ALA A 32 -69.68 113.67 18.52
CA ALA A 32 -68.62 113.27 19.44
C ALA A 32 -69.23 112.93 20.79
N ARG A 33 -68.78 111.83 21.38
CA ARG A 33 -69.29 111.34 22.66
C ARG A 33 -68.40 111.79 23.81
N VAL A 34 -69.03 112.29 24.89
CA VAL A 34 -68.35 112.79 26.08
C VAL A 34 -68.86 112.09 27.35
N THR A 35 -67.93 111.54 28.15
CA THR A 35 -68.16 110.88 29.43
C THR A 35 -67.31 111.55 30.50
N PRO A 36 -67.39 111.18 31.81
CA PRO A 36 -66.51 111.81 32.80
C PRO A 36 -65.02 111.43 32.62
N ASP A 37 -64.74 110.41 31.80
CA ASP A 37 -63.39 109.94 31.54
C ASP A 37 -62.80 110.44 30.22
N THR A 38 -63.50 111.38 29.54
CA THR A 38 -63.10 111.94 28.25
C THR A 38 -61.78 112.72 28.33
N ASP A 39 -60.85 112.39 27.40
CA ASP A 39 -59.58 113.09 27.21
C ASP A 39 -59.88 114.08 26.10
N TRP A 40 -60.01 115.36 26.47
CA TRP A 40 -60.36 116.44 25.55
C TRP A 40 -59.36 116.66 24.43
N ALA A 41 -58.06 116.47 24.73
CA ALA A 41 -56.99 116.58 23.74
C ALA A 41 -57.18 115.51 22.66
N ARG A 42 -57.50 114.27 23.09
CA ARG A 42 -57.74 113.12 22.21
C ARG A 42 -58.99 113.35 21.39
N LEU A 43 -60.05 113.85 22.03
CA LEU A 43 -61.34 114.16 21.42
C LEU A 43 -61.18 115.16 20.29
N LEU A 44 -60.38 116.20 20.50
CA LEU A 44 -60.13 117.23 19.50
C LEU A 44 -59.26 116.75 18.37
N GLN A 45 -58.35 115.80 18.65
CA GLN A 45 -57.46 115.18 17.68
C GLN A 45 -58.30 114.36 16.68
N ASP A 46 -59.35 113.68 17.17
CA ASP A 46 -60.25 112.85 16.38
C ASP A 46 -61.39 113.61 15.73
N HIS A 47 -61.78 114.74 16.34
CA HIS A 47 -62.87 115.57 15.84
C HIS A 47 -62.42 117.03 15.68
N PRO A 48 -61.60 117.35 14.64
CA PRO A 48 -61.17 118.73 14.45
C PRO A 48 -62.31 119.69 14.07
N TRP A 49 -63.43 119.15 13.54
CA TRP A 49 -64.62 119.93 13.18
C TRP A 49 -65.26 120.63 14.37
N LEU A 50 -64.90 120.24 15.61
CA LEU A 50 -65.41 120.82 16.86
C LEU A 50 -65.07 122.30 17.00
N LEU A 51 -64.06 122.76 16.26
CA LEU A 51 -63.61 124.15 16.29
C LEU A 51 -64.09 124.94 15.06
N SER A 52 -64.55 124.23 14.01
CA SER A 52 -65.02 124.78 12.73
C SER A 52 -66.27 125.65 12.82
N GLN A 53 -67.22 125.27 13.69
CA GLN A 53 -68.50 125.97 13.85
C GLN A 53 -69.07 125.81 15.26
N ASN A 54 -70.21 126.48 15.52
CA ASN A 54 -70.90 126.40 16.80
C ASN A 54 -71.58 125.05 16.95
N LEU A 55 -71.74 124.61 18.19
CA LEU A 55 -72.21 123.27 18.55
C LEU A 55 -73.48 123.21 19.38
N VAL A 56 -73.98 121.96 19.56
CA VAL A 56 -75.12 121.57 20.39
C VAL A 56 -74.65 120.36 21.24
N VAL A 57 -75.00 120.36 22.54
CA VAL A 57 -74.64 119.29 23.48
C VAL A 57 -75.88 118.83 24.23
N LYS A 58 -76.03 117.50 24.38
CA LYS A 58 -77.15 116.92 25.08
C LYS A 58 -76.81 115.56 25.64
N PRO A 59 -77.46 115.10 26.75
CA PRO A 59 -77.20 113.75 27.23
C PRO A 59 -77.79 112.67 26.29
N ASP A 60 -77.14 111.51 26.19
CA ASP A 60 -77.62 110.39 25.37
C ASP A 60 -77.72 109.21 26.34
N GLN A 61 -78.78 109.22 27.16
CA GLN A 61 -78.95 108.20 28.19
C GLN A 61 -80.35 107.62 28.26
N LEU A 62 -81.13 107.82 27.19
CA LEU A 62 -82.53 107.38 27.10
C LEU A 62 -83.40 108.23 28.03
N ILE A 63 -83.10 109.56 28.06
CA ILE A 63 -83.85 110.58 28.79
C ILE A 63 -84.72 111.26 27.75
N LYS A 64 -86.04 111.22 27.91
CA LYS A 64 -86.86 111.88 26.89
C LYS A 64 -87.19 113.33 27.34
N ARG A 65 -87.59 114.20 26.36
CA ARG A 65 -87.97 115.60 26.56
C ARG A 65 -86.83 116.45 27.16
N ARG A 66 -85.58 116.17 26.73
CA ARG A 66 -84.35 116.84 27.17
C ARG A 66 -84.39 118.38 27.08
N GLY A 67 -84.90 118.90 25.96
CA GLY A 67 -85.00 120.32 25.73
C GLY A 67 -85.85 121.00 26.78
N LYS A 68 -87.00 120.37 27.11
CA LYS A 68 -87.95 120.88 28.12
C LYS A 68 -87.37 120.84 29.55
N LEU A 69 -86.35 120.00 29.78
CA LEU A 69 -85.64 119.84 31.05
C LEU A 69 -84.37 120.69 31.09
N GLY A 70 -84.19 121.55 30.09
CA GLY A 70 -83.01 122.41 29.97
C GLY A 70 -81.73 121.63 29.81
N LEU A 71 -81.83 120.40 29.29
CA LEU A 71 -80.69 119.51 29.11
C LEU A 71 -80.11 119.53 27.72
N VAL A 72 -80.46 120.54 26.91
CA VAL A 72 -79.88 120.70 25.57
C VAL A 72 -79.22 122.10 25.52
N GLY A 73 -77.91 122.12 25.36
CA GLY A 73 -77.12 123.34 25.23
C GLY A 73 -76.98 123.63 23.75
N VAL A 74 -77.63 124.70 23.26
CA VAL A 74 -77.70 125.02 21.83
C VAL A 74 -76.88 126.24 21.47
N ASN A 75 -76.20 126.17 20.30
CA ASN A 75 -75.40 127.25 19.68
C ASN A 75 -74.28 127.75 20.60
N LEU A 76 -73.35 126.84 20.95
CA LEU A 76 -72.22 127.13 21.84
C LEU A 76 -70.89 126.85 21.17
N THR A 77 -69.86 127.61 21.55
CA THR A 77 -68.47 127.37 21.10
C THR A 77 -67.97 126.18 21.93
N LEU A 78 -66.85 125.53 21.53
CA LEU A 78 -66.32 124.38 22.30
C LEU A 78 -66.03 124.76 23.77
N ASP A 79 -65.62 126.02 23.99
CA ASP A 79 -65.36 126.57 25.31
C ASP A 79 -66.69 126.61 26.08
N GLY A 80 -67.75 127.08 25.40
CA GLY A 80 -69.11 127.19 25.93
C GLY A 80 -69.72 125.84 26.28
N VAL A 81 -69.39 124.82 25.47
CA VAL A 81 -69.84 123.44 25.68
C VAL A 81 -69.19 122.90 26.97
N LYS A 82 -67.87 123.12 27.12
CA LYS A 82 -67.13 122.68 28.32
C LYS A 82 -67.71 123.33 29.58
N SER A 83 -68.03 124.66 29.49
CA SER A 83 -68.64 125.45 30.57
C SER A 83 -70.04 124.95 30.93
N TRP A 84 -70.80 124.48 29.92
CA TRP A 84 -72.16 123.97 30.07
C TRP A 84 -72.14 122.62 30.79
N LEU A 85 -71.11 121.81 30.49
CA LEU A 85 -70.93 120.47 31.06
C LEU A 85 -70.39 120.48 32.48
N LYS A 86 -69.59 121.52 32.84
CA LYS A 86 -69.00 121.67 34.16
C LYS A 86 -70.02 121.33 35.27
N PRO A 87 -71.22 121.96 35.34
CA PRO A 87 -72.16 121.61 36.43
C PRO A 87 -73.05 120.38 36.19
N ARG A 88 -73.06 119.83 34.96
CA ARG A 88 -73.94 118.73 34.60
C ARG A 88 -73.29 117.36 34.54
N LEU A 89 -72.09 117.26 33.94
CA LEU A 89 -71.40 115.98 33.81
C LEU A 89 -71.02 115.48 35.19
N GLY A 90 -71.51 114.27 35.49
CA GLY A 90 -71.31 113.59 36.76
C GLY A 90 -72.36 113.91 37.81
N GLN A 91 -73.23 114.91 37.54
CA GLN A 91 -74.27 115.30 38.50
C GLN A 91 -75.43 114.31 38.51
N GLU A 92 -76.09 114.20 39.67
CA GLU A 92 -77.28 113.38 39.82
C GLU A 92 -78.46 114.20 39.30
N ALA A 93 -79.42 113.52 38.64
CA ALA A 93 -80.60 114.17 38.08
C ALA A 93 -81.84 113.33 38.30
N THR A 94 -82.96 113.99 38.63
CA THR A 94 -84.25 113.32 38.80
C THR A 94 -85.22 113.72 37.70
N VAL A 95 -85.51 112.79 36.79
CA VAL A 95 -86.42 112.99 35.67
C VAL A 95 -87.64 112.12 35.95
N GLY A 96 -88.68 112.79 36.46
CA GLY A 96 -89.90 112.12 36.86
C GLY A 96 -89.61 111.29 38.11
N LYS A 97 -89.85 109.97 38.02
CA LYS A 97 -89.60 109.09 39.16
C LYS A 97 -88.26 108.33 39.03
N ALA A 98 -87.37 108.82 38.16
CA ALA A 98 -86.07 108.20 37.95
C ALA A 98 -84.96 109.09 38.40
N THR A 99 -84.03 108.55 39.21
CA THR A 99 -82.86 109.28 39.70
C THR A 99 -81.61 108.53 39.38
N GLY A 100 -80.74 109.18 38.64
CA GLY A 100 -79.46 108.64 38.21
C GLY A 100 -78.45 109.73 37.92
N PHE A 101 -77.27 109.34 37.46
CA PHE A 101 -76.24 110.31 37.13
C PHE A 101 -76.20 110.64 35.65
N LEU A 102 -75.80 111.87 35.32
CA LEU A 102 -75.63 112.31 33.94
C LEU A 102 -74.16 112.00 33.54
N LYS A 103 -73.97 110.85 32.87
CA LYS A 103 -72.66 110.28 32.53
C LYS A 103 -72.30 110.37 31.05
N ASN A 104 -73.29 110.30 30.14
CA ASN A 104 -73.05 110.23 28.70
C ASN A 104 -73.70 111.35 27.89
N PHE A 105 -72.89 112.11 27.13
CA PHE A 105 -73.37 113.22 26.31
C PHE A 105 -72.90 113.13 24.87
N LEU A 106 -73.62 113.83 23.99
CA LEU A 106 -73.32 113.87 22.57
C LEU A 106 -73.16 115.35 22.09
N ILE A 107 -72.07 115.67 21.36
CA ILE A 107 -71.79 116.99 20.76
C ILE A 107 -71.95 116.86 19.25
N GLU A 108 -72.70 117.78 18.65
CA GLU A 108 -72.97 117.81 17.22
C GLU A 108 -72.91 119.26 16.71
N PRO A 109 -72.72 119.52 15.40
CA PRO A 109 -72.71 120.93 14.93
C PRO A 109 -74.08 121.58 15.05
N PHE A 110 -74.12 122.88 15.34
CA PHE A 110 -75.36 123.65 15.41
C PHE A 110 -75.90 123.85 13.99
N VAL A 111 -77.19 123.52 13.78
CA VAL A 111 -77.81 123.65 12.46
C VAL A 111 -78.77 124.83 12.50
N PRO A 112 -78.40 126.00 11.92
CA PRO A 112 -79.33 127.14 11.92
C PRO A 112 -80.52 126.84 11.04
N HIS A 113 -81.75 127.03 11.57
CA HIS A 113 -82.99 126.76 10.86
C HIS A 113 -84.18 127.49 11.51
N SER A 114 -85.28 127.65 10.73
CA SER A 114 -86.54 128.25 11.20
C SER A 114 -87.44 127.15 11.74
N GLN A 115 -88.42 127.50 12.60
CA GLN A 115 -89.35 126.52 13.15
C GLN A 115 -90.15 125.81 12.05
N ALA A 116 -90.35 126.50 10.90
CA ALA A 116 -91.04 125.99 9.71
C ALA A 116 -90.27 124.84 9.05
N GLU A 117 -88.93 124.79 9.25
CA GLU A 117 -88.01 123.77 8.71
C GLU A 117 -87.90 122.52 9.58
N GLU A 118 -88.64 122.47 10.71
CA GLU A 118 -88.70 121.33 11.65
C GLU A 118 -89.89 120.45 11.32
N PHE A 119 -89.64 119.16 11.12
CA PHE A 119 -90.64 118.14 10.81
C PHE A 119 -90.56 116.96 11.79
N TYR A 120 -91.62 116.14 11.85
CA TYR A 120 -91.68 114.95 12.69
C TYR A 120 -91.86 113.72 11.81
N VAL A 121 -91.03 112.67 12.00
CA VAL A 121 -91.16 111.40 11.25
C VAL A 121 -91.04 110.25 12.24
N CYS A 122 -91.94 109.26 12.10
CA CYS A 122 -91.92 108.07 12.95
C CYS A 122 -92.44 106.83 12.25
N ILE A 123 -91.80 105.67 12.53
CA ILE A 123 -92.19 104.36 12.03
C ILE A 123 -92.22 103.40 13.21
N TYR A 124 -93.30 102.64 13.36
CA TYR A 124 -93.39 101.68 14.44
C TYR A 124 -94.18 100.44 14.06
N ALA A 125 -93.75 99.31 14.62
CA ALA A 125 -94.32 98.01 14.36
C ALA A 125 -95.53 97.67 15.21
N THR A 126 -96.52 97.04 14.58
CA THR A 126 -97.74 96.53 15.22
C THR A 126 -97.98 95.16 14.62
N ARG A 127 -98.96 94.40 15.16
CA ARG A 127 -99.29 93.06 14.66
C ARG A 127 -99.61 93.02 13.16
N GLU A 128 -100.36 94.01 12.71
CA GLU A 128 -100.86 94.17 11.34
C GLU A 128 -99.91 94.87 10.35
N GLY A 129 -98.74 95.27 10.81
CA GLY A 129 -97.75 95.93 9.96
C GLY A 129 -97.09 97.10 10.66
N ASP A 130 -96.45 97.98 9.86
CA ASP A 130 -95.70 99.15 10.34
C ASP A 130 -96.38 100.45 9.96
N TYR A 131 -96.66 101.30 10.94
CA TYR A 131 -97.25 102.61 10.70
C TYR A 131 -96.19 103.65 10.50
N VAL A 132 -96.41 104.53 9.50
CA VAL A 132 -95.53 105.65 9.17
C VAL A 132 -96.28 106.95 9.47
N LEU A 133 -95.70 107.78 10.33
CA LEU A 133 -96.30 109.03 10.79
C LEU A 133 -95.44 110.20 10.38
N PHE A 134 -96.08 111.25 9.90
CA PHE A 134 -95.40 112.48 9.52
C PHE A 134 -96.18 113.65 10.07
N HIS A 135 -95.48 114.73 10.43
CA HIS A 135 -96.11 115.98 10.86
C HIS A 135 -95.27 117.15 10.41
N HIS A 136 -95.92 118.16 9.82
CA HIS A 136 -95.26 119.38 9.32
C HIS A 136 -94.82 120.33 10.46
N GLU A 137 -95.44 120.19 11.63
CA GLU A 137 -95.13 120.98 12.80
C GLU A 137 -94.36 120.08 13.77
N GLY A 138 -93.05 119.94 13.51
CA GLY A 138 -92.15 119.14 14.33
C GLY A 138 -91.55 119.93 15.49
N GLY A 139 -90.67 119.28 16.25
CA GLY A 139 -89.98 119.95 17.35
C GLY A 139 -90.22 119.45 18.75
N VAL A 140 -90.02 120.35 19.74
CA VAL A 140 -90.22 119.99 21.14
C VAL A 140 -91.68 120.25 21.55
N ASP A 141 -92.41 120.87 20.62
CA ASP A 141 -93.82 121.18 20.79
C ASP A 141 -94.59 120.49 19.66
N VAL A 142 -94.67 119.16 19.75
CA VAL A 142 -95.41 118.32 18.80
C VAL A 142 -96.77 117.92 19.37
N GLY A 143 -96.80 117.65 20.67
CA GLY A 143 -98.02 117.26 21.39
C GLY A 143 -98.50 115.87 21.06
N ASP A 144 -99.84 115.63 21.14
CA ASP A 144 -100.44 114.33 20.83
C ASP A 144 -100.30 114.07 19.33
N VAL A 145 -99.22 113.38 18.97
CA VAL A 145 -98.88 113.11 17.60
C VAL A 145 -99.80 112.03 16.98
N ASP A 146 -100.41 111.17 17.81
CA ASP A 146 -101.29 110.09 17.34
C ASP A 146 -102.53 110.59 16.62
N ALA A 147 -103.14 111.67 17.14
CA ALA A 147 -104.31 112.29 16.54
C ALA A 147 -103.92 113.33 15.46
N LYS A 148 -102.92 114.19 15.77
CA LYS A 148 -102.42 115.28 14.90
C LYS A 148 -101.75 114.83 13.59
N ALA A 149 -100.70 113.97 13.66
CA ALA A 149 -99.90 113.57 12.50
C ALA A 149 -100.60 112.72 11.44
N GLN A 150 -100.15 112.85 10.18
CA GLN A 150 -100.62 112.06 9.03
C GLN A 150 -100.02 110.67 9.25
N LYS A 151 -100.83 109.63 9.00
CA LYS A 151 -100.46 108.24 9.29
C LYS A 151 -100.85 107.32 8.14
N LEU A 152 -100.07 106.24 7.97
CA LEU A 152 -100.28 105.24 6.93
C LEU A 152 -99.75 103.87 7.35
N LEU A 153 -100.59 102.84 7.18
CA LEU A 153 -100.19 101.49 7.52
C LEU A 153 -99.60 100.82 6.31
N VAL A 154 -98.42 100.24 6.51
CA VAL A 154 -97.72 99.43 5.53
C VAL A 154 -97.85 98.02 6.07
N GLY A 155 -98.64 97.21 5.38
CA GLY A 155 -98.92 95.83 5.78
C GLY A 155 -97.73 94.90 5.92
N VAL A 156 -98.01 93.64 6.28
CA VAL A 156 -96.99 92.61 6.44
C VAL A 156 -96.61 92.22 5.01
N ASP A 157 -95.31 92.27 4.70
CA ASP A 157 -94.67 91.99 3.41
C ASP A 157 -95.03 93.02 2.30
N GLU A 158 -95.59 94.17 2.71
CA GLU A 158 -95.96 95.24 1.77
C GLU A 158 -94.86 96.29 1.59
N LYS A 159 -94.87 96.92 0.40
CA LYS A 159 -93.92 97.95 -0.01
C LYS A 159 -94.53 99.34 0.19
N LEU A 160 -93.70 100.33 0.59
CA LEU A 160 -94.16 101.71 0.77
C LEU A 160 -94.09 102.47 -0.58
N ASN A 161 -95.26 102.68 -1.21
CA ASN A 161 -95.32 103.37 -2.49
C ASN A 161 -95.06 104.90 -2.37
N PRO A 162 -94.06 105.45 -3.13
CA PRO A 162 -93.74 106.89 -3.04
C PRO A 162 -94.92 107.82 -3.34
N GLU A 163 -95.80 107.41 -4.27
CA GLU A 163 -96.99 108.17 -4.63
C GLU A 163 -97.89 108.34 -3.43
N ASP A 164 -97.99 107.30 -2.58
CA ASP A 164 -98.80 107.30 -1.37
C ASP A 164 -98.23 108.24 -0.32
N ILE A 165 -96.87 108.30 -0.20
CA ILE A 165 -96.17 109.20 0.74
C ILE A 165 -96.59 110.62 0.41
N LYS A 166 -96.39 111.02 -0.84
CA LYS A 166 -96.70 112.35 -1.33
C LYS A 166 -98.19 112.68 -1.18
N LYS A 167 -99.09 111.77 -1.63
CA LYS A 167 -100.55 111.97 -1.61
C LYS A 167 -101.14 112.02 -0.22
N HIS A 168 -100.79 111.07 0.67
CA HIS A 168 -101.41 111.03 1.99
C HIS A 168 -100.57 111.60 3.13
N LEU A 169 -99.26 111.36 3.15
CA LEU A 169 -98.46 111.85 4.28
C LEU A 169 -98.03 113.32 4.20
N LEU A 170 -97.63 113.77 3.00
CA LEU A 170 -97.08 115.10 2.79
C LEU A 170 -98.09 116.17 2.36
N VAL A 171 -99.39 115.96 2.66
CA VAL A 171 -100.47 116.89 2.32
C VAL A 171 -100.14 118.34 2.75
N HIS A 172 -99.71 118.51 4.02
CA HIS A 172 -99.43 119.82 4.60
C HIS A 172 -97.96 120.23 4.57
N ALA A 173 -97.12 119.45 3.86
CA ALA A 173 -95.71 119.78 3.73
C ALA A 173 -95.52 120.88 2.68
N PRO A 174 -94.54 121.82 2.85
CA PRO A 174 -94.32 122.85 1.82
C PRO A 174 -94.04 122.21 0.47
N GLU A 175 -94.69 122.69 -0.59
CA GLU A 175 -94.60 122.13 -1.95
C GLU A 175 -93.18 121.88 -2.45
N ASP A 176 -92.26 122.85 -2.24
CA ASP A 176 -90.86 122.78 -2.67
C ASP A 176 -90.03 121.68 -1.97
N LYS A 177 -90.46 121.24 -0.79
CA LYS A 177 -89.76 120.22 0.00
C LYS A 177 -90.39 118.84 -0.11
N LYS A 178 -91.46 118.69 -0.90
CA LYS A 178 -92.19 117.42 -1.03
C LYS A 178 -91.35 116.30 -1.64
N GLU A 179 -90.59 116.59 -2.72
CA GLU A 179 -89.78 115.55 -3.37
C GLU A 179 -88.63 115.03 -2.50
N ILE A 180 -87.94 115.93 -1.77
CA ILE A 180 -86.82 115.58 -0.88
C ILE A 180 -87.31 114.78 0.31
N LEU A 181 -88.43 115.21 0.92
CA LEU A 181 -89.02 114.52 2.05
C LEU A 181 -89.44 113.11 1.64
N ALA A 182 -90.17 112.99 0.50
CA ALA A 182 -90.63 111.71 -0.02
C ALA A 182 -89.46 110.75 -0.23
N SER A 183 -88.36 111.27 -0.84
CA SER A 183 -87.13 110.50 -1.09
C SER A 183 -86.49 110.01 0.23
N PHE A 184 -86.44 110.88 1.24
CA PHE A 184 -85.88 110.53 2.54
C PHE A 184 -86.73 109.49 3.26
N ILE A 185 -88.05 109.74 3.41
CA ILE A 185 -88.99 108.84 4.08
C ILE A 185 -88.94 107.45 3.46
N SER A 186 -88.89 107.39 2.11
CA SER A 186 -88.81 106.11 1.40
C SER A 186 -87.55 105.33 1.81
N GLY A 187 -86.39 106.00 1.81
CA GLY A 187 -85.11 105.42 2.19
C GLY A 187 -85.07 105.01 3.65
N LEU A 188 -85.72 105.83 4.50
CA LEU A 188 -85.82 105.59 5.93
C LEU A 188 -86.61 104.33 6.22
N PHE A 189 -87.72 104.13 5.49
CA PHE A 189 -88.53 102.96 5.66
C PHE A 189 -87.77 101.66 5.30
N ASN A 190 -87.05 101.69 4.16
CA ASN A 190 -86.25 100.55 3.70
C ASN A 190 -85.15 100.26 4.73
N PHE A 191 -84.56 101.33 5.33
CA PHE A 191 -83.54 101.22 6.38
C PHE A 191 -84.11 100.56 7.63
N TYR A 192 -85.29 101.04 8.05
CA TYR A 192 -86.05 100.52 9.19
C TYR A 192 -86.28 99.01 9.02
N GLU A 193 -86.73 98.57 7.84
CA GLU A 193 -86.98 97.15 7.59
C GLU A 193 -85.70 96.30 7.59
N ASP A 194 -84.71 96.75 6.81
CA ASP A 194 -83.47 96.02 6.59
C ASP A 194 -82.61 95.84 7.83
N LEU A 195 -82.78 96.70 8.84
CA LEU A 195 -81.98 96.54 10.06
C LEU A 195 -82.79 96.09 11.26
N TYR A 196 -83.98 95.57 10.98
CA TYR A 196 -84.90 94.98 11.94
C TYR A 196 -85.27 95.91 13.11
N PHE A 197 -85.67 97.14 12.79
CA PHE A 197 -86.13 98.08 13.82
C PHE A 197 -87.60 97.76 14.12
N THR A 198 -88.06 98.13 15.31
CA THR A 198 -89.46 97.98 15.69
C THR A 198 -90.00 99.36 15.98
N TYR A 199 -89.11 100.34 16.08
CA TYR A 199 -89.48 101.70 16.38
C TYR A 199 -88.39 102.64 15.94
N LEU A 200 -88.77 103.72 15.26
CA LEU A 200 -87.82 104.72 14.77
C LEU A 200 -88.50 106.06 14.75
N GLU A 201 -87.92 107.05 15.41
CA GLU A 201 -88.50 108.38 15.49
C GLU A 201 -87.45 109.46 15.31
N ILE A 202 -87.71 110.41 14.42
CA ILE A 202 -86.82 111.55 14.20
C ILE A 202 -87.65 112.82 14.50
N ASN A 203 -87.40 113.44 15.68
CA ASN A 203 -88.12 114.62 16.13
C ASN A 203 -87.18 115.66 16.80
N PRO A 204 -86.73 116.70 16.05
CA PRO A 204 -87.09 117.06 14.68
C PRO A 204 -86.21 116.53 13.57
N LEU A 205 -86.81 116.45 12.37
CA LEU A 205 -86.14 116.21 11.10
C LEU A 205 -86.10 117.61 10.51
N VAL A 206 -84.90 118.09 10.14
CA VAL A 206 -84.74 119.42 9.57
C VAL A 206 -84.36 119.36 8.10
N VAL A 207 -85.10 120.09 7.25
CA VAL A 207 -84.83 120.20 5.83
C VAL A 207 -84.71 121.66 5.53
N THR A 208 -83.52 122.07 5.09
CA THR A 208 -83.25 123.47 4.74
C THR A 208 -83.02 123.58 3.22
N LYS A 209 -82.49 124.73 2.79
CA LYS A 209 -82.13 124.91 1.40
C LYS A 209 -80.93 124.01 1.05
N ASP A 210 -80.13 123.63 2.07
CA ASP A 210 -78.90 122.83 1.96
C ASP A 210 -79.08 121.32 1.96
N GLY A 211 -80.12 120.83 2.64
CA GLY A 211 -80.36 119.38 2.67
C GLY A 211 -81.09 118.92 3.90
N VAL A 212 -80.95 117.62 4.19
CA VAL A 212 -81.61 116.94 5.30
C VAL A 212 -80.65 116.81 6.48
N TYR A 213 -81.14 117.08 7.70
CA TYR A 213 -80.39 116.97 8.96
C TYR A 213 -81.22 116.16 9.96
N VAL A 214 -80.63 115.09 10.51
CA VAL A 214 -81.30 114.24 11.50
C VAL A 214 -80.87 114.77 12.87
N LEU A 215 -81.66 115.67 13.45
CA LEU A 215 -81.28 116.31 14.71
C LEU A 215 -81.42 115.42 15.94
N ASP A 216 -82.47 114.57 15.97
CA ASP A 216 -82.76 113.66 17.08
C ASP A 216 -83.16 112.31 16.54
N LEU A 217 -82.89 111.24 17.28
CA LEU A 217 -83.23 109.88 16.88
C LEU A 217 -83.48 109.00 18.10
N ALA A 218 -84.63 108.31 18.11
CA ALA A 218 -85.03 107.36 19.15
C ALA A 218 -85.44 106.13 18.44
N ALA A 219 -84.87 105.00 18.85
CA ALA A 219 -85.13 103.74 18.17
C ALA A 219 -85.02 102.53 19.07
N LYS A 220 -85.68 101.46 18.66
CA LYS A 220 -85.61 100.15 19.27
C LYS A 220 -85.40 99.18 18.13
N VAL A 221 -84.59 98.16 18.36
CA VAL A 221 -84.41 97.10 17.37
C VAL A 221 -84.90 95.82 18.00
N ASP A 222 -85.25 94.86 17.17
CA ASP A 222 -85.63 93.56 17.68
C ASP A 222 -84.33 92.79 17.90
N ALA A 223 -83.86 92.79 19.16
CA ALA A 223 -82.61 92.16 19.60
C ALA A 223 -82.42 90.72 19.17
N THR A 224 -83.53 90.00 18.97
CA THR A 224 -83.52 88.59 18.58
C THR A 224 -83.03 88.40 17.14
N ALA A 225 -82.98 89.48 16.34
CA ALA A 225 -82.53 89.47 14.94
C ALA A 225 -81.02 89.55 14.77
N ASP A 226 -80.32 89.51 15.89
CA ASP A 226 -78.88 89.58 15.96
C ASP A 226 -78.22 88.58 15.05
N TYR A 227 -78.72 87.34 14.98
CA TYR A 227 -78.16 86.30 14.14
C TYR A 227 -78.16 86.64 12.66
N ILE A 228 -79.06 87.53 12.22
CA ILE A 228 -79.17 88.02 10.84
C ILE A 228 -78.24 89.26 10.66
N CYS A 229 -78.50 90.30 11.50
CA CYS A 229 -77.96 91.64 11.48
C CYS A 229 -76.60 91.86 12.13
N LYS A 230 -75.99 90.87 12.76
CA LYS A 230 -74.70 91.04 13.45
C LYS A 230 -73.69 91.83 12.64
N VAL A 231 -73.59 91.52 11.34
CA VAL A 231 -72.70 92.16 10.36
C VAL A 231 -72.90 93.67 10.29
N LYS A 232 -74.15 94.11 10.12
CA LYS A 232 -74.49 95.52 10.02
C LYS A 232 -74.53 96.22 11.37
N TRP A 233 -75.05 95.55 12.41
CA TRP A 233 -75.15 96.12 13.75
C TRP A 233 -73.82 96.31 14.43
N GLY A 234 -72.95 95.35 14.24
CA GLY A 234 -71.65 95.35 14.90
C GLY A 234 -71.82 95.03 16.37
N ASP A 235 -70.96 95.61 17.25
CA ASP A 235 -71.02 95.37 18.69
C ASP A 235 -71.96 96.34 19.38
N ILE A 236 -73.23 96.31 18.90
CA ILE A 236 -74.39 97.09 19.34
C ILE A 236 -74.63 96.91 20.82
N GLU A 237 -74.80 98.04 21.51
CA GLU A 237 -75.05 98.08 22.95
C GLU A 237 -76.46 98.55 23.22
N PHE A 238 -77.18 97.83 24.10
CA PHE A 238 -78.54 98.18 24.51
C PHE A 238 -78.53 98.82 25.89
N PRO A 239 -78.65 100.14 25.95
CA PRO A 239 -78.56 100.81 27.25
C PRO A 239 -79.73 100.51 28.17
N PRO A 240 -79.45 100.40 29.49
CA PRO A 240 -80.55 100.21 30.45
C PRO A 240 -81.25 101.57 30.64
N PRO A 241 -82.54 101.55 30.98
CA PRO A 241 -83.26 102.82 31.16
C PRO A 241 -82.60 103.75 32.19
N PHE A 242 -82.83 105.07 32.04
CA PHE A 242 -82.25 106.03 32.96
C PHE A 242 -82.80 105.82 34.36
N GLY A 243 -81.89 105.79 35.31
CA GLY A 243 -82.15 105.59 36.73
C GLY A 243 -80.89 105.17 37.50
N ARG A 244 -81.08 104.62 38.70
CA ARG A 244 -79.91 104.21 39.52
C ARG A 244 -79.16 103.08 38.82
N GLU A 245 -77.86 102.94 39.13
CA GLU A 245 -77.02 101.89 38.57
C GLU A 245 -77.03 100.64 39.43
N ALA A 246 -76.68 99.52 38.81
CA ALA A 246 -76.68 98.24 39.48
C ALA A 246 -75.67 98.10 40.60
N TYR A 247 -76.17 97.62 41.77
CA TYR A 247 -75.45 97.14 42.96
C TYR A 247 -74.46 96.08 42.43
N PRO A 248 -73.34 95.77 43.12
CA PRO A 248 -72.40 94.76 42.58
C PRO A 248 -72.98 93.34 42.45
N GLU A 249 -73.97 93.01 43.31
CA GLU A 249 -74.67 91.72 43.33
C GLU A 249 -75.54 91.54 42.10
N GLU A 250 -76.19 92.62 41.64
CA GLU A 250 -77.03 92.64 40.44
C GLU A 250 -76.15 92.38 39.22
N ALA A 251 -74.95 93.01 39.17
CA ALA A 251 -73.99 92.88 38.08
C ALA A 251 -73.46 91.45 37.98
N TYR A 252 -73.27 90.79 39.14
CA TYR A 252 -72.79 89.42 39.24
C TYR A 252 -73.78 88.44 38.62
N ILE A 253 -75.05 88.52 39.03
CA ILE A 253 -76.16 87.69 38.53
C ILE A 253 -76.35 87.92 37.02
N ALA A 254 -76.24 89.18 36.55
CA ALA A 254 -76.35 89.57 35.13
C ALA A 254 -75.29 88.84 34.32
N ASP A 255 -74.07 88.74 34.89
CA ASP A 255 -72.95 88.05 34.25
C ASP A 255 -73.24 86.55 34.17
N LEU A 256 -73.78 85.93 35.25
CA LEU A 256 -74.12 84.51 35.26
C LEU A 256 -75.18 84.19 34.20
N ASP A 257 -76.19 85.07 34.06
CA ASP A 257 -77.29 84.91 33.11
C ASP A 257 -76.81 84.96 31.68
N ALA A 258 -75.92 85.92 31.38
CA ALA A 258 -75.37 86.13 30.04
C ALA A 258 -74.49 84.95 29.55
N LYS A 259 -73.80 84.28 30.48
CA LYS A 259 -72.88 83.17 30.20
C LYS A 259 -73.53 81.78 30.25
N SER A 260 -74.89 81.71 30.19
CA SER A 260 -75.61 80.43 30.28
C SER A 260 -76.99 80.44 29.60
N GLY A 261 -77.40 79.24 29.14
CA GLY A 261 -78.71 78.99 28.53
C GLY A 261 -79.86 79.10 29.51
N ALA A 262 -79.54 79.18 30.81
CA ALA A 262 -80.47 79.36 31.92
C ALA A 262 -80.74 80.85 32.14
N SER A 263 -81.91 81.13 32.75
CA SER A 263 -82.40 82.45 33.08
C SER A 263 -82.19 82.66 34.58
N LEU A 264 -81.36 83.66 34.93
CA LEU A 264 -81.01 84.04 36.30
C LEU A 264 -81.16 85.55 36.39
N LYS A 265 -82.22 85.98 37.07
CA LYS A 265 -82.56 87.39 37.16
C LYS A 265 -82.62 87.82 38.61
N LEU A 266 -82.17 89.05 38.89
CA LEU A 266 -82.20 89.63 40.25
C LEU A 266 -82.20 91.14 40.23
N THR A 267 -83.17 91.75 40.90
CA THR A 267 -83.29 93.20 41.03
C THR A 267 -83.62 93.54 42.47
N LEU A 268 -82.81 94.37 43.11
CA LEU A 268 -83.06 94.76 44.49
C LEU A 268 -84.06 95.90 44.56
N LEU A 269 -85.09 95.72 45.38
CA LEU A 269 -86.14 96.72 45.60
C LEU A 269 -85.80 97.54 46.86
N ASN A 270 -85.68 96.85 48.00
CA ASN A 270 -85.34 97.41 49.29
C ASN A 270 -84.29 96.52 49.96
N PRO A 271 -82.99 96.87 49.86
CA PRO A 271 -81.95 96.01 50.48
C PRO A 271 -82.17 95.69 51.97
N LYS A 272 -82.86 96.61 52.68
CA LYS A 272 -83.16 96.51 54.11
C LYS A 272 -84.55 95.90 54.40
N GLY A 273 -85.18 95.29 53.39
CA GLY A 273 -86.47 94.63 53.52
C GLY A 273 -86.32 93.28 54.18
N ARG A 274 -87.37 92.82 54.89
CA ARG A 274 -87.31 91.54 55.60
C ARG A 274 -87.83 90.35 54.76
N ILE A 275 -88.48 90.62 53.61
CA ILE A 275 -89.01 89.57 52.72
C ILE A 275 -88.12 89.36 51.50
N TRP A 276 -87.50 88.18 51.41
CA TRP A 276 -86.61 87.78 50.31
C TRP A 276 -87.22 86.61 49.54
N THR A 277 -87.16 86.66 48.21
CA THR A 277 -87.72 85.60 47.37
C THR A 277 -86.72 84.94 46.44
N MET A 278 -86.76 83.61 46.40
CA MET A 278 -85.96 82.84 45.50
C MET A 278 -86.88 81.85 44.78
N VAL A 279 -87.62 82.37 43.80
CA VAL A 279 -88.65 81.65 43.06
C VAL A 279 -88.19 81.15 41.69
N ALA A 280 -88.57 79.90 41.34
CA ALA A 280 -88.28 79.25 40.07
C ALA A 280 -89.38 79.53 39.04
N GLY A 281 -89.02 80.21 37.95
CA GLY A 281 -89.95 80.53 36.86
C GLY A 281 -90.41 81.97 36.78
N GLY A 282 -90.42 82.49 35.56
CA GLY A 282 -90.83 83.87 35.26
C GLY A 282 -92.26 84.21 35.64
N GLY A 283 -93.16 83.22 35.45
CA GLY A 283 -94.56 83.36 35.78
C GLY A 283 -94.75 83.41 37.27
N ALA A 284 -94.29 82.35 37.97
CA ALA A 284 -94.41 82.18 39.42
C ALA A 284 -93.79 83.35 40.20
N SER A 285 -92.61 83.87 39.74
CA SER A 285 -91.95 85.00 40.41
C SER A 285 -92.88 86.22 40.53
N VAL A 286 -93.63 86.51 39.44
CA VAL A 286 -94.61 87.60 39.36
C VAL A 286 -95.72 87.33 40.37
N VAL A 287 -96.30 86.14 40.31
CA VAL A 287 -97.39 85.71 41.17
C VAL A 287 -97.02 85.84 42.65
N TYR A 288 -95.83 85.36 43.03
CA TYR A 288 -95.40 85.49 44.43
C TYR A 288 -95.27 86.96 44.86
N SER A 289 -94.65 87.80 43.99
CA SER A 289 -94.46 89.23 44.22
C SER A 289 -95.80 89.92 44.42
N ASP A 290 -96.81 89.51 43.62
CA ASP A 290 -98.19 90.01 43.67
C ASP A 290 -98.83 89.70 45.02
N THR A 291 -98.71 88.44 45.48
CA THR A 291 -99.28 87.95 46.73
C THR A 291 -98.70 88.68 47.93
N ILE A 292 -97.38 88.89 47.91
CA ILE A 292 -96.68 89.62 48.96
C ILE A 292 -97.24 91.06 49.10
N CYS A 293 -97.42 91.77 47.96
CA CYS A 293 -97.99 93.12 47.90
C CYS A 293 -99.42 93.15 48.40
N ASP A 294 -100.24 92.13 48.01
CA ASP A 294 -101.64 91.97 48.41
C ASP A 294 -101.78 91.79 49.91
N LEU A 295 -100.75 91.23 50.57
CA LEU A 295 -100.74 91.00 52.01
C LEU A 295 -100.01 92.11 52.80
N GLY A 296 -99.81 93.26 52.14
CA GLY A 296 -99.21 94.47 52.71
C GLY A 296 -97.69 94.54 52.80
N GLY A 297 -97.03 93.49 52.36
CA GLY A 297 -95.57 93.41 52.43
C GLY A 297 -94.78 94.21 51.40
N VAL A 298 -95.45 95.03 50.57
CA VAL A 298 -94.85 95.85 49.50
C VAL A 298 -93.57 96.61 49.97
N ASN A 299 -93.64 97.26 51.13
CA ASN A 299 -92.54 98.03 51.70
C ASN A 299 -91.44 97.16 52.31
N GLU A 300 -91.73 95.88 52.61
CA GLU A 300 -90.76 94.93 53.17
C GLU A 300 -90.19 93.96 52.13
N LEU A 301 -90.72 94.00 50.89
CA LEU A 301 -90.23 93.15 49.80
C LEU A 301 -88.86 93.68 49.37
N ALA A 302 -87.84 92.83 49.50
CA ALA A 302 -86.46 93.19 49.24
C ALA A 302 -86.00 93.03 47.82
N ASN A 303 -86.58 92.07 47.08
CA ASN A 303 -86.14 91.81 45.73
C ASN A 303 -87.20 91.22 44.82
N TYR A 304 -86.96 91.36 43.52
CA TYR A 304 -87.67 90.71 42.45
C TYR A 304 -86.63 89.90 41.67
N GLY A 305 -86.86 88.61 41.51
CA GLY A 305 -85.96 87.76 40.76
C GLY A 305 -86.55 86.42 40.42
N GLU A 306 -85.79 85.61 39.67
CA GLU A 306 -86.15 84.25 39.26
C GLU A 306 -84.96 83.46 38.73
N TYR A 307 -85.06 82.14 38.79
CA TYR A 307 -84.10 81.24 38.19
C TYR A 307 -84.91 80.20 37.43
N SER A 308 -84.55 79.91 36.19
CA SER A 308 -85.26 78.95 35.36
C SER A 308 -84.37 78.48 34.22
N GLY A 309 -84.91 77.63 33.34
CA GLY A 309 -84.20 77.09 32.19
C GLY A 309 -83.15 76.05 32.52
N ALA A 310 -83.40 75.25 33.59
CA ALA A 310 -82.55 74.16 34.10
C ALA A 310 -81.12 74.61 34.49
N PRO A 311 -80.94 75.46 35.53
CA PRO A 311 -79.56 75.82 35.93
C PRO A 311 -78.90 74.66 36.66
N SER A 312 -77.55 74.60 36.56
CA SER A 312 -76.73 73.59 37.22
C SER A 312 -76.77 73.78 38.73
N GLU A 313 -76.38 72.74 39.50
CA GLU A 313 -76.32 72.81 40.95
C GLU A 313 -75.41 74.01 41.33
N GLN A 314 -74.26 74.16 40.62
CA GLN A 314 -73.29 75.24 40.83
C GLN A 314 -73.90 76.61 40.61
N GLN A 315 -74.61 76.80 39.49
CA GLN A 315 -75.28 78.06 39.19
C GLN A 315 -76.32 78.41 40.26
N THR A 316 -77.11 77.40 40.70
CA THR A 316 -78.14 77.53 41.74
C THR A 316 -77.47 77.93 43.07
N TYR A 317 -76.29 77.35 43.35
CA TYR A 317 -75.51 77.66 44.55
C TYR A 317 -75.04 79.13 44.51
N ASP A 318 -74.46 79.57 43.36
CA ASP A 318 -73.95 80.93 43.14
C ASP A 318 -75.06 81.97 43.22
N TYR A 319 -76.26 81.61 42.74
CA TYR A 319 -77.45 82.45 42.82
C TYR A 319 -77.87 82.59 44.28
N ALA A 320 -78.06 81.43 44.97
CA ALA A 320 -78.50 81.33 46.38
C ALA A 320 -77.57 82.04 47.35
N LYS A 321 -76.23 81.85 47.22
CA LYS A 321 -75.24 82.49 48.08
C LYS A 321 -75.34 84.01 48.00
N THR A 322 -75.69 84.57 46.81
CA THR A 322 -75.86 86.00 46.56
C THR A 322 -77.03 86.51 47.40
N ILE A 323 -78.19 85.82 47.35
CA ILE A 323 -79.39 86.16 48.11
C ILE A 323 -79.06 86.09 49.62
N LEU A 324 -78.50 84.96 50.07
CA LEU A 324 -78.16 84.72 51.49
C LEU A 324 -77.17 85.75 52.03
N SER A 325 -76.15 86.13 51.22
CA SER A 325 -75.17 87.15 51.57
C SER A 325 -75.90 88.48 51.77
N LEU A 326 -76.78 88.84 50.81
CA LEU A 326 -77.57 90.07 50.80
C LEU A 326 -78.53 90.21 51.96
N MET A 327 -79.07 89.09 52.46
CA MET A 327 -80.05 89.21 53.53
C MET A 327 -79.41 89.14 54.95
N THR A 328 -78.10 88.85 55.04
CA THR A 328 -77.39 88.77 56.32
C THR A 328 -76.38 89.93 56.49
N ARG A 329 -76.76 91.14 56.03
CA ARG A 329 -75.93 92.35 56.09
C ARG A 329 -76.24 93.19 57.32
N GLU A 330 -77.52 93.18 57.76
CA GLU A 330 -78.03 93.90 58.92
C GLU A 330 -79.24 93.17 59.52
N LYS A 331 -79.39 93.24 60.85
CA LYS A 331 -80.49 92.57 61.55
C LYS A 331 -81.79 93.35 61.52
N HIS A 332 -82.92 92.63 61.47
CA HIS A 332 -84.26 93.20 61.51
C HIS A 332 -84.91 92.76 62.86
N PRO A 333 -85.65 93.67 63.56
CA PRO A 333 -86.27 93.30 64.87
C PRO A 333 -87.20 92.08 64.86
N ASP A 334 -87.87 91.83 63.73
CA ASP A 334 -88.83 90.74 63.56
C ASP A 334 -88.24 89.56 62.79
N GLY A 335 -86.92 89.59 62.57
CA GLY A 335 -86.23 88.58 61.79
C GLY A 335 -86.53 88.73 60.31
N LYS A 336 -86.12 87.76 59.48
CA LYS A 336 -86.37 87.80 58.04
C LYS A 336 -87.02 86.53 57.51
N ILE A 337 -87.56 86.60 56.28
CA ILE A 337 -88.23 85.50 55.59
C ILE A 337 -87.56 85.23 54.25
N LEU A 338 -87.43 83.94 53.89
CA LEU A 338 -86.96 83.50 52.58
C LEU A 338 -88.01 82.59 51.98
N ILE A 339 -88.58 83.01 50.84
CA ILE A 339 -89.62 82.27 50.13
C ILE A 339 -88.98 81.55 48.96
N ILE A 340 -88.74 80.23 49.11
CA ILE A 340 -88.17 79.40 48.03
C ILE A 340 -89.37 78.69 47.36
N GLY A 341 -89.98 79.36 46.38
CA GLY A 341 -91.17 78.85 45.70
C GLY A 341 -90.96 78.33 44.29
N GLY A 342 -92.09 78.08 43.63
CA GLY A 342 -92.11 77.60 42.27
C GLY A 342 -93.37 76.84 41.93
N SER A 343 -93.59 76.70 40.63
CA SER A 343 -94.70 75.91 40.13
C SER A 343 -94.20 74.45 40.03
N ILE A 344 -94.97 73.60 39.35
CA ILE A 344 -94.59 72.21 39.15
C ILE A 344 -93.59 72.13 37.99
N ALA A 345 -92.36 71.65 38.28
CA ALA A 345 -91.26 71.49 37.31
C ALA A 345 -91.62 70.47 36.22
N ASN A 346 -91.24 70.73 34.96
CA ASN A 346 -91.65 69.85 33.84
C ASN A 346 -90.94 68.46 33.80
N PHE A 347 -89.59 68.40 33.70
CA PHE A 347 -88.82 67.13 33.60
C PHE A 347 -87.60 67.08 34.52
N THR A 348 -87.08 68.25 34.93
CA THR A 348 -85.91 68.41 35.80
C THR A 348 -86.16 67.79 37.18
N ASN A 349 -85.21 66.93 37.67
CA ASN A 349 -85.32 66.31 39.00
C ASN A 349 -85.15 67.38 40.06
N VAL A 350 -86.20 67.59 40.86
CA VAL A 350 -86.30 68.63 41.91
C VAL A 350 -85.12 68.56 42.95
N ALA A 351 -84.65 67.32 43.25
CA ALA A 351 -83.49 67.11 44.12
C ALA A 351 -82.18 67.80 43.60
N ALA A 352 -81.94 67.94 42.27
CA ALA A 352 -80.75 68.57 41.65
C ALA A 352 -80.51 70.07 41.95
N THR A 353 -81.53 70.92 41.69
CA THR A 353 -81.39 72.36 41.95
C THR A 353 -81.39 72.62 43.44
N PHE A 354 -82.17 71.82 44.21
CA PHE A 354 -82.28 71.94 45.67
C PHE A 354 -80.97 71.62 46.39
N LYS A 355 -80.11 70.77 45.79
CA LYS A 355 -78.79 70.43 46.32
C LYS A 355 -77.84 71.64 46.36
N GLY A 356 -77.94 72.48 45.32
CA GLY A 356 -77.18 73.73 45.24
C GLY A 356 -77.58 74.71 46.32
N ILE A 357 -78.91 74.87 46.53
CA ILE A 357 -79.52 75.72 47.55
C ILE A 357 -79.13 75.24 48.96
N VAL A 358 -79.26 73.92 49.22
CA VAL A 358 -78.91 73.24 50.47
C VAL A 358 -77.44 73.50 50.85
N ARG A 359 -76.54 73.49 49.85
CA ARG A 359 -75.12 73.78 50.03
C ARG A 359 -74.90 75.22 50.49
N ALA A 360 -75.60 76.19 49.87
CA ALA A 360 -75.53 77.61 50.23
C ALA A 360 -76.03 77.85 51.65
N ILE A 361 -77.14 77.17 52.06
CA ILE A 361 -77.73 77.27 53.41
C ILE A 361 -76.73 76.77 54.47
N ARG A 362 -76.05 75.64 54.20
CA ARG A 362 -75.04 75.08 55.10
C ARG A 362 -73.87 76.04 55.31
N ASP A 363 -73.44 76.72 54.23
CA ASP A 363 -72.33 77.70 54.28
C ASP A 363 -72.70 78.99 55.02
N TYR A 364 -73.98 79.38 54.96
CA TYR A 364 -74.47 80.59 55.62
C TYR A 364 -75.30 80.30 56.88
N GLN A 365 -75.17 79.11 57.48
CA GLN A 365 -75.98 78.75 58.64
C GLN A 365 -75.78 79.67 59.86
N GLY A 366 -74.54 80.10 60.11
CA GLY A 366 -74.21 81.01 61.20
C GLY A 366 -74.96 82.34 61.10
N PRO A 367 -74.73 83.08 59.98
CA PRO A 367 -75.45 84.36 59.78
C PRO A 367 -76.98 84.22 59.72
N LEU A 368 -77.51 83.11 59.12
CA LEU A 368 -78.95 82.87 59.01
C LEU A 368 -79.64 82.69 60.36
N LYS A 369 -78.96 82.01 61.31
CA LYS A 369 -79.47 81.82 62.67
C LYS A 369 -79.43 83.15 63.42
N GLU A 370 -78.32 83.92 63.24
CA GLU A 370 -78.10 85.24 63.85
C GLU A 370 -79.12 86.27 63.39
N HIS A 371 -79.55 86.19 62.12
CA HIS A 371 -80.51 87.11 61.55
C HIS A 371 -81.97 86.62 61.67
N GLU A 372 -82.20 85.50 62.43
CA GLU A 372 -83.51 84.86 62.68
C GLU A 372 -84.32 84.64 61.39
N VAL A 373 -83.67 84.04 60.38
CA VAL A 373 -84.28 83.77 59.08
C VAL A 373 -85.12 82.49 59.14
N THR A 374 -86.36 82.57 58.61
CA THR A 374 -87.29 81.44 58.48
C THR A 374 -87.53 81.19 56.97
N ILE A 375 -87.37 79.93 56.56
CA ILE A 375 -87.48 79.53 55.15
C ILE A 375 -88.77 78.76 54.89
N PHE A 376 -89.48 79.12 53.81
CA PHE A 376 -90.72 78.48 53.35
C PHE A 376 -90.48 77.99 51.94
N VAL A 377 -90.66 76.69 51.75
CA VAL A 377 -90.42 76.00 50.48
C VAL A 377 -91.72 75.42 49.94
N ARG A 378 -91.95 75.60 48.64
CA ARG A 378 -93.09 75.04 47.92
C ARG A 378 -92.61 74.74 46.52
N ARG A 379 -92.59 73.48 46.16
CA ARG A 379 -92.13 73.09 44.84
C ARG A 379 -92.73 71.75 44.44
N GLY A 380 -92.98 71.59 43.16
CA GLY A 380 -93.45 70.35 42.56
C GLY A 380 -92.57 69.94 41.41
N GLY A 381 -92.79 68.73 40.90
CA GLY A 381 -92.06 68.22 39.76
C GLY A 381 -91.43 66.86 39.97
N PRO A 382 -90.64 66.36 39.00
CA PRO A 382 -90.03 65.02 39.14
C PRO A 382 -89.21 64.84 40.42
N ASN A 383 -89.63 63.82 41.21
CA ASN A 383 -89.07 63.39 42.49
C ASN A 383 -88.97 64.54 43.51
N TYR A 384 -89.98 65.41 43.49
CA TYR A 384 -90.09 66.53 44.41
C TYR A 384 -90.15 66.08 45.88
N GLN A 385 -90.74 64.89 46.14
CA GLN A 385 -90.88 64.30 47.47
C GLN A 385 -89.52 64.17 48.17
N GLU A 386 -88.50 63.65 47.46
CA GLU A 386 -87.13 63.50 47.95
C GLU A 386 -86.38 64.87 48.01
N GLY A 387 -86.67 65.79 47.07
CA GLY A 387 -86.11 67.14 47.08
C GLY A 387 -86.55 67.94 48.31
N LEU A 388 -87.81 67.71 48.73
CA LEU A 388 -88.38 68.32 49.92
C LEU A 388 -87.75 67.67 51.18
N ARG A 389 -87.31 66.40 51.08
CA ARG A 389 -86.66 65.69 52.17
C ARG A 389 -85.31 66.33 52.48
N VAL A 390 -84.47 66.65 51.45
CA VAL A 390 -83.16 67.27 51.69
C VAL A 390 -83.28 68.66 52.33
N MET A 391 -84.38 69.37 51.99
CA MET A 391 -84.69 70.68 52.55
C MET A 391 -85.06 70.60 54.02
N GLY A 392 -85.91 69.63 54.37
CA GLY A 392 -86.33 69.41 55.75
C GLY A 392 -85.16 68.98 56.62
N GLU A 393 -84.27 68.17 56.06
CA GLU A 393 -83.08 67.65 56.72
C GLU A 393 -82.04 68.72 57.02
N VAL A 394 -81.80 69.67 56.09
CA VAL A 394 -80.84 70.77 56.32
C VAL A 394 -81.36 71.69 57.44
N GLY A 395 -82.68 71.80 57.58
CA GLY A 395 -83.28 72.58 58.65
C GLY A 395 -82.96 71.99 60.01
N LYS A 396 -83.11 70.65 60.13
CA LYS A 396 -82.86 69.91 61.36
C LYS A 396 -81.40 69.97 61.77
N THR A 397 -80.49 69.68 60.83
CA THR A 397 -79.05 69.62 61.06
C THR A 397 -78.39 70.99 61.37
N THR A 398 -78.96 72.09 60.85
CA THR A 398 -78.42 73.45 61.09
C THR A 398 -79.13 74.17 62.22
N GLY A 399 -80.42 73.88 62.42
CA GLY A 399 -81.25 74.53 63.43
C GLY A 399 -82.09 75.66 62.87
N ILE A 400 -81.95 75.94 61.55
CA ILE A 400 -82.70 76.97 60.83
C ILE A 400 -84.17 76.48 60.62
N PRO A 401 -85.20 77.31 60.93
CA PRO A 401 -86.58 76.85 60.71
C PRO A 401 -86.95 76.83 59.24
N ILE A 402 -87.19 75.64 58.68
CA ILE A 402 -87.56 75.46 57.26
C ILE A 402 -88.88 74.71 57.18
N HIS A 403 -89.88 75.31 56.53
CA HIS A 403 -91.21 74.72 56.35
C HIS A 403 -91.39 74.34 54.91
N VAL A 404 -91.45 73.04 54.67
CA VAL A 404 -91.46 72.43 53.35
C VAL A 404 -92.85 71.92 52.91
N PHE A 405 -93.29 72.37 51.72
CA PHE A 405 -94.60 72.07 51.12
C PHE A 405 -94.51 71.61 49.68
N GLY A 406 -95.50 70.82 49.26
CA GLY A 406 -95.56 70.27 47.92
C GLY A 406 -96.67 70.80 47.05
N THR A 407 -97.10 70.00 46.05
CA THR A 407 -98.17 70.34 45.09
C THR A 407 -99.54 70.45 45.79
N GLU A 408 -99.73 69.68 46.90
CA GLU A 408 -100.96 69.64 47.70
C GLU A 408 -101.30 70.99 48.33
N THR A 409 -100.30 71.84 48.54
CA THR A 409 -100.41 73.21 49.05
C THR A 409 -100.63 74.11 47.83
N HIS A 410 -101.50 75.13 47.95
CA HIS A 410 -101.69 76.09 46.86
C HIS A 410 -100.34 76.85 46.74
N MET A 411 -99.90 77.14 45.52
CA MET A 411 -98.60 77.78 45.27
C MET A 411 -98.27 78.96 46.22
N THR A 412 -99.22 79.90 46.36
CA THR A 412 -99.11 81.15 47.11
C THR A 412 -99.53 81.06 48.59
N ALA A 413 -99.87 79.86 49.07
CA ALA A 413 -100.27 79.68 50.47
C ALA A 413 -99.13 79.94 51.45
N ILE A 414 -97.87 79.62 51.07
CA ILE A 414 -96.69 79.84 51.90
C ILE A 414 -96.48 81.31 52.25
N VAL A 415 -96.97 82.25 51.40
CA VAL A 415 -96.85 83.68 51.65
C VAL A 415 -97.61 84.09 52.94
N GLY A 416 -98.90 83.74 53.00
CA GLY A 416 -99.76 84.01 54.17
C GLY A 416 -99.23 83.35 55.43
N MET A 417 -98.65 82.15 55.29
CA MET A 417 -98.04 81.39 56.39
C MET A 417 -96.82 82.14 56.91
N ALA A 418 -95.93 82.57 55.99
CA ALA A 418 -94.71 83.30 56.29
C ALA A 418 -94.96 84.61 57.02
N LEU A 419 -96.00 85.34 56.58
CA LEU A 419 -96.35 86.61 57.17
C LEU A 419 -97.17 86.49 58.45
N GLY A 420 -97.57 85.26 58.78
CA GLY A 420 -98.33 84.95 59.99
C GLY A 420 -99.78 85.39 59.93
N HIS A 421 -100.41 85.21 58.76
CA HIS A 421 -101.81 85.54 58.55
C HIS A 421 -102.66 84.28 58.61
N ARG A 422 -102.07 83.13 58.21
CA ARG A 422 -102.70 81.82 58.25
C ARG A 422 -101.76 80.82 58.95
N PRO A 423 -102.28 79.83 59.69
CA PRO A 423 -101.38 78.89 60.39
C PRO A 423 -100.63 77.91 59.48
N ILE A 424 -99.46 77.47 59.96
CA ILE A 424 -98.61 76.50 59.28
C ILE A 424 -99.16 75.12 59.67
N PRO A 425 -99.60 74.30 58.70
CA PRO A 425 -100.15 72.99 59.05
C PRO A 425 -99.07 71.95 59.41
N LYS A 428 -111.23 80.46 12.20
CA LYS A 428 -110.68 79.15 11.80
C LYS A 428 -111.50 77.97 12.40
N SER A 429 -110.86 76.77 12.50
CA SER A 429 -111.38 75.50 13.03
C SER A 429 -111.63 75.58 14.53
N THR A 430 -112.71 74.92 14.99
CA THR A 430 -113.11 74.85 16.41
C THR A 430 -112.32 73.72 17.09
N THR A 431 -112.22 72.57 16.41
CA THR A 431 -111.50 71.40 16.92
C THR A 431 -110.12 71.31 16.29
N LEU A 432 -109.11 71.08 17.11
CA LEU A 432 -107.77 70.93 16.55
C LEU A 432 -107.27 69.51 16.73
N PHE A 433 -107.64 68.89 17.89
CA PHE A 433 -107.19 67.56 18.26
C PHE A 433 -108.33 66.63 18.60
N SER A 434 -108.12 65.35 18.28
CA SER A 434 -109.05 64.25 18.51
C SER A 434 -108.24 63.05 19.00
N ARG A 435 -108.91 61.94 19.35
CA ARG A 435 -108.20 60.72 19.77
C ARG A 435 -107.63 59.99 18.54
N HIS A 436 -107.88 60.56 17.35
CA HIS A 436 -107.43 60.08 16.05
C HIS A 436 -106.31 60.95 15.45
N THR A 437 -106.00 62.10 16.08
CA THR A 437 -104.98 63.04 15.60
C THR A 437 -103.61 62.37 15.47
N LYS A 438 -103.00 62.51 14.27
CA LYS A 438 -101.66 62.02 13.97
C LYS A 438 -100.82 63.23 13.60
N ALA A 439 -99.58 63.30 14.13
CA ALA A 439 -98.67 64.42 13.93
C ALA A 439 -97.29 64.02 13.37
N ILE A 440 -96.58 65.01 12.81
CA ILE A 440 -95.20 64.87 12.34
C ILE A 440 -94.38 65.77 13.25
N VAL A 441 -93.31 65.22 13.81
CA VAL A 441 -92.42 66.00 14.65
C VAL A 441 -91.20 66.42 13.83
N TRP A 442 -91.00 67.74 13.67
CA TRP A 442 -89.85 68.25 12.96
C TRP A 442 -88.75 68.41 13.98
N GLY A 443 -87.70 67.64 13.82
CA GLY A 443 -86.55 67.65 14.72
C GLY A 443 -86.28 66.28 15.31
N MET A 444 -85.09 66.10 15.90
CA MET A 444 -84.71 64.86 16.53
C MET A 444 -84.97 64.94 18.05
N GLN A 445 -86.24 64.78 18.43
CA GLN A 445 -86.71 64.90 19.80
C GLN A 445 -87.26 63.60 20.33
N THR A 446 -86.36 62.70 20.70
CA THR A 446 -86.68 61.38 21.21
C THR A 446 -87.48 61.40 22.50
N ARG A 447 -87.05 62.23 23.49
CA ARG A 447 -87.76 62.34 24.77
C ARG A 447 -89.16 62.87 24.62
N ALA A 448 -89.35 63.90 23.76
CA ALA A 448 -90.66 64.50 23.52
C ALA A 448 -91.62 63.51 22.89
N VAL A 449 -91.17 62.77 21.84
CA VAL A 449 -91.94 61.75 21.14
C VAL A 449 -92.32 60.64 22.10
N GLN A 450 -91.36 60.15 22.90
CA GLN A 450 -91.67 59.09 23.85
C GLN A 450 -92.69 59.54 24.89
N GLY A 451 -92.57 60.80 25.31
CA GLY A 451 -93.49 61.43 26.26
C GLY A 451 -94.91 61.41 25.73
N MET A 452 -95.06 61.81 24.46
CA MET A 452 -96.33 61.83 23.76
C MET A 452 -96.92 60.43 23.71
N LEU A 453 -96.11 59.46 23.31
CA LEU A 453 -96.49 58.05 23.21
C LEU A 453 -96.92 57.40 24.55
N ASP A 454 -96.38 57.89 25.68
CA ASP A 454 -96.75 57.37 26.99
C ASP A 454 -98.06 57.97 27.41
N PHE A 455 -98.29 59.23 27.03
CA PHE A 455 -99.56 59.88 27.30
C PHE A 455 -100.63 59.17 26.51
N ASP A 456 -100.38 58.88 25.22
CA ASP A 456 -101.33 58.19 24.34
C ASP A 456 -101.72 56.84 24.89
N TYR A 457 -100.72 56.07 25.35
CA TYR A 457 -100.94 54.75 25.91
C TYR A 457 -101.87 54.82 27.14
N VAL A 458 -101.52 55.68 28.08
CA VAL A 458 -102.24 55.91 29.32
C VAL A 458 -103.66 56.46 29.07
N CYS A 459 -103.88 57.15 27.93
CA CYS A 459 -105.20 57.69 27.53
C CYS A 459 -106.06 56.63 26.90
N SER A 460 -105.48 55.43 26.74
CA SER A 460 -106.07 54.25 26.13
C SER A 460 -106.40 54.50 24.63
N ARG A 461 -105.52 55.29 23.96
CA ARG A 461 -105.62 55.57 22.53
C ARG A 461 -105.31 54.27 21.79
N ASP A 462 -105.95 54.09 20.63
CA ASP A 462 -105.75 52.90 19.83
C ASP A 462 -104.41 52.92 19.09
N GLU A 463 -103.94 54.11 18.69
CA GLU A 463 -102.71 54.28 17.94
C GLU A 463 -101.86 55.41 18.47
N PRO A 464 -100.52 55.38 18.26
CA PRO A 464 -99.67 56.49 18.72
C PRO A 464 -99.96 57.80 17.97
N SER A 465 -99.80 58.95 18.65
CA SER A 465 -100.08 60.25 18.05
C SER A 465 -98.97 60.75 17.12
N VAL A 466 -97.74 60.16 17.20
CA VAL A 466 -96.62 60.54 16.33
C VAL A 466 -96.52 59.56 15.17
N ALA A 467 -96.76 60.04 13.93
CA ALA A 467 -96.70 59.19 12.74
C ALA A 467 -95.30 59.08 12.13
N ALA A 468 -94.53 60.20 12.15
CA ALA A 468 -93.16 60.29 11.62
C ALA A 468 -92.41 61.47 12.17
N MET A 469 -91.09 61.48 11.95
CA MET A 469 -90.18 62.56 12.34
C MET A 469 -89.41 63.07 11.14
N VAL A 470 -89.07 64.36 11.13
CA VAL A 470 -88.27 64.96 10.06
C VAL A 470 -86.93 65.50 10.61
N TYR A 471 -85.82 64.90 10.21
CA TYR A 471 -84.52 65.35 10.66
C TYR A 471 -83.58 65.38 9.44
N PRO A 472 -83.29 66.61 8.99
CA PRO A 472 -82.55 66.80 7.73
C PRO A 472 -81.10 66.34 7.62
N PHE A 473 -80.46 65.98 8.75
CA PHE A 473 -79.04 65.64 8.75
C PHE A 473 -78.74 64.18 8.55
N THR A 474 -79.70 63.32 8.87
CA THR A 474 -79.57 61.87 8.70
C THR A 474 -80.40 61.41 7.49
N GLY A 475 -80.02 60.26 6.95
CA GLY A 475 -80.81 59.64 5.89
C GLY A 475 -82.07 59.02 6.47
N ASP A 476 -83.04 58.66 5.62
CA ASP A 476 -84.28 58.04 6.09
C ASP A 476 -83.95 56.75 6.88
N HIS A 477 -84.56 56.58 8.06
CA HIS A 477 -84.38 55.43 8.94
C HIS A 477 -85.59 55.26 9.87
N LYS A 478 -85.59 54.23 10.71
CA LYS A 478 -86.66 53.99 11.68
C LYS A 478 -86.08 54.06 13.09
N GLN A 479 -86.81 54.70 13.99
CA GLN A 479 -86.40 54.83 15.37
C GLN A 479 -87.28 53.97 16.29
N LYS A 480 -86.62 53.27 17.25
CA LYS A 480 -87.28 52.42 18.23
C LYS A 480 -87.91 53.26 19.36
N PHE A 481 -89.16 52.92 19.72
CA PHE A 481 -89.92 53.58 20.79
C PHE A 481 -90.74 52.57 21.56
N TYR A 482 -91.39 53.00 22.65
CA TYR A 482 -92.20 52.15 23.51
C TYR A 482 -93.70 52.47 23.49
N TRP A 483 -94.51 51.46 23.20
CA TRP A 483 -95.97 51.52 23.26
C TRP A 483 -96.39 50.68 24.49
N GLY A 484 -96.19 51.29 25.66
CA GLY A 484 -96.36 50.68 26.96
C GLY A 484 -95.06 50.00 27.36
N HIS A 485 -94.92 48.74 26.96
CA HIS A 485 -93.76 47.88 27.22
C HIS A 485 -93.38 47.15 25.95
N LYS A 486 -94.14 47.39 24.87
CA LYS A 486 -93.91 46.85 23.56
C LYS A 486 -93.07 47.84 22.75
N GLU A 487 -92.00 47.36 22.11
CA GLU A 487 -91.20 48.22 21.25
C GLU A 487 -91.87 48.36 19.88
N ILE A 488 -91.92 49.59 19.37
CA ILE A 488 -92.48 49.95 18.05
C ILE A 488 -91.46 50.80 17.27
N LEU A 489 -91.67 50.92 15.95
CA LEU A 489 -90.77 51.72 15.11
C LEU A 489 -91.45 52.93 14.50
N ILE A 490 -90.81 54.11 14.61
CA ILE A 490 -91.33 55.33 14.01
C ILE A 490 -90.43 55.76 12.89
N PRO A 491 -90.96 56.07 11.69
CA PRO A 491 -90.08 56.49 10.59
C PRO A 491 -89.53 57.90 10.72
N VAL A 492 -88.25 58.06 10.35
CA VAL A 492 -87.54 59.34 10.38
C VAL A 492 -87.17 59.65 8.93
N PHE A 493 -87.57 60.85 8.44
CA PHE A 493 -87.35 61.31 7.07
C PHE A 493 -86.37 62.46 6.97
N LYS A 494 -85.52 62.44 5.92
CA LYS A 494 -84.57 63.51 5.65
C LYS A 494 -85.38 64.71 5.09
N ASN A 495 -86.33 64.40 4.16
CA ASN A 495 -87.17 65.41 3.49
C ASN A 495 -88.60 65.40 3.95
N MET A 496 -89.16 66.58 4.25
CA MET A 496 -90.53 66.74 4.69
C MET A 496 -91.52 66.29 3.61
N ALA A 497 -91.15 66.52 2.34
CA ALA A 497 -91.94 66.13 1.20
C ALA A 497 -92.27 64.62 1.25
N ASP A 498 -91.28 63.78 1.60
CA ASP A 498 -91.44 62.33 1.69
C ASP A 498 -92.35 61.93 2.84
N ALA A 499 -92.21 62.61 4.01
CA ALA A 499 -93.01 62.35 5.20
C ALA A 499 -94.48 62.59 4.91
N MET A 500 -94.78 63.73 4.29
CA MET A 500 -96.13 64.14 3.91
C MET A 500 -96.76 63.14 2.95
N ARG A 501 -95.99 62.75 1.93
CA ARG A 501 -96.41 61.81 0.90
C ARG A 501 -96.80 60.46 1.50
N LYS A 502 -95.93 59.90 2.36
CA LYS A 502 -96.14 58.60 2.98
C LYS A 502 -97.15 58.65 4.13
N HIS A 503 -97.44 59.86 4.66
CA HIS A 503 -98.38 59.99 5.76
C HIS A 503 -99.47 61.05 5.50
N PRO A 504 -100.43 60.75 4.59
CA PRO A 504 -101.53 61.71 4.31
C PRO A 504 -102.48 61.92 5.49
N GLU A 505 -102.54 60.96 6.43
CA GLU A 505 -103.36 60.98 7.65
C GLU A 505 -102.96 62.09 8.67
N VAL A 506 -101.71 62.60 8.58
CA VAL A 506 -101.16 63.63 9.46
C VAL A 506 -101.75 65.00 9.14
N ASP A 507 -102.23 65.72 10.18
CA ASP A 507 -102.80 67.06 10.04
C ASP A 507 -102.18 68.05 11.02
N VAL A 508 -101.30 67.57 11.90
CA VAL A 508 -100.64 68.40 12.89
C VAL A 508 -99.12 68.31 12.70
N LEU A 509 -98.42 69.44 12.84
CA LEU A 509 -96.97 69.42 12.83
C LEU A 509 -96.45 70.11 14.07
N ILE A 510 -95.59 69.40 14.81
CA ILE A 510 -94.92 69.93 15.99
C ILE A 510 -93.48 70.32 15.58
N ASN A 511 -93.18 71.62 15.61
CA ASN A 511 -91.94 72.15 15.10
C ASN A 511 -90.92 72.52 16.16
N PHE A 512 -89.93 71.62 16.32
CA PHE A 512 -88.83 71.81 17.25
C PHE A 512 -87.60 72.46 16.60
N ALA A 513 -87.76 73.03 15.37
CA ALA A 513 -86.65 73.71 14.71
C ALA A 513 -86.16 74.85 15.61
N SER A 514 -84.83 75.06 15.64
CA SER A 514 -84.19 76.14 16.40
C SER A 514 -84.74 77.48 15.89
N LEU A 515 -84.60 78.58 16.68
CA LEU A 515 -85.06 79.91 16.26
C LEU A 515 -84.55 80.33 14.87
N ARG A 516 -83.36 79.85 14.47
CA ARG A 516 -82.77 80.15 13.18
C ARG A 516 -83.54 79.47 12.02
N SER A 517 -83.95 78.23 12.19
CA SER A 517 -84.61 77.58 11.08
C SER A 517 -86.13 77.36 11.25
N ALA A 518 -86.71 77.95 12.31
CA ALA A 518 -88.15 77.81 12.59
C ALA A 518 -88.98 78.49 11.56
N TYR A 519 -88.51 79.66 11.07
CA TYR A 519 -89.28 80.39 10.09
C TYR A 519 -89.46 79.59 8.82
N ASP A 520 -88.34 79.19 8.22
CA ASP A 520 -88.33 78.48 6.97
C ASP A 520 -89.05 77.15 7.00
N SER A 521 -88.86 76.36 8.07
CA SER A 521 -89.53 75.07 8.18
C SER A 521 -91.05 75.21 8.34
N THR A 522 -91.51 76.28 9.00
CA THR A 522 -92.94 76.54 9.15
C THR A 522 -93.54 76.96 7.82
N MET A 523 -92.87 77.90 7.11
CA MET A 523 -93.30 78.35 5.78
C MET A 523 -93.40 77.16 4.81
N GLU A 524 -92.44 76.22 4.89
CA GLU A 524 -92.40 75.01 4.07
C GLU A 524 -93.61 74.13 4.34
N THR A 525 -93.93 73.93 5.63
CA THR A 525 -95.05 73.09 6.08
C THR A 525 -96.35 73.58 5.49
N MET A 526 -96.50 74.90 5.40
CA MET A 526 -97.72 75.52 4.90
C MET A 526 -97.95 75.28 3.38
N ASN A 527 -97.00 74.62 2.71
CA ASN A 527 -97.12 74.22 1.29
C ASN A 527 -97.77 72.84 1.20
N TYR A 528 -97.99 72.19 2.37
CA TYR A 528 -98.69 70.90 2.48
C TYR A 528 -100.01 71.17 3.15
N ALA A 529 -101.07 71.14 2.32
CA ALA A 529 -102.43 71.47 2.70
C ALA A 529 -103.03 70.56 3.77
N GLN A 530 -102.49 69.32 3.91
CA GLN A 530 -102.97 68.35 4.89
C GLN A 530 -102.79 68.87 6.32
N ILE A 531 -101.69 69.65 6.56
CA ILE A 531 -101.34 70.23 7.85
C ILE A 531 -102.21 71.44 8.13
N ARG A 532 -102.99 71.31 9.21
CA ARG A 532 -103.98 72.30 9.63
C ARG A 532 -103.61 73.00 10.91
N THR A 533 -102.72 72.40 11.74
CA THR A 533 -102.28 72.97 13.01
C THR A 533 -100.79 72.82 13.10
N ILE A 534 -100.07 73.90 13.45
CA ILE A 534 -98.63 73.87 13.60
C ILE A 534 -98.32 74.42 14.98
N ALA A 535 -97.50 73.67 15.76
CA ALA A 535 -97.06 74.12 17.08
C ALA A 535 -95.60 74.54 16.93
N ILE A 536 -95.29 75.81 17.22
CA ILE A 536 -93.93 76.34 17.11
C ILE A 536 -93.39 76.49 18.51
N ILE A 537 -92.39 75.67 18.83
CA ILE A 537 -91.79 75.58 20.17
C ILE A 537 -90.76 76.67 20.43
N ALA A 538 -89.95 76.97 19.40
CA ALA A 538 -88.83 77.89 19.48
C ALA A 538 -89.10 79.29 20.10
N GLU A 539 -88.25 79.66 21.05
CA GLU A 539 -88.28 80.97 21.68
C GLU A 539 -87.10 81.77 21.08
N GLY A 540 -87.43 82.91 20.48
CA GLY A 540 -86.40 83.78 19.91
C GLY A 540 -86.53 84.14 18.44
N ILE A 541 -87.71 83.88 17.83
CA ILE A 541 -87.95 84.23 16.44
C ILE A 541 -88.18 85.73 16.31
N PRO A 542 -87.41 86.43 15.42
CA PRO A 542 -87.65 87.87 15.21
C PRO A 542 -89.11 88.18 14.85
N GLU A 543 -89.67 89.19 15.53
CA GLU A 543 -91.06 89.65 15.45
C GLU A 543 -91.55 89.82 14.03
N ALA A 544 -90.70 90.44 13.18
CA ALA A 544 -91.00 90.69 11.77
C ALA A 544 -91.28 89.40 11.00
N LEU A 545 -90.56 88.32 11.36
CA LEU A 545 -90.73 87.01 10.75
C LEU A 545 -91.99 86.32 11.22
N THR A 546 -92.30 86.39 12.53
CA THR A 546 -93.52 85.80 13.08
C THR A 546 -94.75 86.40 12.40
N ARG A 547 -94.69 87.72 12.11
CA ARG A 547 -95.77 88.44 11.45
C ARG A 547 -96.05 87.86 10.05
N LYS A 548 -94.98 87.50 9.35
CA LYS A 548 -95.08 86.91 8.02
C LYS A 548 -95.72 85.52 8.10
N LEU A 549 -95.35 84.73 9.16
CA LEU A 549 -95.90 83.40 9.43
C LEU A 549 -97.38 83.52 9.70
N ILE A 550 -97.76 84.51 10.54
CA ILE A 550 -99.15 84.77 10.89
C ILE A 550 -99.95 85.03 9.63
N LYS A 551 -99.46 85.96 8.77
CA LYS A 551 -100.10 86.33 7.49
C LYS A 551 -100.38 85.11 6.62
N LYS A 552 -99.35 84.29 6.35
CA LYS A 552 -99.53 83.08 5.54
C LYS A 552 -100.55 82.08 6.19
N ALA A 553 -100.44 81.85 7.52
CA ALA A 553 -101.33 80.94 8.26
C ALA A 553 -102.76 81.39 8.18
N ASP A 554 -102.96 82.69 8.34
CA ASP A 554 -104.29 83.29 8.29
C ASP A 554 -104.94 83.09 6.95
N GLN A 555 -104.18 83.32 5.87
CA GLN A 555 -104.67 83.17 4.51
C GLN A 555 -104.86 81.70 4.07
N LYS A 556 -104.18 80.77 4.75
CA LYS A 556 -104.28 79.36 4.45
C LYS A 556 -105.19 78.59 5.44
N GLY A 557 -105.66 79.28 6.49
CA GLY A 557 -106.53 78.70 7.52
C GLY A 557 -105.87 77.77 8.52
N VAL A 558 -104.54 77.84 8.60
CA VAL A 558 -103.71 77.04 9.50
C VAL A 558 -103.68 77.68 10.93
N THR A 559 -103.96 76.86 11.95
CA THR A 559 -103.93 77.30 13.33
C THR A 559 -102.50 77.18 13.81
N ILE A 560 -101.94 78.30 14.30
CA ILE A 560 -100.59 78.31 14.83
C ILE A 560 -100.65 78.39 16.34
N ILE A 561 -100.04 77.41 17.05
CA ILE A 561 -99.92 77.44 18.50
C ILE A 561 -98.45 77.74 18.77
N GLY A 562 -98.19 78.92 19.32
CA GLY A 562 -96.84 79.41 19.54
C GLY A 562 -96.60 80.67 18.74
N PRO A 563 -95.34 81.11 18.52
CA PRO A 563 -94.07 80.52 18.96
C PRO A 563 -93.84 80.67 20.46
N ALA A 564 -92.69 80.16 20.92
CA ALA A 564 -92.21 80.21 22.31
C ALA A 564 -93.23 79.60 23.27
N THR A 565 -93.72 78.42 22.90
CA THR A 565 -94.68 77.68 23.70
C THR A 565 -94.23 76.24 23.95
N VAL A 566 -94.80 75.67 25.02
CA VAL A 566 -94.63 74.26 25.36
C VAL A 566 -95.69 73.49 24.55
N GLY A 567 -96.80 74.19 24.27
CA GLY A 567 -97.91 73.71 23.47
C GLY A 567 -99.20 73.74 24.24
N GLY A 568 -99.83 72.59 24.29
CA GLY A 568 -101.08 72.41 24.97
C GLY A 568 -101.36 70.94 25.19
N ILE A 569 -102.50 70.66 25.81
CA ILE A 569 -102.91 69.30 26.15
C ILE A 569 -104.42 69.13 26.08
N LYS A 570 -104.85 68.07 25.42
CA LYS A 570 -106.25 67.69 25.36
C LYS A 570 -106.35 66.29 26.00
N PRO A 571 -106.58 66.24 27.35
CA PRO A 571 -106.68 64.94 28.05
C PRO A 571 -107.55 63.90 27.36
N GLY A 572 -106.97 62.73 27.18
CA GLY A 572 -107.58 61.61 26.50
C GLY A 572 -107.36 61.58 25.00
N CYS A 573 -106.87 62.70 24.41
CA CYS A 573 -106.71 62.81 22.95
C CYS A 573 -105.33 63.04 22.47
N PHE A 574 -104.73 64.18 22.84
CA PHE A 574 -103.45 64.58 22.29
C PHE A 574 -102.71 65.54 23.22
N LYS A 575 -101.38 65.44 23.24
CA LYS A 575 -100.52 66.29 24.05
C LYS A 575 -99.43 66.83 23.14
N ILE A 576 -99.26 68.16 23.09
CA ILE A 576 -98.22 68.74 22.24
C ILE A 576 -96.88 68.62 22.90
N GLY A 577 -96.04 67.74 22.33
CA GLY A 577 -94.66 67.50 22.75
C GLY A 577 -94.45 67.32 24.23
N ASN A 578 -93.84 68.34 24.86
CA ASN A 578 -93.42 68.37 26.25
C ASN A 578 -94.44 68.87 27.27
N THR A 579 -95.67 69.23 26.83
CA THR A 579 -96.74 69.74 27.72
C THR A 579 -97.06 68.72 28.78
N GLY A 580 -97.09 69.16 30.03
CA GLY A 580 -97.40 68.32 31.18
C GLY A 580 -96.24 67.54 31.79
N GLY A 581 -95.14 67.44 31.05
CA GLY A 581 -93.96 66.73 31.52
C GLY A 581 -94.06 65.23 31.57
N MET A 582 -93.44 64.64 32.65
CA MET A 582 -93.34 63.21 32.90
C MET A 582 -94.69 62.61 33.21
N LEU A 583 -94.82 61.29 32.98
CA LEU A 583 -96.08 60.57 33.23
C LEU A 583 -96.60 60.79 34.61
N ASP A 584 -95.73 60.72 35.63
CA ASP A 584 -96.11 60.93 37.02
C ASP A 584 -96.90 62.22 37.22
N ASN A 585 -96.56 63.31 36.48
CA ASN A 585 -97.35 64.56 36.57
C ASN A 585 -98.69 64.44 35.83
N ILE A 586 -98.69 63.77 34.65
CA ILE A 586 -99.91 63.52 33.87
C ILE A 586 -100.91 62.71 34.74
N LEU A 587 -100.41 61.71 35.48
CA LEU A 587 -101.22 60.88 36.38
C LEU A 587 -101.65 61.69 37.61
N ALA A 588 -100.73 62.44 38.23
CA ALA A 588 -100.99 63.27 39.41
C ALA A 588 -102.12 64.28 39.20
N SER A 589 -102.11 64.94 38.03
CA SER A 589 -103.12 65.92 37.68
C SER A 589 -104.27 65.32 36.84
N LYS A 590 -104.40 63.96 36.81
CA LYS A 590 -105.49 63.20 36.15
C LYS A 590 -105.71 63.60 34.67
N LEU A 591 -104.61 63.81 33.94
CA LEU A 591 -104.68 64.29 32.57
C LEU A 591 -104.87 63.17 31.52
N TYR A 592 -105.07 61.93 31.99
CA TYR A 592 -105.33 60.77 31.12
C TYR A 592 -106.81 60.69 30.73
N ARG A 593 -107.65 61.47 31.42
CA ARG A 593 -109.12 61.48 31.15
C ARG A 593 -109.63 62.92 31.17
N PRO A 594 -110.60 63.29 30.31
CA PRO A 594 -111.09 64.66 30.25
C PRO A 594 -112.11 65.04 31.33
N GLY A 595 -112.17 66.35 31.55
CA GLY A 595 -113.08 67.01 32.47
C GLY A 595 -113.97 67.97 31.71
N SER A 596 -114.43 69.03 32.37
CA SER A 596 -115.33 70.02 31.78
C SER A 596 -114.71 71.40 31.67
N VAL A 597 -113.50 71.61 32.22
CA VAL A 597 -112.82 72.90 32.30
C VAL A 597 -111.75 73.10 31.21
N ALA A 598 -111.88 74.18 30.43
CA ALA A 598 -110.89 74.53 29.42
C ALA A 598 -110.14 75.78 29.84
N TYR A 599 -108.82 75.82 29.60
CA TYR A 599 -108.06 77.01 29.98
C TYR A 599 -107.13 77.50 28.89
N VAL A 600 -106.72 78.76 29.03
CA VAL A 600 -105.76 79.41 28.14
C VAL A 600 -104.86 80.32 29.00
N SER A 601 -103.54 80.22 28.76
CA SER A 601 -102.50 80.94 29.50
C SER A 601 -101.40 81.43 28.56
N ARG A 602 -100.60 82.43 28.97
CA ARG A 602 -99.45 82.85 28.17
C ARG A 602 -98.25 81.96 28.51
N SER A 603 -97.96 81.90 29.83
CA SER A 603 -96.90 81.18 30.52
C SER A 603 -97.09 79.67 30.47
N GLY A 604 -96.01 78.99 30.18
CA GLY A 604 -96.00 77.53 30.14
C GLY A 604 -96.03 76.92 31.53
N GLY A 605 -95.19 77.47 32.42
CA GLY A 605 -95.08 77.04 33.82
C GLY A 605 -96.39 77.14 34.57
N MET A 606 -97.12 78.21 34.30
CA MET A 606 -98.41 78.45 34.91
C MET A 606 -99.47 77.48 34.38
N SER A 607 -99.31 76.98 33.14
CA SER A 607 -100.24 76.00 32.59
C SER A 607 -100.15 74.72 33.39
N ASN A 608 -98.93 74.32 33.80
CA ASN A 608 -98.72 73.12 34.63
C ASN A 608 -99.35 73.27 36.01
N GLU A 609 -99.27 74.49 36.56
CA GLU A 609 -99.89 74.83 37.83
C GLU A 609 -101.41 74.83 37.71
N LEU A 610 -101.94 75.35 36.61
CA LEU A 610 -103.36 75.35 36.35
C LEU A 610 -103.92 73.93 36.25
N ASN A 611 -103.19 73.00 35.62
CA ASN A 611 -103.56 71.58 35.52
C ASN A 611 -103.77 71.02 36.93
N ASN A 612 -102.83 71.33 37.83
CA ASN A 612 -102.86 70.91 39.22
C ASN A 612 -104.08 71.53 39.94
N ILE A 613 -104.27 72.85 39.83
CA ILE A 613 -105.40 73.58 40.47
C ILE A 613 -106.74 72.99 40.02
N ILE A 614 -106.98 72.97 38.70
CA ILE A 614 -108.21 72.48 38.09
C ILE A 614 -108.51 71.04 38.49
N SER A 615 -107.51 70.14 38.45
CA SER A 615 -107.69 68.73 38.82
C SER A 615 -108.17 68.55 40.28
N ARG A 616 -107.68 69.40 41.21
CA ARG A 616 -107.99 69.35 42.62
C ARG A 616 -109.33 69.96 42.98
N THR A 617 -109.79 70.92 42.18
CA THR A 617 -111.03 71.66 42.46
C THR A 617 -112.24 71.21 41.63
N THR A 618 -112.01 70.66 40.43
CA THR A 618 -113.08 70.25 39.52
C THR A 618 -112.93 68.81 39.03
N ASP A 619 -113.69 68.46 37.97
CA ASP A 619 -113.68 67.14 37.31
C ASP A 619 -112.51 66.98 36.37
N GLY A 620 -111.74 68.06 36.18
CA GLY A 620 -110.54 68.06 35.37
C GLY A 620 -110.53 68.96 34.15
N VAL A 621 -109.37 68.93 33.45
CA VAL A 621 -109.14 69.70 32.25
C VAL A 621 -109.76 69.00 31.05
N TYR A 622 -110.50 69.76 30.22
CA TYR A 622 -111.06 69.28 28.96
C TYR A 622 -109.97 69.48 27.90
N GLU A 623 -109.41 70.72 27.83
CA GLU A 623 -108.38 71.16 26.89
C GLU A 623 -107.69 72.39 27.50
N GLY A 624 -106.37 72.45 27.36
CA GLY A 624 -105.57 73.57 27.85
C GLY A 624 -104.55 73.99 26.82
N VAL A 625 -104.31 75.31 26.68
CA VAL A 625 -103.36 75.87 25.72
C VAL A 625 -102.51 76.97 26.36
N ALA A 626 -101.18 76.94 26.10
CA ALA A 626 -100.22 77.99 26.44
C ALA A 626 -99.98 78.71 25.10
N ILE A 627 -100.41 79.98 24.95
CA ILE A 627 -100.30 80.69 23.65
C ILE A 627 -98.86 81.15 23.32
N GLY A 628 -97.95 81.03 24.30
CA GLY A 628 -96.57 81.44 24.11
C GLY A 628 -96.37 82.84 24.63
N GLY A 629 -95.11 83.22 24.78
CA GLY A 629 -94.73 84.51 25.32
C GLY A 629 -94.24 85.56 24.35
N ASP A 630 -94.31 85.28 23.04
CA ASP A 630 -93.82 86.24 22.07
C ASP A 630 -94.78 87.43 21.87
N ARG A 631 -94.25 88.55 21.33
CA ARG A 631 -95.02 89.79 21.15
C ARG A 631 -96.30 89.54 20.37
N TYR A 632 -96.17 88.80 19.26
CA TYR A 632 -97.27 88.45 18.37
C TYR A 632 -97.49 86.96 18.40
N PRO A 633 -98.35 86.43 19.30
CA PRO A 633 -98.61 84.98 19.30
C PRO A 633 -99.38 84.60 18.04
N GLY A 634 -99.18 83.39 17.56
CA GLY A 634 -99.85 82.90 16.36
C GLY A 634 -101.34 82.83 16.55
N SER A 635 -101.75 82.40 17.75
CA SER A 635 -103.15 82.34 18.13
C SER A 635 -103.26 83.04 19.47
N THR A 636 -104.29 83.91 19.61
CA THR A 636 -104.53 84.76 20.80
C THR A 636 -105.47 84.14 21.84
N PHE A 637 -105.63 84.82 22.98
CA PHE A 637 -106.58 84.40 24.02
C PHE A 637 -108.00 84.27 23.44
N MET A 638 -108.44 85.29 22.67
CA MET A 638 -109.77 85.29 22.07
C MET A 638 -109.97 84.15 21.12
N ASP A 639 -108.97 83.86 20.28
CA ASP A 639 -109.02 82.77 19.31
C ASP A 639 -109.46 81.47 19.98
N HIS A 640 -108.80 81.12 21.10
CA HIS A 640 -109.08 79.92 21.86
C HIS A 640 -110.33 79.98 22.71
N VAL A 641 -110.64 81.14 23.31
CA VAL A 641 -111.86 81.31 24.12
C VAL A 641 -113.09 81.01 23.25
N LEU A 642 -113.08 81.50 22.01
CA LEU A 642 -114.15 81.27 21.04
C LEU A 642 -114.23 79.81 20.65
N ARG A 643 -113.09 79.11 20.52
CA ARG A 643 -113.11 77.69 20.20
C ARG A 643 -113.83 76.95 21.33
N TYR A 644 -113.46 77.28 22.60
CA TYR A 644 -114.01 76.71 23.83
C TYR A 644 -115.49 77.00 23.99
N GLN A 645 -115.92 78.22 23.64
CA GLN A 645 -117.33 78.61 23.66
C GLN A 645 -118.13 77.71 22.70
N ASP A 646 -117.52 77.35 21.58
CA ASP A 646 -118.14 76.55 20.52
C ASP A 646 -117.97 75.02 20.65
N THR A 647 -117.24 74.56 21.67
CA THR A 647 -117.02 73.13 21.94
C THR A 647 -118.06 72.70 22.98
N PRO A 648 -118.99 71.76 22.65
CA PRO A 648 -120.04 71.39 23.62
C PRO A 648 -119.56 70.79 24.94
N GLY A 649 -118.45 70.05 24.89
CA GLY A 649 -117.82 69.39 26.04
C GLY A 649 -117.27 70.33 27.10
N VAL A 650 -116.97 71.59 26.70
CA VAL A 650 -116.48 72.64 27.59
C VAL A 650 -117.67 73.24 28.32
N LYS A 651 -117.63 73.22 29.65
CA LYS A 651 -118.71 73.76 30.46
C LYS A 651 -118.34 75.09 31.13
N MET A 652 -117.01 75.34 31.28
CA MET A 652 -116.46 76.56 31.87
C MET A 652 -115.04 76.82 31.37
N ILE A 653 -114.66 78.11 31.29
CA ILE A 653 -113.37 78.57 30.77
C ILE A 653 -112.58 79.34 31.82
N VAL A 654 -111.26 79.05 31.90
CA VAL A 654 -110.32 79.73 32.81
C VAL A 654 -109.26 80.44 31.97
N VAL A 655 -109.10 81.76 32.19
CA VAL A 655 -108.10 82.56 31.46
C VAL A 655 -107.09 83.13 32.42
N LEU A 656 -105.82 82.79 32.23
CA LEU A 656 -104.76 83.34 33.06
C LEU A 656 -104.04 84.45 32.27
N GLY A 657 -104.54 85.66 32.47
CA GLY A 657 -104.07 86.88 31.84
C GLY A 657 -102.78 87.45 32.41
N GLU A 658 -102.36 88.58 31.86
CA GLU A 658 -101.11 89.23 32.22
C GLU A 658 -101.20 90.73 32.01
N ILE A 659 -100.31 91.48 32.69
CA ILE A 659 -100.17 92.92 32.54
C ILE A 659 -99.64 93.17 31.13
N GLY A 660 -100.12 94.25 30.51
CA GLY A 660 -99.71 94.60 29.16
C GLY A 660 -100.60 93.96 28.11
N GLY A 661 -100.88 94.74 27.07
CA GLY A 661 -101.77 94.30 26.01
C GLY A 661 -103.20 94.62 26.40
N THR A 662 -104.12 94.45 25.45
CA THR A 662 -105.54 94.75 25.66
C THR A 662 -106.40 93.58 25.21
N GLU A 663 -105.79 92.40 25.00
CA GLU A 663 -106.44 91.18 24.55
C GLU A 663 -107.62 90.80 25.45
N GLU A 664 -107.43 90.83 26.77
CA GLU A 664 -108.39 90.48 27.81
C GLU A 664 -109.70 91.28 27.72
N TYR A 665 -109.65 92.48 27.12
CA TYR A 665 -110.81 93.33 26.90
C TYR A 665 -111.74 92.80 25.81
N LYS A 666 -111.20 91.98 24.88
CA LYS A 666 -111.99 91.35 23.80
C LYS A 666 -113.00 90.39 24.40
N ILE A 667 -112.66 89.81 25.57
CA ILE A 667 -113.51 88.90 26.34
C ILE A 667 -114.69 89.68 26.89
N CYS A 668 -114.45 90.88 27.48
CA CYS A 668 -115.52 91.76 28.01
C CYS A 668 -116.52 92.06 26.92
N ARG A 669 -115.98 92.46 25.76
CA ARG A 669 -116.70 92.78 24.54
C ARG A 669 -117.52 91.57 24.07
N GLY A 670 -116.91 90.38 24.05
CA GLY A 670 -117.56 89.14 23.64
C GLY A 670 -118.77 88.77 24.50
N ILE A 671 -118.64 88.99 25.82
CA ILE A 671 -119.69 88.74 26.81
C ILE A 671 -120.82 89.72 26.57
N LYS A 672 -120.50 91.04 26.47
CA LYS A 672 -121.42 92.15 26.21
C LYS A 672 -122.26 91.84 24.95
N GLU A 673 -121.59 91.46 23.84
CA GLU A 673 -122.18 91.12 22.55
C GLU A 673 -123.02 89.83 22.56
N GLY A 674 -122.93 89.05 23.65
CA GLY A 674 -123.66 87.81 23.84
C GLY A 674 -123.07 86.62 23.11
N ARG A 675 -121.84 86.77 22.62
CA ARG A 675 -121.14 85.70 21.93
C ARG A 675 -120.65 84.67 22.94
N LEU A 676 -120.09 85.14 24.08
CA LEU A 676 -119.59 84.30 25.17
C LEU A 676 -120.65 84.21 26.25
N THR A 677 -121.21 82.99 26.43
CA THR A 677 -122.31 82.70 27.35
C THR A 677 -121.90 81.77 28.50
N LYS A 678 -120.82 81.01 28.27
CA LYS A 678 -120.25 80.08 29.25
C LYS A 678 -119.59 80.85 30.38
N PRO A 679 -119.61 80.34 31.63
CA PRO A 679 -118.91 81.04 32.72
C PRO A 679 -117.40 81.11 32.45
N ILE A 680 -116.83 82.31 32.65
CA ILE A 680 -115.40 82.53 32.46
C ILE A 680 -114.82 83.01 33.77
N VAL A 681 -113.72 82.36 34.19
CA VAL A 681 -112.95 82.74 35.36
C VAL A 681 -111.69 83.39 34.80
N CYS A 682 -111.37 84.60 35.28
CA CYS A 682 -110.15 85.26 34.83
C CYS A 682 -109.42 85.97 35.93
N TRP A 683 -108.07 85.85 35.91
CA TRP A 683 -107.15 86.54 36.79
C TRP A 683 -105.94 86.98 35.97
N CYS A 684 -105.61 88.29 36.02
CA CYS A 684 -104.46 88.85 35.32
C CYS A 684 -103.32 89.03 36.30
N ILE A 685 -102.16 88.46 35.97
CA ILE A 685 -100.96 88.53 36.82
C ILE A 685 -100.17 89.84 36.53
N GLY A 686 -99.52 90.38 37.56
CA GLY A 686 -98.75 91.61 37.44
C GLY A 686 -99.37 92.83 38.10
N THR A 687 -100.18 92.60 39.15
CA THR A 687 -100.84 93.65 39.94
C THR A 687 -99.84 94.50 40.72
N CYS A 688 -98.62 93.96 40.98
CA CYS A 688 -97.49 94.55 41.71
C CYS A 688 -96.66 95.51 40.83
N ALA A 689 -96.56 95.23 39.51
CA ALA A 689 -95.80 95.96 38.49
C ALA A 689 -96.06 97.47 38.42
N THR A 690 -97.18 97.93 39.00
CA THR A 690 -97.59 99.33 39.10
C THR A 690 -96.76 100.06 40.22
N MET A 691 -95.90 99.30 40.94
CA MET A 691 -94.98 99.79 41.97
C MET A 691 -93.56 100.03 41.39
N PHE A 692 -93.40 99.87 40.05
CA PHE A 692 -92.14 100.12 39.34
C PHE A 692 -92.01 101.63 39.06
N ALA A 708 -102.31 102.70 30.51
CA ALA A 708 -103.08 102.79 31.75
C ALA A 708 -104.15 101.69 31.86
N SER A 709 -104.80 101.39 30.72
CA SER A 709 -105.81 100.35 30.59
C SER A 709 -105.13 98.99 30.59
N GLU A 710 -103.85 98.95 30.19
CA GLU A 710 -103.02 97.75 30.10
C GLU A 710 -102.61 97.14 31.44
N THR A 711 -102.81 97.84 32.58
CA THR A 711 -102.43 97.31 33.89
C THR A 711 -103.30 96.15 34.32
N ALA A 712 -102.73 95.20 35.09
CA ALA A 712 -103.46 94.02 35.56
C ALA A 712 -104.61 94.44 36.45
N VAL A 713 -104.41 95.48 37.27
CA VAL A 713 -105.45 95.97 38.17
C VAL A 713 -106.67 96.51 37.38
N ALA A 714 -106.42 97.28 36.29
CA ALA A 714 -107.47 97.86 35.45
C ALA A 714 -108.26 96.77 34.74
N LYS A 715 -107.55 95.77 34.18
CA LYS A 715 -108.16 94.66 33.45
C LYS A 715 -109.01 93.79 34.35
N ASN A 716 -108.50 93.46 35.56
CA ASN A 716 -109.24 92.68 36.55
C ASN A 716 -110.57 93.38 36.93
N GLN A 717 -110.54 94.72 37.07
CA GLN A 717 -111.74 95.49 37.38
C GLN A 717 -112.77 95.43 36.23
N ALA A 718 -112.32 95.69 34.98
CA ALA A 718 -113.16 95.67 33.78
C ALA A 718 -113.82 94.30 33.57
N LEU A 719 -113.03 93.22 33.74
CA LEU A 719 -113.51 91.85 33.59
C LEU A 719 -114.61 91.53 34.62
N LYS A 720 -114.39 91.93 35.90
CA LYS A 720 -115.36 91.68 36.97
C LYS A 720 -116.68 92.36 36.66
N GLU A 721 -116.61 93.62 36.17
CA GLU A 721 -117.78 94.43 35.79
C GLU A 721 -118.53 93.83 34.61
N ALA A 722 -117.79 93.17 33.68
CA ALA A 722 -118.35 92.53 32.49
C ALA A 722 -119.11 91.22 32.80
N GLY A 723 -118.95 90.68 34.02
CA GLY A 723 -119.64 89.46 34.42
C GLY A 723 -118.73 88.27 34.63
N VAL A 724 -117.43 88.42 34.31
CA VAL A 724 -116.40 87.39 34.49
C VAL A 724 -116.23 87.15 35.99
N PHE A 725 -115.96 85.90 36.37
CA PHE A 725 -115.69 85.55 37.75
C PHE A 725 -114.22 85.86 38.03
N VAL A 726 -113.95 86.94 38.80
CA VAL A 726 -112.59 87.36 39.10
C VAL A 726 -112.27 87.18 40.60
N PRO A 727 -111.21 86.42 40.98
CA PRO A 727 -110.89 86.28 42.41
C PRO A 727 -110.27 87.54 42.98
N ARG A 728 -110.23 87.67 44.32
CA ARG A 728 -109.61 88.82 44.99
C ARG A 728 -108.12 88.87 44.66
N SER A 729 -107.46 87.71 44.66
CA SER A 729 -106.04 87.55 44.36
C SER A 729 -105.81 86.18 43.75
N PHE A 730 -104.56 85.88 43.43
CA PHE A 730 -104.26 84.60 42.86
C PHE A 730 -104.59 83.44 43.82
N ASP A 731 -104.47 83.68 45.14
CA ASP A 731 -104.78 82.69 46.18
C ASP A 731 -106.21 82.15 46.08
N GLU A 732 -107.17 83.06 45.80
CA GLU A 732 -108.59 82.73 45.70
C GLU A 732 -108.98 82.16 44.35
N LEU A 733 -107.99 81.95 43.44
CA LEU A 733 -108.27 81.35 42.13
C LEU A 733 -108.79 79.93 42.25
N GLY A 734 -108.20 79.14 43.15
CA GLY A 734 -108.65 77.76 43.38
C GLY A 734 -110.08 77.74 43.90
N GLU A 735 -110.34 78.55 44.95
CA GLU A 735 -111.63 78.69 45.59
C GLU A 735 -112.73 79.11 44.59
N ILE A 736 -112.48 80.14 43.73
CA ILE A 736 -113.48 80.62 42.76
C ILE A 736 -113.79 79.57 41.70
N ILE A 737 -112.77 78.84 41.24
CA ILE A 737 -112.95 77.77 40.26
C ILE A 737 -113.85 76.69 40.88
N GLN A 738 -113.57 76.31 42.15
CA GLN A 738 -114.35 75.28 42.84
C GLN A 738 -115.78 75.71 43.02
N SER A 739 -116.02 76.99 43.34
CA SER A 739 -117.37 77.53 43.54
C SER A 739 -118.19 77.48 42.24
N VAL A 740 -117.60 77.94 41.12
CA VAL A 740 -118.26 77.95 39.80
C VAL A 740 -118.62 76.51 39.42
N TYR A 741 -117.65 75.59 39.57
CA TYR A 741 -117.82 74.17 39.29
C TYR A 741 -118.98 73.55 40.05
N GLU A 742 -119.00 73.73 41.39
CA GLU A 742 -120.04 73.15 42.27
C GLU A 742 -121.44 73.64 41.95
N ASP A 743 -121.53 74.92 41.54
CA ASP A 743 -122.78 75.53 41.12
C ASP A 743 -123.27 74.91 39.81
N LEU A 744 -122.34 74.63 38.86
CA LEU A 744 -122.67 74.00 37.58
C LEU A 744 -123.10 72.54 37.76
N VAL A 745 -122.55 71.84 38.78
CA VAL A 745 -122.93 70.45 39.09
C VAL A 745 -124.35 70.47 39.68
N ALA A 746 -124.58 71.37 40.65
CA ALA A 746 -125.86 71.57 41.32
C ALA A 746 -126.98 71.86 40.32
N ASN A 747 -126.66 72.55 39.21
CA ASN A 747 -127.63 72.92 38.18
C ASN A 747 -127.70 71.92 37.00
N GLY A 748 -127.03 70.77 37.16
CA GLY A 748 -127.02 69.69 36.18
C GLY A 748 -126.35 69.96 34.85
N VAL A 749 -125.56 71.04 34.78
CA VAL A 749 -124.80 71.43 33.57
C VAL A 749 -123.61 70.47 33.43
N ILE A 750 -123.07 70.00 34.56
CA ILE A 750 -121.97 69.05 34.64
C ILE A 750 -122.49 67.74 35.28
N VAL A 751 -122.32 66.61 34.57
CA VAL A 751 -122.65 65.24 35.02
C VAL A 751 -121.31 64.46 35.11
N PRO A 752 -120.55 64.60 36.24
CA PRO A 752 -119.24 63.93 36.32
C PRO A 752 -119.31 62.42 36.11
N ALA A 753 -118.35 61.92 35.34
CA ALA A 753 -118.25 60.52 34.98
C ALA A 753 -117.51 59.70 36.04
N GLN A 754 -117.87 58.41 36.20
CA GLN A 754 -117.23 57.45 37.13
C GLN A 754 -115.75 57.33 36.75
N GLU A 755 -114.89 57.13 37.76
CA GLU A 755 -113.46 57.05 37.52
C GLU A 755 -112.96 55.62 37.22
N VAL A 756 -112.30 55.51 36.05
CA VAL A 756 -111.67 54.29 35.53
C VAL A 756 -110.11 54.40 35.69
N PRO A 757 -109.45 53.37 36.30
CA PRO A 757 -108.00 53.43 36.48
C PRO A 757 -107.25 53.37 35.14
N PRO A 758 -106.15 54.15 34.97
CA PRO A 758 -105.47 54.14 33.67
C PRO A 758 -104.53 52.95 33.50
N PRO A 759 -104.13 52.59 32.23
CA PRO A 759 -103.16 51.50 32.03
C PRO A 759 -101.82 51.82 32.70
N THR A 760 -101.14 50.81 33.22
CA THR A 760 -99.87 51.05 33.91
C THR A 760 -98.68 50.91 32.95
N VAL A 761 -97.68 51.83 33.06
CA VAL A 761 -96.48 51.79 32.23
C VAL A 761 -95.22 51.67 33.14
N PRO A 762 -94.23 50.79 32.75
CA PRO A 762 -93.04 50.61 33.58
C PRO A 762 -92.12 51.83 33.66
N MET A 763 -91.36 51.92 34.76
CA MET A 763 -90.42 53.00 35.00
C MET A 763 -89.25 52.90 34.07
N ASP A 764 -88.67 54.03 33.69
CA ASP A 764 -87.50 53.94 32.84
C ASP A 764 -86.27 53.61 33.63
N TYR A 765 -85.46 52.66 33.12
CA TYR A 765 -84.24 52.20 33.77
C TYR A 765 -83.35 53.36 34.12
N SER A 766 -83.16 54.29 33.18
CA SER A 766 -82.37 55.50 33.39
C SER A 766 -82.80 56.21 34.67
N TRP A 767 -84.11 56.43 34.82
CA TRP A 767 -84.74 57.10 35.95
C TRP A 767 -84.62 56.34 37.24
N ALA A 768 -84.92 55.04 37.23
CA ALA A 768 -84.82 54.17 38.40
C ALA A 768 -83.39 54.14 38.98
N ARG A 769 -82.38 54.15 38.07
CA ARG A 769 -80.96 54.13 38.40
C ARG A 769 -80.57 55.48 39.04
N GLU A 770 -81.19 56.60 38.57
CA GLU A 770 -80.96 57.94 39.11
C GLU A 770 -81.47 58.02 40.55
N LEU A 771 -82.67 57.51 40.81
CA LEU A 771 -83.25 57.51 42.15
C LEU A 771 -82.65 56.39 43.03
N GLY A 772 -81.71 55.63 42.46
CA GLY A 772 -81.00 54.52 43.11
C GLY A 772 -81.90 53.41 43.58
N LEU A 773 -82.99 53.15 42.83
CA LEU A 773 -83.99 52.13 43.14
C LEU A 773 -83.56 50.75 42.70
N ILE A 774 -82.75 50.69 41.64
CA ILE A 774 -82.30 49.40 41.17
C ILE A 774 -80.78 49.36 41.00
N ARG A 775 -80.21 48.17 41.05
CA ARG A 775 -78.79 47.91 40.86
C ARG A 775 -78.65 46.87 39.78
N LYS A 776 -77.68 47.10 38.91
CA LYS A 776 -77.39 46.23 37.79
C LYS A 776 -75.87 46.11 37.74
N PRO A 777 -75.40 44.85 37.91
CA PRO A 777 -73.95 44.60 37.91
C PRO A 777 -73.30 44.83 36.55
N ALA A 778 -72.10 45.38 36.57
CA ALA A 778 -71.31 45.64 35.40
C ALA A 778 -70.79 44.34 34.80
N SER A 779 -70.81 44.22 33.47
CA SER A 779 -70.31 43.04 32.77
C SER A 779 -68.82 43.20 32.50
N PHE A 780 -68.32 44.45 32.49
CA PHE A 780 -66.93 44.76 32.20
C PHE A 780 -66.17 45.36 33.35
N MET A 781 -64.82 45.27 33.29
CA MET A 781 -63.93 45.83 34.32
C MET A 781 -62.72 46.50 33.72
N THR A 782 -62.46 47.76 34.01
CA THR A 782 -61.28 48.41 33.43
C THR A 782 -60.41 49.05 34.49
N SER A 783 -59.12 49.31 34.16
CA SER A 783 -58.19 49.90 35.09
C SER A 783 -57.10 50.73 34.43
N ILE A 784 -57.23 51.06 33.11
CA ILE A 784 -56.16 51.81 32.46
C ILE A 784 -56.49 53.26 32.17
N CYS A 785 -57.77 53.56 31.91
CA CYS A 785 -58.14 54.92 31.48
C CYS A 785 -59.58 55.25 31.86
N ASP A 786 -59.85 56.52 32.27
CA ASP A 786 -61.19 57.01 32.61
C ASP A 786 -61.55 58.29 31.88
N GLU A 787 -62.40 58.14 30.84
CA GLU A 787 -62.88 59.24 29.99
C GLU A 787 -64.15 59.99 30.52
N ARG A 788 -64.80 59.44 31.55
CA ARG A 788 -66.03 59.98 32.15
C ARG A 788 -65.89 61.32 32.87
N GLY A 789 -64.68 61.61 33.39
CA GLY A 789 -64.41 62.80 34.18
C GLY A 789 -64.45 64.16 33.50
N GLN A 790 -64.13 65.24 34.27
CA GLN A 790 -64.02 66.60 33.73
C GLN A 790 -62.68 66.62 32.94
N GLU A 791 -61.75 65.74 33.32
CA GLU A 791 -60.48 65.58 32.64
C GLU A 791 -60.21 64.12 32.30
N LEU A 792 -59.47 63.88 31.22
CA LEU A 792 -59.11 62.51 30.85
C LEU A 792 -58.06 62.02 31.85
N ILE A 793 -58.21 60.77 32.33
CA ILE A 793 -57.27 60.18 33.28
C ILE A 793 -56.63 58.95 32.67
N TYR A 794 -55.28 58.89 32.70
CA TYR A 794 -54.49 57.75 32.26
C TYR A 794 -53.91 57.13 33.54
N ALA A 795 -54.39 55.94 33.95
CA ALA A 795 -53.96 55.21 35.12
C ALA A 795 -53.75 56.10 36.37
N GLY A 796 -54.76 56.87 36.71
CA GLY A 796 -54.66 57.72 37.91
C GLY A 796 -54.10 59.13 37.72
N MET A 797 -53.28 59.33 36.68
CA MET A 797 -52.66 60.61 36.35
C MET A 797 -53.53 61.38 35.33
N PRO A 798 -54.02 62.59 35.65
CA PRO A 798 -54.79 63.38 34.67
C PRO A 798 -53.92 63.84 33.51
N ILE A 799 -54.48 63.89 32.30
CA ILE A 799 -53.78 64.26 31.06
C ILE A 799 -52.91 65.57 31.19
N THR A 800 -53.38 66.58 31.94
CA THR A 800 -52.61 67.82 32.10
C THR A 800 -51.30 67.58 32.84
N GLU A 801 -51.34 66.67 33.85
CA GLU A 801 -50.19 66.29 34.65
C GLU A 801 -49.23 65.52 33.79
N VAL A 802 -49.75 64.68 32.90
CA VAL A 802 -48.94 63.91 31.95
C VAL A 802 -48.02 64.86 31.17
N PHE A 803 -48.60 65.93 30.61
CA PHE A 803 -47.83 66.91 29.86
C PHE A 803 -46.94 67.78 30.75
N LYS A 804 -47.48 68.29 31.87
CA LYS A 804 -46.75 69.11 32.85
C LYS A 804 -45.46 68.40 33.32
N GLU A 805 -45.55 67.08 33.60
CA GLU A 805 -44.44 66.25 34.07
C GLU A 805 -43.53 65.75 32.93
N GLU A 806 -43.85 66.13 31.67
CA GLU A 806 -43.09 65.76 30.47
C GLU A 806 -42.83 64.24 30.36
N MET A 807 -43.91 63.43 30.42
CA MET A 807 -43.84 61.96 30.37
C MET A 807 -43.29 61.41 29.06
N GLY A 808 -43.82 61.94 27.97
CA GLY A 808 -43.47 61.46 26.65
C GLY A 808 -44.21 60.18 26.31
N ILE A 809 -43.99 59.66 25.09
CA ILE A 809 -44.62 58.43 24.63
C ILE A 809 -44.29 57.26 25.57
N GLY A 810 -43.03 57.19 25.99
CA GLY A 810 -42.54 56.18 26.93
C GLY A 810 -43.30 56.20 28.23
N GLY A 811 -43.46 57.40 28.79
CA GLY A 811 -44.18 57.63 30.04
C GLY A 811 -45.64 57.22 29.97
N VAL A 812 -46.30 57.57 28.85
CA VAL A 812 -47.70 57.28 28.58
C VAL A 812 -47.87 55.77 28.47
N LEU A 813 -46.93 55.10 27.79
CA LEU A 813 -46.93 53.66 27.63
C LEU A 813 -46.81 52.96 29.02
N GLY A 814 -45.98 53.51 29.91
CA GLY A 814 -45.82 53.01 31.28
C GLY A 814 -47.15 53.04 32.03
N LEU A 815 -47.91 54.14 31.89
CA LEU A 815 -49.22 54.29 32.51
C LEU A 815 -50.24 53.36 31.88
N LEU A 816 -50.35 53.34 30.55
CA LEU A 816 -51.40 52.52 29.99
C LEU A 816 -51.09 51.03 30.02
N TRP A 817 -49.84 50.63 29.76
CA TRP A 817 -49.51 49.21 29.76
C TRP A 817 -49.22 48.66 31.14
N PHE A 818 -48.45 49.38 31.98
CA PHE A 818 -48.12 48.81 33.27
C PHE A 818 -48.83 49.43 34.47
N GLN A 819 -49.52 50.56 34.22
CA GLN A 819 -50.22 51.38 35.22
C GLN A 819 -49.22 51.81 36.29
N LYS A 820 -48.04 52.25 35.81
CA LYS A 820 -46.91 52.69 36.63
C LYS A 820 -46.29 54.01 36.12
N ARG A 821 -45.76 54.81 37.08
CA ARG A 821 -45.00 56.00 36.72
C ARG A 821 -43.54 55.53 36.74
N LEU A 822 -42.99 55.32 35.54
CA LEU A 822 -41.66 54.76 35.41
C LEU A 822 -40.56 55.80 35.54
N PRO A 823 -39.31 55.38 35.91
CA PRO A 823 -38.18 56.31 35.90
C PRO A 823 -37.95 56.87 34.49
N LYS A 824 -37.33 58.07 34.39
CA LYS A 824 -37.11 58.72 33.10
C LYS A 824 -36.27 57.87 32.18
N TYR A 825 -35.25 57.18 32.72
CA TYR A 825 -34.37 56.32 31.91
C TYR A 825 -35.13 55.11 31.32
N SER A 826 -36.13 54.61 32.05
CA SER A 826 -36.97 53.52 31.59
C SER A 826 -37.83 54.01 30.42
N CYS A 827 -38.45 55.19 30.55
CA CYS A 827 -39.26 55.80 29.49
C CYS A 827 -38.43 56.02 28.26
N GLN A 828 -37.23 56.61 28.43
CA GLN A 828 -36.34 56.87 27.31
C GLN A 828 -35.93 55.58 26.62
N PHE A 829 -35.70 54.51 27.41
CA PHE A 829 -35.37 53.20 26.86
C PHE A 829 -36.52 52.64 26.03
N ILE A 830 -37.76 52.68 26.54
CA ILE A 830 -38.94 52.22 25.80
C ILE A 830 -39.03 52.93 24.44
N GLU A 831 -38.85 54.27 24.43
CA GLU A 831 -38.88 55.07 23.21
C GLU A 831 -37.82 54.63 22.23
N MET A 832 -36.63 54.32 22.76
CA MET A 832 -35.46 53.85 22.01
C MET A 832 -35.76 52.51 21.29
N CYS A 833 -36.49 51.61 21.97
CA CYS A 833 -36.89 50.31 21.45
C CYS A 833 -37.87 50.48 20.34
N LEU A 834 -38.82 51.41 20.52
CA LEU A 834 -39.82 51.69 19.52
C LEU A 834 -39.15 52.23 18.26
N MET A 835 -38.04 52.94 18.45
CA MET A 835 -37.34 53.54 17.34
C MET A 835 -36.53 52.57 16.53
N VAL A 836 -35.84 51.62 17.20
CA VAL A 836 -35.03 50.61 16.48
C VAL A 836 -35.89 49.54 15.83
N THR A 837 -37.11 49.31 16.37
CA THR A 837 -37.98 48.30 15.80
C THR A 837 -38.90 48.84 14.72
N ALA A 838 -38.89 50.20 14.51
CA ALA A 838 -39.77 50.94 13.59
C ALA A 838 -39.83 50.32 12.22
N ASP A 839 -38.68 50.12 11.55
CA ASP A 839 -38.68 49.39 10.29
C ASP A 839 -37.36 48.64 10.04
N HIS A 840 -37.46 47.70 9.10
CA HIS A 840 -36.40 46.86 8.62
C HIS A 840 -36.63 46.40 7.17
N GLY A 841 -36.92 47.36 6.30
CA GLY A 841 -37.12 47.09 4.88
C GLY A 841 -38.39 46.35 4.49
N PRO A 842 -38.61 46.29 3.15
CA PRO A 842 -39.85 45.73 2.60
C PRO A 842 -39.83 44.23 2.29
N ALA A 843 -38.63 43.59 2.52
CA ALA A 843 -38.42 42.18 2.21
C ALA A 843 -39.05 41.26 3.25
N VAL A 844 -39.16 41.73 4.52
CA VAL A 844 -39.78 40.99 5.63
C VAL A 844 -41.27 40.67 5.36
N SER A 845 -41.72 39.52 5.92
CA SER A 845 -43.06 38.98 5.81
C SER A 845 -44.20 40.00 5.98
N GLY A 846 -44.15 40.74 7.06
CA GLY A 846 -45.19 41.72 7.32
C GLY A 846 -45.24 42.86 6.35
N ALA A 847 -44.05 43.49 6.07
CA ALA A 847 -43.96 44.63 5.15
C ALA A 847 -44.50 44.24 3.78
N HIS A 848 -44.08 43.04 3.33
CA HIS A 848 -44.46 42.44 2.07
C HIS A 848 -45.98 42.40 1.93
N ASN A 849 -46.68 41.80 2.91
CA ASN A 849 -48.14 41.72 2.91
C ASN A 849 -48.81 43.10 2.89
N THR A 850 -48.30 44.06 3.70
CA THR A 850 -48.83 45.42 3.69
C THR A 850 -48.66 46.00 2.30
N ILE A 851 -47.48 45.84 1.70
CA ILE A 851 -47.23 46.39 0.37
C ILE A 851 -48.20 45.78 -0.64
N ILE A 852 -48.32 44.43 -0.64
CA ILE A 852 -49.23 43.68 -1.52
C ILE A 852 -50.65 44.22 -1.41
N CYS A 853 -51.08 44.40 -0.18
CA CYS A 853 -52.36 44.89 0.21
C CYS A 853 -52.65 46.29 -0.26
N ALA A 854 -51.70 47.24 -0.04
CA ALA A 854 -51.75 48.66 -0.41
C ALA A 854 -51.87 48.72 -1.93
N ARG A 855 -51.08 47.85 -2.62
CA ARG A 855 -51.05 47.70 -4.08
C ARG A 855 -52.33 47.13 -4.65
N ALA A 856 -53.07 46.39 -3.83
CA ALA A 856 -54.33 45.83 -4.22
C ALA A 856 -55.51 46.80 -3.95
N GLY A 857 -55.15 48.05 -3.70
CA GLY A 857 -56.05 49.17 -3.54
C GLY A 857 -56.79 49.26 -2.23
N LYS A 858 -56.27 48.64 -1.16
CA LYS A 858 -56.92 48.72 0.14
C LYS A 858 -56.56 50.01 0.94
N ASP A 859 -57.34 50.26 1.99
CA ASP A 859 -57.19 51.37 2.93
C ASP A 859 -56.07 51.09 3.93
N LEU A 860 -55.71 52.12 4.69
CA LEU A 860 -54.63 52.04 5.67
C LEU A 860 -54.81 50.94 6.67
N VAL A 861 -55.97 50.89 7.34
CA VAL A 861 -56.20 49.94 8.42
C VAL A 861 -56.13 48.51 7.89
N SER A 862 -56.79 48.20 6.73
CA SER A 862 -56.74 46.86 6.13
C SER A 862 -55.31 46.51 5.79
N SER A 863 -54.56 47.42 5.14
CA SER A 863 -53.17 47.16 4.75
C SER A 863 -52.27 46.91 5.92
N LEU A 864 -52.38 47.71 6.95
CA LEU A 864 -51.59 47.56 8.17
C LEU A 864 -51.85 46.22 8.85
N THR A 865 -53.14 45.90 9.08
CA THR A 865 -53.55 44.66 9.76
C THR A 865 -53.08 43.42 8.98
N SER A 866 -53.20 43.47 7.65
CA SER A 866 -52.78 42.39 6.78
C SER A 866 -51.32 42.04 7.09
N GLY A 867 -50.49 43.05 7.31
CA GLY A 867 -49.08 42.89 7.65
C GLY A 867 -48.85 42.46 9.07
N LEU A 868 -49.53 43.13 10.02
CA LEU A 868 -49.45 42.81 11.46
C LEU A 868 -49.84 41.36 11.77
N LEU A 869 -50.78 40.81 11.00
CA LEU A 869 -51.20 39.45 11.22
C LEU A 869 -50.10 38.41 10.95
N THR A 870 -48.94 38.79 10.36
CA THR A 870 -47.82 37.85 10.13
C THR A 870 -46.92 37.79 11.37
N ILE A 871 -46.97 38.86 12.23
CA ILE A 871 -46.18 38.98 13.47
C ILE A 871 -46.61 37.94 14.48
N GLY A 872 -45.66 37.27 15.08
CA GLY A 872 -46.02 36.31 16.09
C GLY A 872 -45.04 35.19 16.28
N ASP A 873 -44.81 34.37 15.25
CA ASP A 873 -43.96 33.19 15.43
C ASP A 873 -42.57 33.34 14.82
N ARG A 874 -42.46 33.02 13.53
CA ARG A 874 -41.21 33.06 12.80
C ARG A 874 -40.81 34.51 12.47
N PHE A 875 -41.77 35.44 12.48
CA PHE A 875 -41.54 36.86 12.22
C PHE A 875 -42.04 37.67 13.41
N GLY A 876 -41.13 38.39 14.05
CA GLY A 876 -41.42 39.22 15.21
C GLY A 876 -41.49 38.55 16.59
N GLY A 877 -41.43 37.22 16.60
CA GLY A 877 -41.54 36.41 17.81
C GLY A 877 -40.36 36.41 18.73
N ALA A 878 -39.15 36.48 18.13
CA ALA A 878 -37.82 36.44 18.73
C ALA A 878 -37.62 37.26 20.00
N LEU A 879 -38.18 38.48 20.12
CA LEU A 879 -38.01 39.30 21.33
C LEU A 879 -38.58 38.61 22.53
N ASP A 880 -39.85 38.17 22.40
CA ASP A 880 -40.55 37.47 23.48
C ASP A 880 -39.85 36.15 23.80
N ALA A 881 -39.53 35.39 22.75
CA ALA A 881 -38.85 34.09 22.81
C ALA A 881 -37.51 34.16 23.52
N ALA A 882 -36.66 35.12 23.12
CA ALA A 882 -35.34 35.34 23.70
C ALA A 882 -35.51 35.65 25.18
N ALA A 883 -36.33 36.65 25.52
CA ALA A 883 -36.59 37.03 26.90
C ALA A 883 -36.99 35.84 27.74
N LYS A 884 -37.92 35.00 27.24
CA LYS A 884 -38.45 33.84 27.95
C LYS A 884 -37.41 32.75 28.17
N MET A 885 -36.62 32.44 27.11
CA MET A 885 -35.56 31.42 27.06
C MET A 885 -34.47 31.71 28.05
N PHE A 886 -33.89 32.93 27.96
CA PHE A 886 -32.81 33.41 28.80
C PHE A 886 -33.24 33.54 30.22
N SER A 887 -34.48 34.03 30.48
CA SER A 887 -35.01 34.18 31.84
C SER A 887 -35.05 32.83 32.47
N LYS A 888 -35.64 31.83 31.77
CA LYS A 888 -35.75 30.44 32.24
C LYS A 888 -34.41 29.88 32.66
N ALA A 889 -33.41 29.97 31.77
CA ALA A 889 -32.04 29.48 31.95
C ALA A 889 -31.36 30.16 33.13
N PHE A 890 -31.44 31.48 33.22
CA PHE A 890 -30.86 32.27 34.29
C PHE A 890 -31.45 31.87 35.61
N ASP A 891 -32.79 31.98 35.73
CA ASP A 891 -33.58 31.68 36.91
C ASP A 891 -33.43 30.24 37.38
N SER A 892 -33.18 29.28 36.46
CA SER A 892 -32.92 27.87 36.78
C SER A 892 -31.55 27.65 37.45
N GLY A 893 -30.69 28.67 37.35
CA GLY A 893 -29.35 28.67 37.94
C GLY A 893 -28.25 28.01 37.13
N ILE A 894 -28.56 27.57 35.90
CA ILE A 894 -27.52 26.94 35.05
C ILE A 894 -26.54 27.99 34.55
N ILE A 895 -25.24 27.65 34.51
CA ILE A 895 -24.23 28.59 34.04
C ILE A 895 -24.28 28.72 32.51
N PRO A 896 -23.79 29.85 31.92
CA PRO A 896 -23.91 30.01 30.47
C PRO A 896 -23.45 28.82 29.60
N MET A 897 -22.28 28.22 29.91
CA MET A 897 -21.78 27.06 29.16
C MET A 897 -22.72 25.85 29.25
N GLU A 898 -23.29 25.58 30.44
CA GLU A 898 -24.26 24.51 30.66
C GLU A 898 -25.47 24.75 29.75
N PHE A 899 -25.95 26.00 29.71
CA PHE A 899 -27.07 26.42 28.88
C PHE A 899 -26.83 26.14 27.39
N VAL A 900 -25.68 26.59 26.86
CA VAL A 900 -25.28 26.41 25.46
C VAL A 900 -25.36 24.91 25.07
N ASN A 901 -24.76 24.05 25.92
CA ASN A 901 -24.73 22.60 25.68
C ASN A 901 -26.08 21.94 25.81
N LYS A 902 -26.92 22.40 26.78
CA LYS A 902 -28.28 21.89 27.03
C LYS A 902 -29.09 22.06 25.75
N MET A 903 -29.03 23.28 25.18
CA MET A 903 -29.72 23.62 23.95
C MET A 903 -29.29 22.74 22.79
N LYS A 904 -27.96 22.51 22.63
CA LYS A 904 -27.40 21.66 21.57
C LYS A 904 -27.99 20.27 21.68
N LYS A 905 -27.97 19.68 22.90
CA LYS A 905 -28.50 18.34 23.20
C LYS A 905 -30.01 18.22 22.88
N GLU A 906 -30.77 19.25 23.24
CA GLU A 906 -32.21 19.32 23.00
C GLU A 906 -32.56 19.59 21.52
N GLY A 907 -31.53 19.90 20.72
CA GLY A 907 -31.65 20.19 19.28
C GLY A 907 -32.33 21.52 19.01
N LYS A 908 -32.07 22.51 19.87
CA LYS A 908 -32.64 23.85 19.80
C LYS A 908 -31.57 24.93 19.61
N LEU A 909 -31.88 25.96 18.81
CA LEU A 909 -30.95 27.09 18.61
C LEU A 909 -31.30 28.16 19.61
N ILE A 910 -30.34 28.99 19.99
CA ILE A 910 -30.63 30.04 20.96
C ILE A 910 -31.33 31.21 20.28
N MET A 911 -32.47 31.63 20.84
CA MET A 911 -33.30 32.75 20.39
C MET A 911 -32.61 34.06 20.76
N GLY A 912 -32.34 34.89 19.74
CA GLY A 912 -31.67 36.17 19.96
C GLY A 912 -30.16 36.11 19.76
N ILE A 913 -29.68 35.00 19.16
CA ILE A 913 -28.28 34.73 18.81
C ILE A 913 -28.20 34.49 17.31
N GLY A 914 -27.20 35.12 16.68
CA GLY A 914 -26.91 35.03 15.26
C GLY A 914 -27.25 36.25 14.44
N HIS A 915 -26.47 36.46 13.38
CA HIS A 915 -26.63 37.48 12.36
C HIS A 915 -26.05 37.03 11.02
N ARG A 916 -26.67 37.46 9.92
CA ARG A 916 -26.27 37.15 8.54
C ARG A 916 -24.86 37.64 8.23
N VAL A 917 -24.59 38.94 8.43
CA VAL A 917 -23.28 39.57 8.15
C VAL A 917 -22.52 40.04 9.37
N LYS A 918 -23.23 40.69 10.30
CA LYS A 918 -22.63 41.22 11.49
C LYS A 918 -21.97 40.14 12.34
N SER A 919 -20.76 40.47 12.81
CA SER A 919 -19.95 39.57 13.59
C SER A 919 -19.43 40.27 14.84
N ILE A 920 -18.55 39.58 15.56
CA ILE A 920 -17.95 40.08 16.76
C ILE A 920 -17.06 41.32 16.46
N ASN A 921 -16.38 41.30 15.32
CA ASN A 921 -15.47 42.37 14.86
C ASN A 921 -16.19 43.51 14.15
N ASN A 922 -17.34 43.20 13.51
CA ASN A 922 -18.18 44.12 12.75
C ASN A 922 -19.54 44.16 13.47
N PRO A 923 -19.72 45.05 14.47
CA PRO A 923 -20.96 45.00 15.27
C PRO A 923 -22.22 45.57 14.63
N ASP A 924 -23.42 45.16 15.16
CA ASP A 924 -24.73 45.66 14.75
C ASP A 924 -24.91 46.95 15.53
N MET A 925 -25.14 48.06 14.78
CA MET A 925 -25.28 49.40 15.33
C MET A 925 -26.46 49.55 16.26
N ARG A 926 -27.60 48.94 15.93
CA ARG A 926 -28.79 48.98 16.74
C ARG A 926 -28.49 48.38 18.11
N VAL A 927 -27.80 47.23 18.10
CA VAL A 927 -27.39 46.56 19.34
C VAL A 927 -26.41 47.42 20.11
N GLN A 928 -25.44 48.04 19.42
CA GLN A 928 -24.47 48.94 20.02
C GLN A 928 -25.15 50.10 20.74
N ILE A 929 -26.05 50.81 20.04
CA ILE A 929 -26.81 51.96 20.57
C ILE A 929 -27.49 51.60 21.89
N LEU A 930 -28.30 50.53 21.84
CA LEU A 930 -29.06 50.03 22.96
C LEU A 930 -28.22 49.52 24.11
N LYS A 931 -27.22 48.66 23.82
CA LYS A 931 -26.29 48.09 24.81
C LYS A 931 -25.67 49.22 25.63
N ASP A 932 -25.17 50.25 24.95
CA ASP A 932 -24.54 51.41 25.57
C ASP A 932 -25.49 52.22 26.46
N TYR A 933 -26.74 52.49 26.02
CA TYR A 933 -27.69 53.23 26.84
C TYR A 933 -27.98 52.46 28.10
N VAL A 934 -28.29 51.16 27.96
CA VAL A 934 -28.60 50.23 29.04
C VAL A 934 -27.47 50.18 30.07
N ARG A 935 -26.23 50.02 29.61
CA ARG A 935 -25.12 49.97 30.58
C ARG A 935 -25.05 51.28 31.36
N GLN A 936 -25.12 52.40 30.65
CA GLN A 936 -25.01 53.72 31.24
C GLN A 936 -26.11 54.08 32.22
N HIS A 937 -27.36 53.70 31.98
CA HIS A 937 -28.47 54.18 32.83
C HIS A 937 -29.15 53.17 33.74
N PHE A 938 -29.06 51.87 33.41
CA PHE A 938 -29.72 50.86 34.22
C PHE A 938 -28.89 50.57 35.46
N PRO A 939 -29.53 50.62 36.65
CA PRO A 939 -28.81 50.30 37.90
C PRO A 939 -28.14 48.91 37.90
N ALA A 940 -28.89 47.89 37.46
CA ALA A 940 -28.41 46.51 37.39
C ALA A 940 -28.89 45.87 36.10
N THR A 941 -28.06 45.00 35.48
CA THR A 941 -28.42 44.28 34.23
C THR A 941 -28.01 42.79 34.29
N PRO A 942 -28.42 42.02 35.33
CA PRO A 942 -27.95 40.63 35.47
C PRO A 942 -28.23 39.69 34.30
N LEU A 943 -29.43 39.80 33.72
CA LEU A 943 -29.80 38.95 32.58
C LEU A 943 -29.01 39.34 31.35
N LEU A 944 -28.80 40.64 31.10
CA LEU A 944 -28.00 41.08 29.98
C LEU A 944 -26.56 40.53 30.16
N ASP A 945 -26.01 40.63 31.37
CA ASP A 945 -24.69 40.10 31.67
C ASP A 945 -24.60 38.62 31.31
N TYR A 946 -25.62 37.82 31.72
CA TYR A 946 -25.71 36.37 31.46
C TYR A 946 -25.71 36.11 29.94
N ALA A 947 -26.58 36.84 29.21
CA ALA A 947 -26.74 36.73 27.76
C ALA A 947 -25.42 37.05 27.04
N LEU A 948 -24.74 38.13 27.47
CA LEU A 948 -23.46 38.50 26.87
C LEU A 948 -22.38 37.44 27.05
N GLU A 949 -22.47 36.68 28.15
CA GLU A 949 -21.58 35.57 28.46
C GLU A 949 -21.86 34.38 27.56
N VAL A 950 -23.16 34.17 27.22
CA VAL A 950 -23.60 33.13 26.27
C VAL A 950 -23.02 33.51 24.88
N GLU A 951 -23.11 34.82 24.51
CA GLU A 951 -22.57 35.38 23.27
C GLU A 951 -21.05 35.15 23.16
N LYS A 952 -20.33 35.27 24.27
CA LYS A 952 -18.89 35.00 24.31
C LYS A 952 -18.60 33.58 23.84
N ILE A 953 -19.45 32.61 24.24
CA ILE A 953 -19.35 31.20 23.90
C ILE A 953 -19.72 30.94 22.44
N THR A 954 -20.87 31.44 22.01
CA THR A 954 -21.32 31.20 20.64
C THR A 954 -20.40 31.85 19.59
N THR A 955 -19.92 33.09 19.84
CA THR A 955 -19.02 33.77 18.88
C THR A 955 -17.68 33.08 18.79
N SER A 956 -17.32 32.31 19.82
CA SER A 956 -16.09 31.54 19.82
C SER A 956 -16.23 30.29 18.92
N LYS A 957 -17.50 29.94 18.54
CA LYS A 957 -17.80 28.85 17.62
C LYS A 957 -17.71 29.41 16.18
N LYS A 958 -18.65 30.30 15.82
CA LYS A 958 -18.78 31.00 14.54
C LYS A 958 -18.80 32.51 14.92
N PRO A 959 -17.97 33.39 14.28
CA PRO A 959 -17.97 34.83 14.61
C PRO A 959 -19.28 35.62 14.47
N ASN A 960 -20.20 35.19 13.58
CA ASN A 960 -21.47 35.86 13.38
C ASN A 960 -22.56 35.42 14.39
N LEU A 961 -22.20 34.59 15.41
CA LEU A 961 -23.19 34.17 16.40
C LEU A 961 -23.29 35.15 17.56
N ILE A 962 -23.52 36.42 17.20
CA ILE A 962 -23.65 37.57 18.08
C ILE A 962 -25.02 37.64 18.71
N LEU A 963 -25.15 38.42 19.79
CA LEU A 963 -26.43 38.72 20.41
C LEU A 963 -27.05 39.79 19.48
N ASN A 964 -28.18 39.46 18.85
CA ASN A 964 -28.87 40.34 17.91
C ASN A 964 -29.83 41.25 18.64
N VAL A 965 -30.43 42.22 17.91
CA VAL A 965 -31.32 43.24 18.47
C VAL A 965 -32.59 42.66 19.18
N ASP A 966 -33.11 41.54 18.69
CA ASP A 966 -34.26 40.89 19.28
C ASP A 966 -33.90 40.32 20.63
N GLY A 967 -32.73 39.70 20.70
CA GLY A 967 -32.21 39.16 21.94
C GLY A 967 -31.87 40.26 22.93
N LEU A 968 -31.19 41.32 22.43
CA LEU A 968 -30.80 42.47 23.24
C LEU A 968 -32.00 43.13 23.90
N ILE A 969 -33.06 43.48 23.10
CA ILE A 969 -34.28 44.10 23.59
C ILE A 969 -34.96 43.21 24.59
N GLY A 970 -35.17 41.94 24.23
CA GLY A 970 -35.74 40.95 25.12
C GLY A 970 -35.15 40.95 26.53
N VAL A 971 -33.83 40.66 26.65
CA VAL A 971 -33.16 40.59 27.95
C VAL A 971 -33.06 41.95 28.63
N ALA A 972 -32.92 43.06 27.86
CA ALA A 972 -32.83 44.42 28.41
C ALA A 972 -34.13 44.81 29.06
N PHE A 973 -35.25 44.45 28.41
CA PHE A 973 -36.58 44.71 28.87
C PHE A 973 -36.89 43.99 30.16
N VAL A 974 -36.47 42.72 30.26
CA VAL A 974 -36.62 41.89 31.46
C VAL A 974 -35.85 42.56 32.59
N ASP A 975 -34.61 43.00 32.31
CA ASP A 975 -33.80 43.71 33.31
C ASP A 975 -34.44 45.01 33.74
N MET A 976 -35.06 45.72 32.79
CA MET A 976 -35.76 46.95 33.10
C MET A 976 -36.95 46.67 34.00
N LEU A 977 -37.81 45.69 33.67
CA LEU A 977 -38.96 45.36 34.53
C LEU A 977 -38.54 44.95 35.94
N ARG A 978 -37.61 44.00 36.03
CA ARG A 978 -37.16 43.46 37.30
C ARG A 978 -36.40 44.44 38.19
N ASN A 979 -35.50 45.25 37.61
CA ASN A 979 -34.60 46.11 38.37
C ASN A 979 -34.88 47.63 38.33
N CYS A 980 -35.96 48.10 37.67
CA CYS A 980 -36.26 49.54 37.68
C CYS A 980 -36.87 49.98 39.01
N GLY A 981 -37.40 49.01 39.75
CA GLY A 981 -37.97 49.22 41.07
C GLY A 981 -39.42 49.61 41.11
N SER A 982 -40.12 49.54 39.97
CA SER A 982 -41.55 49.86 39.92
C SER A 982 -42.38 48.59 40.06
N PHE A 983 -41.77 47.42 39.80
CA PHE A 983 -42.49 46.15 39.83
C PHE A 983 -41.95 45.13 40.77
N THR A 984 -42.87 44.34 41.37
CA THR A 984 -42.55 43.18 42.20
C THR A 984 -42.06 42.10 41.24
N ARG A 985 -41.45 41.01 41.71
CA ARG A 985 -41.01 40.01 40.72
C ARG A 985 -42.24 39.44 40.00
N GLU A 986 -43.25 39.08 40.78
CA GLU A 986 -44.51 38.51 40.29
C GLU A 986 -45.04 39.35 39.12
N GLU A 987 -45.14 40.69 39.33
CA GLU A 987 -45.59 41.67 38.35
C GLU A 987 -44.72 41.63 37.10
N ALA A 988 -43.38 41.65 37.27
CA ALA A 988 -42.45 41.63 36.17
C ALA A 988 -42.59 40.35 35.36
N ASP A 989 -42.70 39.21 36.05
CA ASP A 989 -42.83 37.91 35.41
C ASP A 989 -44.20 37.73 34.69
N GLU A 990 -45.30 38.31 35.25
CA GLU A 990 -46.63 38.26 34.62
C GLU A 990 -46.63 39.06 33.34
N TYR A 991 -46.04 40.28 33.36
CA TYR A 991 -46.00 41.15 32.20
C TYR A 991 -45.30 40.49 31.04
N ILE A 992 -44.20 39.75 31.31
CA ILE A 992 -43.43 39.04 30.26
C ILE A 992 -44.30 37.93 29.65
N ASP A 993 -44.92 37.14 30.54
CA ASP A 993 -45.77 36.05 30.17
C ASP A 993 -46.99 36.48 29.34
N ILE A 994 -47.74 37.53 29.78
CA ILE A 994 -48.93 38.00 29.04
C ILE A 994 -48.57 38.67 27.67
N GLY A 995 -47.27 38.80 27.38
CA GLY A 995 -46.72 39.26 26.11
C GLY A 995 -46.46 40.74 25.90
N ALA A 996 -46.09 41.48 26.97
CA ALA A 996 -45.78 42.90 26.88
C ALA A 996 -44.73 43.17 25.80
N LEU A 997 -43.76 42.22 25.66
CA LEU A 997 -42.68 42.30 24.70
C LEU A 997 -43.16 42.22 23.26
N ASN A 998 -44.21 41.41 23.01
CA ASN A 998 -44.83 41.34 21.69
C ASN A 998 -45.44 42.70 21.36
N GLY A 999 -46.12 43.31 22.35
CA GLY A 999 -46.66 44.65 22.22
C GLY A 999 -45.63 45.66 21.74
N ILE A 1000 -44.40 45.63 22.33
CA ILE A 1000 -43.32 46.53 21.91
C ILE A 1000 -43.04 46.40 20.40
N PHE A 1001 -42.79 45.17 19.92
CA PHE A 1001 -42.52 44.93 18.52
C PHE A 1001 -43.69 45.38 17.62
N VAL A 1002 -44.91 44.99 17.97
CA VAL A 1002 -46.11 45.34 17.22
C VAL A 1002 -46.30 46.84 17.12
N LEU A 1003 -46.27 47.52 18.26
CA LEU A 1003 -46.42 48.97 18.26
C LEU A 1003 -45.31 49.64 17.45
N GLY A 1004 -44.07 49.20 17.69
CA GLY A 1004 -42.88 49.71 17.01
C GLY A 1004 -42.95 49.59 15.50
N ARG A 1005 -43.12 48.38 15.02
CA ARG A 1005 -43.18 48.06 13.59
C ARG A 1005 -44.37 48.67 12.90
N SER A 1006 -45.47 48.94 13.64
CA SER A 1006 -46.67 49.53 13.08
C SER A 1006 -46.34 50.80 12.36
N MET A 1007 -45.30 51.49 12.82
CA MET A 1007 -44.90 52.76 12.16
C MET A 1007 -44.37 52.42 10.75
N GLY A 1008 -43.38 51.53 10.69
CA GLY A 1008 -42.81 51.10 9.42
C GLY A 1008 -43.86 50.67 8.42
N PHE A 1009 -44.82 49.82 8.84
CA PHE A 1009 -45.90 49.36 7.98
C PHE A 1009 -46.75 50.48 7.46
N ILE A 1010 -47.16 51.44 8.32
CA ILE A 1010 -47.92 52.62 7.85
C ILE A 1010 -47.05 53.41 6.83
N GLY A 1011 -45.75 53.48 7.12
CA GLY A 1011 -44.78 54.08 6.22
C GLY A 1011 -44.86 53.45 4.82
N HIS A 1012 -44.78 52.13 4.76
CA HIS A 1012 -44.85 51.43 3.48
C HIS A 1012 -46.16 51.65 2.79
N TYR A 1013 -47.28 51.58 3.53
CA TYR A 1013 -48.60 51.80 2.94
C TYR A 1013 -48.64 53.13 2.23
N LEU A 1014 -48.22 54.22 2.93
CA LEU A 1014 -48.24 55.57 2.36
C LEU A 1014 -47.35 55.64 1.14
N ASP A 1015 -46.15 55.04 1.25
CA ASP A 1015 -45.17 54.99 0.18
C ASP A 1015 -45.77 54.37 -1.08
N GLN A 1016 -46.35 53.16 -1.00
CA GLN A 1016 -46.92 52.51 -2.17
C GLN A 1016 -47.98 53.34 -2.87
N LYS A 1017 -48.84 54.07 -2.07
CA LYS A 1017 -49.93 54.94 -2.55
C LYS A 1017 -49.31 56.17 -3.25
N ARG A 1018 -48.24 56.69 -2.65
CA ARG A 1018 -47.56 57.86 -3.16
C ARG A 1018 -46.83 57.49 -4.46
N LEU A 1019 -46.27 56.25 -4.52
CA LEU A 1019 -45.56 55.70 -5.68
C LEU A 1019 -46.48 55.23 -6.79
N LYS A 1020 -47.80 55.32 -6.54
CA LYS A 1020 -48.88 54.95 -7.47
C LYS A 1020 -48.61 53.57 -8.13
N GLN A 1021 -48.35 52.59 -7.24
CA GLN A 1021 -48.03 51.21 -7.57
C GLN A 1021 -49.27 50.40 -7.86
N GLY A 1022 -49.23 49.70 -9.01
CA GLY A 1022 -50.32 48.85 -9.48
C GLY A 1022 -50.48 47.53 -8.80
N LEU A 1023 -51.54 46.80 -9.13
CA LEU A 1023 -51.85 45.49 -8.55
C LEU A 1023 -50.72 44.47 -8.70
N TYR A 1024 -50.40 43.73 -7.60
CA TYR A 1024 -49.38 42.71 -7.71
C TYR A 1024 -49.96 41.34 -8.02
N ARG A 1025 -49.31 40.60 -8.91
CA ARG A 1025 -49.66 39.22 -9.18
C ARG A 1025 -48.35 38.49 -9.17
N HIS A 1026 -48.22 37.47 -8.32
CA HIS A 1026 -46.98 36.74 -8.25
C HIS A 1026 -46.67 35.98 -9.55
N PRO A 1027 -45.40 36.08 -10.07
CA PRO A 1027 -45.07 35.37 -11.30
C PRO A 1027 -45.11 33.86 -11.15
N TRP A 1028 -45.64 33.20 -12.17
CA TRP A 1028 -45.76 31.75 -12.15
C TRP A 1028 -44.43 31.04 -12.11
N ASP A 1029 -43.40 31.67 -12.67
CA ASP A 1029 -42.03 31.16 -12.68
C ASP A 1029 -41.51 30.88 -11.29
N ASP A 1030 -41.97 31.61 -10.29
CA ASP A 1030 -41.53 31.44 -8.91
C ASP A 1030 -42.34 30.42 -8.15
N ILE A 1031 -43.30 29.79 -8.82
CA ILE A 1031 -44.19 28.83 -8.17
C ILE A 1031 -43.98 27.45 -8.74
N SER A 1032 -43.75 26.49 -7.83
CA SER A 1032 -43.56 25.09 -8.18
C SER A 1032 -44.89 24.39 -7.94
N TYR A 1033 -45.60 24.04 -9.04
CA TYR A 1033 -46.91 23.37 -8.99
C TYR A 1033 -46.69 21.86 -8.93
N VAL A 1034 -47.10 21.23 -7.81
CA VAL A 1034 -46.91 19.81 -7.54
C VAL A 1034 -48.26 19.14 -7.23
N LEU A 1035 -49.23 19.30 -8.14
CA LEU A 1035 -50.59 18.78 -7.98
C LEU A 1035 -50.75 17.26 -8.26
N PRO A 1036 -51.83 16.65 -7.68
CA PRO A 1036 -52.08 15.21 -7.92
C PRO A 1036 -52.47 14.89 -9.36
N GLU A 1037 -52.42 13.59 -9.76
CA GLU A 1037 -52.78 13.20 -11.12
C GLU A 1037 -54.12 12.48 -11.21
N SER B 2 -2.82 22.60 16.54
CA SER B 2 -2.11 21.34 16.33
C SER B 2 -1.58 20.85 17.68
N ALA B 3 -0.39 20.28 17.74
CA ALA B 3 0.18 19.94 19.04
C ALA B 3 1.20 21.05 19.33
N LYS B 4 0.87 21.87 20.35
CA LYS B 4 1.66 23.04 20.75
C LYS B 4 2.34 22.82 22.07
N ALA B 5 3.59 23.29 22.21
CA ALA B 5 4.37 23.22 23.46
C ALA B 5 3.89 24.23 24.50
N ILE B 6 3.91 23.81 25.79
CA ILE B 6 3.50 24.57 26.99
C ILE B 6 4.69 24.76 27.94
N SER B 7 4.63 25.81 28.80
CA SER B 7 5.70 26.04 29.78
C SER B 7 5.75 24.94 30.88
N GLU B 8 6.91 24.84 31.57
CA GLU B 8 7.17 23.87 32.64
C GLU B 8 6.28 24.19 33.83
N GLN B 9 5.91 25.47 33.97
CA GLN B 9 5.03 25.94 35.02
C GLN B 9 3.59 25.50 34.72
N THR B 10 3.10 25.79 33.48
CA THR B 10 1.76 25.40 33.03
C THR B 10 1.58 23.89 33.27
N GLY B 11 2.55 23.09 32.79
CA GLY B 11 2.60 21.64 32.94
C GLY B 11 2.54 21.13 34.37
N LYS B 12 3.43 21.65 35.24
CA LYS B 12 3.48 21.28 36.65
C LYS B 12 2.19 21.67 37.35
N GLU B 13 1.57 22.80 36.97
CA GLU B 13 0.32 23.23 37.57
C GLU B 13 -0.79 22.20 37.35
N LEU B 14 -1.05 21.90 36.06
CA LEU B 14 -2.05 20.93 35.63
C LEU B 14 -1.71 19.60 36.25
N LEU B 15 -0.40 19.22 36.26
CA LEU B 15 -0.01 17.96 36.85
C LEU B 15 -0.44 17.86 38.30
N TYR B 16 0.06 18.78 39.14
CA TYR B 16 -0.22 18.81 40.57
C TYR B 16 -1.74 18.78 40.81
N LYS B 17 -2.50 19.61 40.05
CA LYS B 17 -3.96 19.75 40.13
C LYS B 17 -4.75 18.50 39.78
N PHE B 18 -4.33 17.72 38.77
CA PHE B 18 -5.16 16.63 38.29
C PHE B 18 -4.62 15.23 38.44
N ILE B 19 -3.31 15.03 38.61
CA ILE B 19 -2.80 13.67 38.79
C ILE B 19 -3.41 13.00 40.05
N CYS B 20 -4.05 11.83 39.84
CA CYS B 20 -4.69 11.03 40.87
C CYS B 20 -3.86 9.79 41.06
N THR B 21 -3.23 9.64 42.25
CA THR B 21 -2.35 8.51 42.58
C THR B 21 -2.29 8.29 44.09
N THR B 22 -2.01 7.02 44.49
CA THR B 22 -1.82 6.60 45.89
C THR B 22 -0.49 7.18 46.38
N SER B 23 0.47 7.31 45.43
CA SER B 23 1.82 7.88 45.59
C SER B 23 1.70 9.33 46.09
N ALA B 24 2.43 9.65 47.16
CA ALA B 24 2.38 11.00 47.69
C ALA B 24 3.32 11.86 46.86
N ILE B 25 2.76 12.82 46.08
CA ILE B 25 3.59 13.72 45.29
C ILE B 25 3.96 14.88 46.17
N GLN B 26 5.26 15.05 46.36
CA GLN B 26 5.84 16.08 47.22
C GLN B 26 6.01 17.42 46.50
N ASN B 27 6.10 18.51 47.30
CA ASN B 27 6.28 19.89 46.83
C ASN B 27 5.18 20.35 45.84
N ARG B 28 3.91 19.90 46.08
CA ARG B 28 2.79 20.29 45.23
C ARG B 28 2.55 21.77 45.36
N PHE B 29 2.52 22.41 44.21
CA PHE B 29 2.30 23.83 43.99
C PHE B 29 3.42 24.72 44.51
N LYS B 30 4.52 24.13 45.03
CA LYS B 30 5.69 24.88 45.47
C LYS B 30 6.53 25.25 44.22
N TYR B 31 6.24 26.42 43.62
CA TYR B 31 6.95 26.94 42.44
C TYR B 31 6.63 28.41 42.23
N ALA B 32 7.66 29.21 41.95
CA ALA B 32 7.41 30.63 41.78
C ALA B 32 8.06 31.15 40.51
N ARG B 33 7.31 32.00 39.77
CA ARG B 33 7.76 32.57 38.51
C ARG B 33 8.37 33.96 38.73
N VAL B 34 9.54 34.18 38.12
CA VAL B 34 10.30 35.44 38.20
C VAL B 34 10.57 36.03 36.80
N THR B 35 10.19 37.31 36.60
CA THR B 35 10.39 38.07 35.38
C THR B 35 11.13 39.38 35.73
N PRO B 36 11.53 40.25 34.75
CA PRO B 36 12.18 41.50 35.15
C PRO B 36 11.23 42.48 35.87
N ASP B 37 9.91 42.21 35.82
CA ASP B 37 8.87 43.04 36.43
C ASP B 37 8.36 42.51 37.78
N THR B 38 9.05 41.48 38.33
CA THR B 38 8.67 40.81 39.58
C THR B 38 8.80 41.73 40.78
N ASP B 39 7.73 41.79 41.60
CA ASP B 39 7.70 42.50 42.88
C ASP B 39 7.99 41.42 43.90
N TRP B 40 9.22 41.45 44.45
CA TRP B 40 9.72 40.45 45.39
C TRP B 40 8.91 40.38 46.68
N ALA B 41 8.40 41.53 47.17
CA ALA B 41 7.54 41.60 48.35
C ALA B 41 6.23 40.84 48.10
N ARG B 42 5.62 41.04 46.92
CA ARG B 42 4.39 40.36 46.50
C ARG B 42 4.65 38.86 46.35
N LEU B 43 5.80 38.51 45.73
CA LEU B 43 6.23 37.13 45.49
C LEU B 43 6.36 36.37 46.80
N LEU B 44 6.95 37.01 47.81
CA LEU B 44 7.14 36.41 49.12
C LEU B 44 5.85 36.28 49.90
N GLN B 45 4.89 37.20 49.66
CA GLN B 45 3.56 37.20 50.28
C GLN B 45 2.78 35.97 49.81
N ASP B 46 2.93 35.61 48.52
CA ASP B 46 2.24 34.50 47.88
C ASP B 46 2.98 33.18 48.07
N HIS B 47 4.31 33.24 48.23
CA HIS B 47 5.15 32.04 48.40
C HIS B 47 6.02 32.15 49.65
N PRO B 48 5.43 31.98 50.87
CA PRO B 48 6.25 32.09 52.09
C PRO B 48 7.26 30.96 52.24
N TRP B 49 7.02 29.82 51.53
CA TRP B 49 7.90 28.64 51.53
C TRP B 49 9.30 28.95 50.99
N LEU B 50 9.46 30.12 50.30
CA LEU B 50 10.73 30.55 49.72
C LEU B 50 11.82 30.77 50.77
N LEU B 51 11.43 30.95 52.02
CA LEU B 51 12.34 31.17 53.14
C LEU B 51 12.50 29.92 54.01
N SER B 52 11.60 28.93 53.85
CA SER B 52 11.55 27.67 54.60
C SER B 52 12.74 26.74 54.38
N GLN B 53 13.27 26.70 53.13
CA GLN B 53 14.38 25.82 52.75
C GLN B 53 15.19 26.38 51.59
N ASN B 54 16.27 25.68 51.21
CA ASN B 54 17.12 26.02 50.08
C ASN B 54 16.39 25.74 48.78
N LEU B 55 16.75 26.50 47.75
CA LEU B 55 16.07 26.51 46.46
C LEU B 55 16.93 26.15 45.24
N VAL B 56 16.26 26.00 44.08
CA VAL B 56 16.83 25.74 42.75
C VAL B 56 16.16 26.77 41.81
N VAL B 57 16.93 27.48 40.96
CA VAL B 57 16.43 28.47 39.99
C VAL B 57 16.89 28.11 38.56
N LYS B 58 15.97 28.11 37.57
CA LYS B 58 16.26 27.74 36.18
C LYS B 58 15.29 28.46 35.23
N PRO B 59 15.68 28.81 33.96
CA PRO B 59 14.72 29.52 33.08
C PRO B 59 13.63 28.63 32.47
N ASP B 60 12.40 29.18 32.37
CA ASP B 60 11.19 28.51 31.86
C ASP B 60 10.83 29.05 30.40
N GLN B 61 11.82 29.03 29.49
CA GLN B 61 11.65 29.61 28.16
C GLN B 61 11.80 28.65 27.02
N LEU B 62 11.49 27.37 27.26
CA LEU B 62 11.58 26.30 26.25
C LEU B 62 13.03 26.13 25.79
N ILE B 63 13.98 26.23 26.78
CA ILE B 63 15.43 26.03 26.62
C ILE B 63 15.73 24.63 27.11
N LYS B 64 16.18 23.75 26.20
CA LYS B 64 16.50 22.37 26.54
C LYS B 64 17.96 22.28 27.04
N ARG B 65 18.28 21.26 27.85
CA ARG B 65 19.63 20.98 28.36
C ARG B 65 20.21 22.14 29.24
N ARG B 66 19.33 22.79 30.00
CA ARG B 66 19.63 23.92 30.89
C ARG B 66 20.82 23.67 31.78
N GLY B 67 20.82 22.50 32.45
CA GLY B 67 21.87 22.08 33.39
C GLY B 67 23.24 22.05 32.77
N LYS B 68 23.33 21.50 31.54
CA LYS B 68 24.57 21.40 30.78
C LYS B 68 25.11 22.78 30.37
N LEU B 69 24.24 23.80 30.31
CA LEU B 69 24.58 25.17 29.93
C LEU B 69 24.86 26.03 31.16
N GLY B 70 24.82 25.42 32.34
CA GLY B 70 25.05 26.11 33.63
C GLY B 70 23.96 27.12 33.97
N LEU B 71 22.77 26.93 33.37
CA LEU B 71 21.61 27.77 33.54
C LEU B 71 20.70 27.29 34.68
N VAL B 72 21.22 26.39 35.55
CA VAL B 72 20.50 25.87 36.73
C VAL B 72 21.33 26.16 37.98
N GLY B 73 20.81 27.05 38.84
CA GLY B 73 21.39 27.44 40.12
C GLY B 73 20.80 26.53 41.15
N VAL B 74 21.61 25.63 41.71
CA VAL B 74 21.15 24.57 42.62
C VAL B 74 21.61 24.79 44.07
N ASN B 75 20.70 24.50 45.04
CA ASN B 75 20.92 24.57 46.49
C ASN B 75 21.37 25.97 46.96
N LEU B 76 20.50 26.97 46.74
CA LEU B 76 20.75 28.38 47.09
C LEU B 76 19.69 28.92 48.03
N THR B 77 20.09 29.87 48.92
CA THR B 77 19.13 30.58 49.78
C THR B 77 18.44 31.63 48.87
N LEU B 78 17.29 32.23 49.30
CA LEU B 78 16.58 33.24 48.49
C LEU B 78 17.51 34.41 48.13
N ASP B 79 18.45 34.73 49.04
CA ASP B 79 19.45 35.78 48.84
C ASP B 79 20.40 35.34 47.72
N GLY B 80 20.80 34.05 47.75
CA GLY B 80 21.67 33.43 46.76
C GLY B 80 21.04 33.34 45.39
N VAL B 81 19.73 33.10 45.35
CA VAL B 81 18.94 33.06 44.11
C VAL B 81 18.91 34.46 43.47
N LYS B 82 18.66 35.51 44.28
CA LYS B 82 18.65 36.90 43.82
C LYS B 82 20.01 37.27 43.23
N SER B 83 21.11 36.86 43.91
CA SER B 83 22.50 37.07 43.51
C SER B 83 22.85 36.36 42.19
N TRP B 84 22.27 35.15 41.97
CA TRP B 84 22.45 34.31 40.78
C TRP B 84 21.75 34.95 39.58
N LEU B 85 20.57 35.57 39.82
CA LEU B 85 19.75 36.21 38.80
C LEU B 85 20.25 37.58 38.41
N LYS B 86 20.93 38.30 39.32
CA LYS B 86 21.48 39.62 39.05
C LYS B 86 22.15 39.68 37.65
N PRO B 87 23.14 38.80 37.30
CA PRO B 87 23.74 38.90 35.97
C PRO B 87 22.99 38.22 34.81
N ARG B 88 21.97 37.41 35.12
CA ARG B 88 21.24 36.62 34.13
C ARG B 88 19.91 37.17 33.70
N LEU B 89 19.08 37.64 34.64
CA LEU B 89 17.76 38.19 34.33
C LEU B 89 17.92 39.44 33.47
N GLY B 90 17.30 39.39 32.29
CA GLY B 90 17.34 40.44 31.29
C GLY B 90 18.49 40.34 30.31
N GLN B 91 19.47 39.45 30.59
CA GLN B 91 20.63 39.27 29.73
C GLN B 91 20.32 38.48 28.47
N GLU B 92 21.07 38.75 27.40
CA GLU B 92 20.96 38.03 26.14
C GLU B 92 21.76 36.73 26.29
N ALA B 93 21.25 35.63 25.71
CA ALA B 93 21.89 34.32 25.77
C ALA B 93 21.79 33.59 24.46
N THR B 94 22.85 32.84 24.10
CA THR B 94 22.89 32.07 22.87
C THR B 94 22.92 30.58 23.15
N VAL B 95 21.80 29.90 22.86
CA VAL B 95 21.65 28.46 23.04
C VAL B 95 21.63 27.83 21.65
N GLY B 96 22.79 27.32 21.24
CA GLY B 96 22.96 26.75 19.92
C GLY B 96 22.95 27.88 18.91
N LYS B 97 22.03 27.83 17.94
CA LYS B 97 21.94 28.89 16.93
C LYS B 97 20.79 29.86 17.23
N ALA B 98 20.33 29.89 18.49
CA ALA B 98 19.27 30.78 18.91
C ALA B 98 19.76 31.80 19.91
N THR B 99 19.46 33.07 19.65
CA THR B 99 19.83 34.17 20.54
C THR B 99 18.59 34.95 20.92
N GLY B 100 18.39 35.07 22.22
CA GLY B 100 17.27 35.79 22.81
C GLY B 100 17.59 36.24 24.21
N PHE B 101 16.61 36.84 24.89
CA PHE B 101 16.83 37.31 26.25
C PHE B 101 16.30 36.34 27.28
N LEU B 102 16.93 36.31 28.46
CA LEU B 102 16.48 35.47 29.58
C LEU B 102 15.51 36.34 30.41
N LYS B 103 14.20 36.18 30.13
CA LYS B 103 13.10 36.97 30.72
C LYS B 103 12.31 36.23 31.78
N ASN B 104 12.17 34.89 31.64
CA ASN B 104 11.32 34.08 32.52
C ASN B 104 12.04 32.97 33.25
N PHE B 105 11.93 33.02 34.59
CA PHE B 105 12.58 32.07 35.50
C PHE B 105 11.63 31.39 36.46
N LEU B 106 12.06 30.22 36.95
CA LEU B 106 11.28 29.43 37.89
C LEU B 106 12.09 29.00 39.11
N ILE B 107 11.55 29.30 40.31
CA ILE B 107 12.17 28.91 41.57
C ILE B 107 11.36 27.75 42.15
N GLU B 108 12.07 26.73 42.62
CA GLU B 108 11.52 25.53 43.20
C GLU B 108 12.32 25.11 44.45
N PRO B 109 11.73 24.36 45.41
CA PRO B 109 12.52 23.94 46.58
C PRO B 109 13.56 22.93 46.17
N PHE B 110 14.79 23.04 46.76
CA PHE B 110 15.85 22.07 46.48
C PHE B 110 15.49 20.71 47.08
N VAL B 111 15.60 19.64 46.26
CA VAL B 111 15.29 18.24 46.62
C VAL B 111 16.60 17.49 46.81
N PRO B 112 16.97 17.20 48.08
CA PRO B 112 18.20 16.44 48.29
C PRO B 112 17.97 14.99 47.91
N HIS B 113 18.81 14.45 47.00
CA HIS B 113 18.69 13.05 46.52
C HIS B 113 20.01 12.53 45.93
N SER B 114 20.10 11.19 45.76
CA SER B 114 21.25 10.58 45.13
C SER B 114 20.97 10.42 43.64
N GLN B 115 22.03 10.17 42.85
CA GLN B 115 21.97 9.96 41.41
C GLN B 115 21.19 8.67 41.09
N ALA B 116 21.23 7.69 42.02
CA ALA B 116 20.52 6.40 41.92
C ALA B 116 18.99 6.60 41.99
N GLU B 117 18.57 7.68 42.71
CA GLU B 117 17.21 8.12 42.98
C GLU B 117 16.60 8.98 41.85
N GLU B 118 17.36 9.23 40.73
CA GLU B 118 16.89 9.94 39.52
C GLU B 118 16.34 8.96 38.46
N PHE B 119 15.15 9.21 37.89
CA PHE B 119 14.51 8.34 36.90
C PHE B 119 14.09 9.10 35.65
N TYR B 120 13.66 8.37 34.61
CA TYR B 120 13.18 8.97 33.38
C TYR B 120 11.83 8.37 32.95
N VAL B 121 10.83 9.23 32.75
CA VAL B 121 9.53 8.80 32.24
C VAL B 121 9.15 9.66 31.12
N CYS B 122 8.57 9.02 30.10
CA CYS B 122 8.06 9.73 28.97
C CYS B 122 6.91 9.02 28.34
N ILE B 123 5.91 9.78 27.90
CA ILE B 123 4.75 9.29 27.16
C ILE B 123 4.58 10.14 25.88
N TYR B 124 4.41 9.50 24.73
CA TYR B 124 4.22 10.25 23.48
C TYR B 124 3.29 9.51 22.54
N ALA B 125 2.41 10.25 21.88
CA ALA B 125 1.44 9.69 20.96
C ALA B 125 2.05 9.42 19.61
N THR B 126 1.50 8.41 18.91
CA THR B 126 1.76 7.97 17.51
C THR B 126 0.43 7.44 16.93
N ARG B 127 0.39 7.11 15.63
CA ARG B 127 -0.83 6.60 14.99
C ARG B 127 -1.45 5.34 15.63
N GLU B 128 -0.59 4.40 16.10
CA GLU B 128 -0.91 3.09 16.68
C GLU B 128 -1.29 3.07 18.20
N GLY B 129 -1.13 4.21 18.86
CA GLY B 129 -1.39 4.37 20.28
C GLY B 129 -0.31 5.24 20.89
N ASP B 130 -0.06 5.11 22.19
CA ASP B 130 0.97 5.91 22.83
C ASP B 130 2.06 5.04 23.41
N TYR B 131 3.30 5.55 23.40
CA TYR B 131 4.43 4.83 23.97
C TYR B 131 4.83 5.39 25.31
N VAL B 132 5.09 4.51 26.27
CA VAL B 132 5.54 4.89 27.60
C VAL B 132 6.94 4.38 27.70
N LEU B 133 7.89 5.28 27.93
CA LEU B 133 9.31 4.98 28.06
C LEU B 133 9.71 5.16 29.49
N PHE B 134 10.58 4.26 29.95
CA PHE B 134 11.10 4.35 31.31
C PHE B 134 12.53 3.87 31.35
N HIS B 135 13.37 4.61 32.08
CA HIS B 135 14.78 4.35 32.32
C HIS B 135 15.16 4.66 33.78
N HIS B 136 15.92 3.75 34.45
CA HIS B 136 16.35 3.87 35.84
C HIS B 136 17.62 4.71 36.03
N GLU B 137 18.14 5.22 34.91
CA GLU B 137 19.30 6.07 34.84
C GLU B 137 18.85 7.41 34.25
N GLY B 138 18.04 8.13 35.01
CA GLY B 138 17.57 9.45 34.63
C GLY B 138 18.66 10.46 34.87
N GLY B 139 18.34 11.72 34.72
CA GLY B 139 19.32 12.76 34.94
C GLY B 139 19.72 13.52 33.69
N VAL B 140 20.73 14.39 33.83
CA VAL B 140 21.20 15.22 32.72
C VAL B 140 22.13 14.40 31.82
N ASP B 141 22.42 13.18 32.25
CA ASP B 141 23.23 12.24 31.49
C ASP B 141 22.37 10.98 31.24
N VAL B 142 21.32 11.15 30.41
CA VAL B 142 20.42 10.06 30.04
C VAL B 142 20.75 9.54 28.65
N GLY B 143 21.15 10.44 27.75
CA GLY B 143 21.56 10.12 26.39
C GLY B 143 20.43 9.66 25.51
N ASP B 144 20.75 8.76 24.52
CA ASP B 144 19.76 8.22 23.57
C ASP B 144 18.79 7.34 24.33
N VAL B 145 17.69 7.96 24.76
CA VAL B 145 16.68 7.30 25.57
C VAL B 145 15.82 6.34 24.73
N ASP B 146 15.74 6.57 23.42
CA ASP B 146 14.94 5.73 22.51
C ASP B 146 15.40 4.27 22.45
N ALA B 147 16.73 4.06 22.42
CA ALA B 147 17.32 2.74 22.40
C ALA B 147 17.51 2.18 23.81
N LYS B 148 18.03 3.00 24.75
CA LYS B 148 18.30 2.62 26.15
C LYS B 148 17.06 2.25 26.98
N ALA B 149 15.99 3.05 26.90
CA ALA B 149 14.81 2.86 27.74
C ALA B 149 13.89 1.72 27.32
N GLN B 150 13.06 1.26 28.31
CA GLN B 150 12.02 0.24 28.19
C GLN B 150 10.81 0.89 27.53
N LYS B 151 10.42 0.38 26.36
CA LYS B 151 9.27 0.93 25.64
C LYS B 151 8.09 0.05 26.00
N LEU B 152 6.91 0.62 25.85
CA LEU B 152 5.64 -0.03 26.09
C LEU B 152 4.58 0.75 25.31
N LEU B 153 3.82 0.05 24.46
CA LEU B 153 2.79 0.73 23.71
C LEU B 153 1.43 0.42 24.33
N VAL B 154 0.69 1.49 24.63
CA VAL B 154 -0.68 1.43 25.12
C VAL B 154 -1.39 1.63 23.77
N GLY B 155 -2.15 0.62 23.32
CA GLY B 155 -2.87 0.65 22.05
C GLY B 155 -3.82 1.83 21.98
N VAL B 156 -4.71 1.89 20.96
CA VAL B 156 -5.56 3.10 20.90
C VAL B 156 -6.68 3.11 22.01
N ASP B 157 -7.77 2.33 21.98
CA ASP B 157 -8.72 2.48 23.08
C ASP B 157 -8.39 1.57 24.28
N GLU B 158 -7.08 1.32 24.47
CA GLU B 158 -6.57 0.46 25.51
C GLU B 158 -6.19 1.20 26.79
N LYS B 159 -6.27 0.43 27.90
CA LYS B 159 -5.98 0.80 29.27
C LYS B 159 -4.55 0.37 29.60
N LEU B 160 -3.79 1.19 30.35
CA LEU B 160 -2.43 0.82 30.78
C LEU B 160 -2.49 -0.13 32.01
N ASN B 161 -2.39 -1.45 31.75
CA ASN B 161 -2.46 -2.43 32.82
C ASN B 161 -1.21 -2.35 33.73
N PRO B 162 -1.37 -2.10 35.07
CA PRO B 162 -0.19 -1.88 35.93
C PRO B 162 0.76 -3.06 36.09
N GLU B 163 0.32 -4.27 35.70
CA GLU B 163 1.13 -5.48 35.80
C GLU B 163 2.17 -5.43 34.72
N ASP B 164 1.80 -4.86 33.56
CA ASP B 164 2.67 -4.65 32.40
C ASP B 164 3.75 -3.61 32.72
N ILE B 165 3.39 -2.54 33.46
CA ILE B 165 4.33 -1.52 33.93
C ILE B 165 5.43 -2.23 34.75
N LYS B 166 5.00 -2.95 35.80
CA LYS B 166 5.87 -3.71 36.69
C LYS B 166 6.71 -4.74 35.92
N LYS B 167 6.05 -5.51 35.02
CA LYS B 167 6.57 -6.60 34.15
C LYS B 167 7.66 -6.15 33.18
N HIS B 168 7.40 -5.04 32.41
CA HIS B 168 8.33 -4.59 31.39
C HIS B 168 8.97 -3.24 31.64
N LEU B 169 8.23 -2.22 32.04
CA LEU B 169 8.89 -0.92 32.23
C LEU B 169 9.80 -0.90 33.44
N LEU B 170 9.30 -1.34 34.58
CA LEU B 170 10.08 -1.24 35.80
C LEU B 170 11.08 -2.39 36.03
N VAL B 171 11.65 -3.00 34.97
CA VAL B 171 12.55 -4.15 35.07
C VAL B 171 13.81 -3.86 35.91
N HIS B 172 14.52 -2.73 35.61
CA HIS B 172 15.77 -2.43 36.31
C HIS B 172 15.62 -1.40 37.44
N ALA B 173 14.38 -1.13 37.85
CA ALA B 173 14.10 -0.23 38.97
C ALA B 173 14.36 -0.99 40.29
N PRO B 174 14.85 -0.31 41.36
CA PRO B 174 15.03 -1.01 42.65
C PRO B 174 13.71 -1.64 43.12
N GLU B 175 13.75 -2.92 43.54
CA GLU B 175 12.58 -3.69 43.95
C GLU B 175 11.63 -2.98 44.94
N ASP B 176 12.17 -2.33 45.98
CA ASP B 176 11.40 -1.59 46.99
C ASP B 176 10.64 -0.35 46.45
N LYS B 177 11.08 0.21 45.33
CA LYS B 177 10.45 1.39 44.74
C LYS B 177 9.52 1.03 43.57
N LYS B 178 9.37 -0.26 43.26
CA LYS B 178 8.56 -0.71 42.13
C LYS B 178 7.07 -0.39 42.30
N GLU B 179 6.50 -0.59 43.50
CA GLU B 179 5.08 -0.31 43.74
C GLU B 179 4.71 1.17 43.63
N ILE B 180 5.57 2.08 44.16
CA ILE B 180 5.37 3.54 44.12
C ILE B 180 5.52 4.07 42.70
N LEU B 181 6.54 3.60 41.97
CA LEU B 181 6.76 4.00 40.58
C LEU B 181 5.59 3.55 39.73
N ALA B 182 5.16 2.27 39.85
CA ALA B 182 4.03 1.70 39.13
C ALA B 182 2.77 2.52 39.37
N SER B 183 2.49 2.87 40.66
CA SER B 183 1.35 3.70 41.05
C SER B 183 1.38 5.10 40.40
N PHE B 184 2.57 5.74 40.39
CA PHE B 184 2.77 7.04 39.78
C PHE B 184 2.59 6.98 38.25
N ILE B 185 3.33 6.09 37.55
CA ILE B 185 3.26 5.94 36.10
C ILE B 185 1.83 5.69 35.66
N SER B 186 1.10 4.82 36.38
CA SER B 186 -0.31 4.49 36.10
C SER B 186 -1.18 5.74 36.14
N GLY B 187 -1.01 6.53 37.21
CA GLY B 187 -1.72 7.80 37.41
C GLY B 187 -1.36 8.86 36.39
N LEU B 188 -0.07 8.92 36.01
CA LEU B 188 0.47 9.85 35.03
C LEU B 188 -0.16 9.59 33.66
N PHE B 189 -0.33 8.31 33.31
CA PHE B 189 -0.90 7.91 32.04
C PHE B 189 -2.33 8.39 31.91
N ASN B 190 -3.11 8.30 32.98
CA ASN B 190 -4.49 8.78 32.96
C ASN B 190 -4.52 10.33 32.85
N PHE B 191 -3.60 11.03 33.55
CA PHE B 191 -3.51 12.48 33.47
C PHE B 191 -3.12 12.92 32.03
N TYR B 192 -2.18 12.21 31.40
CA TYR B 192 -1.73 12.45 30.02
C TYR B 192 -2.95 12.35 29.07
N GLU B 193 -3.73 11.28 29.22
CA GLU B 193 -4.94 10.98 28.46
C GLU B 193 -6.04 12.05 28.62
N ASP B 194 -6.42 12.30 29.87
CA ASP B 194 -7.53 13.19 30.23
C ASP B 194 -7.32 14.66 29.93
N LEU B 195 -6.06 15.09 29.77
CA LEU B 195 -5.79 16.50 29.50
C LEU B 195 -5.30 16.75 28.05
N TYR B 196 -5.31 15.71 27.23
CA TYR B 196 -4.99 15.75 25.82
C TYR B 196 -3.56 16.19 25.55
N PHE B 197 -2.64 15.45 26.14
CA PHE B 197 -1.23 15.67 25.89
C PHE B 197 -0.90 14.79 24.70
N THR B 198 0.13 15.17 23.96
CA THR B 198 0.61 14.40 22.84
C THR B 198 2.02 13.90 23.15
N TYR B 199 2.66 14.55 24.16
CA TYR B 199 4.03 14.35 24.65
C TYR B 199 4.14 14.86 26.07
N LEU B 200 4.66 14.04 26.98
CA LEU B 200 4.83 14.43 28.38
C LEU B 200 6.01 13.63 28.92
N GLU B 201 7.08 14.35 29.32
CA GLU B 201 8.35 13.78 29.75
C GLU B 201 8.86 14.39 31.07
N ILE B 202 9.17 13.49 32.06
CA ILE B 202 9.71 13.85 33.39
C ILE B 202 11.15 13.36 33.55
N ASN B 203 12.11 14.28 33.45
CA ASN B 203 13.52 13.92 33.61
C ASN B 203 14.33 15.01 34.36
N PRO B 204 14.69 14.76 35.66
CA PRO B 204 14.47 13.50 36.39
C PRO B 204 13.19 13.41 37.19
N LEU B 205 12.72 12.18 37.38
CA LEU B 205 11.63 11.92 38.29
C LEU B 205 12.38 11.44 39.50
N VAL B 206 12.19 12.07 40.67
CA VAL B 206 12.95 11.66 41.86
C VAL B 206 12.09 10.93 42.91
N VAL B 207 12.52 9.71 43.26
CA VAL B 207 11.82 8.90 44.26
C VAL B 207 12.73 8.57 45.48
N THR B 208 12.47 9.27 46.61
CA THR B 208 13.19 9.17 47.89
C THR B 208 12.36 8.44 48.94
N LYS B 209 12.96 8.25 50.16
CA LYS B 209 12.32 7.63 51.32
C LYS B 209 11.03 8.36 51.68
N ASP B 210 10.94 9.66 51.27
CA ASP B 210 9.83 10.58 51.52
C ASP B 210 8.74 10.52 50.46
N GLY B 211 9.09 10.18 49.22
CA GLY B 211 8.11 10.07 48.13
C GLY B 211 8.58 10.50 46.76
N VAL B 212 7.62 10.75 45.84
CA VAL B 212 7.87 11.18 44.45
C VAL B 212 7.98 12.72 44.31
N TYR B 213 8.92 13.17 43.47
CA TYR B 213 9.18 14.56 43.18
C TYR B 213 9.26 14.69 41.68
N VAL B 214 8.55 15.67 41.11
CA VAL B 214 8.63 15.93 39.67
C VAL B 214 9.58 17.11 39.58
N LEU B 215 10.82 16.84 39.18
CA LEU B 215 11.85 17.86 39.15
C LEU B 215 11.90 18.67 37.87
N ASP B 216 11.39 18.13 36.73
CA ASP B 216 11.39 18.73 35.38
C ASP B 216 10.23 18.21 34.50
N LEU B 217 9.57 19.11 33.76
CA LEU B 217 8.50 18.78 32.82
C LEU B 217 8.74 19.31 31.42
N ALA B 218 8.42 18.47 30.44
CA ALA B 218 8.51 18.77 29.02
C ALA B 218 7.30 18.12 28.36
N ALA B 219 6.28 18.94 28.11
CA ALA B 219 5.03 18.50 27.54
C ALA B 219 4.46 19.42 26.46
N LYS B 220 3.77 18.78 25.50
CA LYS B 220 3.05 19.32 24.34
C LYS B 220 1.60 18.81 24.42
N VAL B 221 0.66 19.72 24.21
CA VAL B 221 -0.76 19.43 24.26
C VAL B 221 -1.39 19.53 22.87
N ASP B 222 -2.55 18.89 22.68
CA ASP B 222 -3.29 18.94 21.42
C ASP B 222 -4.18 20.20 21.43
N ALA B 223 -3.58 21.38 21.15
CA ALA B 223 -4.21 22.70 21.13
C ALA B 223 -5.62 22.77 20.57
N THR B 224 -5.93 21.91 19.56
CA THR B 224 -7.23 21.75 18.87
C THR B 224 -8.34 21.24 19.81
N ALA B 225 -7.92 20.61 20.95
CA ALA B 225 -8.72 20.03 22.04
C ALA B 225 -9.07 21.01 23.15
N ASP B 226 -8.95 22.29 22.86
CA ASP B 226 -9.25 23.37 23.78
C ASP B 226 -10.75 23.37 24.10
N TYR B 227 -11.61 23.10 23.07
CA TYR B 227 -13.05 23.09 23.24
C TYR B 227 -13.55 22.13 24.33
N ILE B 228 -12.78 21.07 24.62
CA ILE B 228 -13.05 20.07 25.64
C ILE B 228 -12.46 20.55 26.99
N CYS B 229 -11.14 20.71 27.01
CA CYS B 229 -10.31 21.00 28.16
C CYS B 229 -10.27 22.45 28.66
N LYS B 230 -10.92 23.45 27.98
CA LYS B 230 -10.87 24.87 28.40
C LYS B 230 -11.01 25.03 29.91
N VAL B 231 -11.97 24.29 30.51
CA VAL B 231 -12.26 24.23 31.94
C VAL B 231 -11.04 23.85 32.78
N LYS B 232 -10.38 22.74 32.42
CA LYS B 232 -9.21 22.23 33.14
C LYS B 232 -7.95 23.02 32.83
N TRP B 233 -7.69 23.30 31.52
CA TRP B 233 -6.54 24.05 30.99
C TRP B 233 -6.48 25.47 31.48
N GLY B 234 -7.62 26.14 31.50
CA GLY B 234 -7.70 27.53 31.93
C GLY B 234 -7.12 28.44 30.88
N ASP B 235 -6.44 29.52 31.33
CA ASP B 235 -5.82 30.50 30.44
C ASP B 235 -4.41 30.06 30.03
N ILE B 236 -4.37 28.89 29.38
CA ILE B 236 -3.19 28.23 28.85
C ILE B 236 -2.56 29.07 27.75
N GLU B 237 -1.26 29.35 27.93
CA GLU B 237 -0.45 30.12 27.00
C GLU B 237 0.59 29.20 26.35
N PHE B 238 0.73 29.30 25.01
CA PHE B 238 1.70 28.52 24.26
C PHE B 238 2.90 29.38 23.90
N PRO B 239 4.02 29.17 24.60
CA PRO B 239 5.21 30.01 24.36
C PRO B 239 5.82 29.79 22.99
N PRO B 240 6.36 30.87 22.36
CA PRO B 240 7.08 30.69 21.10
C PRO B 240 8.45 30.12 21.40
N PRO B 241 9.05 29.37 20.47
CA PRO B 241 10.40 28.81 20.73
C PRO B 241 11.43 29.88 21.13
N PHE B 242 12.43 29.53 21.95
CA PHE B 242 13.42 30.52 22.41
C PHE B 242 14.19 31.13 21.27
N GLY B 243 14.41 32.45 21.38
CA GLY B 243 15.15 33.26 20.41
C GLY B 243 14.24 34.02 19.48
N ARG B 244 13.16 33.33 19.06
CA ARG B 244 12.08 33.84 18.22
C ARG B 244 11.31 34.83 19.08
N GLU B 245 11.18 36.05 18.59
CA GLU B 245 10.46 37.05 19.34
C GLU B 245 9.15 37.27 18.62
N ALA B 246 8.04 37.00 19.33
CA ALA B 246 6.67 37.10 18.86
C ALA B 246 6.19 38.53 18.55
N TYR B 247 5.27 38.68 17.57
CA TYR B 247 4.81 40.00 17.18
C TYR B 247 3.32 40.13 17.55
N PRO B 248 2.81 41.35 17.84
CA PRO B 248 1.38 41.49 18.18
C PRO B 248 0.42 41.14 17.02
N GLU B 249 0.89 41.29 15.75
CA GLU B 249 0.14 40.99 14.53
C GLU B 249 -0.09 39.50 14.39
N GLU B 250 0.92 38.68 14.76
CA GLU B 250 0.90 37.22 14.74
C GLU B 250 -0.17 36.72 15.72
N ALA B 251 -0.20 37.32 16.93
CA ALA B 251 -1.13 37.00 18.00
C ALA B 251 -2.58 37.29 17.61
N TYR B 252 -2.79 38.39 16.84
CA TYR B 252 -4.09 38.83 16.34
C TYR B 252 -4.72 37.80 15.40
N ILE B 253 -3.95 37.43 14.36
CA ILE B 253 -4.35 36.45 13.35
C ILE B 253 -4.63 35.08 14.04
N ALA B 254 -3.78 34.68 15.04
CA ALA B 254 -3.94 33.43 15.80
C ALA B 254 -5.28 33.40 16.50
N ASP B 255 -5.70 34.57 17.02
CA ASP B 255 -6.99 34.71 17.68
C ASP B 255 -8.13 34.54 16.68
N LEU B 256 -8.02 35.15 15.49
CA LEU B 256 -9.06 35.03 14.45
C LEU B 256 -9.25 33.56 14.03
N ASP B 257 -8.13 32.83 13.87
CA ASP B 257 -8.10 31.44 13.43
C ASP B 257 -8.77 30.54 14.42
N ALA B 258 -8.48 30.74 15.72
CA ALA B 258 -8.99 29.94 16.80
C ALA B 258 -10.51 30.09 17.00
N LYS B 259 -11.05 31.27 16.69
CA LYS B 259 -12.48 31.57 16.85
C LYS B 259 -13.35 31.29 15.59
N SER B 260 -12.86 30.47 14.64
CA SER B 260 -13.53 30.20 13.36
C SER B 260 -13.13 28.88 12.69
N GLY B 261 -14.09 28.33 11.92
CA GLY B 261 -13.92 27.11 11.10
C GLY B 261 -12.96 27.25 9.92
N ALA B 262 -12.53 28.49 9.66
CA ALA B 262 -11.58 28.87 8.63
C ALA B 262 -10.17 28.83 9.20
N SER B 263 -9.19 28.70 8.28
CA SER B 263 -7.76 28.63 8.56
C SER B 263 -7.15 29.95 8.15
N LEU B 264 -6.58 30.68 9.11
CA LEU B 264 -5.92 31.99 8.96
C LEU B 264 -4.59 31.90 9.70
N LYS B 265 -3.51 31.86 8.93
CA LYS B 265 -2.18 31.68 9.50
C LYS B 265 -1.27 32.79 9.03
N LEU B 266 -0.34 33.23 9.90
CA LEU B 266 0.66 34.28 9.56
C LEU B 266 1.90 34.19 10.42
N THR B 267 3.08 34.14 9.77
CA THR B 267 4.38 34.10 10.43
C THR B 267 5.32 35.05 9.71
N LEU B 268 5.89 36.00 10.45
CA LEU B 268 6.83 36.95 9.87
C LEU B 268 8.23 36.37 9.80
N LEU B 269 8.85 36.47 8.62
CA LEU B 269 10.19 35.99 8.35
C LEU B 269 11.16 37.15 8.48
N ASN B 270 10.98 38.18 7.63
CA ASN B 270 11.80 39.38 7.60
C ASN B 270 10.85 40.59 7.53
N PRO B 271 10.52 41.25 8.66
CA PRO B 271 9.62 42.40 8.60
C PRO B 271 10.00 43.49 7.58
N LYS B 272 11.33 43.63 7.31
CA LYS B 272 11.90 44.62 6.39
C LYS B 272 12.14 44.09 4.96
N GLY B 273 11.53 42.94 4.64
CA GLY B 273 11.59 42.33 3.32
C GLY B 273 10.64 43.03 2.37
N ARG B 274 10.99 43.06 1.06
CA ARG B 274 10.15 43.72 0.05
C ARG B 274 9.10 42.79 -0.60
N ILE B 275 9.19 41.45 -0.36
CA ILE B 275 8.23 40.50 -0.92
C ILE B 275 7.24 40.05 0.13
N TRP B 276 5.96 40.41 -0.06
CA TRP B 276 4.85 40.03 0.82
C TRP B 276 3.87 39.11 0.10
N THR B 277 3.42 38.06 0.78
CA THR B 277 2.49 37.12 0.17
C THR B 277 1.17 36.98 0.91
N MET B 278 0.07 37.01 0.16
CA MET B 278 -1.23 36.76 0.71
C MET B 278 -1.91 35.70 -0.15
N VAL B 279 -1.48 34.44 0.07
CA VAL B 279 -1.92 33.27 -0.70
C VAL B 279 -3.03 32.46 -0.01
N ALA B 280 -4.00 32.01 -0.83
CA ALA B 280 -5.10 31.17 -0.41
C ALA B 280 -4.77 29.67 -0.51
N GLY B 281 -4.82 29.00 0.63
CA GLY B 281 -4.56 27.57 0.70
C GLY B 281 -3.18 27.27 1.20
N GLY B 282 -3.10 26.26 2.06
CA GLY B 282 -1.86 25.80 2.70
C GLY B 282 -0.86 25.19 1.75
N GLY B 283 -1.36 24.54 0.70
CA GLY B 283 -0.55 23.92 -0.34
C GLY B 283 0.10 25.00 -1.17
N ALA B 284 -0.72 25.84 -1.81
CA ALA B 284 -0.27 26.95 -2.65
C ALA B 284 0.71 27.89 -1.98
N SER B 285 0.48 28.23 -0.69
CA SER B 285 1.33 29.11 0.13
C SER B 285 2.75 28.65 0.09
N VAL B 286 2.95 27.33 0.25
CA VAL B 286 4.24 26.66 0.24
C VAL B 286 4.87 26.76 -1.14
N VAL B 287 4.13 26.38 -2.16
CA VAL B 287 4.57 26.42 -3.54
C VAL B 287 5.02 27.83 -3.94
N TYR B 288 4.24 28.87 -3.58
CA TYR B 288 4.64 30.26 -3.88
C TYR B 288 5.96 30.62 -3.15
N SER B 289 6.06 30.32 -1.84
CA SER B 289 7.25 30.55 -1.00
C SER B 289 8.47 29.90 -1.61
N ASP B 290 8.27 28.70 -2.16
CA ASP B 290 9.28 27.90 -2.83
C ASP B 290 9.75 28.60 -4.09
N THR B 291 8.80 29.01 -4.95
CA THR B 291 9.11 29.69 -6.22
C THR B 291 9.92 30.96 -6.00
N ILE B 292 9.57 31.75 -4.97
CA ILE B 292 10.27 32.97 -4.60
C ILE B 292 11.69 32.61 -4.20
N CYS B 293 11.87 31.56 -3.37
CA CYS B 293 13.18 31.12 -2.90
C CYS B 293 14.07 30.69 -4.01
N ASP B 294 13.46 30.02 -4.99
CA ASP B 294 14.10 29.47 -6.18
C ASP B 294 14.55 30.56 -7.15
N LEU B 295 13.88 31.74 -7.12
CA LEU B 295 14.20 32.90 -7.95
C LEU B 295 15.06 33.94 -7.19
N GLY B 296 15.66 33.50 -6.09
CA GLY B 296 16.60 34.26 -5.26
C GLY B 296 16.03 35.20 -4.21
N GLY B 297 14.72 35.31 -4.15
CA GLY B 297 14.05 36.20 -3.21
C GLY B 297 14.02 35.81 -1.74
N VAL B 298 14.67 34.68 -1.37
CA VAL B 298 14.73 34.11 -0.01
C VAL B 298 14.99 35.19 1.07
N ASN B 299 15.99 36.07 0.85
CA ASN B 299 16.36 37.14 1.78
C ASN B 299 15.39 38.32 1.81
N GLU B 300 14.56 38.48 0.74
CA GLU B 300 13.56 39.55 0.63
C GLU B 300 12.15 39.10 0.98
N LEU B 301 11.95 37.78 1.22
CA LEU B 301 10.65 37.22 1.59
C LEU B 301 10.34 37.63 3.03
N ALA B 302 9.22 38.35 3.21
CA ALA B 302 8.80 38.93 4.47
C ALA B 302 7.95 38.05 5.33
N ASN B 303 7.15 37.16 4.73
CA ASN B 303 6.22 36.32 5.50
C ASN B 303 5.85 35.02 4.84
N TYR B 304 5.26 34.13 5.63
CA TYR B 304 4.65 32.90 5.15
C TYR B 304 3.38 32.73 5.92
N GLY B 305 2.29 32.74 5.18
CA GLY B 305 0.97 32.60 5.73
C GLY B 305 0.00 32.08 4.70
N GLU B 306 -1.26 31.92 5.13
CA GLU B 306 -2.34 31.46 4.28
C GLU B 306 -3.70 31.74 4.88
N TYR B 307 -4.70 31.78 4.03
CA TYR B 307 -6.09 31.90 4.43
C TYR B 307 -6.83 30.84 3.59
N SER B 308 -7.68 30.04 4.22
CA SER B 308 -8.46 29.00 3.53
C SER B 308 -9.67 28.60 4.39
N GLY B 309 -10.42 27.60 3.92
CA GLY B 309 -11.60 27.09 4.62
C GLY B 309 -12.82 27.99 4.59
N ALA B 310 -12.93 28.76 3.48
CA ALA B 310 -13.97 29.73 3.17
C ALA B 310 -14.15 30.83 4.26
N PRO B 311 -13.15 31.75 4.44
CA PRO B 311 -13.34 32.83 5.42
C PRO B 311 -14.32 33.89 4.88
N SER B 312 -15.02 34.58 5.79
CA SER B 312 -15.96 35.64 5.46
C SER B 312 -15.22 36.83 4.86
N GLU B 313 -15.95 37.73 4.19
CA GLU B 313 -15.38 38.96 3.63
C GLU B 313 -14.67 39.73 4.77
N GLN B 314 -15.33 39.80 5.96
CA GLN B 314 -14.82 40.50 7.14
C GLN B 314 -13.52 39.90 7.62
N GLN B 315 -13.44 38.56 7.74
CA GLN B 315 -12.24 37.85 8.17
C GLN B 315 -11.08 38.11 7.20
N THR B 316 -11.38 38.07 5.88
CA THR B 316 -10.42 38.35 4.80
C THR B 316 -9.94 39.83 4.89
N TYR B 317 -10.85 40.76 5.22
CA TYR B 317 -10.52 42.16 5.40
C TYR B 317 -9.53 42.32 6.56
N ASP B 318 -9.86 41.71 7.71
CA ASP B 318 -9.06 41.76 8.95
C ASP B 318 -7.67 41.15 8.76
N TYR B 319 -7.61 40.09 7.93
CA TYR B 319 -6.35 39.43 7.57
C TYR B 319 -5.51 40.39 6.68
N ALA B 320 -6.13 40.89 5.59
CA ALA B 320 -5.50 41.79 4.62
C ALA B 320 -4.97 43.09 5.22
N LYS B 321 -5.76 43.74 6.08
CA LYS B 321 -5.36 44.98 6.75
C LYS B 321 -4.08 44.77 7.59
N THR B 322 -3.92 43.56 8.18
CA THR B 322 -2.75 43.18 8.98
C THR B 322 -1.49 43.15 8.09
N ILE B 323 -1.57 42.49 6.93
CA ILE B 323 -0.47 42.41 5.95
C ILE B 323 -0.13 43.83 5.44
N LEU B 324 -1.15 44.60 4.98
CA LEU B 324 -0.98 45.95 4.47
C LEU B 324 -0.37 46.90 5.48
N SER B 325 -0.80 46.79 6.75
CA SER B 325 -0.28 47.58 7.86
C SER B 325 1.24 47.30 8.00
N LEU B 326 1.58 45.99 8.03
CA LEU B 326 2.94 45.47 8.19
C LEU B 326 3.89 45.86 7.08
N MET B 327 3.38 46.01 5.84
CA MET B 327 4.28 46.34 4.74
C MET B 327 4.45 47.84 4.50
N THR B 328 3.66 48.68 5.19
CA THR B 328 3.74 50.14 5.05
C THR B 328 4.32 50.80 6.34
N ARG B 329 5.32 50.15 6.97
CA ARG B 329 5.97 50.64 8.19
C ARG B 329 7.26 51.43 7.87
N GLU B 330 7.95 51.04 6.79
CA GLU B 330 9.19 51.64 6.30
C GLU B 330 9.31 51.48 4.77
N LYS B 331 9.94 52.48 4.11
CA LYS B 331 10.12 52.49 2.66
C LYS B 331 11.33 51.68 2.21
N HIS B 332 11.20 51.01 1.04
CA HIS B 332 12.28 50.25 0.42
C HIS B 332 12.69 50.99 -0.88
N PRO B 333 14.02 51.08 -1.20
CA PRO B 333 14.46 51.81 -2.41
C PRO B 333 13.89 51.34 -3.75
N ASP B 334 13.57 50.04 -3.84
CA ASP B 334 13.03 49.41 -5.04
C ASP B 334 11.51 49.18 -4.96
N GLY B 335 10.87 49.76 -3.93
CA GLY B 335 9.45 49.57 -3.67
C GLY B 335 9.17 48.17 -3.13
N LYS B 336 7.89 47.80 -3.02
CA LYS B 336 7.53 46.46 -2.52
C LYS B 336 6.59 45.72 -3.48
N ILE B 337 6.45 44.40 -3.25
CA ILE B 337 5.59 43.50 -4.02
C ILE B 337 4.60 42.82 -3.07
N LEU B 338 3.35 42.65 -3.54
CA LEU B 338 2.31 41.91 -2.86
C LEU B 338 1.80 40.86 -3.85
N ILE B 339 1.99 39.58 -3.49
CA ILE B 339 1.58 38.44 -4.30
C ILE B 339 0.28 37.90 -3.71
N ILE B 340 -0.86 38.25 -4.32
CA ILE B 340 -2.17 37.74 -3.88
C ILE B 340 -2.47 36.54 -4.77
N GLY B 341 -1.94 35.39 -4.36
CA GLY B 341 -2.10 34.15 -5.10
C GLY B 341 -3.11 33.18 -4.53
N GLY B 342 -3.10 32.03 -5.15
CA GLY B 342 -3.94 30.88 -4.82
C GLY B 342 -4.06 29.96 -6.00
N SER B 343 -4.51 28.73 -5.72
CA SER B 343 -4.78 27.77 -6.78
C SER B 343 -6.27 27.93 -7.13
N ILE B 344 -6.84 26.97 -7.87
CA ILE B 344 -8.26 27.01 -8.19
C ILE B 344 -9.04 26.51 -6.96
N ALA B 345 -9.88 27.37 -6.37
CA ALA B 345 -10.68 27.04 -5.19
C ALA B 345 -11.82 26.03 -5.49
N ASN B 346 -12.24 25.26 -4.44
CA ASN B 346 -13.33 24.27 -4.53
C ASN B 346 -14.58 24.86 -3.90
N PHE B 347 -14.44 25.51 -2.73
CA PHE B 347 -15.60 26.11 -2.05
C PHE B 347 -15.36 27.52 -1.57
N THR B 348 -14.09 27.94 -1.34
CA THR B 348 -13.84 29.32 -0.91
C THR B 348 -14.38 30.23 -2.03
N ASN B 349 -15.45 31.00 -1.74
CA ASN B 349 -16.05 31.92 -2.73
C ASN B 349 -15.09 33.09 -2.98
N VAL B 350 -14.43 33.06 -4.17
CA VAL B 350 -13.45 34.02 -4.68
C VAL B 350 -14.01 35.43 -4.84
N ALA B 351 -15.26 35.58 -5.29
CA ALA B 351 -15.83 36.93 -5.46
C ALA B 351 -15.88 37.66 -4.13
N ALA B 352 -16.43 36.92 -3.13
CA ALA B 352 -16.63 37.27 -1.73
C ALA B 352 -15.37 37.60 -0.99
N THR B 353 -14.31 36.74 -1.07
CA THR B 353 -13.06 36.95 -0.36
C THR B 353 -12.32 38.15 -0.92
N PHE B 354 -12.34 38.34 -2.25
CA PHE B 354 -11.67 39.46 -2.91
C PHE B 354 -12.25 40.81 -2.56
N LYS B 355 -13.57 40.87 -2.25
CA LYS B 355 -14.25 42.09 -1.82
C LYS B 355 -13.69 42.62 -0.47
N GLY B 356 -13.31 41.70 0.41
CA GLY B 356 -12.70 41.96 1.70
C GLY B 356 -11.34 42.57 1.52
N ILE B 357 -10.51 41.96 0.63
CA ILE B 357 -9.16 42.42 0.27
C ILE B 357 -9.21 43.84 -0.38
N VAL B 358 -10.14 44.04 -1.36
CA VAL B 358 -10.38 45.30 -2.06
C VAL B 358 -10.71 46.43 -1.08
N ARG B 359 -11.48 46.11 -0.01
CA ARG B 359 -11.84 47.05 1.03
C ARG B 359 -10.59 47.49 1.81
N ALA B 360 -9.73 46.54 2.17
CA ALA B 360 -8.47 46.82 2.86
C ALA B 360 -7.51 47.68 2.00
N ILE B 361 -7.44 47.42 0.66
CA ILE B 361 -6.61 48.17 -0.29
C ILE B 361 -7.09 49.62 -0.37
N ARG B 362 -8.43 49.85 -0.40
CA ARG B 362 -9.01 51.20 -0.43
C ARG B 362 -8.64 51.99 0.81
N ASP B 363 -8.63 51.32 1.97
CA ASP B 363 -8.30 51.94 3.26
C ASP B 363 -6.81 52.28 3.40
N TYR B 364 -5.95 51.48 2.78
CA TYR B 364 -4.50 51.67 2.81
C TYR B 364 -3.94 52.21 1.49
N GLN B 365 -4.77 52.86 0.62
CA GLN B 365 -4.31 53.34 -0.68
C GLN B 365 -3.21 54.42 -0.57
N GLY B 366 -3.30 55.31 0.42
CA GLY B 366 -2.30 56.36 0.67
C GLY B 366 -0.92 55.79 0.94
N PRO B 367 -0.79 54.96 2.01
CA PRO B 367 0.51 54.31 2.32
C PRO B 367 1.03 53.39 1.22
N LEU B 368 0.13 52.65 0.51
CA LEU B 368 0.52 51.74 -0.58
C LEU B 368 1.14 52.47 -1.80
N LYS B 369 0.62 53.66 -2.14
CA LYS B 369 1.17 54.48 -3.21
C LYS B 369 2.52 55.07 -2.77
N GLU B 370 2.61 55.50 -1.49
CA GLU B 370 3.81 56.06 -0.86
C GLU B 370 4.96 55.06 -0.75
N HIS B 371 4.63 53.79 -0.52
CA HIS B 371 5.62 52.73 -0.42
C HIS B 371 5.89 52.01 -1.77
N GLU B 372 5.34 52.55 -2.89
CA GLU B 372 5.48 52.05 -4.28
C GLU B 372 5.19 50.54 -4.40
N VAL B 373 4.05 50.12 -3.83
CA VAL B 373 3.63 48.72 -3.82
C VAL B 373 2.96 48.34 -5.16
N THR B 374 3.39 47.22 -5.74
CA THR B 374 2.82 46.63 -6.97
C THR B 374 2.21 45.26 -6.61
N ILE B 375 0.94 45.08 -6.96
CA ILE B 375 0.21 43.88 -6.66
C ILE B 375 0.04 42.97 -7.91
N PHE B 376 0.19 41.66 -7.65
CA PHE B 376 0.03 40.60 -8.64
C PHE B 376 -0.97 39.61 -8.08
N VAL B 377 -2.06 39.40 -8.81
CA VAL B 377 -3.16 38.53 -8.45
C VAL B 377 -3.29 37.35 -9.43
N ARG B 378 -3.50 36.13 -8.92
CA ARG B 378 -3.76 34.94 -9.72
C ARG B 378 -4.61 34.07 -8.84
N ARG B 379 -5.84 33.85 -9.28
CA ARG B 379 -6.78 33.03 -8.54
C ARG B 379 -7.88 32.46 -9.44
N GLY B 380 -8.32 31.25 -9.10
CA GLY B 380 -9.42 30.54 -9.74
C GLY B 380 -10.43 30.02 -8.72
N GLY B 381 -11.58 29.54 -9.18
CA GLY B 381 -12.56 29.01 -8.26
C GLY B 381 -13.93 29.66 -8.31
N PRO B 382 -14.76 29.44 -7.25
CA PRO B 382 -16.15 29.94 -7.25
C PRO B 382 -16.30 31.47 -7.43
N ASN B 383 -16.91 31.87 -8.55
CA ASN B 383 -17.11 33.25 -8.91
C ASN B 383 -15.79 34.02 -8.95
N TYR B 384 -14.72 33.38 -9.44
CA TYR B 384 -13.43 34.06 -9.57
C TYR B 384 -13.54 35.23 -10.54
N GLN B 385 -14.39 35.09 -11.58
CA GLN B 385 -14.67 36.07 -12.62
C GLN B 385 -15.01 37.44 -12.04
N GLU B 386 -15.95 37.45 -11.06
CA GLU B 386 -16.40 38.64 -10.36
C GLU B 386 -15.35 39.22 -9.42
N GLY B 387 -14.68 38.38 -8.66
CA GLY B 387 -13.60 38.80 -7.78
C GLY B 387 -12.40 39.37 -8.53
N LEU B 388 -12.16 38.88 -9.75
CA LEU B 388 -11.03 39.41 -10.51
C LEU B 388 -11.34 40.78 -11.06
N ARG B 389 -12.60 41.02 -11.42
CA ARG B 389 -13.10 42.30 -11.92
C ARG B 389 -12.92 43.40 -10.86
N VAL B 390 -13.31 43.12 -9.62
CA VAL B 390 -13.22 44.07 -8.50
C VAL B 390 -11.75 44.44 -8.23
N MET B 391 -10.81 43.51 -8.45
CA MET B 391 -9.38 43.74 -8.27
C MET B 391 -8.82 44.71 -9.29
N GLY B 392 -9.21 44.52 -10.56
CA GLY B 392 -8.76 45.36 -11.65
C GLY B 392 -9.27 46.77 -11.47
N GLU B 393 -10.53 46.88 -11.01
CA GLU B 393 -11.23 48.12 -10.78
C GLU B 393 -10.63 48.96 -9.64
N VAL B 394 -10.25 48.33 -8.52
CA VAL B 394 -9.64 49.05 -7.40
C VAL B 394 -8.25 49.59 -7.79
N GLY B 395 -7.56 48.91 -8.71
CA GLY B 395 -6.27 49.35 -9.21
C GLY B 395 -6.37 50.64 -10.01
N LYS B 396 -7.47 50.79 -10.78
CA LYS B 396 -7.77 51.95 -11.63
C LYS B 396 -8.18 53.16 -10.79
N THR B 397 -9.15 52.95 -9.87
CA THR B 397 -9.75 53.97 -9.00
C THR B 397 -8.79 54.53 -7.94
N THR B 398 -7.78 53.75 -7.49
CA THR B 398 -6.82 54.18 -6.46
C THR B 398 -5.52 54.67 -7.07
N GLY B 399 -5.14 54.09 -8.19
CA GLY B 399 -3.88 54.41 -8.88
C GLY B 399 -2.78 53.41 -8.61
N ILE B 400 -3.05 52.43 -7.74
CA ILE B 400 -2.10 51.37 -7.36
C ILE B 400 -1.94 50.40 -8.53
N PRO B 401 -0.69 50.00 -8.93
CA PRO B 401 -0.55 49.04 -10.03
C PRO B 401 -0.94 47.62 -9.61
N ILE B 402 -2.05 47.09 -10.17
CA ILE B 402 -2.53 45.74 -9.87
C ILE B 402 -2.65 44.93 -11.16
N HIS B 403 -1.94 43.78 -11.25
CA HIS B 403 -1.95 42.91 -12.41
C HIS B 403 -2.70 41.64 -12.07
N VAL B 404 -3.87 41.47 -12.67
CA VAL B 404 -4.85 40.39 -12.40
C VAL B 404 -4.86 39.25 -13.42
N PHE B 405 -4.74 38.02 -12.95
CA PHE B 405 -4.69 36.82 -13.78
C PHE B 405 -5.62 35.70 -13.28
N GLY B 406 -6.10 34.88 -14.22
CA GLY B 406 -7.02 33.79 -13.91
C GLY B 406 -6.45 32.40 -14.01
N THR B 407 -7.32 31.42 -14.28
CA THR B 407 -6.96 30.01 -14.39
C THR B 407 -6.03 29.69 -15.59
N GLU B 408 -6.09 30.53 -16.63
CA GLU B 408 -5.28 30.40 -17.86
C GLU B 408 -3.81 30.64 -17.65
N THR B 409 -3.48 31.37 -16.58
CA THR B 409 -2.13 31.64 -16.14
C THR B 409 -1.72 30.47 -15.25
N HIS B 410 -0.46 30.08 -15.36
CA HIS B 410 0.08 29.01 -14.54
C HIS B 410 0.24 29.57 -13.16
N MET B 411 -0.07 28.78 -12.12
CA MET B 411 -0.12 29.23 -10.73
C MET B 411 1.04 30.16 -10.30
N THR B 412 2.27 29.72 -10.51
CA THR B 412 3.52 30.34 -10.10
C THR B 412 4.12 31.34 -11.12
N ALA B 413 3.37 31.66 -12.19
CA ALA B 413 3.86 32.56 -13.23
C ALA B 413 3.98 33.98 -12.76
N ILE B 414 3.08 34.43 -11.87
CA ILE B 414 3.11 35.81 -11.34
C ILE B 414 4.35 36.12 -10.47
N VAL B 415 5.03 35.08 -9.94
CA VAL B 415 6.24 35.27 -9.12
C VAL B 415 7.38 35.83 -10.03
N GLY B 416 7.69 35.11 -11.11
CA GLY B 416 8.68 35.57 -12.08
C GLY B 416 8.31 36.93 -12.67
N MET B 417 6.99 37.18 -12.87
CA MET B 417 6.42 38.45 -13.38
C MET B 417 6.70 39.61 -12.43
N ALA B 418 6.47 39.35 -11.12
CA ALA B 418 6.67 40.29 -10.02
C ALA B 418 8.13 40.62 -9.80
N LEU B 419 9.01 39.61 -9.89
CA LEU B 419 10.44 39.82 -9.69
C LEU B 419 11.13 40.42 -10.91
N GLY B 420 10.39 40.52 -12.02
CA GLY B 420 10.84 41.09 -13.28
C GLY B 420 11.78 40.19 -14.05
N HIS B 421 11.48 38.89 -14.06
CA HIS B 421 12.28 37.91 -14.77
C HIS B 421 11.58 37.54 -16.07
N ARG B 422 10.23 37.64 -16.06
CA ARG B 422 9.38 37.33 -17.20
C ARG B 422 8.36 38.46 -17.43
N PRO B 423 8.01 38.76 -18.71
CA PRO B 423 7.10 39.87 -18.98
C PRO B 423 5.66 39.66 -18.53
N ILE B 424 4.98 40.79 -18.24
CA ILE B 424 3.56 40.84 -17.88
C ILE B 424 2.82 40.92 -19.24
N PRO B 425 1.95 39.93 -19.55
CA PRO B 425 1.25 39.98 -20.84
C PRO B 425 0.06 40.95 -20.83
N LYS B 428 -8.27 -4.52 2.25
CA LYS B 428 -9.12 -3.33 2.23
C LYS B 428 -9.48 -2.87 0.79
N SER B 429 -10.81 -2.46 0.56
CA SER B 429 -11.47 -2.12 -0.73
C SER B 429 -10.64 -1.36 -1.74
N THR B 430 -10.59 -1.88 -2.99
CA THR B 430 -9.87 -1.27 -4.13
C THR B 430 -10.74 -0.21 -4.76
N THR B 431 -12.03 -0.54 -4.96
CA THR B 431 -13.03 0.37 -5.56
C THR B 431 -13.83 1.08 -4.49
N LEU B 432 -13.98 2.39 -4.66
CA LEU B 432 -14.71 3.16 -3.70
C LEU B 432 -15.96 3.76 -4.29
N PHE B 433 -15.89 4.16 -5.56
CA PHE B 433 -17.04 4.78 -6.17
C PHE B 433 -17.38 4.18 -7.52
N SER B 434 -18.66 4.23 -7.83
CA SER B 434 -19.21 3.75 -9.09
C SER B 434 -20.22 4.76 -9.62
N ARG B 435 -20.75 4.54 -10.83
CA ARG B 435 -21.77 5.43 -11.38
C ARG B 435 -23.15 5.13 -10.72
N HIS B 436 -23.14 4.14 -9.81
CA HIS B 436 -24.29 3.68 -9.03
C HIS B 436 -24.23 4.11 -7.56
N THR B 437 -23.11 4.70 -7.13
CA THR B 437 -22.92 5.11 -5.74
C THR B 437 -23.97 6.15 -5.29
N LYS B 438 -24.63 5.90 -4.14
CA LYS B 438 -25.61 6.79 -3.49
C LYS B 438 -25.07 7.13 -2.11
N ALA B 439 -25.17 8.41 -1.72
CA ALA B 439 -24.64 8.92 -0.44
C ALA B 439 -25.65 9.70 0.43
N ILE B 440 -25.34 9.81 1.73
CA ILE B 440 -26.13 10.60 2.68
C ILE B 440 -25.22 11.74 3.08
N VAL B 441 -25.75 12.96 3.01
CA VAL B 441 -25.01 14.14 3.43
C VAL B 441 -25.43 14.53 4.85
N TRP B 442 -24.49 14.48 5.79
CA TRP B 442 -24.77 14.88 7.14
C TRP B 442 -24.50 16.37 7.19
N GLY B 443 -25.54 17.15 7.45
CA GLY B 443 -25.48 18.60 7.53
C GLY B 443 -26.40 19.27 6.53
N MET B 444 -26.62 20.58 6.71
CA MET B 444 -27.46 21.36 5.82
C MET B 444 -26.62 22.09 4.76
N GLN B 445 -26.16 21.36 3.75
CA GLN B 445 -25.28 21.86 2.69
C GLN B 445 -25.94 21.84 1.33
N THR B 446 -26.80 22.83 1.09
CA THR B 446 -27.57 22.97 -0.15
C THR B 446 -26.69 23.16 -1.39
N ARG B 447 -25.69 24.06 -1.32
CA ARG B 447 -24.81 24.30 -2.47
C ARG B 447 -23.99 23.10 -2.82
N ALA B 448 -23.46 22.36 -1.80
CA ALA B 448 -22.65 21.14 -2.00
C ALA B 448 -23.45 20.06 -2.71
N VAL B 449 -24.68 19.81 -2.22
CA VAL B 449 -25.62 18.85 -2.79
C VAL B 449 -25.96 19.20 -4.22
N GLN B 450 -26.30 20.47 -4.49
CA GLN B 450 -26.63 20.89 -5.85
C GLN B 450 -25.44 20.73 -6.79
N GLY B 451 -24.25 21.01 -6.27
CA GLY B 451 -22.99 20.86 -6.98
C GLY B 451 -22.78 19.44 -7.45
N MET B 452 -23.01 18.48 -6.52
CA MET B 452 -22.90 17.05 -6.76
C MET B 452 -23.88 16.64 -7.84
N LEU B 453 -25.14 17.08 -7.71
CA LEU B 453 -26.22 16.79 -8.64
C LEU B 453 -26.00 17.33 -10.07
N ASP B 454 -25.24 18.42 -10.20
CA ASP B 454 -24.94 18.99 -11.51
C ASP B 454 -23.82 18.22 -12.16
N PHE B 455 -22.87 17.77 -11.34
CA PHE B 455 -21.80 16.90 -11.81
C PHE B 455 -22.41 15.60 -12.34
N ASP B 456 -23.34 15.00 -11.57
CA ASP B 456 -24.00 13.77 -11.93
C ASP B 456 -24.74 13.87 -13.26
N TYR B 457 -25.46 14.96 -13.51
CA TYR B 457 -26.22 15.15 -14.74
C TYR B 457 -25.34 15.30 -15.97
N VAL B 458 -24.17 15.90 -15.81
CA VAL B 458 -23.26 16.12 -16.91
C VAL B 458 -22.42 14.86 -17.15
N CYS B 459 -22.32 14.02 -16.12
CA CYS B 459 -21.63 12.76 -16.26
C CYS B 459 -22.49 11.72 -16.95
N SER B 460 -23.75 12.09 -17.21
CA SER B 460 -24.79 11.29 -17.83
C SER B 460 -25.19 10.11 -16.92
N ARG B 461 -25.15 10.34 -15.59
CA ARG B 461 -25.59 9.37 -14.57
C ARG B 461 -27.10 9.21 -14.70
N ASP B 462 -27.61 8.00 -14.41
CA ASP B 462 -29.04 7.78 -14.51
C ASP B 462 -29.79 8.31 -13.28
N GLU B 463 -29.13 8.32 -12.12
CA GLU B 463 -29.73 8.79 -10.88
C GLU B 463 -28.83 9.74 -10.12
N PRO B 464 -29.39 10.66 -9.28
CA PRO B 464 -28.53 11.57 -8.49
C PRO B 464 -27.70 10.82 -7.42
N SER B 465 -26.49 11.32 -7.11
CA SER B 465 -25.64 10.67 -6.14
C SER B 465 -26.04 10.94 -4.67
N VAL B 466 -26.86 11.98 -4.39
CA VAL B 466 -27.34 12.28 -3.02
C VAL B 466 -28.72 11.69 -2.81
N ALA B 467 -28.84 10.72 -1.88
CA ALA B 467 -30.12 10.07 -1.57
C ALA B 467 -30.96 10.78 -0.48
N ALA B 468 -30.29 11.30 0.57
CA ALA B 468 -30.92 12.03 1.68
C ALA B 468 -29.92 12.89 2.42
N MET B 469 -30.44 13.78 3.29
CA MET B 469 -29.63 14.65 4.15
C MET B 469 -30.05 14.50 5.61
N VAL B 470 -29.08 14.65 6.56
CA VAL B 470 -29.35 14.56 8.01
C VAL B 470 -29.04 15.91 8.69
N TYR B 471 -30.05 16.58 9.21
CA TYR B 471 -29.86 17.85 9.89
C TYR B 471 -30.69 17.85 11.17
N PRO B 472 -29.97 17.71 12.32
CA PRO B 472 -30.63 17.52 13.62
C PRO B 472 -31.51 18.61 14.21
N PHE B 473 -31.47 19.84 13.66
CA PHE B 473 -32.19 21.00 14.21
C PHE B 473 -33.60 21.18 13.68
N THR B 474 -33.86 20.67 12.48
CA THR B 474 -35.17 20.74 11.84
C THR B 474 -35.87 19.40 11.89
N GLY B 475 -37.17 19.42 11.78
CA GLY B 475 -37.94 18.18 11.67
C GLY B 475 -37.82 17.63 10.27
N ASP B 476 -38.21 16.35 10.06
CA ASP B 476 -38.14 15.72 8.74
C ASP B 476 -38.91 16.57 7.72
N HIS B 477 -38.29 16.84 6.55
CA HIS B 477 -38.88 17.60 5.45
C HIS B 477 -38.22 17.24 4.12
N LYS B 478 -38.67 17.84 3.01
CA LYS B 478 -38.08 17.59 1.70
C LYS B 478 -37.52 18.90 1.15
N GLN B 479 -36.39 18.79 0.56
CA GLN B 479 -35.76 19.96 -0.03
C GLN B 479 -35.77 19.89 -1.54
N LYS B 480 -36.04 21.06 -2.23
CA LYS B 480 -36.09 21.21 -3.71
C LYS B 480 -34.69 21.34 -4.30
N PHE B 481 -34.43 20.61 -5.40
CA PHE B 481 -33.14 20.61 -6.10
C PHE B 481 -33.37 20.49 -7.61
N TYR B 482 -32.31 20.64 -8.41
CA TYR B 482 -32.36 20.54 -9.87
C TYR B 482 -31.63 19.34 -10.48
N TRP B 483 -32.38 18.55 -11.27
CA TRP B 483 -31.86 17.44 -12.08
C TRP B 483 -31.90 17.88 -13.58
N GLY B 484 -30.92 18.69 -13.96
CA GLY B 484 -30.82 19.30 -15.27
C GLY B 484 -31.51 20.63 -15.20
N HIS B 485 -32.82 20.60 -15.44
CA HIS B 485 -33.74 21.74 -15.47
C HIS B 485 -35.07 21.30 -14.85
N LYS B 486 -35.11 20.02 -14.42
CA LYS B 486 -36.26 19.43 -13.75
C LYS B 486 -36.05 19.56 -12.22
N GLU B 487 -37.08 20.02 -11.52
CA GLU B 487 -36.99 20.10 -10.07
C GLU B 487 -37.28 18.71 -9.45
N ILE B 488 -36.46 18.32 -8.48
CA ILE B 488 -36.58 17.07 -7.72
C ILE B 488 -36.57 17.38 -6.20
N LEU B 489 -37.06 16.44 -5.39
CA LEU B 489 -37.09 16.61 -3.95
C LEU B 489 -36.19 15.62 -3.24
N ILE B 490 -35.34 16.10 -2.33
CA ILE B 490 -34.46 15.23 -1.57
C ILE B 490 -34.93 15.23 -0.12
N PRO B 491 -35.11 14.05 0.51
CA PRO B 491 -35.54 14.03 1.91
C PRO B 491 -34.45 14.47 2.91
N VAL B 492 -34.87 15.25 3.92
CA VAL B 492 -34.04 15.74 5.02
C VAL B 492 -34.59 15.11 6.31
N PHE B 493 -33.72 14.42 7.07
CA PHE B 493 -34.07 13.71 8.30
C PHE B 493 -33.47 14.34 9.55
N LYS B 494 -34.23 14.33 10.65
CA LYS B 494 -33.73 14.83 11.94
C LYS B 494 -32.76 13.77 12.52
N ASN B 495 -33.14 12.45 12.39
CA ASN B 495 -32.39 11.30 12.90
C ASN B 495 -31.76 10.47 11.79
N MET B 496 -30.49 10.10 11.97
CA MET B 496 -29.72 9.27 11.02
C MET B 496 -30.30 7.88 10.91
N ALA B 497 -30.83 7.37 12.02
CA ALA B 497 -31.46 6.07 12.08
C ALA B 497 -32.55 5.94 11.03
N ASP B 498 -33.40 6.98 10.88
CA ASP B 498 -34.51 7.04 9.91
C ASP B 498 -33.99 7.07 8.49
N ALA B 499 -32.93 7.86 8.23
CA ALA B 499 -32.33 8.01 6.90
C ALA B 499 -31.81 6.66 6.40
N MET B 500 -31.05 5.96 7.25
CA MET B 500 -30.48 4.64 6.96
C MET B 500 -31.57 3.62 6.64
N ARG B 501 -32.61 3.60 7.48
CA ARG B 501 -33.75 2.71 7.36
C ARG B 501 -34.46 2.88 6.02
N LYS B 502 -34.78 4.13 5.66
CA LYS B 502 -35.47 4.45 4.42
C LYS B 502 -34.57 4.40 3.19
N HIS B 503 -33.24 4.41 3.38
CA HIS B 503 -32.30 4.37 2.26
C HIS B 503 -31.21 3.29 2.42
N PRO B 504 -31.61 1.99 2.26
CA PRO B 504 -30.62 0.90 2.36
C PRO B 504 -29.58 0.88 1.23
N GLU B 505 -29.89 1.50 0.09
CA GLU B 505 -29.04 1.63 -1.10
C GLU B 505 -27.74 2.49 -0.88
N VAL B 506 -27.75 3.35 0.13
CA VAL B 506 -26.65 4.25 0.47
C VAL B 506 -25.50 3.47 1.10
N ASP B 507 -24.26 3.73 0.62
CA ASP B 507 -23.04 3.10 1.14
C ASP B 507 -21.95 4.12 1.46
N VAL B 508 -22.20 5.40 1.14
CA VAL B 508 -21.24 6.47 1.37
C VAL B 508 -21.87 7.53 2.27
N LEU B 509 -21.10 8.06 3.19
CA LEU B 509 -21.57 9.17 4.00
C LEU B 509 -20.59 10.34 3.89
N ILE B 510 -21.11 11.53 3.51
CA ILE B 510 -20.34 12.77 3.46
C ILE B 510 -20.67 13.58 4.73
N ASN B 511 -19.68 13.75 5.60
CA ASN B 511 -19.90 14.37 6.89
C ASN B 511 -19.41 15.80 7.02
N PHE B 512 -20.39 16.73 6.93
CA PHE B 512 -20.16 18.18 7.08
C PHE B 512 -20.31 18.68 8.52
N ALA B 513 -20.38 17.76 9.51
CA ALA B 513 -20.46 18.14 10.92
C ALA B 513 -19.24 18.99 11.30
N SER B 514 -19.42 19.92 12.26
CA SER B 514 -18.38 20.84 12.75
C SER B 514 -17.37 20.03 13.52
N LEU B 515 -16.13 20.53 13.69
CA LEU B 515 -15.14 19.80 14.50
C LEU B 515 -15.70 19.28 15.84
N ARG B 516 -16.57 20.08 16.52
CA ARG B 516 -17.20 19.68 17.79
C ARG B 516 -18.16 18.48 17.64
N SER B 517 -19.00 18.52 16.61
CA SER B 517 -20.00 17.51 16.29
C SER B 517 -19.52 16.25 15.51
N ALA B 518 -18.39 16.39 14.79
CA ALA B 518 -17.77 15.42 13.86
C ALA B 518 -17.46 14.04 14.40
N TYR B 519 -16.81 13.96 15.59
CA TYR B 519 -16.42 12.65 16.12
C TYR B 519 -17.61 11.75 16.34
N ASP B 520 -18.57 12.24 17.12
CA ASP B 520 -19.77 11.50 17.49
C ASP B 520 -20.61 11.09 16.31
N SER B 521 -20.82 12.00 15.33
CA SER B 521 -21.59 11.71 14.11
C SER B 521 -20.95 10.60 13.27
N THR B 522 -19.60 10.57 13.18
CA THR B 522 -18.86 9.53 12.45
C THR B 522 -18.97 8.21 13.17
N MET B 523 -18.76 8.21 14.48
CA MET B 523 -18.85 7.06 15.34
C MET B 523 -20.21 6.42 15.25
N GLU B 524 -21.27 7.24 15.19
CA GLU B 524 -22.67 6.82 15.04
C GLU B 524 -22.88 6.10 13.69
N THR B 525 -22.34 6.69 12.59
CA THR B 525 -22.44 6.14 11.23
C THR B 525 -21.92 4.72 11.15
N MET B 526 -20.83 4.43 11.87
CA MET B 526 -20.16 3.14 11.94
C MET B 526 -21.01 2.04 12.52
N ASN B 527 -22.17 2.42 13.12
CA ASN B 527 -23.14 1.47 13.68
C ASN B 527 -24.12 0.98 12.60
N TYR B 528 -24.05 1.59 11.40
CA TYR B 528 -24.82 1.21 10.21
C TYR B 528 -23.82 0.62 9.23
N ALA B 529 -23.88 -0.72 9.13
CA ALA B 529 -22.98 -1.55 8.34
C ALA B 529 -23.04 -1.29 6.85
N GLN B 530 -24.17 -0.69 6.35
CA GLN B 530 -24.38 -0.37 4.94
C GLN B 530 -23.34 0.63 4.44
N ILE B 531 -22.92 1.57 5.33
CA ILE B 531 -21.93 2.61 5.04
C ILE B 531 -20.52 1.99 5.06
N ARG B 532 -19.85 2.09 3.91
CA ARG B 532 -18.53 1.52 3.65
C ARG B 532 -17.40 2.56 3.43
N THR B 533 -17.78 3.82 3.18
CA THR B 533 -16.86 4.95 2.97
C THR B 533 -17.45 6.17 3.65
N ILE B 534 -16.63 6.85 4.44
CA ILE B 534 -17.05 8.06 5.11
C ILE B 534 -16.05 9.15 4.73
N ALA B 535 -16.56 10.31 4.31
CA ALA B 535 -15.70 11.48 4.01
C ALA B 535 -15.89 12.50 5.13
N ILE B 536 -14.83 12.80 5.86
CA ILE B 536 -14.89 13.73 6.98
C ILE B 536 -14.27 15.03 6.55
N ILE B 537 -15.11 16.07 6.44
CA ILE B 537 -14.73 17.38 5.90
C ILE B 537 -14.04 18.28 6.93
N ALA B 538 -14.53 18.24 8.18
CA ALA B 538 -14.08 19.08 9.29
C ALA B 538 -12.57 19.13 9.56
N GLU B 539 -12.04 20.35 9.64
CA GLU B 539 -10.63 20.61 9.95
C GLU B 539 -10.59 21.08 11.38
N GLY B 540 -9.87 20.35 12.24
CA GLY B 540 -9.73 20.74 13.65
C GLY B 540 -10.14 19.74 14.70
N ILE B 541 -10.32 18.46 14.30
CA ILE B 541 -10.67 17.38 15.22
C ILE B 541 -9.41 16.99 16.01
N PRO B 542 -9.49 16.97 17.37
CA PRO B 542 -8.32 16.54 18.17
C PRO B 542 -7.78 15.16 17.74
N GLU B 543 -6.43 15.11 17.47
CA GLU B 543 -5.67 13.94 17.00
C GLU B 543 -6.12 12.64 17.64
N ALA B 544 -6.23 12.66 18.99
CA ALA B 544 -6.69 11.57 19.83
C ALA B 544 -8.04 10.95 19.44
N LEU B 545 -9.03 11.79 19.07
CA LEU B 545 -10.38 11.34 18.69
C LEU B 545 -10.37 10.70 17.32
N THR B 546 -9.51 11.24 16.41
CA THR B 546 -9.31 10.70 15.07
C THR B 546 -8.70 9.29 15.14
N ARG B 547 -7.65 9.08 15.96
CA ARG B 547 -7.02 7.77 16.17
C ARG B 547 -8.05 6.71 16.52
N LYS B 548 -9.10 7.09 17.32
CA LYS B 548 -10.20 6.23 17.74
C LYS B 548 -11.12 5.94 16.57
N LEU B 549 -11.29 6.92 15.64
CA LEU B 549 -12.12 6.76 14.46
C LEU B 549 -11.40 5.84 13.51
N ILE B 550 -10.06 5.95 13.43
CA ILE B 550 -9.27 5.07 12.58
C ILE B 550 -9.40 3.65 13.09
N LYS B 551 -9.17 3.41 14.40
CA LYS B 551 -9.27 2.08 15.02
C LYS B 551 -10.62 1.40 14.69
N LYS B 552 -11.75 2.11 14.90
CA LYS B 552 -13.06 1.54 14.62
C LYS B 552 -13.26 1.30 13.12
N ALA B 553 -12.93 2.26 12.26
CA ALA B 553 -13.11 2.09 10.82
C ALA B 553 -12.28 0.92 10.27
N ASP B 554 -11.04 0.75 10.79
CA ASP B 554 -10.13 -0.34 10.41
C ASP B 554 -10.73 -1.69 10.74
N GLN B 555 -11.27 -1.84 11.96
CA GLN B 555 -11.89 -3.09 12.43
C GLN B 555 -13.28 -3.35 11.80
N LYS B 556 -13.92 -2.32 11.28
CA LYS B 556 -15.23 -2.43 10.66
C LYS B 556 -15.13 -2.42 9.12
N GLY B 557 -13.93 -2.27 8.58
CA GLY B 557 -13.68 -2.26 7.14
C GLY B 557 -14.11 -1.02 6.36
N VAL B 558 -14.55 0.02 7.08
CA VAL B 558 -15.00 1.32 6.52
C VAL B 558 -13.75 2.17 6.12
N THR B 559 -13.72 2.68 4.86
CA THR B 559 -12.66 3.56 4.34
C THR B 559 -12.97 5.01 4.73
N ILE B 560 -12.00 5.68 5.39
CA ILE B 560 -12.18 7.07 5.78
C ILE B 560 -11.40 7.96 4.83
N ILE B 561 -12.08 8.91 4.21
CA ILE B 561 -11.40 9.91 3.42
C ILE B 561 -11.50 11.20 4.26
N GLY B 562 -10.36 11.64 4.76
CA GLY B 562 -10.31 12.78 5.66
C GLY B 562 -9.72 12.36 6.98
N PRO B 563 -9.85 13.16 8.07
CA PRO B 563 -10.54 14.47 8.17
C PRO B 563 -9.77 15.57 7.48
N ALA B 564 -10.35 16.80 7.52
CA ALA B 564 -9.80 18.02 6.96
C ALA B 564 -9.52 17.88 5.49
N THR B 565 -10.51 17.34 4.77
CA THR B 565 -10.44 17.17 3.33
C THR B 565 -11.65 17.78 2.59
N VAL B 566 -11.45 18.09 1.30
CA VAL B 566 -12.52 18.54 0.40
C VAL B 566 -13.20 17.26 -0.13
N GLY B 567 -12.41 16.19 -0.18
CA GLY B 567 -12.81 14.86 -0.60
C GLY B 567 -12.00 14.35 -1.75
N GLY B 568 -12.70 13.95 -2.80
CA GLY B 568 -12.12 13.43 -4.02
C GLY B 568 -13.11 13.46 -5.15
N ILE B 569 -12.67 13.00 -6.33
CA ILE B 569 -13.48 13.00 -7.54
C ILE B 569 -13.15 11.83 -8.45
N LYS B 570 -14.17 11.14 -8.90
CA LYS B 570 -14.05 10.06 -9.86
C LYS B 570 -14.88 10.50 -11.10
N PRO B 571 -14.22 11.20 -12.09
CA PRO B 571 -14.93 11.66 -13.29
C PRO B 571 -15.80 10.60 -13.94
N GLY B 572 -17.05 10.98 -14.17
CA GLY B 572 -18.08 10.11 -14.74
C GLY B 572 -18.87 9.33 -13.69
N CYS B 573 -18.38 9.27 -12.42
CA CYS B 573 -19.02 8.45 -11.39
C CYS B 573 -19.53 9.20 -10.21
N PHE B 574 -18.60 9.80 -9.44
CA PHE B 574 -18.96 10.42 -8.19
C PHE B 574 -17.98 11.52 -7.80
N LYS B 575 -18.49 12.53 -7.10
CA LYS B 575 -17.62 13.65 -6.66
C LYS B 575 -18.01 13.97 -5.21
N ILE B 576 -17.05 13.90 -4.29
CA ILE B 576 -17.32 14.16 -2.86
C ILE B 576 -17.55 15.63 -2.61
N GLY B 577 -18.82 15.98 -2.33
CA GLY B 577 -19.26 17.31 -1.96
C GLY B 577 -18.79 18.42 -2.86
N ASN B 578 -17.83 19.22 -2.37
CA ASN B 578 -17.36 20.38 -3.11
C ASN B 578 -16.12 20.18 -3.98
N THR B 579 -15.58 18.96 -4.04
CA THR B 579 -14.40 18.69 -4.85
C THR B 579 -14.67 19.17 -6.27
N GLY B 580 -13.73 19.92 -6.83
CA GLY B 580 -13.85 20.42 -8.19
C GLY B 580 -14.58 21.73 -8.35
N GLY B 581 -15.33 22.12 -7.35
CA GLY B 581 -16.05 23.38 -7.36
C GLY B 581 -17.25 23.45 -8.27
N MET B 582 -17.46 24.63 -8.88
CA MET B 582 -18.59 24.95 -9.75
C MET B 582 -18.53 24.19 -11.06
N LEU B 583 -19.69 24.05 -11.74
CA LEU B 583 -19.75 23.34 -13.02
C LEU B 583 -18.74 23.83 -14.03
N ASP B 584 -18.60 25.13 -14.17
CA ASP B 584 -17.65 25.74 -15.08
C ASP B 584 -16.25 25.18 -14.93
N ASN B 585 -15.80 24.89 -13.68
CA ASN B 585 -14.48 24.26 -13.47
C ASN B 585 -14.49 22.79 -13.85
N ILE B 586 -15.59 22.07 -13.54
CA ILE B 586 -15.78 20.65 -13.91
C ILE B 586 -15.68 20.52 -15.44
N LEU B 587 -16.32 21.43 -16.18
CA LEU B 587 -16.29 21.45 -17.64
C LEU B 587 -14.93 21.88 -18.16
N ALA B 588 -14.33 22.93 -17.57
CA ALA B 588 -13.01 23.47 -17.96
C ALA B 588 -11.90 22.43 -17.86
N SER B 589 -11.92 21.65 -16.78
CA SER B 589 -10.92 20.61 -16.56
C SER B 589 -11.42 19.22 -17.06
N LYS B 590 -12.51 19.22 -17.90
CA LYS B 590 -13.15 18.06 -18.52
C LYS B 590 -13.26 16.88 -17.51
N LEU B 591 -13.92 17.14 -16.37
CA LEU B 591 -14.10 16.18 -15.30
C LEU B 591 -15.42 15.40 -15.40
N TYR B 592 -16.19 15.62 -16.49
CA TYR B 592 -17.44 14.92 -16.77
C TYR B 592 -17.17 13.52 -17.39
N ARG B 593 -15.93 13.31 -17.83
CA ARG B 593 -15.53 12.04 -18.50
C ARG B 593 -14.16 11.60 -17.98
N PRO B 594 -13.90 10.29 -17.82
CA PRO B 594 -12.63 9.80 -17.26
C PRO B 594 -11.47 9.75 -18.25
N GLY B 595 -10.26 9.75 -17.66
CA GLY B 595 -8.98 9.66 -18.33
C GLY B 595 -8.24 8.43 -17.84
N SER B 596 -6.90 8.49 -17.84
CA SER B 596 -6.06 7.36 -17.42
C SER B 596 -5.11 7.70 -16.26
N VAL B 597 -5.18 8.97 -15.77
CA VAL B 597 -4.31 9.48 -14.71
C VAL B 597 -5.01 9.53 -13.35
N ALA B 598 -4.43 8.90 -12.33
CA ALA B 598 -4.97 8.92 -10.96
C ALA B 598 -4.01 9.69 -10.07
N TYR B 599 -4.54 10.52 -9.18
CA TYR B 599 -3.66 11.28 -8.30
C TYR B 599 -4.07 11.22 -6.83
N VAL B 600 -3.11 11.54 -5.95
CA VAL B 600 -3.31 11.63 -4.50
C VAL B 600 -2.51 12.82 -4.00
N SER B 601 -3.16 13.68 -3.19
CA SER B 601 -2.59 14.91 -2.65
C SER B 601 -2.97 15.11 -1.18
N ARG B 602 -2.22 15.91 -0.41
CA ARG B 602 -2.61 16.21 0.97
C ARG B 602 -3.59 17.40 0.94
N SER B 603 -3.21 18.49 0.19
CA SER B 603 -3.92 19.77 -0.04
C SER B 603 -5.12 19.62 -0.94
N GLY B 604 -6.25 20.17 -0.48
CA GLY B 604 -7.51 20.17 -1.22
C GLY B 604 -7.46 21.15 -2.37
N GLY B 605 -6.79 22.28 -2.14
CA GLY B 605 -6.60 23.35 -3.13
C GLY B 605 -5.73 22.95 -4.30
N MET B 606 -4.58 22.29 -4.00
CA MET B 606 -3.62 21.71 -4.95
C MET B 606 -4.22 20.58 -5.78
N SER B 607 -5.23 19.90 -5.22
CA SER B 607 -5.97 18.85 -5.92
C SER B 607 -6.70 19.48 -7.07
N ASN B 608 -7.27 20.66 -6.84
CA ASN B 608 -8.01 21.33 -7.88
C ASN B 608 -7.10 21.91 -8.99
N GLU B 609 -5.85 22.28 -8.61
CA GLU B 609 -4.82 22.74 -9.55
C GLU B 609 -4.35 21.56 -10.39
N LEU B 610 -4.16 20.36 -9.74
CA LEU B 610 -3.78 19.10 -10.38
C LEU B 610 -4.77 18.68 -11.45
N ASN B 611 -6.09 18.84 -11.21
CA ASN B 611 -7.15 18.55 -12.18
C ASN B 611 -6.92 19.37 -13.45
N ASN B 612 -6.61 20.67 -13.26
CA ASN B 612 -6.32 21.62 -14.33
C ASN B 612 -5.08 21.17 -15.08
N ILE B 613 -3.96 20.90 -14.37
CA ILE B 613 -2.69 20.46 -14.97
C ILE B 613 -2.87 19.18 -15.80
N ILE B 614 -3.39 18.12 -15.17
CA ILE B 614 -3.62 16.81 -15.79
C ILE B 614 -4.52 16.91 -17.02
N SER B 615 -5.62 17.69 -16.95
CA SER B 615 -6.52 17.85 -18.10
C SER B 615 -5.85 18.47 -19.33
N ARG B 616 -4.95 19.43 -19.10
CA ARG B 616 -4.23 20.15 -20.15
C ARG B 616 -3.08 19.35 -20.77
N THR B 617 -2.50 18.44 -20.00
CA THR B 617 -1.33 17.67 -20.45
C THR B 617 -1.65 16.22 -20.90
N THR B 618 -2.73 15.62 -20.36
CA THR B 618 -3.10 14.23 -20.64
C THR B 618 -4.55 14.09 -21.11
N ASP B 619 -5.06 12.83 -21.11
CA ASP B 619 -6.42 12.45 -21.47
C ASP B 619 -7.41 12.69 -20.34
N GLY B 620 -6.90 13.11 -19.19
CA GLY B 620 -7.70 13.45 -18.02
C GLY B 620 -7.51 12.59 -16.79
N VAL B 621 -8.26 12.97 -15.74
CA VAL B 621 -8.23 12.30 -14.44
C VAL B 621 -9.15 11.08 -14.48
N TYR B 622 -8.65 9.94 -13.98
CA TYR B 622 -9.42 8.72 -13.82
C TYR B 622 -10.13 8.83 -12.45
N GLU B 623 -9.34 9.13 -11.37
CA GLU B 623 -9.75 9.27 -9.97
C GLU B 623 -8.70 10.13 -9.24
N GLY B 624 -9.17 11.02 -8.37
CA GLY B 624 -8.31 11.89 -7.59
C GLY B 624 -8.78 11.97 -6.16
N VAL B 625 -7.83 11.99 -5.18
CA VAL B 625 -8.14 12.04 -3.74
C VAL B 625 -7.24 13.02 -3.02
N ALA B 626 -7.83 13.87 -2.13
CA ALA B 626 -7.13 14.76 -1.19
C ALA B 626 -7.24 14.03 0.16
N ILE B 627 -6.12 13.52 0.73
CA ILE B 627 -6.16 12.71 1.97
C ILE B 627 -6.41 13.53 3.24
N GLY B 628 -6.36 14.84 3.11
CA GLY B 628 -6.54 15.71 4.26
C GLY B 628 -5.20 16.09 4.88
N GLY B 629 -5.22 17.11 5.72
CA GLY B 629 -4.01 17.61 6.33
C GLY B 629 -3.76 17.30 7.79
N ASP B 630 -4.69 16.58 8.49
CA ASP B 630 -4.51 16.32 9.92
C ASP B 630 -3.32 15.35 10.14
N ARG B 631 -2.71 15.30 11.33
CA ARG B 631 -1.51 14.47 11.61
C ARG B 631 -1.64 12.99 11.20
N TYR B 632 -2.75 12.33 11.63
CA TYR B 632 -3.04 10.95 11.29
C TYR B 632 -4.28 10.95 10.38
N PRO B 633 -4.14 10.89 9.00
CA PRO B 633 -5.31 10.81 8.11
C PRO B 633 -5.99 9.45 8.18
N GLY B 634 -7.29 9.39 7.89
CA GLY B 634 -8.06 8.14 7.86
C GLY B 634 -7.57 7.10 6.86
N SER B 635 -7.11 7.60 5.69
CA SER B 635 -6.50 6.83 4.61
C SER B 635 -5.24 7.61 4.19
N THR B 636 -4.07 6.92 4.09
CA THR B 636 -2.76 7.50 3.76
C THR B 636 -2.37 7.41 2.29
N PHE B 637 -1.26 8.08 1.83
CA PHE B 637 -0.80 8.06 0.41
C PHE B 637 -0.69 6.63 -0.13
N MET B 638 -0.07 5.75 0.66
CA MET B 638 0.14 4.38 0.25
C MET B 638 -1.15 3.66 0.05
N ASP B 639 -2.11 3.85 0.95
CA ASP B 639 -3.43 3.21 0.86
C ASP B 639 -4.05 3.42 -0.53
N HIS B 640 -4.06 4.67 -1.01
CA HIS B 640 -4.60 5.04 -2.31
C HIS B 640 -3.73 4.67 -3.48
N VAL B 641 -2.40 4.77 -3.34
CA VAL B 641 -1.47 4.39 -4.43
C VAL B 641 -1.68 2.92 -4.80
N LEU B 642 -1.84 2.06 -3.76
CA LEU B 642 -2.11 0.64 -3.92
C LEU B 642 -3.46 0.38 -4.55
N ARG B 643 -4.47 1.21 -4.22
CA ARG B 643 -5.79 1.06 -4.84
C ARG B 643 -5.63 1.29 -6.35
N TYR B 644 -4.91 2.38 -6.72
CA TYR B 644 -4.63 2.81 -8.09
C TYR B 644 -3.82 1.79 -8.86
N GLN B 645 -2.83 1.17 -8.19
CA GLN B 645 -2.01 0.12 -8.77
C GLN B 645 -2.90 -1.08 -9.15
N ASP B 646 -3.93 -1.35 -8.33
CA ASP B 646 -4.86 -2.47 -8.49
C ASP B 646 -6.12 -2.19 -9.35
N THR B 647 -6.30 -0.93 -9.82
CA THR B 647 -7.42 -0.51 -10.67
C THR B 647 -6.95 -0.61 -12.12
N PRO B 648 -7.59 -1.44 -12.97
CA PRO B 648 -7.07 -1.62 -14.35
C PRO B 648 -7.09 -0.38 -15.24
N GLY B 649 -8.11 0.47 -15.05
CA GLY B 649 -8.33 1.72 -15.77
C GLY B 649 -7.27 2.79 -15.55
N VAL B 650 -6.52 2.70 -14.42
CA VAL B 650 -5.43 3.62 -14.08
C VAL B 650 -4.20 3.17 -14.84
N LYS B 651 -3.63 4.08 -15.64
CA LYS B 651 -2.45 3.78 -16.42
C LYS B 651 -1.19 4.45 -15.87
N MET B 652 -1.36 5.53 -15.07
CA MET B 652 -0.27 6.27 -14.42
C MET B 652 -0.76 6.99 -13.18
N ILE B 653 0.13 7.16 -12.18
CA ILE B 653 -0.17 7.75 -10.86
C ILE B 653 0.65 9.02 -10.61
N VAL B 654 -0.01 10.08 -10.08
CA VAL B 654 0.63 11.37 -9.71
C VAL B 654 0.48 11.59 -8.20
N VAL B 655 1.59 11.77 -7.48
CA VAL B 655 1.57 11.97 -6.03
C VAL B 655 2.10 13.37 -5.69
N LEU B 656 1.28 14.20 -5.03
CA LEU B 656 1.72 15.51 -4.58
C LEU B 656 2.07 15.50 -3.08
N GLY B 657 3.33 15.13 -2.82
CA GLY B 657 3.93 15.02 -1.50
C GLY B 657 4.16 16.31 -0.78
N GLU B 658 4.69 16.22 0.44
CA GLU B 658 4.98 17.37 1.29
C GLU B 658 6.18 17.11 2.19
N ILE B 659 6.76 18.19 2.72
CA ILE B 659 7.84 18.14 3.70
C ILE B 659 7.26 17.58 5.00
N GLY B 660 8.08 16.77 5.68
CA GLY B 660 7.72 16.12 6.92
C GLY B 660 7.04 14.80 6.70
N GLY B 661 7.32 13.87 7.61
CA GLY B 661 6.76 12.52 7.53
C GLY B 661 7.64 11.67 6.67
N THR B 662 7.35 10.38 6.58
CA THR B 662 8.15 9.45 5.79
C THR B 662 7.28 8.58 4.90
N GLU B 663 6.00 8.97 4.73
CA GLU B 663 5.01 8.25 3.94
C GLU B 663 5.49 7.98 2.50
N GLU B 664 6.04 9.01 1.87
CA GLU B 664 6.56 9.03 0.49
C GLU B 664 7.63 7.97 0.23
N TYR B 665 8.33 7.53 1.30
CA TYR B 665 9.35 6.48 1.24
C TYR B 665 8.74 5.09 1.06
N LYS B 666 7.46 4.91 1.48
CA LYS B 666 6.74 3.63 1.33
C LYS B 666 6.55 3.31 -0.15
N ILE B 667 6.46 4.38 -0.98
CA ILE B 667 6.35 4.31 -2.44
C ILE B 667 7.65 3.75 -3.03
N CYS B 668 8.83 4.27 -2.56
CA CYS B 668 10.15 3.81 -3.01
C CYS B 668 10.27 2.33 -2.75
N ARG B 669 9.90 1.94 -1.53
CA ARG B 669 9.90 0.59 -1.02
C ARG B 669 8.98 -0.29 -1.88
N GLY B 670 7.77 0.19 -2.17
CA GLY B 670 6.78 -0.50 -3.00
C GLY B 670 7.27 -0.81 -4.40
N ILE B 671 7.97 0.16 -5.01
CA ILE B 671 8.57 0.05 -6.35
C ILE B 671 9.68 -1.00 -6.33
N LYS B 672 10.60 -0.88 -5.35
CA LYS B 672 11.75 -1.77 -5.09
C LYS B 672 11.24 -3.23 -5.01
N GLU B 673 10.22 -3.45 -4.15
CA GLU B 673 9.57 -4.73 -3.87
C GLU B 673 8.78 -5.31 -5.06
N GLY B 674 8.57 -4.48 -6.07
CA GLY B 674 7.86 -4.87 -7.29
C GLY B 674 6.35 -4.87 -7.17
N ARG B 675 5.85 -4.28 -6.09
CA ARG B 675 4.41 -4.16 -5.86
C ARG B 675 3.82 -3.10 -6.79
N LEU B 676 4.52 -1.94 -6.91
CA LEU B 676 4.13 -0.82 -7.76
C LEU B 676 4.90 -0.90 -9.05
N THR B 677 4.19 -1.15 -10.15
CA THR B 677 4.76 -1.36 -11.48
C THR B 677 4.40 -0.24 -12.44
N LYS B 678 3.26 0.43 -12.19
CA LYS B 678 2.73 1.54 -12.99
C LYS B 678 3.64 2.75 -12.84
N PRO B 679 3.79 3.58 -13.90
CA PRO B 679 4.63 4.79 -13.76
C PRO B 679 4.07 5.75 -12.71
N ILE B 680 4.95 6.28 -11.85
CA ILE B 680 4.54 7.21 -10.80
C ILE B 680 5.29 8.52 -10.98
N VAL B 681 4.55 9.67 -10.95
CA VAL B 681 5.10 11.03 -11.04
C VAL B 681 4.96 11.60 -9.64
N CYS B 682 6.04 12.14 -9.08
CA CYS B 682 5.94 12.67 -7.73
C CYS B 682 6.77 13.94 -7.51
N TRP B 683 6.18 14.90 -6.77
CA TRP B 683 6.78 16.16 -6.36
C TRP B 683 6.40 16.35 -4.93
N CYS B 684 7.39 16.61 -4.08
CA CYS B 684 7.14 16.89 -2.67
C CYS B 684 7.40 18.35 -2.50
N ILE B 685 6.39 19.06 -2.03
CA ILE B 685 6.40 20.51 -1.83
C ILE B 685 7.06 20.88 -0.48
N GLY B 686 7.71 22.02 -0.43
CA GLY B 686 8.40 22.47 0.78
C GLY B 686 9.91 22.43 0.69
N THR B 687 10.44 22.59 -0.53
CA THR B 687 11.86 22.58 -0.82
C THR B 687 12.62 23.75 -0.16
N CYS B 688 11.93 24.53 0.71
CA CYS B 688 12.57 25.64 1.40
C CYS B 688 13.17 25.30 2.73
N ALA B 689 12.74 25.99 3.83
CA ALA B 689 13.39 25.87 5.14
C ALA B 689 14.94 26.01 4.94
N THR B 690 15.32 26.78 3.84
CA THR B 690 16.67 27.19 3.38
C THR B 690 17.15 28.11 4.49
N MET B 691 16.16 28.70 5.20
CA MET B 691 16.28 29.40 6.46
C MET B 691 16.21 28.21 7.41
N PHE B 692 17.42 27.68 7.77
CA PHE B 692 17.57 26.51 8.65
C PHE B 692 17.13 26.88 10.07
N SER B 693 15.79 26.97 10.25
CA SER B 693 15.12 27.24 11.53
C SER B 693 15.46 26.05 12.41
N SER B 694 15.36 24.82 11.80
CA SER B 694 15.65 23.50 12.37
C SER B 694 15.10 23.47 13.79
N GLU B 695 13.73 23.43 13.90
CA GLU B 695 12.92 23.43 15.14
C GLU B 695 13.71 22.49 16.04
N VAL B 696 14.32 23.12 17.05
CA VAL B 696 15.17 22.48 18.08
C VAL B 696 14.30 21.46 18.84
N GLN B 697 14.77 20.22 18.80
CA GLN B 697 14.17 19.03 19.41
C GLN B 697 13.54 19.22 20.79
N PHE B 698 12.27 18.82 20.90
CA PHE B 698 11.57 18.90 22.17
C PHE B 698 11.88 17.66 23.03
N GLY B 699 12.73 17.84 24.04
CA GLY B 699 13.12 16.78 24.97
C GLY B 699 13.91 15.62 24.39
N HIS B 700 14.27 14.65 25.27
CA HIS B 700 15.06 13.46 24.97
C HIS B 700 14.39 12.40 24.12
N ALA B 701 13.08 12.14 24.32
CA ALA B 701 12.34 11.09 23.61
C ALA B 701 12.32 11.25 22.12
N GLY B 702 11.88 12.40 21.61
CA GLY B 702 11.86 12.66 20.17
C GLY B 702 13.25 12.81 19.58
N ALA B 703 14.11 13.63 20.26
CA ALA B 703 15.49 14.01 19.93
C ALA B 703 16.34 12.77 19.59
N CYS B 704 16.53 12.54 18.27
CA CYS B 704 17.33 11.54 17.53
C CYS B 704 16.77 11.35 16.09
N ALA B 705 15.97 10.27 15.87
CA ALA B 705 15.32 9.84 14.60
C ALA B 705 16.15 9.99 13.29
N ASN B 706 15.96 11.13 12.57
CA ASN B 706 16.56 11.62 11.32
C ASN B 706 15.54 12.60 10.75
N GLN B 707 15.76 13.91 10.99
CA GLN B 707 14.87 14.97 10.52
C GLN B 707 15.33 15.43 9.12
N ALA B 708 16.51 14.93 8.69
CA ALA B 708 17.11 15.20 7.38
C ALA B 708 16.36 14.45 6.30
N SER B 709 15.96 13.19 6.55
CA SER B 709 15.22 12.35 5.60
C SER B 709 13.78 12.86 5.37
N GLU B 710 13.15 13.43 6.42
CA GLU B 710 11.79 14.00 6.41
C GLU B 710 11.61 15.10 5.38
N THR B 711 12.66 15.91 5.12
CA THR B 711 12.70 17.06 4.21
C THR B 711 12.22 16.76 2.78
N ALA B 712 11.70 17.81 2.08
CA ALA B 712 11.19 17.65 0.72
C ALA B 712 12.30 17.44 -0.28
N VAL B 713 13.47 18.08 -0.09
CA VAL B 713 14.65 17.98 -0.96
C VAL B 713 15.19 16.53 -0.96
N ALA B 714 15.27 15.94 0.26
CA ALA B 714 15.72 14.58 0.48
C ALA B 714 14.79 13.56 -0.16
N LYS B 715 13.46 13.72 0.07
CA LYS B 715 12.43 12.84 -0.48
C LYS B 715 12.46 12.86 -2.00
N ASN B 716 12.51 14.06 -2.60
CA ASN B 716 12.58 14.27 -4.05
C ASN B 716 13.79 13.55 -4.65
N GLN B 717 14.96 13.58 -3.96
CA GLN B 717 16.17 12.87 -4.41
C GLN B 717 15.97 11.34 -4.36
N ALA B 718 15.54 10.83 -3.18
CA ALA B 718 15.28 9.43 -2.87
C ALA B 718 14.33 8.79 -3.88
N LEU B 719 13.20 9.49 -4.18
CA LEU B 719 12.17 9.04 -5.12
C LEU B 719 12.68 8.98 -6.55
N LYS B 720 13.46 9.99 -6.99
CA LYS B 720 14.02 10.03 -8.36
C LYS B 720 14.95 8.84 -8.60
N GLU B 721 15.80 8.52 -7.60
CA GLU B 721 16.73 7.38 -7.62
C GLU B 721 15.98 6.06 -7.64
N ALA B 722 14.81 6.04 -6.97
CA ALA B 722 13.91 4.88 -6.85
C ALA B 722 13.22 4.49 -8.18
N GLY B 723 13.20 5.40 -9.15
CA GLY B 723 12.61 5.18 -10.47
C GLY B 723 11.41 6.06 -10.77
N VAL B 724 10.93 6.81 -9.77
CA VAL B 724 9.80 7.73 -9.87
C VAL B 724 10.21 8.89 -10.80
N PHE B 725 9.25 9.42 -11.59
CA PHE B 725 9.51 10.54 -12.49
C PHE B 725 9.35 11.83 -11.68
N VAL B 726 10.48 12.46 -11.30
CA VAL B 726 10.46 13.67 -10.47
C VAL B 726 10.89 14.94 -11.28
N PRO B 727 10.01 16.01 -11.35
CA PRO B 727 10.36 17.24 -12.10
C PRO B 727 11.47 18.10 -11.49
N ARG B 728 12.00 19.10 -12.26
CA ARG B 728 13.03 20.02 -11.77
C ARG B 728 12.51 20.85 -10.55
N SER B 729 11.30 21.44 -10.70
CA SER B 729 10.52 22.17 -9.70
C SER B 729 9.05 22.01 -10.03
N PHE B 730 8.16 22.53 -9.17
CA PHE B 730 6.72 22.42 -9.38
C PHE B 730 6.25 22.87 -10.77
N ASP B 731 6.92 23.88 -11.32
CA ASP B 731 6.67 24.53 -12.61
C ASP B 731 7.01 23.65 -13.83
N GLU B 732 7.69 22.53 -13.59
CA GLU B 732 8.06 21.49 -14.56
C GLU B 732 7.13 20.26 -14.41
N LEU B 733 6.33 20.21 -13.30
CA LEU B 733 5.41 19.10 -13.01
C LEU B 733 4.46 18.80 -14.19
N GLY B 734 3.97 19.83 -14.86
CA GLY B 734 3.13 19.67 -16.05
C GLY B 734 3.87 18.97 -17.18
N GLU B 735 5.08 19.47 -17.50
CA GLU B 735 5.93 18.92 -18.52
C GLU B 735 6.23 17.41 -18.30
N ILE B 736 6.66 16.99 -17.08
CA ILE B 736 7.00 15.59 -16.79
C ILE B 736 5.76 14.67 -16.92
N ILE B 737 4.58 15.11 -16.45
CA ILE B 737 3.31 14.35 -16.55
C ILE B 737 2.96 14.17 -18.04
N GLN B 738 3.14 15.25 -18.83
CA GLN B 738 2.88 15.22 -20.28
C GLN B 738 3.86 14.24 -20.94
N SER B 739 5.17 14.35 -20.60
CA SER B 739 6.26 13.49 -21.06
C SER B 739 5.94 11.99 -20.88
N VAL B 740 5.42 11.60 -19.67
CA VAL B 740 5.03 10.22 -19.29
C VAL B 740 3.86 9.74 -20.16
N TYR B 741 2.74 10.51 -20.19
CA TYR B 741 1.53 10.24 -20.98
C TYR B 741 1.79 10.01 -22.50
N GLU B 742 2.74 10.78 -23.08
CA GLU B 742 3.13 10.71 -24.50
C GLU B 742 3.84 9.40 -24.83
N ASP B 743 4.69 8.90 -23.90
CA ASP B 743 5.40 7.63 -24.00
C ASP B 743 4.41 6.47 -23.93
N LEU B 744 3.42 6.55 -23.00
CA LEU B 744 2.39 5.53 -22.77
C LEU B 744 1.41 5.38 -23.92
N VAL B 745 1.05 6.49 -24.59
CA VAL B 745 0.17 6.45 -25.78
C VAL B 745 0.98 5.83 -26.93
N ALA B 746 2.27 6.24 -27.06
CA ALA B 746 3.24 5.73 -28.05
C ALA B 746 3.49 4.24 -27.90
N ASN B 747 3.42 3.72 -26.67
CA ASN B 747 3.63 2.30 -26.37
C ASN B 747 2.33 1.46 -26.33
N GLY B 748 1.21 2.10 -26.68
CA GLY B 748 -0.11 1.47 -26.77
C GLY B 748 -0.76 1.09 -25.46
N VAL B 749 -0.22 1.60 -24.34
CA VAL B 749 -0.74 1.33 -22.99
C VAL B 749 -2.02 2.14 -22.81
N ILE B 750 -2.05 3.33 -23.46
CA ILE B 750 -3.20 4.24 -23.47
C ILE B 750 -3.72 4.37 -24.89
N VAL B 751 -5.03 4.14 -25.04
CA VAL B 751 -5.78 4.26 -26.29
C VAL B 751 -6.85 5.35 -26.03
N PRO B 752 -6.50 6.66 -26.18
CA PRO B 752 -7.47 7.73 -25.84
C PRO B 752 -8.78 7.61 -26.60
N ALA B 753 -9.88 7.85 -25.88
CA ALA B 753 -11.22 7.76 -26.46
C ALA B 753 -11.64 9.08 -27.09
N GLN B 754 -12.45 9.01 -28.18
CA GLN B 754 -12.96 10.21 -28.86
C GLN B 754 -13.84 11.02 -27.94
N GLU B 755 -13.84 12.33 -28.13
CA GLU B 755 -14.58 13.23 -27.26
C GLU B 755 -16.03 13.45 -27.64
N VAL B 756 -16.92 13.14 -26.65
CA VAL B 756 -18.37 13.26 -26.68
C VAL B 756 -18.81 14.52 -25.88
N PRO B 757 -19.65 15.41 -26.48
CA PRO B 757 -20.09 16.62 -25.76
C PRO B 757 -20.99 16.29 -24.58
N PRO B 758 -20.83 16.96 -23.42
CA PRO B 758 -21.65 16.60 -22.26
C PRO B 758 -23.05 17.20 -22.31
N PRO B 759 -24.04 16.63 -21.54
CA PRO B 759 -25.38 17.25 -21.48
C PRO B 759 -25.32 18.70 -20.98
N THR B 760 -26.18 19.53 -21.52
CA THR B 760 -26.17 20.96 -21.21
C THR B 760 -27.05 21.28 -20.00
N VAL B 761 -26.58 22.18 -19.10
CA VAL B 761 -27.35 22.63 -17.94
C VAL B 761 -27.46 24.17 -18.01
N PRO B 762 -28.67 24.75 -17.76
CA PRO B 762 -28.83 26.23 -17.85
C PRO B 762 -28.03 27.00 -16.81
N MET B 763 -27.68 28.25 -17.14
CA MET B 763 -26.91 29.09 -16.21
C MET B 763 -27.74 29.49 -15.02
N ASP B 764 -27.15 29.68 -13.85
CA ASP B 764 -28.00 30.13 -12.76
C ASP B 764 -28.25 31.61 -12.84
N TYR B 765 -29.53 31.99 -12.62
CA TYR B 765 -29.99 33.37 -12.66
C TYR B 765 -29.11 34.23 -11.80
N SER B 766 -28.85 33.81 -10.56
CA SER B 766 -27.99 34.52 -9.62
C SER B 766 -26.66 34.90 -10.29
N TRP B 767 -26.01 33.91 -10.91
CA TRP B 767 -24.74 34.05 -11.60
C TRP B 767 -24.80 34.95 -12.82
N ALA B 768 -25.80 34.75 -13.70
CA ALA B 768 -25.99 35.55 -14.92
C ALA B 768 -26.19 37.02 -14.62
N ARG B 769 -26.84 37.31 -13.48
CA ARG B 769 -27.15 38.64 -13.01
C ARG B 769 -25.87 39.28 -12.47
N GLU B 770 -25.02 38.48 -11.79
CA GLU B 770 -23.74 38.92 -11.23
C GLU B 770 -22.82 39.41 -12.36
N LEU B 771 -22.73 38.62 -13.47
CA LEU B 771 -21.92 38.95 -14.65
C LEU B 771 -22.60 39.99 -15.58
N GLY B 772 -23.80 40.44 -15.18
CA GLY B 772 -24.59 41.41 -15.91
C GLY B 772 -24.99 40.99 -17.31
N LEU B 773 -25.22 39.69 -17.50
CA LEU B 773 -25.60 39.12 -18.78
C LEU B 773 -27.08 39.26 -19.05
N ILE B 774 -27.89 39.22 -17.98
CA ILE B 774 -29.31 39.35 -18.14
C ILE B 774 -29.88 40.46 -17.25
N ARG B 775 -31.04 41.00 -17.65
CA ARG B 775 -31.74 42.04 -16.91
C ARG B 775 -33.12 41.57 -16.67
N LYS B 776 -33.61 41.82 -15.48
CA LYS B 776 -34.95 41.45 -15.07
C LYS B 776 -35.50 42.61 -14.26
N PRO B 777 -36.61 43.21 -14.71
CA PRO B 777 -37.16 44.34 -13.96
C PRO B 777 -37.74 43.93 -12.61
N ALA B 778 -37.48 44.77 -11.59
CA ALA B 778 -37.98 44.61 -10.23
C ALA B 778 -39.49 44.78 -10.22
N SER B 779 -40.19 43.92 -9.45
CA SER B 779 -41.64 43.97 -9.32
C SER B 779 -42.01 44.97 -8.27
N PHE B 780 -41.12 45.24 -7.29
CA PHE B 780 -41.35 46.16 -6.19
C PHE B 780 -40.53 47.43 -6.19
N MET B 781 -41.06 48.47 -5.54
CA MET B 781 -40.39 49.78 -5.48
C MET B 781 -40.51 50.33 -4.06
N THR B 782 -39.40 50.64 -3.41
CA THR B 782 -39.45 51.20 -2.06
C THR B 782 -38.60 52.45 -1.97
N SER B 783 -38.85 53.28 -0.93
CA SER B 783 -38.13 54.53 -0.75
C SER B 783 -38.09 55.00 0.68
N ILE B 784 -38.46 54.13 1.65
CA ILE B 784 -38.49 54.57 3.05
C ILE B 784 -37.36 54.04 3.89
N CYS B 785 -36.88 52.83 3.59
CA CYS B 785 -35.89 52.21 4.46
C CYS B 785 -35.02 51.25 3.68
N ASP B 786 -33.70 51.20 4.01
CA ASP B 786 -32.74 50.28 3.38
C ASP B 786 -31.95 49.49 4.41
N GLU B 787 -32.35 48.22 4.59
CA GLU B 787 -31.74 47.26 5.53
C GLU B 787 -30.48 46.51 4.95
N ARG B 788 -30.23 46.63 3.64
CA ARG B 788 -29.15 45.96 2.92
C ARG B 788 -27.74 46.37 3.31
N GLY B 789 -27.57 47.62 3.78
CA GLY B 789 -26.25 48.18 4.09
C GLY B 789 -25.47 47.64 5.29
N GLN B 790 -24.32 48.31 5.59
CA GLN B 790 -23.51 48.04 6.78
C GLN B 790 -24.44 48.49 7.93
N GLU B 791 -25.10 49.65 7.72
CA GLU B 791 -25.98 50.24 8.71
C GLU B 791 -27.40 50.36 8.21
N LEU B 792 -28.35 50.38 9.13
CA LEU B 792 -29.75 50.54 8.75
C LEU B 792 -29.94 52.02 8.37
N ILE B 793 -30.68 52.25 7.28
CA ILE B 793 -30.93 53.62 6.81
C ILE B 793 -32.44 53.87 6.82
N TYR B 794 -32.86 54.98 7.46
CA TYR B 794 -34.26 55.42 7.47
C TYR B 794 -34.29 56.66 6.59
N ALA B 795 -34.92 56.59 5.41
CA ALA B 795 -35.04 57.69 4.46
C ALA B 795 -33.70 58.53 4.27
N GLY B 796 -32.61 57.85 3.98
CA GLY B 796 -31.35 58.52 3.76
C GLY B 796 -30.49 58.80 5.01
N MET B 797 -31.12 58.86 6.20
CA MET B 797 -30.43 59.09 7.46
C MET B 797 -30.06 57.74 8.15
N PRO B 798 -28.75 57.47 8.38
CA PRO B 798 -28.37 56.20 9.05
C PRO B 798 -28.83 56.20 10.50
N ILE B 799 -29.22 55.03 11.01
CA ILE B 799 -29.74 54.84 12.38
C ILE B 799 -28.88 55.53 13.50
N THR B 800 -27.54 55.52 13.36
CA THR B 800 -26.69 56.15 14.38
C THR B 800 -26.91 57.65 14.42
N GLU B 801 -27.11 58.29 13.25
CA GLU B 801 -27.38 59.73 13.09
C GLU B 801 -28.73 60.04 13.69
N VAL B 802 -29.70 59.14 13.51
CA VAL B 802 -31.03 59.29 14.05
C VAL B 802 -30.93 59.51 15.57
N PHE B 803 -30.18 58.64 16.26
CA PHE B 803 -29.99 58.76 17.70
C PHE B 803 -29.10 59.95 18.10
N LYS B 804 -27.96 60.13 17.41
CA LYS B 804 -27.01 61.22 17.61
C LYS B 804 -27.70 62.59 17.54
N GLU B 805 -28.61 62.77 16.56
CA GLU B 805 -29.39 63.99 16.35
C GLU B 805 -30.63 64.10 17.25
N GLU B 806 -30.85 63.10 18.13
CA GLU B 806 -31.96 63.03 19.09
C GLU B 806 -33.34 63.26 18.43
N MET B 807 -33.65 62.50 17.34
CA MET B 807 -34.90 62.65 16.55
C MET B 807 -36.15 62.34 17.33
N GLY B 808 -36.12 61.24 18.07
CA GLY B 808 -37.29 60.79 18.81
C GLY B 808 -38.28 60.10 17.91
N ILE B 809 -39.36 59.59 18.51
CA ILE B 809 -40.40 58.88 17.77
C ILE B 809 -40.97 59.76 16.65
N GLY B 810 -41.23 61.03 16.96
CA GLY B 810 -41.71 62.04 16.03
C GLY B 810 -40.81 62.19 14.83
N GLY B 811 -39.49 62.31 15.08
CA GLY B 811 -38.46 62.45 14.06
C GLY B 811 -38.40 61.27 13.13
N VAL B 812 -38.46 60.08 13.71
CA VAL B 812 -38.42 58.81 12.99
C VAL B 812 -39.67 58.67 12.11
N LEU B 813 -40.80 59.08 12.63
CA LEU B 813 -42.05 59.06 11.89
C LEU B 813 -41.97 60.01 10.67
N GLY B 814 -41.31 61.13 10.84
CA GLY B 814 -41.11 62.10 9.76
C GLY B 814 -40.34 61.47 8.63
N LEU B 815 -39.28 60.70 8.93
CA LEU B 815 -38.51 60.03 7.89
C LEU B 815 -39.32 58.91 7.27
N LEU B 816 -39.87 58.00 8.08
CA LEU B 816 -40.55 56.87 7.47
C LEU B 816 -41.85 57.25 6.74
N TRP B 817 -42.65 58.12 7.33
CA TRP B 817 -43.89 58.50 6.68
C TRP B 817 -43.73 59.59 5.60
N PHE B 818 -42.97 60.64 5.86
CA PHE B 818 -42.85 61.69 4.86
C PHE B 818 -41.52 61.75 4.10
N GLN B 819 -40.54 60.95 4.56
CA GLN B 819 -39.16 60.89 4.10
C GLN B 819 -38.53 62.26 4.19
N LYS B 820 -38.75 62.92 5.35
CA LYS B 820 -38.28 64.28 5.63
C LYS B 820 -37.69 64.42 7.05
N ARG B 821 -36.70 65.33 7.15
CA ARG B 821 -36.14 65.67 8.43
C ARG B 821 -36.96 66.89 8.84
N LEU B 822 -37.90 66.67 9.78
CA LEU B 822 -38.79 67.75 10.22
C LEU B 822 -38.15 68.61 11.31
N PRO B 823 -38.59 69.89 11.44
CA PRO B 823 -38.14 70.72 12.55
C PRO B 823 -38.50 70.05 13.90
N LYS B 824 -37.76 70.43 14.97
CA LYS B 824 -37.99 69.86 16.28
C LYS B 824 -39.40 70.07 16.76
N TYR B 825 -40.00 71.32 16.58
CA TYR B 825 -41.40 71.61 16.98
C TYR B 825 -42.40 70.68 16.30
N SER B 826 -42.15 70.36 15.05
CA SER B 826 -43.00 69.50 14.31
C SER B 826 -42.98 68.12 14.93
N CYS B 827 -41.78 67.59 15.23
CA CYS B 827 -41.61 66.25 15.83
C CYS B 827 -42.29 66.21 17.17
N GLN B 828 -42.07 67.25 17.99
CA GLN B 828 -42.63 67.33 19.33
C GLN B 828 -44.16 67.35 19.24
N PHE B 829 -44.69 68.02 18.22
CA PHE B 829 -46.14 68.10 18.00
C PHE B 829 -46.69 66.75 17.64
N ILE B 830 -46.07 66.03 16.69
CA ILE B 830 -46.48 64.67 16.32
C ILE B 830 -46.56 63.77 17.57
N GLU B 831 -45.54 63.80 18.42
CA GLU B 831 -45.48 63.04 19.67
C GLU B 831 -46.63 63.41 20.61
N MET B 832 -46.97 64.69 20.66
CA MET B 832 -48.06 65.24 21.44
C MET B 832 -49.41 64.67 20.99
N CYS B 833 -49.59 64.52 19.67
CA CYS B 833 -50.80 63.98 19.03
C CYS B 833 -50.96 62.57 19.36
N LEU B 834 -49.87 61.84 19.23
CA LEU B 834 -49.86 60.44 19.55
C LEU B 834 -50.24 60.24 21.04
N MET B 835 -49.85 61.16 21.92
CA MET B 835 -50.14 61.06 23.33
C MET B 835 -51.57 61.31 23.69
N VAL B 836 -52.21 62.33 23.08
CA VAL B 836 -53.61 62.64 23.36
C VAL B 836 -54.56 61.63 22.74
N THR B 837 -54.12 60.97 21.65
CA THR B 837 -54.98 60.00 20.97
C THR B 837 -54.81 58.60 21.51
N ALA B 838 -53.83 58.39 22.44
CA ALA B 838 -53.45 57.09 23.01
C ALA B 838 -54.63 56.30 23.50
N ASP B 839 -55.45 56.87 24.40
CA ASP B 839 -56.69 56.22 24.80
C ASP B 839 -57.78 57.22 25.19
N HIS B 840 -59.01 56.67 25.19
CA HIS B 840 -60.26 57.30 25.53
C HIS B 840 -61.29 56.31 26.04
N GLY B 841 -60.86 55.50 27.01
CA GLY B 841 -61.72 54.53 27.68
C GLY B 841 -62.17 53.34 26.85
N PRO B 842 -62.84 52.40 27.57
CA PRO B 842 -63.21 51.11 26.97
C PRO B 842 -64.59 51.06 26.29
N ALA B 843 -65.35 52.19 26.37
CA ALA B 843 -66.69 52.28 25.83
C ALA B 843 -66.70 52.42 24.30
N VAL B 844 -65.65 53.03 23.73
CA VAL B 844 -65.48 53.21 22.27
C VAL B 844 -65.45 51.87 21.52
N SER B 845 -65.98 51.91 20.28
CA SER B 845 -66.10 50.78 19.37
C SER B 845 -64.87 49.87 19.27
N GLY B 846 -63.73 50.47 19.05
CA GLY B 846 -62.49 49.72 18.93
C GLY B 846 -62.04 49.04 20.20
N ALA B 847 -62.02 49.79 21.33
CA ALA B 847 -61.59 49.26 22.64
C ALA B 847 -62.44 48.07 23.02
N HIS B 848 -63.76 48.22 22.84
CA HIS B 848 -64.77 47.23 23.11
C HIS B 848 -64.44 45.91 22.43
N ASN B 849 -64.22 45.95 21.11
CA ASN B 849 -63.87 44.77 20.32
C ASN B 849 -62.59 44.09 20.80
N THR B 850 -61.53 44.89 21.02
CA THR B 850 -60.27 44.40 21.56
C THR B 850 -60.49 43.70 22.90
N ILE B 851 -61.27 44.32 23.82
CA ILE B 851 -61.59 43.72 25.12
C ILE B 851 -62.35 42.40 24.93
N ILE B 852 -63.39 42.39 24.09
CA ILE B 852 -64.19 41.20 23.80
C ILE B 852 -63.30 40.05 23.33
N CYS B 853 -62.42 40.38 22.44
CA CYS B 853 -61.46 39.52 21.82
C CYS B 853 -60.46 38.92 22.80
N ALA B 854 -59.85 39.78 23.67
CA ALA B 854 -58.89 39.43 24.71
C ALA B 854 -59.56 38.47 25.64
N ARG B 855 -60.83 38.77 25.99
CA ARG B 855 -61.69 37.98 26.87
C ARG B 855 -62.06 36.64 26.26
N ALA B 856 -62.04 36.55 24.93
CA ALA B 856 -62.33 35.31 24.21
C ALA B 856 -61.06 34.46 24.02
N GLY B 857 -60.06 34.80 24.80
CA GLY B 857 -58.80 34.10 24.90
C GLY B 857 -57.81 34.25 23.78
N LYS B 858 -57.92 35.33 22.98
CA LYS B 858 -57.01 35.53 21.84
C LYS B 858 -55.69 36.19 22.24
N ASP B 859 -54.72 36.16 21.30
CA ASP B 859 -53.39 36.74 21.42
C ASP B 859 -53.43 38.23 21.18
N LEU B 860 -52.29 38.90 21.48
CA LEU B 860 -52.18 40.35 21.35
C LEU B 860 -52.52 40.85 19.97
N VAL B 861 -51.87 40.28 18.92
CA VAL B 861 -52.06 40.78 17.57
C VAL B 861 -53.50 40.63 17.12
N SER B 862 -54.14 39.44 17.36
CA SER B 862 -55.55 39.23 17.00
C SER B 862 -56.45 40.22 17.72
N SER B 863 -56.24 40.40 19.05
CA SER B 863 -57.06 41.31 19.83
C SER B 863 -56.95 42.75 19.38
N LEU B 864 -55.71 43.21 19.13
CA LEU B 864 -55.45 44.56 18.63
C LEU B 864 -56.15 44.81 17.26
N THR B 865 -55.93 43.90 16.27
CA THR B 865 -56.48 44.00 14.93
C THR B 865 -58.00 44.04 14.97
N SER B 866 -58.61 43.15 15.79
CA SER B 866 -60.04 43.09 15.93
C SER B 866 -60.59 44.50 16.24
N GLY B 867 -59.89 45.24 17.10
CA GLY B 867 -60.27 46.60 17.47
C GLY B 867 -59.96 47.63 16.39
N LEU B 868 -58.73 47.58 15.84
CA LEU B 868 -58.29 48.49 14.79
C LEU B 868 -59.20 48.45 13.57
N LEU B 869 -59.77 47.28 13.27
CA LEU B 869 -60.64 47.13 12.12
C LEU B 869 -61.93 47.95 12.22
N THR B 870 -62.26 48.54 13.40
CA THR B 870 -63.45 49.40 13.55
C THR B 870 -63.11 50.86 13.17
N ILE B 871 -61.81 51.23 13.23
CA ILE B 871 -61.30 52.57 12.88
C ILE B 871 -61.48 52.85 11.42
N GLY B 872 -61.94 54.04 11.10
CA GLY B 872 -62.10 54.43 9.70
C GLY B 872 -63.21 55.40 9.40
N ASP B 873 -64.47 55.02 9.67
CA ASP B 873 -65.59 55.87 9.29
C ASP B 873 -66.21 56.63 10.46
N ARG B 874 -67.15 55.98 11.15
CA ARG B 874 -67.89 56.60 12.25
C ARG B 874 -67.02 56.63 13.50
N PHE B 875 -65.98 55.75 13.58
CA PHE B 875 -65.03 55.74 14.69
C PHE B 875 -63.62 56.02 14.18
N GLY B 876 -63.02 57.10 14.67
CA GLY B 876 -61.66 57.51 14.30
C GLY B 876 -61.50 58.29 13.01
N GLY B 877 -62.61 58.43 12.27
CA GLY B 877 -62.62 59.11 10.98
C GLY B 877 -62.40 60.61 11.00
N ALA B 878 -62.95 61.27 12.03
CA ALA B 878 -63.02 62.71 12.29
C ALA B 878 -61.78 63.50 12.03
N LEU B 879 -60.59 63.00 12.44
CA LEU B 879 -59.32 63.69 12.19
C LEU B 879 -59.17 64.02 10.71
N ASP B 880 -59.19 62.98 9.87
CA ASP B 880 -59.05 63.07 8.44
C ASP B 880 -60.11 63.94 7.83
N ALA B 881 -61.39 63.67 8.18
CA ALA B 881 -62.60 64.34 7.73
C ALA B 881 -62.53 65.83 7.98
N ALA B 882 -62.18 66.23 9.23
CA ALA B 882 -62.08 67.62 9.65
C ALA B 882 -61.02 68.29 8.83
N ALA B 883 -59.81 67.73 8.80
CA ALA B 883 -58.73 68.31 8.03
C ALA B 883 -59.12 68.55 6.57
N LYS B 884 -59.78 67.57 5.94
CA LYS B 884 -60.18 67.64 4.55
C LYS B 884 -61.19 68.73 4.28
N MET B 885 -62.23 68.78 5.13
CA MET B 885 -63.38 69.70 5.09
C MET B 885 -62.95 71.14 5.21
N PHE B 886 -62.17 71.45 6.26
CA PHE B 886 -61.67 72.77 6.55
C PHE B 886 -60.71 73.24 5.53
N SER B 887 -59.79 72.35 5.04
CA SER B 887 -58.83 72.70 4.01
C SER B 887 -59.60 73.14 2.80
N LYS B 888 -60.59 72.31 2.32
CA LYS B 888 -61.43 72.58 1.16
C LYS B 888 -62.03 73.95 1.23
N ALA B 889 -62.71 74.24 2.37
CA ALA B 889 -63.42 75.49 2.62
C ALA B 889 -62.53 76.68 2.61
N PHE B 890 -61.39 76.60 3.32
CA PHE B 890 -60.38 77.65 3.39
C PHE B 890 -59.83 77.95 2.00
N ASP B 891 -59.29 76.92 1.34
CA ASP B 891 -58.70 76.97 0.01
C ASP B 891 -59.66 77.45 -1.07
N SER B 892 -60.97 77.15 -0.93
CA SER B 892 -62.03 77.60 -1.84
C SER B 892 -62.29 79.10 -1.71
N GLY B 893 -61.78 79.70 -0.65
CA GLY B 893 -61.90 81.12 -0.40
C GLY B 893 -63.15 81.61 0.29
N ILE B 894 -64.05 80.72 0.66
CA ILE B 894 -65.28 81.13 1.34
C ILE B 894 -64.97 81.58 2.79
N ILE B 895 -65.67 82.63 3.24
CA ILE B 895 -65.46 83.14 4.59
C ILE B 895 -66.12 82.22 5.61
N PRO B 896 -65.68 82.20 6.91
CA PRO B 896 -66.26 81.24 7.86
C PRO B 896 -67.80 81.18 7.91
N MET B 897 -68.49 82.32 7.94
CA MET B 897 -69.95 82.36 7.96
C MET B 897 -70.57 81.75 6.71
N GLU B 898 -69.99 82.00 5.53
CA GLU B 898 -70.45 81.42 4.27
C GLU B 898 -70.35 79.90 4.39
N PHE B 899 -69.21 79.40 4.95
CA PHE B 899 -68.97 77.98 5.14
C PHE B 899 -70.02 77.31 5.99
N VAL B 900 -70.30 77.92 7.16
CA VAL B 900 -71.29 77.43 8.13
C VAL B 900 -72.65 77.23 7.44
N ASN B 901 -73.09 78.25 6.70
CA ASN B 901 -74.37 78.23 5.99
C ASN B 901 -74.39 77.25 4.83
N LYS B 902 -73.28 77.12 4.10
CA LYS B 902 -73.11 76.18 2.96
C LYS B 902 -73.38 74.76 3.47
N MET B 903 -72.74 74.39 4.56
CA MET B 903 -72.89 73.11 5.20
C MET B 903 -74.32 72.85 5.61
N LYS B 904 -75.00 73.84 6.24
CA LYS B 904 -76.39 73.73 6.69
C LYS B 904 -77.27 73.40 5.48
N LYS B 905 -77.12 74.18 4.37
CA LYS B 905 -77.86 74.05 3.11
C LYS B 905 -77.68 72.68 2.48
N GLU B 906 -76.44 72.17 2.47
CA GLU B 906 -76.06 70.87 1.95
C GLU B 906 -76.49 69.71 2.84
N GLY B 907 -76.95 70.03 4.06
CA GLY B 907 -77.40 69.06 5.05
C GLY B 907 -76.28 68.25 5.68
N LYS B 908 -75.15 68.92 5.86
CA LYS B 908 -73.96 68.34 6.42
C LYS B 908 -73.56 69.01 7.76
N LEU B 909 -73.06 68.19 8.71
CA LEU B 909 -72.56 68.70 9.97
C LEU B 909 -71.06 68.96 9.83
N ILE B 910 -70.51 69.95 10.56
CA ILE B 910 -69.09 70.21 10.46
C ILE B 910 -68.31 69.15 11.27
N MET B 911 -67.31 68.56 10.63
CA MET B 911 -66.44 67.56 11.22
C MET B 911 -65.40 68.25 12.09
N GLY B 912 -65.35 67.85 13.35
CA GLY B 912 -64.40 68.47 14.27
C GLY B 912 -65.00 69.57 15.14
N ILE B 913 -66.34 69.69 15.07
CA ILE B 913 -67.17 70.63 15.80
C ILE B 913 -68.16 69.81 16.60
N GLY B 914 -68.31 70.18 17.87
CA GLY B 914 -69.25 69.56 18.78
C GLY B 914 -68.62 68.67 19.83
N HIS B 915 -69.23 68.70 21.01
CA HIS B 915 -68.87 67.91 22.16
C HIS B 915 -70.11 67.63 23.01
N ARG B 916 -70.14 66.43 23.62
CA ARG B 916 -71.24 65.96 24.46
C ARG B 916 -71.41 66.81 25.70
N VAL B 917 -70.33 67.05 26.46
CA VAL B 917 -70.39 67.84 27.69
C VAL B 917 -69.66 69.16 27.61
N LYS B 918 -68.43 69.14 27.06
CA LYS B 918 -67.58 70.31 26.98
C LYS B 918 -68.24 71.43 26.19
N SER B 919 -68.15 72.64 26.75
CA SER B 919 -68.72 73.84 26.16
C SER B 919 -67.68 74.99 26.11
N ILE B 920 -68.15 76.18 25.75
CA ILE B 920 -67.38 77.40 25.61
C ILE B 920 -66.97 77.96 27.02
N ASN B 921 -67.67 77.55 28.10
CA ASN B 921 -67.38 77.91 29.50
C ASN B 921 -66.56 76.79 30.22
N ASN B 922 -66.75 75.53 29.79
CA ASN B 922 -66.10 74.33 30.32
C ASN B 922 -65.25 73.72 29.20
N PRO B 923 -63.98 74.14 29.05
CA PRO B 923 -63.17 73.67 27.91
C PRO B 923 -62.62 72.24 28.00
N ASP B 924 -62.27 71.67 26.80
CA ASP B 924 -61.63 70.36 26.71
C ASP B 924 -60.14 70.60 26.93
N MET B 925 -59.56 69.91 27.93
CA MET B 925 -58.16 70.04 28.30
C MET B 925 -57.21 69.64 27.22
N ARG B 926 -57.51 68.56 26.50
CA ARG B 926 -56.69 68.07 25.40
C ARG B 926 -56.58 69.16 24.33
N VAL B 927 -57.71 69.82 24.02
CA VAL B 927 -57.72 70.90 23.05
C VAL B 927 -56.93 72.08 23.57
N GLN B 928 -57.07 72.39 24.86
CA GLN B 928 -56.30 73.46 25.51
C GLN B 928 -54.81 73.24 25.38
N ILE B 929 -54.32 72.05 25.80
CA ILE B 929 -52.92 71.64 25.74
C ILE B 929 -52.32 71.86 24.34
N LEU B 930 -52.97 71.26 23.34
CA LEU B 930 -52.56 71.32 21.95
C LEU B 930 -52.61 72.72 21.34
N LYS B 931 -53.71 73.48 21.51
CA LYS B 931 -53.88 74.84 21.01
C LYS B 931 -52.69 75.66 21.47
N ASP B 932 -52.42 75.60 22.76
CA ASP B 932 -51.36 76.38 23.37
C ASP B 932 -49.98 76.05 22.83
N TYR B 933 -49.67 74.73 22.58
CA TYR B 933 -48.37 74.35 22.00
C TYR B 933 -48.23 74.93 20.61
N VAL B 934 -49.22 74.71 19.77
CA VAL B 934 -49.28 75.21 18.41
C VAL B 934 -49.12 76.73 18.37
N ARG B 935 -49.91 77.46 19.19
CA ARG B 935 -49.83 78.92 19.20
C ARG B 935 -48.42 79.35 19.47
N GLN B 936 -47.80 78.76 20.49
CA GLN B 936 -46.43 79.07 20.88
C GLN B 936 -45.34 78.74 19.88
N HIS B 937 -45.39 77.57 19.24
CA HIS B 937 -44.29 77.11 18.39
C HIS B 937 -44.51 77.09 16.90
N PHE B 938 -45.73 77.17 16.40
CA PHE B 938 -45.90 77.15 14.96
C PHE B 938 -45.72 78.54 14.43
N PRO B 939 -44.81 78.72 13.41
CA PRO B 939 -44.62 80.03 12.80
C PRO B 939 -45.92 80.65 12.25
N ALA B 940 -46.75 79.85 11.54
CA ALA B 940 -48.03 80.30 10.98
C ALA B 940 -49.09 79.24 11.19
N THR B 941 -50.36 79.65 11.51
CA THR B 941 -51.48 78.69 11.70
C THR B 941 -52.78 79.18 11.01
N PRO B 942 -52.73 79.54 9.69
CA PRO B 942 -53.93 80.12 9.04
C PRO B 942 -55.20 79.28 9.08
N LEU B 943 -55.08 77.94 8.90
CA LEU B 943 -56.24 77.07 8.94
C LEU B 943 -56.79 76.98 10.33
N LEU B 944 -55.93 76.91 11.36
CA LEU B 944 -56.40 76.90 12.75
C LEU B 944 -57.17 78.20 13.02
N ASP B 945 -56.61 79.34 12.59
CA ASP B 945 -57.27 80.64 12.73
C ASP B 945 -58.69 80.61 12.11
N TYR B 946 -58.82 80.07 10.86
CA TYR B 946 -60.09 79.91 10.13
C TYR B 946 -61.07 79.07 10.92
N ALA B 947 -60.62 77.89 11.40
CA ALA B 947 -61.41 76.94 12.17
C ALA B 947 -61.90 77.57 13.47
N LEU B 948 -61.02 78.32 14.19
CA LEU B 948 -61.43 78.99 15.42
C LEU B 948 -62.53 80.05 15.22
N GLU B 949 -62.54 80.64 14.01
CA GLU B 949 -63.55 81.60 13.60
C GLU B 949 -64.87 80.90 13.31
N VAL B 950 -64.81 79.67 12.77
CA VAL B 950 -65.99 78.85 12.50
C VAL B 950 -66.58 78.48 13.88
N GLU B 951 -65.71 78.12 14.84
CA GLU B 951 -66.08 77.78 16.21
C GLU B 951 -66.81 78.95 16.87
N LYS B 952 -66.35 80.20 16.62
CA LYS B 952 -67.01 81.38 17.17
C LYS B 952 -68.50 81.41 16.75
N ILE B 953 -68.79 81.03 15.49
CA ILE B 953 -70.13 81.00 14.90
C ILE B 953 -70.96 79.86 15.46
N THR B 954 -70.43 78.64 15.46
CA THR B 954 -71.18 77.48 15.94
C THR B 954 -71.49 77.57 17.44
N THR B 955 -70.53 78.04 18.29
CA THR B 955 -70.78 78.15 19.72
C THR B 955 -71.81 79.21 20.02
N SER B 956 -71.97 80.19 19.12
CA SER B 956 -72.99 81.20 19.25
C SER B 956 -74.40 80.63 18.97
N LYS B 957 -74.46 79.42 18.37
CA LYS B 957 -75.71 78.72 18.12
C LYS B 957 -76.04 77.90 19.39
N LYS B 958 -75.23 76.85 19.67
CA LYS B 958 -75.31 75.97 20.83
C LYS B 958 -73.93 76.07 21.53
N PRO B 959 -73.82 76.28 22.87
CA PRO B 959 -72.51 76.42 23.53
C PRO B 959 -71.55 75.22 23.46
N ASN B 960 -72.06 73.99 23.29
CA ASN B 960 -71.22 72.79 23.20
C ASN B 960 -70.69 72.56 21.79
N LEU B 961 -70.92 73.48 20.83
CA LEU B 961 -70.42 73.30 19.45
C LEU B 961 -69.02 73.83 19.29
N ILE B 962 -68.13 73.31 20.16
CA ILE B 962 -66.70 73.63 20.28
C ILE B 962 -65.83 72.88 19.31
N LEU B 963 -64.68 73.46 18.99
CA LEU B 963 -63.71 72.77 18.14
C LEU B 963 -63.15 71.71 19.07
N ASN B 964 -63.42 70.42 18.71
CA ASN B 964 -62.98 69.25 19.48
C ASN B 964 -61.57 68.83 19.08
N VAL B 965 -60.97 67.90 19.82
CA VAL B 965 -59.58 67.43 19.63
C VAL B 965 -59.30 66.85 18.21
N ASP B 966 -60.30 66.19 17.60
CA ASP B 966 -60.18 65.63 16.26
C ASP B 966 -60.08 66.73 15.25
N GLY B 967 -60.89 67.76 15.41
CA GLY B 967 -60.81 68.93 14.55
C GLY B 967 -59.52 69.70 14.77
N LEU B 968 -59.13 69.91 16.04
CA LEU B 968 -57.92 70.64 16.40
C LEU B 968 -56.67 70.00 15.78
N ILE B 969 -56.51 68.64 15.94
CA ILE B 969 -55.39 67.90 15.39
C ILE B 969 -55.41 67.99 13.87
N GLY B 970 -56.59 67.78 13.27
CA GLY B 970 -56.79 67.88 11.82
C GLY B 970 -56.21 69.16 11.24
N VAL B 971 -56.74 70.32 11.67
CA VAL B 971 -56.32 71.60 11.16
C VAL B 971 -54.87 71.91 11.52
N ALA B 972 -54.43 71.51 12.72
CA ALA B 972 -53.06 71.80 13.18
C ALA B 972 -52.05 71.05 12.33
N PHE B 973 -52.38 69.81 11.98
CA PHE B 973 -51.55 68.97 11.18
C PHE B 973 -51.37 69.52 9.76
N VAL B 974 -52.47 70.02 9.16
CA VAL B 974 -52.47 70.65 7.84
C VAL B 974 -51.55 71.88 7.88
N ASP B 975 -51.67 72.67 8.96
CA ASP B 975 -50.83 73.84 9.14
C ASP B 975 -49.37 73.45 9.31
N MET B 976 -49.12 72.35 9.99
CA MET B 976 -47.75 71.86 10.15
C MET B 976 -47.18 71.41 8.83
N LEU B 977 -47.91 70.60 8.01
CA LEU B 977 -47.43 70.17 6.68
C LEU B 977 -47.16 71.36 5.75
N ARG B 978 -48.14 72.25 5.60
CA ARG B 978 -48.02 73.39 4.70
C ARG B 978 -46.99 74.45 5.11
N ASN B 979 -46.90 74.80 6.41
CA ASN B 979 -46.08 75.90 6.89
C ASN B 979 -44.79 75.52 7.64
N CYS B 980 -44.43 74.21 7.75
CA CYS B 980 -43.16 73.86 8.42
C CYS B 980 -41.95 74.09 7.53
N GLY B 981 -42.22 74.17 6.22
CA GLY B 981 -41.21 74.42 5.20
C GLY B 981 -40.47 73.22 4.66
N SER B 982 -40.93 71.99 4.98
CA SER B 982 -40.29 70.78 4.47
C SER B 982 -41.04 70.27 3.25
N PHE B 983 -42.31 70.71 3.04
CA PHE B 983 -43.11 70.21 1.92
C PHE B 983 -43.60 71.27 0.99
N THR B 984 -43.68 70.91 -0.32
CA THR B 984 -44.28 71.71 -1.39
C THR B 984 -45.79 71.63 -1.15
N ARG B 985 -46.59 72.51 -1.83
CA ARG B 985 -48.03 72.45 -1.61
C ARG B 985 -48.62 71.12 -2.04
N GLU B 986 -48.16 70.62 -3.19
CA GLU B 986 -48.51 69.34 -3.82
C GLU B 986 -48.30 68.20 -2.81
N GLU B 987 -47.06 68.13 -2.24
CA GLU B 987 -46.65 67.15 -1.26
C GLU B 987 -47.58 67.18 -0.04
N ALA B 988 -47.85 68.37 0.50
CA ALA B 988 -48.69 68.52 1.70
C ALA B 988 -50.10 68.05 1.41
N ASP B 989 -50.63 68.42 0.25
CA ASP B 989 -51.99 68.07 -0.17
C ASP B 989 -52.13 66.57 -0.46
N GLU B 990 -51.08 65.93 -1.04
CA GLU B 990 -51.06 64.47 -1.32
C GLU B 990 -51.08 63.68 -0.03
N TYR B 991 -50.25 64.09 0.94
CA TYR B 991 -50.17 63.40 2.22
C TYR B 991 -51.48 63.37 2.95
N ILE B 992 -52.24 64.50 2.91
CA ILE B 992 -53.57 64.58 3.53
C ILE B 992 -54.54 63.60 2.87
N ASP B 993 -54.58 63.67 1.54
CA ASP B 993 -55.41 62.86 0.69
C ASP B 993 -55.14 61.35 0.87
N ILE B 994 -53.86 60.90 0.78
CA ILE B 994 -53.54 59.48 0.92
C ILE B 994 -53.84 58.92 2.36
N GLY B 995 -54.20 59.81 3.31
CA GLY B 995 -54.65 59.48 4.67
C GLY B 995 -53.63 59.42 5.77
N ALA B 996 -52.55 60.25 5.69
CA ALA B 996 -51.52 60.32 6.72
C ALA B 996 -52.13 60.55 8.12
N LEU B 997 -53.22 61.35 8.14
CA LEU B 997 -53.94 61.70 9.34
C LEU B 997 -54.63 60.49 9.97
N ASN B 998 -55.14 59.56 9.16
CA ASN B 998 -55.67 58.29 9.65
C ASN B 998 -54.58 57.52 10.37
N GLY B 999 -53.41 57.48 9.75
CA GLY B 999 -52.23 56.89 10.35
C GLY B 999 -51.95 57.40 11.76
N ILE B 1000 -52.04 58.72 11.97
CA ILE B 1000 -51.81 59.29 13.31
C ILE B 1000 -52.75 58.68 14.33
N PHE B 1001 -54.07 58.68 14.05
CA PHE B 1001 -55.05 58.11 14.96
C PHE B 1001 -54.82 56.61 15.20
N VAL B 1002 -54.61 55.84 14.13
CA VAL B 1002 -54.34 54.40 14.20
C VAL B 1002 -53.10 54.10 15.03
N LEU B 1003 -51.99 54.73 14.72
CA LEU B 1003 -50.78 54.52 15.49
C LEU B 1003 -50.97 54.91 16.97
N GLY B 1004 -51.57 56.07 17.19
CA GLY B 1004 -51.84 56.62 18.51
C GLY B 1004 -52.71 55.70 19.37
N ARG B 1005 -53.92 55.38 18.88
CA ARG B 1005 -54.85 54.52 19.58
C ARG B 1005 -54.37 53.08 19.75
N SER B 1006 -53.38 52.63 18.93
CA SER B 1006 -52.84 51.29 19.02
C SER B 1006 -52.26 51.06 20.40
N MET B 1007 -51.73 52.11 21.02
CA MET B 1007 -51.20 52.02 22.35
C MET B 1007 -52.28 51.67 23.37
N GLY B 1008 -53.40 52.42 23.36
CA GLY B 1008 -54.57 52.21 24.21
C GLY B 1008 -55.10 50.80 24.10
N PHE B 1009 -55.31 50.32 22.86
CA PHE B 1009 -55.79 48.98 22.60
C PHE B 1009 -54.88 47.90 23.19
N ILE B 1010 -53.53 47.99 22.97
CA ILE B 1010 -52.60 47.04 23.58
C ILE B 1010 -52.73 47.13 25.10
N GLY B 1011 -52.91 48.36 25.61
CA GLY B 1011 -53.15 48.61 27.03
C GLY B 1011 -54.32 47.81 27.57
N HIS B 1012 -55.47 47.91 26.89
CA HIS B 1012 -56.66 47.15 27.24
C HIS B 1012 -56.43 45.68 27.19
N TYR B 1013 -55.80 45.18 26.11
CA TYR B 1013 -55.54 43.74 25.98
C TYR B 1013 -54.80 43.23 27.19
N LEU B 1014 -53.70 43.90 27.56
CA LEU B 1014 -52.89 43.49 28.70
C LEU B 1014 -53.71 43.52 29.98
N ASP B 1015 -54.49 44.59 30.14
CA ASP B 1015 -55.35 44.82 31.28
C ASP B 1015 -56.28 43.64 31.48
N GLN B 1016 -57.04 43.26 30.46
CA GLN B 1016 -58.00 42.14 30.56
C GLN B 1016 -57.29 40.85 30.96
N LYS B 1017 -56.11 40.57 30.37
CA LYS B 1017 -55.31 39.39 30.67
C LYS B 1017 -54.87 39.41 32.15
N ARG B 1018 -54.41 40.58 32.62
CA ARG B 1018 -53.95 40.78 33.99
C ARG B 1018 -55.12 40.67 34.98
N LEU B 1019 -56.33 41.18 34.60
CA LEU B 1019 -57.59 41.13 35.37
C LEU B 1019 -58.26 39.74 35.32
N LYS B 1020 -57.67 38.80 34.53
CA LYS B 1020 -58.11 37.42 34.35
C LYS B 1020 -59.64 37.36 34.07
N GLN B 1021 -60.07 38.14 33.09
CA GLN B 1021 -61.47 38.28 32.68
C GLN B 1021 -61.91 37.15 31.77
N GLY B 1022 -63.06 36.55 32.11
CA GLY B 1022 -63.64 35.43 31.38
C GLY B 1022 -64.36 35.77 30.09
N LEU B 1023 -64.80 34.73 29.35
CA LEU B 1023 -65.53 34.92 28.07
C LEU B 1023 -66.79 35.80 28.17
N TYR B 1024 -66.96 36.74 27.21
CA TYR B 1024 -68.16 37.57 27.19
C TYR B 1024 -69.27 37.00 26.29
N ARG B 1025 -70.50 37.10 26.78
CA ARG B 1025 -71.69 36.75 26.04
C ARG B 1025 -72.64 37.88 26.30
N HIS B 1026 -73.10 38.52 25.22
CA HIS B 1026 -74.02 39.63 25.34
C HIS B 1026 -75.38 39.20 25.92
N PRO B 1027 -75.92 39.95 26.90
CA PRO B 1027 -77.22 39.58 27.48
C PRO B 1027 -78.35 39.68 26.47
N TRP B 1028 -79.25 38.67 26.47
CA TRP B 1028 -80.35 38.66 25.52
C TRP B 1028 -81.29 39.79 25.68
N ASP B 1029 -81.42 40.30 26.92
CA ASP B 1029 -82.32 41.40 27.21
C ASP B 1029 -81.98 42.66 26.41
N ASP B 1030 -80.70 42.82 26.01
CA ASP B 1030 -80.24 43.97 25.23
C ASP B 1030 -80.41 43.77 23.75
N ILE B 1031 -80.99 42.64 23.34
CA ILE B 1031 -81.15 42.33 21.93
C ILE B 1031 -82.60 42.28 21.56
N SER B 1032 -82.96 43.04 20.52
CA SER B 1032 -84.31 43.10 19.96
C SER B 1032 -84.39 42.12 18.78
N TYR B 1033 -85.00 40.92 18.97
CA TYR B 1033 -85.09 39.90 17.90
C TYR B 1033 -86.35 40.16 17.09
N VAL B 1034 -86.17 40.47 15.80
CA VAL B 1034 -87.25 40.83 14.91
C VAL B 1034 -87.18 39.94 13.68
N LEU B 1035 -87.34 38.63 13.89
CA LEU B 1035 -87.26 37.62 12.83
C LEU B 1035 -88.55 37.48 12.02
N PRO B 1036 -88.42 37.00 10.73
CA PRO B 1036 -89.60 36.78 9.89
C PRO B 1036 -90.58 35.80 10.48
N GLU B 1037 -91.87 36.03 10.17
CA GLU B 1037 -92.93 35.15 10.65
C GLU B 1037 -92.88 33.89 9.77
N HIS B 1038 -92.87 32.72 10.44
CA HIS B 1038 -92.88 31.38 9.82
C HIS B 1038 -93.99 31.23 8.72
N SER C 2 64.52 -12.23 -20.03
CA SER C 2 65.87 -11.76 -20.31
C SER C 2 66.06 -10.26 -19.93
N ALA C 3 67.14 -9.61 -20.39
CA ALA C 3 67.28 -8.16 -20.16
C ALA C 3 66.57 -7.51 -21.33
N LYS C 4 65.55 -6.69 -21.04
CA LYS C 4 64.74 -6.04 -22.07
C LYS C 4 64.77 -4.53 -21.92
N ALA C 5 64.86 -3.82 -23.04
CA ALA C 5 64.84 -2.37 -23.05
C ALA C 5 63.41 -1.85 -22.83
N ILE C 6 63.34 -0.72 -22.11
CA ILE C 6 62.14 0.04 -21.74
C ILE C 6 62.23 1.46 -22.32
N SER C 7 61.05 2.13 -22.52
CA SER C 7 61.03 3.49 -23.03
C SER C 7 61.57 4.52 -22.02
N GLU C 8 61.94 5.71 -22.51
CA GLU C 8 62.47 6.82 -21.69
C GLU C 8 61.37 7.25 -20.69
N GLN C 9 60.11 7.22 -21.14
CA GLN C 9 58.96 7.57 -20.32
C GLN C 9 58.81 6.57 -19.17
N THR C 10 58.87 5.24 -19.49
CA THR C 10 58.77 4.15 -18.51
C THR C 10 59.84 4.35 -17.45
N GLY C 11 61.10 4.52 -17.89
CA GLY C 11 62.24 4.70 -17.01
C GLY C 11 62.13 5.85 -16.03
N LYS C 12 61.84 7.05 -16.57
CA LYS C 12 61.68 8.28 -15.80
C LYS C 12 60.51 8.18 -14.85
N GLU C 13 59.39 7.56 -15.28
CA GLU C 13 58.23 7.40 -14.39
C GLU C 13 58.63 6.74 -13.08
N LEU C 14 59.33 5.59 -13.19
CA LEU C 14 59.82 4.78 -12.07
C LEU C 14 60.78 5.57 -11.26
N LEU C 15 61.70 6.29 -11.93
CA LEU C 15 62.72 7.09 -11.28
C LEU C 15 62.11 8.12 -10.36
N TYR C 16 61.29 9.00 -10.92
CA TYR C 16 60.57 10.05 -10.22
C TYR C 16 59.79 9.41 -9.04
N LYS C 17 59.06 8.31 -9.30
CA LYS C 17 58.29 7.55 -8.33
C LYS C 17 59.11 6.89 -7.23
N PHE C 18 60.31 6.37 -7.54
CA PHE C 18 61.03 5.56 -6.55
C PHE C 18 62.41 6.04 -6.09
N ILE C 19 63.18 6.80 -6.88
CA ILE C 19 64.49 7.25 -6.42
C ILE C 19 64.37 8.01 -5.11
N CYS C 20 65.18 7.62 -4.11
CA CYS C 20 65.21 8.23 -2.77
C CYS C 20 66.56 8.87 -2.53
N THR C 21 66.59 10.20 -2.43
CA THR C 21 67.82 11.01 -2.29
C THR C 21 67.52 12.32 -1.56
N THR C 22 68.56 12.88 -0.89
CA THR C 22 68.51 14.17 -0.20
C THR C 22 68.45 15.28 -1.27
N SER C 23 69.09 15.01 -2.45
CA SER C 23 69.15 15.84 -3.66
C SER C 23 67.72 16.14 -4.14
N ALA C 24 67.43 17.41 -4.40
CA ALA C 24 66.11 17.78 -4.90
C ALA C 24 66.06 17.52 -6.40
N ILE C 25 65.26 16.51 -6.83
CA ILE C 25 65.12 16.22 -8.24
C ILE C 25 64.03 17.09 -8.80
N GLN C 26 64.40 17.91 -9.77
CA GLN C 26 63.51 18.89 -10.40
C GLN C 26 62.72 18.28 -11.57
N ASN C 27 61.59 18.94 -11.89
CA ASN C 27 60.67 18.57 -12.96
C ASN C 27 60.16 17.12 -12.86
N ARG C 28 59.87 16.68 -11.62
CA ARG C 28 59.31 15.34 -11.38
C ARG C 28 57.95 15.26 -11.99
N PHE C 29 57.74 14.24 -12.79
CA PHE C 29 56.51 13.88 -13.51
C PHE C 29 56.16 14.86 -14.60
N LYS C 30 57.06 15.82 -14.88
CA LYS C 30 56.93 16.84 -15.90
C LYS C 30 57.45 16.34 -17.30
N TYR C 31 56.56 15.60 -18.01
CA TYR C 31 56.70 14.97 -19.33
C TYR C 31 55.30 14.60 -19.83
N ALA C 32 55.10 14.67 -21.15
CA ALA C 32 53.83 14.35 -21.80
C ALA C 32 54.10 13.60 -23.09
N ARG C 33 53.31 12.55 -23.34
CA ARG C 33 53.45 11.68 -24.50
C ARG C 33 52.56 12.12 -25.63
N VAL C 34 53.13 12.19 -26.86
CA VAL C 34 52.41 12.59 -28.07
C VAL C 34 52.53 11.51 -29.16
N THR C 35 51.37 11.06 -29.69
CA THR C 35 51.24 10.07 -30.76
C THR C 35 50.40 10.69 -31.88
N PRO C 36 50.18 10.02 -33.04
CA PRO C 36 49.31 10.63 -34.07
C PRO C 36 47.83 10.73 -33.65
N ASP C 37 47.45 10.01 -32.57
CA ASP C 37 46.09 9.96 -32.06
C ASP C 37 45.85 10.86 -30.84
N THR C 38 46.84 11.73 -30.51
CA THR C 38 46.79 12.64 -29.37
C THR C 38 45.68 13.71 -29.49
N ASP C 39 44.86 13.83 -28.42
CA ASP C 39 43.82 14.85 -28.26
C ASP C 39 44.51 15.94 -27.44
N TRP C 40 44.85 17.05 -28.11
CA TRP C 40 45.57 18.17 -27.53
C TRP C 40 44.85 18.84 -26.37
N ALA C 41 43.51 18.91 -26.45
CA ALA C 41 42.67 19.47 -25.39
C ALA C 41 42.78 18.61 -24.13
N ARG C 42 42.75 17.28 -24.30
CA ARG C 42 42.86 16.30 -23.22
C ARG C 42 44.25 16.37 -22.62
N LEU C 43 45.28 16.46 -23.49
CA LEU C 43 46.70 16.54 -23.12
C LEU C 43 46.96 17.76 -22.23
N LEU C 44 46.36 18.90 -22.58
CA LEU C 44 46.51 20.14 -21.84
C LEU C 44 45.76 20.11 -20.52
N GLN C 45 44.65 19.35 -20.46
CA GLN C 45 43.82 19.16 -19.25
C GLN C 45 44.62 18.38 -18.20
N ASP C 46 45.41 17.41 -18.65
CA ASP C 46 46.23 16.56 -17.79
C ASP C 46 47.60 17.18 -17.48
N HIS C 47 48.11 18.02 -18.39
CA HIS C 47 49.40 18.67 -18.22
C HIS C 47 49.30 20.20 -18.38
N PRO C 48 48.75 20.91 -17.38
CA PRO C 48 48.64 22.37 -17.50
C PRO C 48 50.00 23.08 -17.49
N TRP C 49 51.07 22.42 -16.97
CA TRP C 49 52.44 22.94 -16.94
C TRP C 49 53.00 23.21 -18.35
N LEU C 50 52.36 22.66 -19.40
CA LEU C 50 52.78 22.83 -20.80
C LEU C 50 52.74 24.28 -21.26
N LEU C 51 52.00 25.13 -20.53
CA LEU C 51 51.85 26.55 -20.83
C LEU C 51 52.69 27.43 -19.90
N SER C 52 53.15 26.86 -18.77
CA SER C 52 53.94 27.51 -17.72
C SER C 52 55.33 27.99 -18.15
N GLN C 53 56.00 27.22 -19.02
CA GLN C 53 57.35 27.53 -19.50
C GLN C 53 57.62 26.97 -20.91
N ASN C 54 58.82 27.27 -21.45
CA ASN C 54 59.25 26.76 -22.75
C ASN C 54 59.61 25.29 -22.62
N LEU C 55 59.45 24.57 -23.74
CA LEU C 55 59.57 23.11 -23.79
C LEU C 55 60.64 22.55 -24.71
N VAL C 56 60.80 21.21 -24.62
CA VAL C 56 61.69 20.37 -25.43
C VAL C 56 60.83 19.20 -25.95
N VAL C 57 60.97 18.82 -27.23
CA VAL C 57 60.25 17.70 -27.84
C VAL C 57 61.21 16.78 -28.58
N LYS C 58 61.05 15.43 -28.42
CA LYS C 58 61.93 14.38 -28.99
C LYS C 58 61.23 12.99 -29.08
N PRO C 59 61.63 12.07 -30.02
CA PRO C 59 60.95 10.76 -30.07
C PRO C 59 61.42 9.80 -29.00
N ASP C 60 60.49 8.96 -28.52
CA ASP C 60 60.73 7.93 -27.50
C ASP C 60 60.53 6.53 -28.16
N GLN C 61 61.39 6.23 -29.14
CA GLN C 61 61.25 5.00 -29.88
C GLN C 61 62.52 4.17 -29.92
N LEU C 62 63.38 4.28 -28.89
CA LEU C 62 64.66 3.54 -28.78
C LEU C 62 65.61 3.93 -29.95
N ILE C 63 65.61 5.25 -30.28
CA ILE C 63 66.46 5.86 -31.31
C ILE C 63 67.61 6.55 -30.59
N LYS C 64 68.84 6.09 -30.81
CA LYS C 64 69.97 6.72 -30.14
C LYS C 64 70.54 7.88 -31.00
N ARG C 65 71.26 8.82 -30.36
CA ARG C 65 71.92 9.99 -30.97
C ARG C 65 70.93 10.94 -31.64
N ARG C 66 69.75 11.09 -31.01
CA ARG C 66 68.61 11.89 -31.46
C ARG C 66 68.97 13.34 -31.85
N GLY C 67 69.76 14.00 -30.99
CA GLY C 67 70.24 15.36 -31.16
C GLY C 67 71.08 15.56 -32.41
N LYS C 68 71.98 14.60 -32.68
CA LYS C 68 72.86 14.60 -33.86
C LYS C 68 72.07 14.40 -35.16
N LEU C 69 70.84 13.87 -35.07
CA LEU C 69 69.95 13.63 -36.19
C LEU C 69 68.95 14.77 -36.36
N GLY C 70 69.06 15.83 -35.54
CA GLY C 70 68.18 17.00 -35.53
C GLY C 70 66.75 16.69 -35.12
N LEU C 71 66.58 15.57 -34.39
CA LEU C 71 65.31 15.06 -33.92
C LEU C 71 64.95 15.56 -32.52
N VAL C 72 65.62 16.63 -32.04
CA VAL C 72 65.33 17.25 -30.75
C VAL C 72 65.03 18.75 -30.97
N GLY C 73 63.78 19.15 -30.70
CA GLY C 73 63.28 20.52 -30.79
C GLY C 73 63.43 21.12 -29.42
N VAL C 74 64.36 22.07 -29.28
CA VAL C 74 64.72 22.67 -27.99
C VAL C 74 64.25 24.12 -27.84
N ASN C 75 63.77 24.48 -26.61
CA ASN C 75 63.33 25.82 -26.20
C ASN C 75 62.22 26.36 -27.09
N LEU C 76 61.08 25.67 -27.11
CA LEU C 76 59.91 26.03 -27.92
C LEU C 76 58.67 26.24 -27.07
N THR C 77 57.76 27.15 -27.51
CA THR C 77 56.46 27.34 -26.86
C THR C 77 55.58 26.16 -27.33
N LEU C 78 54.44 25.89 -26.66
CA LEU C 78 53.54 24.79 -27.06
C LEU C 78 53.11 24.91 -28.54
N ASP C 79 52.96 26.16 -29.02
CA ASP C 79 52.62 26.47 -30.41
C ASP C 79 53.78 26.03 -31.30
N GLY C 80 55.02 26.34 -30.88
CA GLY C 80 56.27 26.00 -31.56
C GLY C 80 56.50 24.51 -31.64
N VAL C 81 56.11 23.79 -30.58
CA VAL C 81 56.21 22.33 -30.48
C VAL C 81 55.27 21.70 -31.52
N LYS C 82 54.01 22.20 -31.60
CA LYS C 82 53.00 21.72 -32.55
C LYS C 82 53.50 21.90 -33.99
N SER C 83 54.11 23.07 -34.27
CA SER C 83 54.70 23.45 -35.56
C SER C 83 55.88 22.55 -35.95
N TRP C 84 56.69 22.15 -34.95
CA TRP C 84 57.86 21.29 -35.11
C TRP C 84 57.44 19.85 -35.45
N LEU C 85 56.32 19.40 -34.85
CA LEU C 85 55.76 18.04 -35.03
C LEU C 85 55.02 17.87 -36.32
N LYS C 86 54.40 18.95 -36.84
CA LYS C 86 53.65 18.94 -38.08
C LYS C 86 54.36 18.11 -39.18
N PRO C 87 55.65 18.37 -39.54
CA PRO C 87 56.30 17.55 -40.58
C PRO C 87 56.91 16.22 -40.15
N ARG C 88 57.04 16.00 -38.82
CA ARG C 88 57.71 14.82 -38.27
C ARG C 88 56.80 13.71 -37.79
N LEU C 89 55.72 14.05 -37.09
CA LEU C 89 54.78 13.06 -36.57
C LEU C 89 54.11 12.32 -37.73
N GLY C 90 54.29 10.99 -37.74
CA GLY C 90 53.76 10.10 -38.75
C GLY C 90 54.69 9.86 -39.93
N GLN C 91 55.78 10.66 -40.02
CA GLN C 91 56.74 10.55 -41.11
C GLN C 91 57.68 9.35 -40.96
N GLU C 92 58.15 8.82 -42.09
CA GLU C 92 59.11 7.73 -42.12
C GLU C 92 60.51 8.34 -41.91
N ALA C 93 61.37 7.63 -41.18
CA ALA C 93 62.73 8.07 -40.89
C ALA C 93 63.71 6.90 -40.94
N THR C 94 64.92 7.17 -41.46
CA THR C 94 65.98 6.17 -41.55
C THR C 94 67.15 6.52 -40.64
N VAL C 95 67.30 5.75 -39.57
CA VAL C 95 68.37 5.93 -38.60
C VAL C 95 69.34 4.77 -38.75
N GLY C 96 70.42 5.03 -39.46
CA GLY C 96 71.40 4.01 -39.77
C GLY C 96 70.80 3.07 -40.78
N LYS C 97 70.76 1.76 -40.45
CA LYS C 97 70.18 0.78 -41.36
C LYS C 97 68.74 0.39 -40.97
N ALA C 98 68.08 1.25 -40.19
CA ALA C 98 66.71 1.01 -39.75
C ALA C 98 65.77 2.05 -40.30
N THR C 99 64.65 1.60 -40.88
CA THR C 99 63.62 2.49 -41.42
C THR C 99 62.27 2.16 -40.81
N GLY C 100 61.68 3.17 -40.19
CA GLY C 100 60.39 3.07 -39.54
C GLY C 100 59.70 4.42 -39.46
N PHE C 101 58.55 4.46 -38.81
CA PHE C 101 57.81 5.71 -38.67
C PHE C 101 58.03 6.37 -37.34
N LEU C 102 57.94 7.71 -37.30
CA LEU C 102 58.04 8.47 -36.07
C LEU C 102 56.63 8.63 -35.51
N LYS C 103 56.25 7.72 -34.59
CA LYS C 103 54.92 7.59 -33.99
C LYS C 103 54.84 8.12 -32.57
N ASN C 104 55.91 8.00 -31.79
CA ASN C 104 55.91 8.34 -30.38
C ASN C 104 56.91 9.41 -29.99
N PHE C 105 56.42 10.55 -29.50
CA PHE C 105 57.27 11.64 -29.04
C PHE C 105 57.04 11.94 -27.57
N LEU C 106 57.84 12.86 -27.03
CA LEU C 106 57.78 13.22 -25.61
C LEU C 106 58.09 14.71 -25.43
N ILE C 107 57.24 15.40 -24.67
CA ILE C 107 57.43 16.81 -24.35
C ILE C 107 57.85 16.94 -22.89
N GLU C 108 58.85 17.76 -22.64
CA GLU C 108 59.39 18.01 -21.32
C GLU C 108 59.71 19.50 -21.16
N PRO C 109 59.77 20.03 -19.91
CA PRO C 109 60.11 21.45 -19.76
C PRO C 109 61.56 21.72 -20.16
N PHE C 110 61.80 22.82 -20.90
CA PHE C 110 63.16 23.20 -21.30
C PHE C 110 63.97 23.59 -20.04
N VAL C 111 65.19 23.02 -19.92
CA VAL C 111 66.08 23.25 -18.78
C VAL C 111 67.27 24.19 -19.16
N PRO C 112 67.29 25.45 -18.68
CA PRO C 112 68.39 26.35 -19.03
C PRO C 112 69.65 26.00 -18.24
N HIS C 113 70.78 25.80 -18.97
CA HIS C 113 72.05 25.38 -18.40
C HIS C 113 73.26 25.63 -19.31
N SER C 114 74.46 25.58 -18.71
CA SER C 114 75.73 25.69 -19.44
C SER C 114 76.20 24.26 -19.77
N GLN C 115 77.17 24.14 -20.68
CA GLN C 115 77.73 22.85 -21.08
C GLN C 115 78.48 22.18 -19.92
N ALA C 116 79.03 23.02 -18.99
CA ALA C 116 79.75 22.61 -17.79
C ALA C 116 78.87 21.85 -16.81
N GLU C 117 77.55 22.13 -16.80
CA GLU C 117 76.56 21.52 -15.89
C GLU C 117 76.02 20.16 -16.41
N GLU C 118 76.40 19.77 -17.65
CA GLU C 118 76.01 18.50 -18.27
C GLU C 118 76.99 17.40 -17.86
N PHE C 119 76.47 16.35 -17.17
CA PHE C 119 77.29 15.20 -16.74
C PHE C 119 76.72 13.90 -17.28
N TYR C 120 77.58 12.88 -17.29
CA TYR C 120 77.24 11.54 -17.76
C TYR C 120 77.25 10.58 -16.59
N VAL C 121 76.21 9.79 -16.45
CA VAL C 121 76.10 8.78 -15.39
C VAL C 121 75.54 7.52 -16.05
N CYS C 122 76.17 6.37 -15.77
CA CYS C 122 75.72 5.10 -16.27
C CYS C 122 75.99 3.99 -15.30
N ILE C 123 75.08 3.02 -15.19
CA ILE C 123 75.22 1.82 -14.38
C ILE C 123 74.89 0.61 -15.25
N TYR C 124 75.73 -0.40 -15.22
CA TYR C 124 75.46 -1.60 -16.01
C TYR C 124 75.97 -2.85 -15.31
N ALA C 125 75.21 -3.95 -15.41
CA ALA C 125 75.47 -5.22 -14.75
C ALA C 125 76.41 -6.10 -15.49
N THR C 126 77.23 -6.84 -14.73
CA THR C 126 78.20 -7.82 -15.25
C THR C 126 78.26 -8.98 -14.29
N ARG C 127 78.82 -10.12 -14.73
CA ARG C 127 78.91 -11.32 -13.89
C ARG C 127 79.43 -11.05 -12.48
N GLU C 128 80.40 -10.14 -12.39
CA GLU C 128 81.13 -9.75 -11.19
C GLU C 128 80.52 -8.56 -10.42
N GLY C 129 79.43 -8.01 -10.90
CA GLY C 129 78.84 -6.88 -10.20
C GLY C 129 78.45 -5.74 -11.12
N ASP C 130 78.08 -4.60 -10.56
CA ASP C 130 77.64 -3.53 -11.44
C ASP C 130 78.63 -2.35 -11.46
N TYR C 131 78.93 -1.87 -12.68
CA TYR C 131 79.84 -0.77 -12.87
C TYR C 131 79.12 0.53 -12.91
N VAL C 132 79.67 1.51 -12.17
CA VAL C 132 79.16 2.86 -12.12
C VAL C 132 80.15 3.71 -12.87
N LEU C 133 79.64 4.42 -13.89
CA LEU C 133 80.40 5.27 -14.82
C LEU C 133 80.02 6.71 -14.69
N PHE C 134 81.00 7.57 -14.45
CA PHE C 134 80.74 9.00 -14.33
C PHE C 134 81.67 9.78 -15.24
N HIS C 135 81.15 10.82 -15.93
CA HIS C 135 81.93 11.73 -16.73
C HIS C 135 81.48 13.17 -16.59
N HIS C 136 82.43 14.10 -16.32
CA HIS C 136 82.15 15.52 -16.12
C HIS C 136 81.86 16.31 -17.39
N GLU C 137 82.17 15.72 -18.53
CA GLU C 137 81.93 16.30 -19.84
C GLU C 137 80.84 15.46 -20.50
N GLY C 138 79.62 15.76 -20.09
CA GLY C 138 78.42 15.10 -20.59
C GLY C 138 77.88 15.72 -21.86
N GLY C 139 76.79 15.13 -22.35
CA GLY C 139 76.12 15.66 -23.53
C GLY C 139 76.01 14.74 -24.72
N VAL C 140 75.90 15.36 -25.89
CA VAL C 140 75.79 14.66 -27.17
C VAL C 140 77.19 14.43 -27.75
N ASP C 141 78.19 15.04 -27.09
CA ASP C 141 79.59 14.92 -27.45
C ASP C 141 80.33 14.27 -26.29
N VAL C 142 80.01 13.00 -26.04
CA VAL C 142 80.64 12.20 -24.99
C VAL C 142 81.68 11.29 -25.58
N GLY C 143 81.40 10.72 -26.76
CA GLY C 143 82.34 9.82 -27.46
C GLY C 143 82.50 8.47 -26.78
N ASP C 144 83.72 7.86 -26.88
CA ASP C 144 84.01 6.58 -26.23
C ASP C 144 84.03 6.78 -24.71
N VAL C 145 82.87 6.55 -24.10
CA VAL C 145 82.67 6.75 -22.69
C VAL C 145 83.36 5.67 -21.85
N ASP C 146 83.59 4.48 -22.42
CA ASP C 146 84.22 3.37 -21.70
C ASP C 146 85.63 3.69 -21.22
N ALA C 147 86.44 4.37 -22.07
CA ALA C 147 87.81 4.77 -21.74
C ALA C 147 87.84 6.13 -21.01
N LYS C 148 87.08 7.13 -21.51
CA LYS C 148 87.00 8.50 -20.97
C LYS C 148 86.41 8.63 -19.55
N ALA C 149 85.34 7.88 -19.26
CA ALA C 149 84.65 8.00 -17.96
C ALA C 149 85.29 7.25 -16.82
N GLN C 150 85.02 7.71 -15.59
CA GLN C 150 85.47 7.12 -14.33
C GLN C 150 84.55 5.93 -14.04
N LYS C 151 85.15 4.73 -13.87
CA LYS C 151 84.44 3.48 -13.60
C LYS C 151 84.58 3.22 -12.11
N LEU C 152 83.76 2.32 -11.58
CA LEU C 152 83.76 1.84 -10.20
C LEU C 152 82.90 0.59 -10.17
N LEU C 153 83.46 -0.52 -9.63
CA LEU C 153 82.67 -1.74 -9.55
C LEU C 153 82.12 -1.95 -8.14
N VAL C 154 80.80 -2.09 -8.06
CA VAL C 154 80.09 -2.44 -6.84
C VAL C 154 79.87 -3.95 -6.99
N GLY C 155 80.47 -4.74 -6.11
CA GLY C 155 80.41 -6.19 -6.20
C GLY C 155 79.04 -6.78 -6.08
N VAL C 156 79.00 -8.09 -6.00
CA VAL C 156 77.73 -8.76 -5.87
C VAL C 156 77.45 -8.70 -4.37
N ASP C 157 76.25 -8.23 -3.99
CA ASP C 157 75.74 -8.06 -2.62
C ASP C 157 76.49 -6.99 -1.80
N GLU C 158 77.29 -6.17 -2.50
CA GLU C 158 78.01 -5.07 -1.88
C GLU C 158 77.26 -3.75 -1.97
N LYS C 159 77.51 -2.88 -1.00
CA LYS C 159 76.88 -1.56 -0.90
C LYS C 159 77.77 -0.50 -1.55
N LEU C 160 77.17 0.50 -2.26
CA LEU C 160 77.95 1.59 -2.86
C LEU C 160 78.34 2.66 -1.81
N ASN C 161 79.63 2.63 -1.38
CA ASN C 161 80.12 3.60 -0.39
C ASN C 161 80.23 5.03 -0.97
N PRO C 162 79.47 6.01 -0.40
CA PRO C 162 79.51 7.38 -0.94
C PRO C 162 80.87 8.06 -0.89
N GLU C 163 81.80 7.61 -0.04
CA GLU C 163 83.12 8.22 -0.08
C GLU C 163 83.94 7.66 -1.26
N ASP C 164 83.59 6.45 -1.76
CA ASP C 164 84.21 5.88 -2.96
C ASP C 164 83.72 6.66 -4.19
N ILE C 165 82.42 7.09 -4.17
CA ILE C 165 81.80 7.91 -5.22
C ILE C 165 82.60 9.21 -5.31
N LYS C 166 82.81 9.90 -4.18
CA LYS C 166 83.57 11.16 -4.09
C LYS C 166 85.04 10.98 -4.48
N LYS C 167 85.65 9.82 -4.09
CA LYS C 167 87.04 9.47 -4.38
C LYS C 167 87.40 9.02 -5.80
N HIS C 168 87.00 7.80 -6.22
CA HIS C 168 87.31 7.16 -7.51
C HIS C 168 86.41 7.67 -8.67
N LEU C 169 85.19 8.21 -8.39
CA LEU C 169 84.27 8.69 -9.43
C LEU C 169 84.23 10.19 -9.66
N LEU C 170 84.06 11.00 -8.60
CA LEU C 170 83.92 12.46 -8.71
C LEU C 170 85.26 13.25 -8.63
N VAL C 171 86.31 12.74 -9.27
CA VAL C 171 87.62 13.37 -9.24
C VAL C 171 87.61 14.69 -10.02
N HIS C 172 87.09 14.69 -11.25
CA HIS C 172 87.11 15.88 -12.11
C HIS C 172 85.82 16.70 -12.10
N ALA C 173 84.92 16.40 -11.16
CA ALA C 173 83.67 17.14 -11.00
C ALA C 173 83.94 18.46 -10.27
N PRO C 174 83.23 19.58 -10.60
CA PRO C 174 83.45 20.84 -9.85
C PRO C 174 83.22 20.63 -8.35
N GLU C 175 84.14 21.14 -7.50
CA GLU C 175 84.12 20.94 -6.05
C GLU C 175 82.76 21.24 -5.37
N ASP C 176 82.11 22.36 -5.75
CA ASP C 176 80.81 22.79 -5.20
C ASP C 176 79.63 21.84 -5.52
N LYS C 177 79.73 21.04 -6.59
CA LYS C 177 78.67 20.11 -7.00
C LYS C 177 78.94 18.68 -6.57
N LYS C 178 80.07 18.42 -5.88
CA LYS C 178 80.46 17.06 -5.48
C LYS C 178 79.50 16.38 -4.50
N GLU C 179 79.00 17.13 -3.49
CA GLU C 179 78.09 16.57 -2.50
C GLU C 179 76.72 16.17 -3.06
N ILE C 180 76.14 17.02 -3.96
CA ILE C 180 74.84 16.78 -4.61
C ILE C 180 74.93 15.60 -5.57
N LEU C 181 76.01 15.55 -6.38
CA LEU C 181 76.24 14.45 -7.32
C LEU C 181 76.36 13.14 -6.56
N ALA C 182 77.21 13.11 -5.51
CA ALA C 182 77.44 11.93 -4.67
C ALA C 182 76.11 11.42 -4.10
N SER C 183 75.28 12.35 -3.57
CA SER C 183 73.96 12.03 -3.01
C SER C 183 73.00 11.41 -4.06
N PHE C 184 73.00 11.98 -5.28
CA PHE C 184 72.17 11.50 -6.38
C PHE C 184 72.63 10.10 -6.85
N ILE C 185 73.92 9.96 -7.18
CA ILE C 185 74.50 8.68 -7.67
C ILE C 185 74.21 7.59 -6.68
N SER C 186 74.38 7.87 -5.37
CA SER C 186 74.13 6.92 -4.29
C SER C 186 72.70 6.43 -4.36
N GLY C 187 71.78 7.40 -4.52
CA GLY C 187 70.35 7.20 -4.63
C GLY C 187 69.98 6.36 -5.83
N LEU C 188 70.57 6.70 -6.97
CA LEU C 188 70.38 6.06 -8.25
C LEU C 188 70.78 4.58 -8.24
N PHE C 189 71.87 4.29 -7.56
CA PHE C 189 72.39 2.95 -7.45
C PHE C 189 71.40 2.04 -6.72
N ASN C 190 70.78 2.55 -5.65
CA ASN C 190 69.80 1.80 -4.90
C ASN C 190 68.53 1.61 -5.73
N PHE C 191 68.11 2.63 -6.51
CA PHE C 191 66.96 2.51 -7.41
C PHE C 191 67.22 1.44 -8.46
N TYR C 192 68.42 1.46 -9.07
CA TYR C 192 68.87 0.49 -10.09
C TYR C 192 68.74 -0.93 -9.55
N GLU C 193 69.27 -1.14 -8.35
CA GLU C 193 69.23 -2.40 -7.61
C GLU C 193 67.79 -2.90 -7.31
N ASP C 194 67.00 -2.07 -6.64
CA ASP C 194 65.67 -2.38 -6.14
C ASP C 194 64.63 -2.58 -7.23
N LEU C 195 64.91 -2.08 -8.44
CA LEU C 195 63.94 -2.24 -9.50
C LEU C 195 64.41 -3.20 -10.60
N TYR C 196 65.45 -3.96 -10.27
CA TYR C 196 66.02 -5.01 -11.10
C TYR C 196 66.41 -4.55 -12.52
N PHE C 197 67.20 -3.45 -12.60
CA PHE C 197 67.68 -2.96 -13.90
C PHE C 197 68.93 -3.71 -14.23
N THR C 198 69.24 -3.80 -15.52
CA THR C 198 70.49 -4.41 -15.98
C THR C 198 71.37 -3.30 -16.57
N TYR C 199 70.75 -2.18 -16.94
CA TYR C 199 71.40 -1.07 -17.58
C TYR C 199 70.63 0.20 -17.33
N LEU C 200 71.34 1.29 -17.02
CA LEU C 200 70.73 2.59 -16.74
C LEU C 200 71.69 3.68 -17.17
N GLU C 201 71.28 4.59 -18.06
CA GLU C 201 72.15 5.63 -18.58
C GLU C 201 71.46 7.00 -18.75
N ILE C 202 71.77 7.89 -17.83
CA ILE C 202 71.29 9.28 -17.85
C ILE C 202 72.36 10.10 -18.58
N ASN C 203 72.05 10.63 -19.79
CA ASN C 203 73.03 11.46 -20.53
C ASN C 203 72.36 12.52 -21.49
N PRO C 204 72.33 13.81 -21.09
CA PRO C 204 72.96 14.41 -19.91
C PRO C 204 72.16 14.43 -18.59
N LEU C 205 72.89 14.70 -17.49
CA LEU C 205 72.39 14.86 -16.12
C LEU C 205 72.79 16.28 -15.72
N VAL C 206 71.83 17.21 -15.66
CA VAL C 206 72.15 18.61 -15.38
C VAL C 206 72.04 18.94 -13.90
N VAL C 207 73.10 19.53 -13.34
CA VAL C 207 73.16 19.93 -11.94
C VAL C 207 73.37 21.45 -11.90
N THR C 208 72.26 22.22 -11.72
CA THR C 208 72.28 23.69 -11.62
C THR C 208 72.20 24.14 -10.15
N LYS C 209 72.47 25.44 -9.90
CA LYS C 209 72.35 26.08 -8.59
C LYS C 209 70.99 25.75 -7.93
N ASP C 210 70.01 25.33 -8.78
CA ASP C 210 68.64 24.95 -8.45
C ASP C 210 68.46 23.46 -8.10
N GLY C 211 69.17 22.57 -8.79
CA GLY C 211 69.03 21.14 -8.52
C GLY C 211 69.40 20.19 -9.64
N VAL C 212 68.95 18.94 -9.49
CA VAL C 212 69.22 17.83 -10.40
C VAL C 212 68.12 17.69 -11.43
N TYR C 213 68.52 17.53 -12.69
CA TYR C 213 67.61 17.35 -13.79
C TYR C 213 68.07 16.14 -14.60
N VAL C 214 67.19 15.16 -14.79
CA VAL C 214 67.43 13.96 -15.61
C VAL C 214 66.83 14.30 -17.00
N LEU C 215 67.67 14.69 -17.96
CA LEU C 215 67.19 15.13 -19.28
C LEU C 215 66.88 13.99 -20.26
N ASP C 216 67.70 12.93 -20.24
CA ASP C 216 67.57 11.74 -21.08
C ASP C 216 67.76 10.52 -20.16
N LEU C 217 67.22 9.38 -20.58
CA LEU C 217 67.30 8.12 -19.86
C LEU C 217 67.16 6.97 -20.85
N ALA C 218 68.09 6.02 -20.77
CA ALA C 218 68.16 4.81 -21.58
C ALA C 218 68.33 3.64 -20.62
N ALA C 219 67.37 2.69 -20.61
CA ALA C 219 67.42 1.58 -19.66
C ALA C 219 66.98 0.22 -20.16
N LYS C 220 67.44 -0.82 -19.45
CA LYS C 220 67.08 -2.21 -19.66
C LYS C 220 66.75 -2.83 -18.29
N VAL C 221 65.63 -3.54 -18.17
CA VAL C 221 65.27 -4.23 -16.92
C VAL C 221 65.38 -5.72 -17.13
N ASP C 222 65.52 -6.47 -16.05
CA ASP C 222 65.61 -7.91 -16.19
C ASP C 222 64.19 -8.48 -16.13
N ALA C 223 63.53 -8.50 -17.30
CA ALA C 223 62.16 -8.96 -17.53
C ALA C 223 61.72 -10.17 -16.69
N THR C 224 62.64 -11.09 -16.38
CA THR C 224 62.39 -12.30 -15.58
C THR C 224 62.06 -12.00 -14.10
N ALA C 225 62.41 -10.78 -13.63
CA ALA C 225 62.19 -10.33 -12.26
C ALA C 225 60.76 -9.74 -12.06
N ASP C 226 59.88 -10.01 -13.06
CA ASP C 226 58.53 -9.53 -13.06
C ASP C 226 57.76 -10.06 -11.87
N TYR C 227 57.95 -11.35 -11.52
CA TYR C 227 57.25 -11.99 -10.40
C TYR C 227 57.49 -11.29 -9.07
N ILE C 228 58.63 -10.58 -8.95
CA ILE C 228 59.03 -9.80 -7.78
C ILE C 228 58.42 -8.37 -7.90
N CYS C 229 58.86 -7.69 -8.97
CA CYS C 229 58.64 -6.30 -9.34
C CYS C 229 57.26 -5.90 -9.89
N LYS C 230 56.35 -6.83 -10.18
CA LYS C 230 55.06 -6.51 -10.82
C LYS C 230 54.41 -5.29 -10.22
N VAL C 231 54.39 -5.22 -8.88
CA VAL C 231 53.82 -4.15 -8.04
C VAL C 231 54.36 -2.78 -8.39
N LYS C 232 55.70 -2.63 -8.43
CA LYS C 232 56.39 -1.38 -8.73
C LYS C 232 56.38 -1.04 -10.23
N TRP C 233 56.69 -2.03 -11.09
CA TRP C 233 56.74 -1.91 -12.55
C TRP C 233 55.42 -1.58 -13.17
N GLY C 234 54.37 -2.26 -12.71
CA GLY C 234 53.03 -2.10 -13.25
C GLY C 234 52.91 -2.77 -14.59
N ASP C 235 52.13 -2.17 -15.50
CA ASP C 235 51.90 -2.69 -16.85
C ASP C 235 52.98 -2.20 -17.82
N ILE C 236 54.24 -2.48 -17.45
CA ILE C 236 55.49 -2.18 -18.16
C ILE C 236 55.47 -2.78 -19.57
N GLU C 237 55.78 -1.93 -20.55
CA GLU C 237 55.83 -2.30 -21.96
C GLU C 237 57.26 -2.30 -22.46
N PHE C 238 57.66 -3.38 -23.16
CA PHE C 238 58.99 -3.50 -23.75
C PHE C 238 58.92 -3.20 -25.25
N PRO C 239 59.37 -2.01 -25.67
CA PRO C 239 59.29 -1.66 -27.09
C PRO C 239 60.22 -2.48 -27.97
N PRO C 240 59.78 -2.81 -29.22
CA PRO C 240 60.69 -3.51 -30.13
C PRO C 240 61.68 -2.50 -30.71
N PRO C 241 62.87 -2.94 -31.12
CA PRO C 241 63.86 -2.00 -31.65
C PRO C 241 63.35 -1.16 -32.82
N PHE C 242 63.96 0.01 -33.08
CA PHE C 242 63.50 0.89 -34.15
C PHE C 242 63.49 0.26 -35.58
N GLY C 243 62.37 0.43 -36.26
CA GLY C 243 62.13 -0.05 -37.62
C GLY C 243 61.22 -1.26 -37.74
N ARG C 244 60.84 -1.89 -36.59
CA ARG C 244 60.06 -3.16 -36.49
C ARG C 244 58.51 -3.11 -36.28
N GLU C 245 57.76 -3.91 -37.12
CA GLU C 245 56.29 -4.17 -37.10
C GLU C 245 55.82 -5.27 -38.12
N PRO C 248 52.46 -9.30 -39.30
CA PRO C 248 51.28 -9.67 -40.12
C PRO C 248 50.56 -10.97 -39.64
N GLU C 249 51.21 -12.14 -39.83
CA GLU C 249 50.89 -13.51 -39.36
C GLU C 249 51.84 -13.81 -38.19
N GLU C 250 52.88 -12.97 -38.03
CA GLU C 250 53.85 -12.96 -36.93
C GLU C 250 53.09 -12.67 -35.61
N ALA C 251 52.13 -11.70 -35.66
CA ALA C 251 51.31 -11.29 -34.52
C ALA C 251 50.41 -12.41 -34.02
N TYR C 252 49.84 -13.24 -34.96
CA TYR C 252 48.95 -14.41 -34.73
C TYR C 252 49.64 -15.55 -33.93
N ILE C 253 50.99 -15.43 -33.79
CA ILE C 253 51.86 -16.34 -33.05
C ILE C 253 52.57 -15.56 -31.84
N ALA C 254 52.32 -14.22 -31.69
CA ALA C 254 52.74 -13.37 -30.55
C ALA C 254 51.58 -13.47 -29.51
N ASP C 255 50.44 -13.97 -30.02
CA ASP C 255 49.13 -14.27 -29.42
C ASP C 255 48.95 -15.81 -29.32
N LEU C 256 49.79 -16.59 -30.03
CA LEU C 256 49.83 -18.07 -29.99
C LEU C 256 50.94 -18.55 -29.03
N ASP C 257 52.02 -17.72 -28.83
CA ASP C 257 53.11 -18.00 -27.86
C ASP C 257 52.64 -17.62 -26.45
N ALA C 258 51.99 -16.44 -26.33
CA ALA C 258 51.48 -15.93 -25.07
C ALA C 258 50.35 -16.79 -24.48
N LYS C 259 49.54 -17.44 -25.35
CA LYS C 259 48.40 -18.29 -24.99
C LYS C 259 48.75 -19.78 -24.82
N SER C 260 50.04 -20.12 -24.62
CA SER C 260 50.50 -21.51 -24.44
C SER C 260 51.81 -21.63 -23.64
N GLY C 261 51.95 -22.76 -22.92
CA GLY C 261 53.12 -23.10 -22.14
C GLY C 261 54.34 -23.40 -22.99
N ALA C 262 54.13 -23.51 -24.33
CA ALA C 262 55.15 -23.76 -25.36
C ALA C 262 55.71 -22.41 -25.88
N SER C 263 56.97 -22.39 -26.38
CA SER C 263 57.54 -21.14 -26.92
C SER C 263 57.92 -21.25 -28.41
N LEU C 264 56.93 -20.84 -29.29
CA LEU C 264 56.87 -20.81 -30.77
C LEU C 264 57.27 -19.47 -31.40
N LYS C 265 58.56 -19.25 -31.65
CA LYS C 265 58.98 -17.99 -32.27
C LYS C 265 58.90 -18.11 -33.78
N LEU C 266 58.39 -17.06 -34.43
CA LEU C 266 58.36 -16.94 -35.90
C LEU C 266 58.66 -15.52 -36.35
N THR C 267 59.67 -15.38 -37.23
CA THR C 267 60.08 -14.09 -37.79
C THR C 267 60.32 -14.27 -39.27
N LEU C 268 59.70 -13.44 -40.13
CA LEU C 268 59.87 -13.54 -41.58
C LEU C 268 60.81 -12.47 -42.14
N LEU C 269 61.99 -12.91 -42.63
CA LEU C 269 62.96 -12.01 -43.26
C LEU C 269 62.52 -11.64 -44.70
N ASN C 270 62.10 -12.65 -45.51
CA ASN C 270 61.60 -12.49 -46.89
C ASN C 270 60.52 -13.56 -47.22
N PRO C 271 59.19 -13.22 -47.18
CA PRO C 271 58.18 -14.23 -47.51
C PRO C 271 58.15 -14.60 -49.01
N LYS C 272 59.02 -13.94 -49.82
CA LYS C 272 59.18 -14.17 -51.27
C LYS C 272 60.15 -15.34 -51.59
N GLY C 273 60.99 -15.73 -50.62
CA GLY C 273 61.97 -16.80 -50.74
C GLY C 273 61.43 -18.20 -50.99
N ARG C 274 62.35 -19.14 -51.30
CA ARG C 274 62.01 -20.54 -51.59
C ARG C 274 62.27 -21.51 -50.41
N ILE C 275 63.06 -21.11 -49.37
CA ILE C 275 63.38 -21.95 -48.19
C ILE C 275 62.56 -21.52 -46.93
N TRP C 276 61.73 -22.49 -46.42
CA TRP C 276 60.77 -22.46 -45.28
C TRP C 276 61.13 -23.56 -44.23
N THR C 277 61.08 -23.23 -42.91
CA THR C 277 61.53 -24.18 -41.88
C THR C 277 60.64 -24.34 -40.63
N MET C 278 60.50 -25.60 -40.14
CA MET C 278 59.74 -25.93 -38.93
C MET C 278 60.58 -26.78 -37.99
N VAL C 279 61.53 -26.11 -37.32
CA VAL C 279 62.57 -26.69 -36.47
C VAL C 279 62.27 -26.65 -34.98
N ALA C 280 62.60 -27.76 -34.29
CA ALA C 280 62.43 -27.91 -32.85
C ALA C 280 63.70 -27.50 -32.05
N GLY C 281 63.52 -26.61 -31.08
CA GLY C 281 64.58 -26.19 -30.16
C GLY C 281 65.43 -24.99 -30.52
N GLY C 282 65.76 -24.19 -29.50
CA GLY C 282 66.56 -22.96 -29.60
C GLY C 282 67.97 -23.07 -30.18
N GLY C 283 68.62 -24.20 -29.93
CA GLY C 283 69.93 -24.49 -30.47
C GLY C 283 69.76 -24.91 -31.90
N ALA C 284 69.08 -26.02 -32.11
CA ALA C 284 68.82 -26.57 -33.44
C ALA C 284 68.31 -25.56 -34.49
N SER C 285 67.49 -24.57 -34.05
CA SER C 285 66.89 -23.53 -34.91
C SER C 285 67.98 -22.68 -35.51
N VAL C 286 68.94 -22.26 -34.66
CA VAL C 286 70.11 -21.45 -35.03
C VAL C 286 70.92 -22.24 -36.04
N VAL C 287 71.27 -23.48 -35.69
CA VAL C 287 72.07 -24.37 -36.51
C VAL C 287 71.50 -24.50 -37.93
N TYR C 288 70.16 -24.64 -38.11
CA TYR C 288 69.55 -24.71 -39.46
C TYR C 288 69.68 -23.37 -40.22
N SER C 289 69.17 -22.26 -39.64
CA SER C 289 69.28 -20.89 -40.19
C SER C 289 70.72 -20.63 -40.68
N ASP C 290 71.69 -21.05 -39.87
CA ASP C 290 73.12 -20.95 -40.06
C ASP C 290 73.56 -21.82 -41.29
N THR C 291 73.03 -23.04 -41.40
CA THR C 291 73.36 -23.96 -42.49
C THR C 291 72.77 -23.47 -43.83
N ILE C 292 71.55 -22.90 -43.81
CA ILE C 292 70.88 -22.39 -45.01
C ILE C 292 71.74 -21.37 -45.78
N CYS C 293 72.24 -20.35 -45.08
CA CYS C 293 73.06 -19.27 -45.62
C CYS C 293 74.46 -19.73 -45.97
N ASP C 294 74.99 -20.74 -45.21
CA ASP C 294 76.33 -21.33 -45.41
C ASP C 294 76.47 -21.98 -46.82
N LEU C 295 75.32 -22.30 -47.46
CA LEU C 295 75.23 -22.84 -48.81
C LEU C 295 74.71 -21.79 -49.83
N GLY C 296 74.58 -20.53 -49.39
CA GLY C 296 74.14 -19.41 -50.22
C GLY C 296 72.65 -19.09 -50.23
N GLY C 297 71.88 -19.81 -49.42
CA GLY C 297 70.44 -19.58 -49.35
C GLY C 297 70.00 -18.40 -48.52
N VAL C 298 70.91 -17.46 -48.16
CA VAL C 298 70.66 -16.27 -47.32
C VAL C 298 69.42 -15.46 -47.81
N ASN C 299 69.37 -15.16 -49.12
CA ASN C 299 68.25 -14.43 -49.69
C ASN C 299 67.06 -15.31 -49.97
N GLU C 300 67.31 -16.60 -50.28
CA GLU C 300 66.26 -17.57 -50.55
C GLU C 300 65.63 -18.10 -49.22
N LEU C 301 66.21 -17.69 -48.04
CA LEU C 301 65.72 -18.03 -46.71
C LEU C 301 64.52 -17.12 -46.42
N ALA C 302 63.48 -17.68 -45.76
CA ALA C 302 62.28 -16.94 -45.45
C ALA C 302 62.08 -16.58 -43.98
N ASN C 303 62.39 -17.52 -43.05
CA ASN C 303 62.09 -17.34 -41.63
C ASN C 303 63.16 -17.82 -40.59
N TYR C 304 62.81 -17.59 -39.30
CA TYR C 304 63.51 -18.02 -38.09
C TYR C 304 62.43 -18.73 -37.27
N GLY C 305 62.13 -19.96 -37.67
CA GLY C 305 61.10 -20.77 -37.03
C GLY C 305 61.64 -21.76 -36.02
N GLU C 306 60.82 -22.06 -34.96
CA GLU C 306 61.14 -23.00 -33.87
C GLU C 306 59.89 -23.36 -32.96
N TYR C 307 60.05 -24.33 -31.99
CA TYR C 307 59.11 -24.77 -30.93
C TYR C 307 59.95 -25.33 -29.82
N SER C 308 59.71 -24.92 -28.58
CA SER C 308 60.57 -25.39 -27.49
C SER C 308 59.34 -25.54 -26.58
N GLY C 309 59.38 -26.56 -25.70
CA GLY C 309 58.26 -26.77 -24.78
C GLY C 309 57.02 -27.63 -24.84
N ALA C 310 57.06 -28.73 -25.61
CA ALA C 310 55.99 -29.71 -25.77
C ALA C 310 54.65 -29.12 -26.28
N PRO C 311 54.58 -28.67 -27.55
CA PRO C 311 53.30 -28.12 -28.04
C PRO C 311 52.29 -29.21 -28.33
N SER C 312 51.03 -28.96 -27.97
CA SER C 312 49.87 -29.86 -28.16
C SER C 312 49.52 -29.87 -29.66
N GLU C 313 49.06 -31.02 -30.24
CA GLU C 313 48.70 -31.17 -31.67
C GLU C 313 48.18 -29.87 -32.29
N GLN C 314 47.14 -29.26 -31.65
CA GLN C 314 46.42 -28.04 -32.07
C GLN C 314 47.35 -26.84 -32.27
N GLN C 315 48.36 -26.66 -31.38
CA GLN C 315 49.38 -25.60 -31.49
C GLN C 315 50.28 -25.93 -32.70
N THR C 316 50.62 -27.26 -32.87
CA THR C 316 51.48 -27.85 -33.92
C THR C 316 50.85 -27.67 -35.30
N TYR C 317 49.49 -27.72 -35.41
CA TYR C 317 48.71 -27.51 -36.63
C TYR C 317 48.54 -26.01 -36.99
N ASP C 318 48.46 -25.13 -35.96
CA ASP C 318 48.32 -23.66 -36.05
C ASP C 318 49.64 -22.98 -36.40
N TYR C 319 50.76 -23.49 -35.82
CA TYR C 319 52.12 -23.03 -36.12
C TYR C 319 52.49 -23.49 -37.55
N ALA C 320 51.85 -24.57 -38.04
CA ALA C 320 52.04 -25.11 -39.38
C ALA C 320 51.28 -24.30 -40.46
N LYS C 321 49.91 -24.18 -40.37
CA LYS C 321 49.09 -23.48 -41.39
C LYS C 321 49.51 -22.00 -41.59
N THR C 322 50.29 -21.45 -40.66
CA THR C 322 50.82 -20.11 -40.79
C THR C 322 51.98 -20.11 -41.82
N ILE C 323 52.88 -21.13 -41.79
CA ILE C 323 54.03 -21.31 -42.69
C ILE C 323 53.55 -21.53 -44.12
N LEU C 324 52.59 -22.45 -44.28
CA LEU C 324 52.01 -22.89 -45.56
C LEU C 324 51.18 -21.81 -46.31
N SER C 325 50.45 -20.92 -45.58
CA SER C 325 49.63 -19.82 -46.15
C SER C 325 50.52 -18.70 -46.74
N LEU C 326 51.75 -18.57 -46.16
CA LEU C 326 52.81 -17.60 -46.46
C LEU C 326 53.75 -18.02 -47.58
N MET C 327 53.93 -19.35 -47.82
CA MET C 327 54.78 -19.85 -48.91
C MET C 327 53.99 -20.23 -50.18
N THR C 328 52.64 -20.32 -50.07
CA THR C 328 51.74 -20.60 -51.21
C THR C 328 51.02 -19.29 -51.63
N ARG C 329 51.82 -18.24 -51.98
CA ARG C 329 51.41 -16.92 -52.48
C ARG C 329 51.78 -16.89 -53.96
N GLU C 330 53.08 -16.73 -54.25
CA GLU C 330 53.59 -16.72 -55.60
C GLU C 330 54.46 -17.93 -55.87
N LYS C 331 54.33 -18.47 -57.09
CA LYS C 331 55.10 -19.62 -57.58
C LYS C 331 56.56 -19.24 -57.79
N HIS C 332 57.49 -20.18 -57.53
CA HIS C 332 58.92 -19.98 -57.75
C HIS C 332 59.35 -20.90 -58.93
N PRO C 333 60.22 -20.42 -59.86
CA PRO C 333 60.61 -21.25 -61.02
C PRO C 333 61.25 -22.61 -60.72
N ASP C 334 61.93 -22.71 -59.57
CA ASP C 334 62.63 -23.93 -59.14
C ASP C 334 61.85 -24.68 -58.03
N GLY C 335 60.60 -24.26 -57.78
CA GLY C 335 59.78 -24.81 -56.71
C GLY C 335 60.27 -24.32 -55.35
N LYS C 336 59.71 -24.81 -54.24
CA LYS C 336 60.17 -24.36 -52.91
C LYS C 336 60.60 -25.54 -52.01
N ILE C 337 61.35 -25.27 -50.90
CA ILE C 337 61.81 -26.27 -49.92
C ILE C 337 61.11 -26.07 -48.55
N LEU C 338 60.73 -27.18 -47.85
CA LEU C 338 60.12 -27.17 -46.50
C LEU C 338 60.83 -28.16 -45.55
N ILE C 339 61.88 -27.65 -44.87
CA ILE C 339 62.73 -28.34 -43.89
C ILE C 339 61.98 -28.49 -42.52
N ILE C 340 61.51 -29.72 -42.23
CA ILE C 340 60.74 -30.11 -41.03
C ILE C 340 61.67 -30.84 -40.02
N GLY C 341 62.67 -30.12 -39.53
CA GLY C 341 63.69 -30.65 -38.63
C GLY C 341 63.63 -30.36 -37.14
N GLY C 342 64.81 -30.51 -36.52
CA GLY C 342 65.07 -30.37 -35.10
C GLY C 342 66.07 -31.41 -34.64
N SER C 343 66.46 -31.37 -33.35
CA SER C 343 67.40 -32.37 -32.82
C SER C 343 66.66 -33.55 -32.20
N ILE C 344 67.29 -34.24 -31.26
CA ILE C 344 66.69 -35.36 -30.54
C ILE C 344 66.14 -34.78 -29.24
N ALA C 345 64.98 -35.24 -28.79
CA ALA C 345 64.42 -34.72 -27.56
C ALA C 345 64.06 -35.79 -26.51
N ASN C 346 63.97 -35.31 -25.25
CA ASN C 346 63.67 -36.02 -23.99
C ASN C 346 62.15 -35.87 -23.65
N PHE C 347 61.69 -34.58 -23.57
CA PHE C 347 60.36 -34.01 -23.30
C PHE C 347 59.19 -34.47 -24.24
N THR C 348 59.25 -34.13 -25.54
CA THR C 348 58.23 -34.42 -26.58
C THR C 348 58.00 -35.92 -26.88
N ASN C 349 57.18 -36.20 -27.92
CA ASN C 349 56.89 -37.49 -28.53
C ASN C 349 57.00 -37.25 -30.05
N VAL C 350 57.46 -38.27 -30.83
CA VAL C 350 57.67 -38.14 -32.30
C VAL C 350 56.43 -38.56 -33.12
N ALA C 351 55.72 -39.62 -32.72
CA ALA C 351 54.53 -40.00 -33.46
C ALA C 351 53.40 -38.96 -33.27
N ALA C 352 53.37 -38.22 -32.10
CA ALA C 352 52.34 -37.26 -31.63
C ALA C 352 52.33 -35.87 -32.29
N THR C 353 53.47 -35.13 -32.25
CA THR C 353 53.54 -33.80 -32.85
C THR C 353 53.49 -33.90 -34.37
N PHE C 354 54.08 -34.98 -34.94
CA PHE C 354 54.08 -35.23 -36.39
C PHE C 354 52.69 -35.43 -36.99
N LYS C 355 51.74 -35.96 -36.18
CA LYS C 355 50.34 -36.17 -36.57
C LYS C 355 49.62 -34.82 -36.77
N GLY C 356 49.96 -33.83 -35.93
CA GLY C 356 49.41 -32.47 -35.97
C GLY C 356 49.79 -31.70 -37.22
N ILE C 357 50.94 -32.08 -37.82
CA ILE C 357 51.56 -31.56 -39.05
C ILE C 357 50.91 -32.23 -40.28
N VAL C 358 50.65 -33.59 -40.20
CA VAL C 358 50.07 -34.46 -41.25
C VAL C 358 48.62 -34.05 -41.58
N ARG C 359 47.98 -33.28 -40.67
CA ARG C 359 46.66 -32.70 -40.91
C ARG C 359 46.83 -31.45 -41.81
N ALA C 360 47.85 -30.59 -41.53
CA ALA C 360 48.17 -29.36 -42.26
C ALA C 360 48.54 -29.56 -43.77
N ILE C 361 49.29 -30.64 -44.12
CA ILE C 361 49.74 -31.00 -45.48
C ILE C 361 48.56 -31.58 -46.33
N ARG C 362 47.67 -32.41 -45.72
CA ARG C 362 46.51 -33.01 -46.39
C ARG C 362 45.43 -31.96 -46.67
N ASP C 363 45.46 -30.84 -45.92
CA ASP C 363 44.55 -29.70 -46.06
C ASP C 363 44.98 -28.87 -47.28
N TYR C 364 46.22 -28.32 -47.23
CA TYR C 364 46.81 -27.52 -48.30
C TYR C 364 47.64 -28.40 -49.26
N GLN C 365 47.11 -29.59 -49.68
CA GLN C 365 47.82 -30.49 -50.61
C GLN C 365 47.80 -29.94 -52.04
N GLY C 366 46.74 -29.22 -52.39
CA GLY C 366 46.55 -28.54 -53.67
C GLY C 366 47.61 -27.49 -53.95
N PRO C 367 47.80 -26.47 -53.07
CA PRO C 367 48.86 -25.46 -53.32
C PRO C 367 50.29 -25.99 -53.26
N LEU C 368 50.57 -27.01 -52.40
CA LEU C 368 51.91 -27.62 -52.30
C LEU C 368 52.32 -28.30 -53.61
N LYS C 369 51.36 -28.91 -54.34
CA LYS C 369 51.60 -29.58 -55.62
C LYS C 369 51.73 -28.54 -56.75
N GLU C 370 50.89 -27.48 -56.70
CA GLU C 370 50.87 -26.37 -57.65
C GLU C 370 52.14 -25.52 -57.57
N HIS C 371 52.64 -25.31 -56.35
CA HIS C 371 53.86 -24.54 -56.09
C HIS C 371 55.11 -25.44 -56.12
N GLU C 372 54.92 -26.77 -56.26
CA GLU C 372 55.95 -27.80 -56.33
C GLU C 372 56.92 -27.72 -55.13
N VAL C 373 56.42 -28.13 -53.94
CA VAL C 373 57.14 -28.10 -52.67
C VAL C 373 57.65 -29.49 -52.30
N THR C 374 58.96 -29.62 -52.14
CA THR C 374 59.65 -30.85 -51.73
C THR C 374 60.01 -30.73 -50.21
N ILE C 375 59.23 -31.44 -49.35
CA ILE C 375 59.35 -31.45 -47.88
C ILE C 375 60.39 -32.46 -47.38
N PHE C 376 61.27 -32.02 -46.47
CA PHE C 376 62.28 -32.85 -45.81
C PHE C 376 61.91 -33.03 -44.34
N VAL C 377 62.03 -34.25 -43.79
CA VAL C 377 61.67 -34.49 -42.39
C VAL C 377 62.85 -35.12 -41.62
N ARG C 378 63.42 -34.41 -40.60
CA ARG C 378 64.53 -34.89 -39.75
C ARG C 378 64.33 -34.55 -38.26
N ARG C 379 63.86 -35.53 -37.45
CA ARG C 379 63.62 -35.39 -36.01
C ARG C 379 63.87 -36.77 -35.29
N GLY C 380 63.95 -36.74 -33.94
CA GLY C 380 64.21 -37.91 -33.11
C GLY C 380 63.76 -37.79 -31.65
N GLY C 381 63.81 -38.93 -30.96
CA GLY C 381 63.42 -39.10 -29.56
C GLY C 381 62.37 -40.20 -29.40
N PRO C 382 61.37 -40.04 -28.49
CA PRO C 382 60.33 -41.08 -28.31
C PRO C 382 59.63 -41.64 -29.59
N ASN C 383 59.87 -42.96 -29.88
CA ASN C 383 59.35 -43.82 -30.99
C ASN C 383 59.43 -43.19 -32.40
N TYR C 384 60.49 -42.42 -32.65
CA TYR C 384 60.71 -41.66 -33.87
C TYR C 384 60.50 -42.44 -35.17
N GLN C 385 60.79 -43.75 -35.18
CA GLN C 385 60.64 -44.64 -36.34
C GLN C 385 59.22 -44.64 -36.94
N GLU C 386 58.20 -44.88 -36.07
CA GLU C 386 56.77 -44.96 -36.39
C GLU C 386 56.11 -43.58 -36.65
N GLY C 387 56.79 -42.50 -36.25
CA GLY C 387 56.41 -41.10 -36.45
C GLY C 387 56.88 -40.56 -37.79
N LEU C 388 58.06 -41.06 -38.27
CA LEU C 388 58.65 -40.76 -39.57
C LEU C 388 57.90 -41.57 -40.63
N ARG C 389 57.10 -42.57 -40.17
CA ARG C 389 56.21 -43.40 -40.99
C ARG C 389 54.95 -42.57 -41.39
N VAL C 390 54.37 -41.79 -40.40
CA VAL C 390 53.22 -40.85 -40.50
C VAL C 390 53.47 -39.85 -41.68
N MET C 391 54.77 -39.46 -41.89
CA MET C 391 55.31 -38.55 -42.92
C MET C 391 55.52 -39.18 -44.31
N GLY C 392 56.18 -40.34 -44.34
CA GLY C 392 56.45 -41.07 -45.57
C GLY C 392 55.18 -41.47 -46.27
N GLU C 393 54.10 -41.70 -45.47
CA GLU C 393 52.76 -42.08 -45.91
C GLU C 393 51.92 -40.90 -46.44
N VAL C 394 51.96 -39.73 -45.77
CA VAL C 394 51.23 -38.51 -46.20
C VAL C 394 51.80 -37.98 -47.55
N GLY C 395 53.08 -38.27 -47.82
CA GLY C 395 53.76 -37.92 -49.07
C GLY C 395 53.30 -38.75 -50.25
N LYS C 396 53.00 -40.04 -50.00
CA LYS C 396 52.52 -41.00 -51.01
C LYS C 396 51.05 -40.75 -51.34
N THR C 397 50.19 -40.60 -50.31
CA THR C 397 48.74 -40.40 -50.42
C THR C 397 48.33 -39.06 -51.05
N THR C 398 49.15 -38.00 -50.90
CA THR C 398 48.86 -36.66 -51.47
C THR C 398 49.60 -36.43 -52.79
N GLY C 399 50.81 -36.96 -52.92
CA GLY C 399 51.64 -36.79 -54.11
C GLY C 399 52.69 -35.71 -53.93
N ILE C 400 52.80 -35.18 -52.69
CA ILE C 400 53.78 -34.15 -52.33
C ILE C 400 55.11 -34.88 -51.99
N PRO C 401 56.29 -34.50 -52.53
CA PRO C 401 57.53 -35.23 -52.17
C PRO C 401 57.99 -35.01 -50.71
N ILE C 402 57.92 -36.08 -49.86
CA ILE C 402 58.37 -36.00 -48.46
C ILE C 402 59.48 -37.06 -48.20
N HIS C 403 60.73 -36.58 -48.05
CA HIS C 403 61.94 -37.38 -47.76
C HIS C 403 62.16 -37.43 -46.23
N VAL C 404 61.90 -38.61 -45.64
CA VAL C 404 62.03 -38.83 -44.21
C VAL C 404 63.45 -39.35 -43.83
N PHE C 405 63.98 -38.81 -42.72
CA PHE C 405 65.28 -39.14 -42.14
C PHE C 405 65.19 -39.22 -40.60
N GLY C 406 65.99 -40.10 -40.02
CA GLY C 406 66.09 -40.24 -38.58
C GLY C 406 67.40 -39.68 -38.12
N THR C 407 67.87 -40.18 -36.96
CA THR C 407 69.14 -39.86 -36.29
C THR C 407 70.35 -40.24 -37.17
N GLU C 408 70.08 -41.11 -38.20
CA GLU C 408 70.97 -41.67 -39.22
C GLU C 408 71.67 -40.57 -39.97
N THR C 409 70.91 -39.79 -40.76
CA THR C 409 71.48 -38.70 -41.53
C THR C 409 71.75 -37.48 -40.64
N HIS C 410 73.00 -36.93 -40.71
CA HIS C 410 73.48 -35.74 -39.98
C HIS C 410 72.38 -34.66 -40.01
N MET C 411 72.12 -34.01 -38.85
CA MET C 411 71.07 -33.02 -38.68
C MET C 411 70.94 -32.03 -39.83
N THR C 412 72.06 -31.44 -40.23
CA THR C 412 72.13 -30.42 -41.28
C THR C 412 72.38 -30.96 -42.71
N ALA C 413 72.61 -32.27 -42.85
CA ALA C 413 72.82 -32.91 -44.16
C ALA C 413 71.59 -32.76 -45.09
N ILE C 414 70.36 -32.66 -44.51
CA ILE C 414 69.06 -32.54 -45.22
C ILE C 414 68.93 -31.22 -46.02
N VAL C 415 69.70 -30.20 -45.64
CA VAL C 415 69.67 -28.88 -46.27
C VAL C 415 70.35 -28.91 -47.66
N GLY C 416 71.54 -29.54 -47.74
CA GLY C 416 72.31 -29.69 -48.97
C GLY C 416 71.56 -30.46 -50.05
N MET C 417 70.89 -31.55 -49.63
CA MET C 417 70.07 -32.43 -50.44
C MET C 417 68.95 -31.66 -51.19
N ALA C 418 68.28 -30.73 -50.47
CA ALA C 418 67.19 -29.87 -50.96
C ALA C 418 67.61 -29.04 -52.16
N LEU C 419 68.91 -29.06 -52.47
CA LEU C 419 69.51 -28.29 -53.55
C LEU C 419 70.28 -29.16 -54.54
N GLY C 420 71.13 -30.06 -54.04
CA GLY C 420 71.93 -30.95 -54.87
C GLY C 420 73.24 -31.41 -54.26
N HIS C 421 73.65 -30.77 -53.16
CA HIS C 421 74.86 -31.06 -52.39
C HIS C 421 74.71 -32.39 -51.62
N LYS C 428 87.97 -26.43 -5.43
CA LYS C 428 86.95 -26.76 -6.43
C LYS C 428 87.38 -27.91 -7.36
N SER C 429 86.61 -28.98 -7.24
CA SER C 429 86.68 -30.36 -7.72
C SER C 429 86.96 -30.60 -9.21
N THR C 430 87.82 -31.63 -9.46
CA THR C 430 88.16 -32.04 -10.83
C THR C 430 87.19 -33.14 -11.27
N THR C 431 86.80 -34.01 -10.32
CA THR C 431 85.82 -35.09 -10.52
C THR C 431 84.51 -34.69 -9.91
N LEU C 432 83.45 -34.75 -10.71
CA LEU C 432 82.16 -34.37 -10.16
C LEU C 432 81.32 -35.60 -9.81
N PHE C 433 81.42 -36.63 -10.69
CA PHE C 433 80.65 -37.83 -10.59
C PHE C 433 81.51 -39.06 -10.69
N SER C 434 81.09 -40.13 -9.99
CA SER C 434 81.72 -41.44 -9.95
C SER C 434 80.62 -42.50 -10.05
N ARG C 435 80.99 -43.80 -10.10
CA ARG C 435 79.99 -44.86 -10.12
C ARG C 435 79.42 -45.09 -8.70
N HIS C 436 79.93 -44.31 -7.73
CA HIS C 436 79.53 -44.32 -6.34
C HIS C 436 78.71 -43.07 -5.96
N THR C 437 78.57 -42.09 -6.88
CA THR C 437 77.87 -40.83 -6.61
C THR C 437 76.43 -41.07 -6.23
N LYS C 438 76.00 -40.49 -5.11
CA LYS C 438 74.63 -40.54 -4.59
C LYS C 438 74.11 -39.09 -4.53
N ALA C 439 72.87 -38.85 -4.98
CA ALA C 439 72.27 -37.52 -5.04
C ALA C 439 70.92 -37.41 -4.33
N ILE C 440 70.51 -36.15 -4.03
CA ILE C 440 69.21 -35.84 -3.46
C ILE C 440 68.49 -35.05 -4.53
N VAL C 441 67.26 -35.46 -4.85
CA VAL C 441 66.45 -34.74 -5.83
C VAL C 441 65.49 -33.83 -5.09
N TRP C 442 65.61 -32.51 -5.29
CA TRP C 442 64.69 -31.57 -4.69
C TRP C 442 63.53 -31.44 -5.66
N GLY C 443 62.36 -31.89 -5.22
CA GLY C 443 61.14 -31.86 -6.00
C GLY C 443 60.52 -33.21 -6.18
N MET C 444 59.25 -33.25 -6.64
CA MET C 444 58.56 -34.49 -6.88
C MET C 444 58.65 -34.86 -8.36
N GLN C 445 59.79 -35.42 -8.76
CA GLN C 445 60.09 -35.79 -10.14
C GLN C 445 60.26 -37.28 -10.31
N THR C 446 59.14 -38.00 -10.34
CA THR C 446 59.08 -39.45 -10.46
C THR C 446 59.69 -39.98 -11.76
N ARG C 447 59.34 -39.38 -12.91
CA ARG C 447 59.89 -39.80 -14.20
C ARG C 447 61.39 -39.59 -14.29
N ALA C 448 61.91 -38.42 -13.79
CA ALA C 448 63.35 -38.11 -13.80
C ALA C 448 64.12 -39.13 -12.99
N VAL C 449 63.65 -39.41 -11.73
CA VAL C 449 64.26 -40.38 -10.82
C VAL C 449 64.27 -41.76 -11.44
N GLN C 450 63.14 -42.20 -12.01
CA GLN C 450 63.09 -43.52 -12.63
C GLN C 450 64.06 -43.61 -13.83
N GLY C 451 64.17 -42.53 -14.57
CA GLY C 451 65.07 -42.41 -15.72
C GLY C 451 66.50 -42.62 -15.31
N MET C 452 66.91 -41.92 -14.22
CA MET C 452 68.22 -42.02 -13.60
C MET C 452 68.50 -43.45 -13.18
N LEU C 453 67.56 -44.08 -12.48
CA LEU C 453 67.64 -45.44 -11.99
C LEU C 453 67.74 -46.51 -13.10
N ASP C 454 67.20 -46.24 -14.29
CA ASP C 454 67.29 -47.19 -15.39
C ASP C 454 68.64 -47.03 -16.07
N PHE C 455 69.17 -45.80 -16.10
CA PHE C 455 70.50 -45.57 -16.62
C PHE C 455 71.49 -46.27 -15.72
N ASP C 456 71.32 -46.16 -14.38
CA ASP C 456 72.20 -46.79 -13.40
C ASP C 456 72.22 -48.29 -13.57
N TYR C 457 71.05 -48.92 -13.75
CA TYR C 457 70.93 -50.38 -13.92
C TYR C 457 71.67 -50.85 -15.14
N VAL C 458 71.44 -50.16 -16.26
CA VAL C 458 72.04 -50.44 -17.55
C VAL C 458 73.57 -50.16 -17.55
N CYS C 459 74.06 -49.30 -16.65
CA CYS C 459 75.48 -48.99 -16.51
C CYS C 459 76.18 -50.01 -15.66
N SER C 460 75.38 -50.96 -15.13
CA SER C 460 75.76 -52.05 -14.25
C SER C 460 76.25 -51.52 -12.89
N ARG C 461 75.66 -50.38 -12.43
CA ARG C 461 75.99 -49.77 -11.14
C ARG C 461 75.53 -50.70 -10.04
N ASP C 462 76.24 -50.72 -8.91
CA ASP C 462 75.87 -51.59 -7.80
C ASP C 462 74.68 -51.04 -7.00
N GLU C 463 74.57 -49.70 -6.93
CA GLU C 463 73.50 -49.03 -6.20
C GLU C 463 72.86 -47.91 -7.00
N PRO C 464 71.58 -47.55 -6.73
CA PRO C 464 70.95 -46.45 -7.46
C PRO C 464 71.58 -45.09 -7.12
N SER C 465 71.61 -44.17 -8.09
CA SER C 465 72.22 -42.86 -7.89
C SER C 465 71.35 -41.89 -7.08
N VAL C 466 70.04 -42.15 -6.93
CA VAL C 466 69.14 -41.29 -6.14
C VAL C 466 69.00 -41.88 -4.74
N ALA C 467 69.48 -41.16 -3.70
CA ALA C 467 69.39 -41.60 -2.30
C ALA C 467 68.08 -41.20 -1.60
N ALA C 468 67.58 -39.97 -1.86
CA ALA C 468 66.35 -39.44 -1.31
C ALA C 468 65.80 -38.29 -2.14
N MET C 469 64.54 -37.91 -1.87
CA MET C 469 63.84 -36.80 -2.51
C MET C 469 63.32 -35.84 -1.47
N VAL C 470 63.29 -34.53 -1.79
CA VAL C 470 62.76 -33.48 -0.90
C VAL C 470 61.52 -32.82 -1.52
N TYR C 471 60.37 -33.01 -0.92
CA TYR C 471 59.12 -32.42 -1.41
C TYR C 471 58.36 -31.82 -0.25
N PRO C 472 58.40 -30.48 -0.17
CA PRO C 472 57.86 -29.76 1.00
C PRO C 472 56.38 -29.83 1.33
N PHE C 473 55.54 -30.32 0.40
CA PHE C 473 54.07 -30.31 0.58
C PHE C 473 53.51 -31.54 1.25
N THR C 474 54.22 -32.65 1.15
CA THR C 474 53.81 -33.92 1.75
C THR C 474 54.66 -34.20 2.99
N GLY C 475 54.13 -35.02 3.88
CA GLY C 475 54.90 -35.49 5.02
C GLY C 475 55.88 -36.55 4.57
N ASP C 476 56.89 -36.89 5.40
CA ASP C 476 57.89 -37.91 5.07
C ASP C 476 57.18 -39.24 4.70
N HIS C 477 57.60 -39.87 3.60
CA HIS C 477 57.07 -41.13 3.10
C HIS C 477 58.08 -41.82 2.19
N LYS C 478 57.73 -43.04 1.68
CA LYS C 478 58.63 -43.79 0.79
C LYS C 478 57.96 -43.96 -0.55
N GLN C 479 58.71 -43.80 -1.62
CA GLN C 479 58.17 -43.94 -2.94
C GLN C 479 58.73 -45.19 -3.60
N LYS C 480 57.85 -45.97 -4.27
CA LYS C 480 58.18 -47.18 -4.99
C LYS C 480 58.80 -46.85 -6.35
N PHE C 481 59.88 -47.57 -6.69
CA PHE C 481 60.61 -47.39 -7.95
C PHE C 481 61.11 -48.74 -8.45
N TYR C 482 61.67 -48.78 -9.67
CA TYR C 482 62.17 -50.01 -10.26
C TYR C 482 63.70 -50.06 -10.42
N TRP C 483 64.32 -51.12 -9.88
CA TRP C 483 65.74 -51.42 -10.05
C TRP C 483 65.80 -52.63 -10.98
N GLY C 484 65.59 -52.34 -12.25
CA GLY C 484 65.51 -53.33 -13.31
C GLY C 484 64.10 -53.80 -13.41
N HIS C 485 63.74 -54.81 -12.63
CA HIS C 485 62.39 -55.40 -12.58
C HIS C 485 61.98 -55.64 -11.13
N LYS C 486 62.88 -55.30 -10.23
CA LYS C 486 62.69 -55.39 -8.80
C LYS C 486 62.19 -54.03 -8.28
N GLU C 487 61.15 -54.04 -7.46
CA GLU C 487 60.67 -52.82 -6.86
C GLU C 487 61.53 -52.47 -5.64
N ILE C 488 61.95 -51.18 -5.55
CA ILE C 488 62.74 -50.60 -4.46
C ILE C 488 62.06 -49.37 -3.90
N LEU C 489 62.45 -48.95 -2.67
CA LEU C 489 61.84 -47.77 -2.06
C LEU C 489 62.82 -46.63 -1.87
N ILE C 490 62.42 -45.42 -2.28
CA ILE C 490 63.24 -44.24 -2.08
C ILE C 490 62.56 -43.32 -1.07
N PRO C 491 63.28 -42.87 -0.01
CA PRO C 491 62.63 -41.98 0.96
C PRO C 491 62.37 -40.55 0.43
N VAL C 492 61.22 -40.00 0.79
CA VAL C 492 60.81 -38.65 0.44
C VAL C 492 60.68 -37.86 1.76
N PHE C 493 61.39 -36.73 1.87
CA PHE C 493 61.45 -35.85 3.06
C PHE C 493 60.78 -34.50 2.87
N LYS C 494 60.06 -34.03 3.92
CA LYS C 494 59.42 -32.74 3.90
C LYS C 494 60.52 -31.67 4.02
N ASN C 495 61.51 -31.91 4.95
CA ASN C 495 62.62 -30.98 5.24
C ASN C 495 63.96 -31.49 4.74
N MET C 496 64.73 -30.61 4.09
CA MET C 496 66.06 -30.96 3.56
C MET C 496 67.04 -31.32 4.65
N ALA C 497 66.89 -30.68 5.82
CA ALA C 497 67.71 -30.92 6.99
C ALA C 497 67.69 -32.41 7.36
N ASP C 498 66.49 -33.05 7.34
CA ASP C 498 66.32 -34.46 7.66
C ASP C 498 66.96 -35.36 6.64
N ALA C 499 66.82 -35.02 5.35
CA ALA C 499 67.38 -35.79 4.23
C ALA C 499 68.92 -35.87 4.36
N MET C 500 69.54 -34.70 4.58
CA MET C 500 70.98 -34.56 4.74
C MET C 500 71.48 -35.39 5.90
N ARG C 501 70.76 -35.30 7.03
CA ARG C 501 71.11 -35.98 8.28
C ARG C 501 71.13 -37.49 8.08
N LYS C 502 70.07 -38.03 7.48
CA LYS C 502 69.91 -39.47 7.26
C LYS C 502 70.77 -39.97 6.08
N HIS C 503 71.23 -39.06 5.21
CA HIS C 503 72.03 -39.44 4.05
C HIS C 503 73.36 -38.65 3.92
N PRO C 504 74.34 -38.91 4.80
CA PRO C 504 75.62 -38.22 4.71
C PRO C 504 76.46 -38.57 3.47
N GLU C 505 76.18 -39.72 2.84
CA GLU C 505 76.82 -40.24 1.62
C GLU C 505 76.56 -39.36 0.35
N VAL C 506 75.46 -38.56 0.37
CA VAL C 506 75.04 -37.68 -0.73
C VAL C 506 75.96 -36.48 -0.85
N ASP C 507 76.43 -36.20 -2.08
CA ASP C 507 77.30 -35.06 -2.37
C ASP C 507 76.81 -34.24 -3.55
N VAL C 508 75.73 -34.70 -4.20
CA VAL C 508 75.14 -34.00 -5.34
C VAL C 508 73.69 -33.66 -5.04
N LEU C 509 73.26 -32.47 -5.44
CA LEU C 509 71.85 -32.12 -5.33
C LEU C 509 71.32 -31.69 -6.69
N ILE C 510 70.23 -32.35 -7.14
CA ILE C 510 69.54 -32.01 -8.38
C ILE C 510 68.30 -31.18 -8.00
N ASN C 511 68.28 -29.91 -8.40
CA ASN C 511 67.24 -28.98 -7.99
C ASN C 511 66.19 -28.66 -9.07
N PHE C 512 65.04 -29.34 -8.92
CA PHE C 512 63.87 -29.16 -9.77
C PHE C 512 62.88 -28.08 -9.28
N ALA C 513 63.30 -27.25 -8.30
CA ALA C 513 62.44 -26.18 -7.80
C ALA C 513 62.15 -25.22 -8.95
N SER C 514 60.90 -24.65 -8.98
CA SER C 514 60.43 -23.66 -9.99
C SER C 514 61.32 -22.43 -9.96
N LEU C 515 61.32 -21.58 -11.01
CA LEU C 515 62.15 -20.37 -10.96
C LEU C 515 61.93 -19.53 -9.73
N ARG C 516 60.68 -19.45 -9.23
CA ARG C 516 60.38 -18.69 -8.04
C ARG C 516 61.06 -19.29 -6.80
N SER C 517 60.97 -20.61 -6.59
CA SER C 517 61.54 -21.20 -5.38
C SER C 517 63.03 -21.70 -5.48
N ALA C 518 63.64 -21.71 -6.68
CA ALA C 518 65.03 -22.15 -6.95
C ALA C 518 66.13 -21.44 -6.20
N TYR C 519 66.05 -20.10 -6.05
CA TYR C 519 67.13 -19.37 -5.38
C TYR C 519 67.28 -19.81 -3.94
N ASP C 520 66.20 -19.72 -3.17
CA ASP C 520 66.19 -20.03 -1.75
C ASP C 520 66.59 -21.45 -1.46
N SER C 521 66.05 -22.43 -2.22
CA SER C 521 66.37 -23.85 -2.06
C SER C 521 67.85 -24.12 -2.29
N THR C 522 68.48 -23.43 -3.29
CA THR C 522 69.91 -23.61 -3.60
C THR C 522 70.77 -23.00 -2.50
N MET C 523 70.38 -21.82 -2.05
CA MET C 523 71.07 -21.11 -1.00
C MET C 523 71.08 -21.95 0.26
N GLU C 524 69.95 -22.62 0.58
CA GLU C 524 69.76 -23.53 1.71
C GLU C 524 70.71 -24.72 1.60
N THR C 525 70.79 -25.35 0.42
CA THR C 525 71.65 -26.51 0.14
C THR C 525 73.10 -26.21 0.48
N MET C 526 73.54 -24.96 0.24
CA MET C 526 74.94 -24.55 0.47
C MET C 526 75.30 -24.45 1.94
N ASN C 527 74.30 -24.64 2.82
CA ASN C 527 74.49 -24.70 4.27
C ASN C 527 74.86 -26.13 4.70
N TYR C 528 74.77 -27.09 3.76
CA TYR C 528 75.17 -28.49 3.97
C TYR C 528 76.42 -28.70 3.14
N ALA C 529 77.55 -28.78 3.88
CA ALA C 529 78.91 -28.92 3.37
C ALA C 529 79.16 -30.21 2.59
N GLN C 530 78.34 -31.26 2.84
CA GLN C 530 78.43 -32.55 2.15
C GLN C 530 78.19 -32.41 0.67
N ILE C 531 77.29 -31.47 0.28
CA ILE C 531 76.91 -31.18 -1.12
C ILE C 531 77.98 -30.36 -1.77
N ARG C 532 78.57 -30.92 -2.82
CA ARG C 532 79.68 -30.32 -3.56
C ARG C 532 79.31 -29.86 -4.99
N THR C 533 78.23 -30.42 -5.53
CA THR C 533 77.74 -30.12 -6.87
C THR C 533 76.23 -29.94 -6.79
N ILE C 534 75.73 -28.85 -7.37
CA ILE C 534 74.31 -28.55 -7.41
C ILE C 534 73.94 -28.36 -8.87
N ALA C 535 72.90 -29.07 -9.36
CA ALA C 535 72.40 -28.88 -10.71
C ALA C 535 71.06 -28.08 -10.60
N ILE C 536 71.01 -26.89 -11.20
CA ILE C 536 69.83 -26.04 -11.17
C ILE C 536 69.15 -26.14 -12.54
N ILE C 537 67.96 -26.75 -12.55
CA ILE C 537 67.23 -27.05 -13.77
C ILE C 537 66.40 -25.87 -14.28
N ALA C 538 65.83 -25.11 -13.36
CA ALA C 538 64.92 -24.03 -13.66
C ALA C 538 65.40 -22.97 -14.67
N GLU C 539 64.55 -22.66 -15.64
CA GLU C 539 64.85 -21.60 -16.62
C GLU C 539 64.01 -20.38 -16.23
N GLY C 540 64.68 -19.24 -15.98
CA GLY C 540 63.96 -18.01 -15.64
C GLY C 540 64.30 -17.30 -14.34
N ILE C 541 65.37 -17.75 -13.64
CA ILE C 541 65.83 -17.10 -12.39
C ILE C 541 66.44 -15.69 -12.75
N PRO C 542 65.85 -14.61 -12.18
CA PRO C 542 66.40 -13.26 -12.40
C PRO C 542 67.91 -13.25 -12.18
N GLU C 543 68.60 -12.59 -13.13
CA GLU C 543 70.05 -12.54 -13.32
C GLU C 543 70.75 -12.17 -12.05
N ALA C 544 70.26 -11.13 -11.38
CA ALA C 544 70.79 -10.65 -10.10
C ALA C 544 70.87 -11.73 -9.01
N LEU C 545 69.91 -12.67 -8.95
CA LEU C 545 69.88 -13.74 -7.95
C LEU C 545 70.89 -14.80 -8.33
N THR C 546 70.98 -15.09 -9.64
CA THR C 546 71.93 -16.06 -10.17
C THR C 546 73.35 -15.58 -9.90
N ARG C 547 73.61 -14.25 -9.88
CA ARG C 547 74.96 -13.78 -9.54
C ARG C 547 75.29 -14.07 -8.10
N LYS C 548 74.29 -13.89 -7.20
CA LYS C 548 74.45 -14.06 -5.75
C LYS C 548 74.72 -15.50 -5.46
N LEU C 549 74.01 -16.38 -6.22
CA LEU C 549 74.16 -17.83 -6.18
C LEU C 549 75.58 -18.22 -6.53
N ILE C 550 76.10 -17.64 -7.64
CA ILE C 550 77.50 -17.78 -8.07
C ILE C 550 78.42 -17.40 -6.91
N LYS C 551 78.38 -16.17 -6.42
CA LYS C 551 79.20 -15.70 -5.29
C LYS C 551 79.31 -16.71 -4.14
N LYS C 552 78.16 -17.19 -3.59
CA LYS C 552 78.19 -18.15 -2.49
C LYS C 552 78.84 -19.48 -2.91
N ALA C 553 78.49 -20.04 -4.10
CA ALA C 553 79.06 -21.31 -4.53
C ALA C 553 80.55 -21.19 -4.63
N ASP C 554 81.04 -20.11 -5.25
CA ASP C 554 82.46 -19.84 -5.43
C ASP C 554 83.22 -19.84 -4.12
N GLN C 555 82.68 -19.15 -3.13
CA GLN C 555 83.29 -19.05 -1.82
C GLN C 555 83.13 -20.33 -0.98
N LYS C 556 82.17 -21.18 -1.34
CA LYS C 556 81.94 -22.43 -0.62
C LYS C 556 82.53 -23.65 -1.37
N GLY C 557 83.12 -23.42 -2.55
CA GLY C 557 83.75 -24.43 -3.38
C GLY C 557 82.80 -25.37 -4.09
N VAL C 558 81.51 -24.98 -4.15
CA VAL C 558 80.47 -25.73 -4.79
C VAL C 558 80.43 -25.47 -6.27
N THR C 559 80.31 -26.56 -7.03
CA THR C 559 80.18 -26.48 -8.48
C THR C 559 78.70 -26.41 -8.82
N ILE C 560 78.29 -25.37 -9.55
CA ILE C 560 76.91 -25.19 -9.98
C ILE C 560 76.81 -25.59 -11.43
N ILE C 561 75.97 -26.55 -11.77
CA ILE C 561 75.70 -26.86 -13.16
C ILE C 561 74.29 -26.27 -13.41
N GLY C 562 74.23 -25.25 -14.23
CA GLY C 562 73.00 -24.56 -14.49
C GLY C 562 73.15 -23.10 -14.10
N PRO C 563 72.04 -22.31 -13.96
CA PRO C 563 70.63 -22.69 -14.14
C PRO C 563 70.28 -22.90 -15.61
N ALA C 564 69.00 -23.23 -15.87
CA ALA C 564 68.41 -23.45 -17.20
C ALA C 564 69.13 -24.50 -17.97
N THR C 565 69.41 -25.62 -17.29
CA THR C 565 70.08 -26.77 -17.88
C THR C 565 69.30 -28.05 -17.70
N VAL C 566 69.59 -29.02 -18.59
CA VAL C 566 69.05 -30.38 -18.51
C VAL C 566 70.00 -31.16 -17.55
N GLY C 567 71.26 -30.71 -17.54
CA GLY C 567 72.31 -31.25 -16.71
C GLY C 567 73.51 -31.72 -17.50
N GLY C 568 73.90 -32.95 -17.26
CA GLY C 568 75.02 -33.59 -17.90
C GLY C 568 74.93 -35.08 -17.75
N ILE C 569 75.90 -35.79 -18.33
CA ILE C 569 75.96 -37.25 -18.32
C ILE C 569 77.39 -37.76 -18.30
N LYS C 570 77.67 -38.69 -17.40
CA LYS C 570 78.96 -39.36 -17.30
C LYS C 570 78.66 -40.86 -17.56
N PRO C 571 78.69 -41.31 -18.86
CA PRO C 571 78.43 -42.73 -19.17
C PRO C 571 79.14 -43.73 -18.26
N GLY C 572 78.32 -44.62 -17.72
CA GLY C 572 78.77 -45.64 -16.78
C GLY C 572 78.71 -45.21 -15.33
N CYS C 573 78.55 -43.90 -15.06
CA CYS C 573 78.59 -43.39 -13.69
C CYS C 573 77.36 -42.72 -13.23
N PHE C 574 76.99 -41.61 -13.86
CA PHE C 574 75.92 -40.79 -13.37
C PHE C 574 75.30 -39.95 -14.48
N LYS C 575 73.98 -39.71 -14.40
CA LYS C 575 73.23 -38.92 -15.38
C LYS C 575 72.40 -37.92 -14.59
N ILE C 576 72.54 -36.63 -14.88
CA ILE C 576 71.75 -35.62 -14.17
C ILE C 576 70.31 -35.60 -14.72
N GLY C 577 69.38 -36.05 -13.87
CA GLY C 577 67.96 -36.04 -14.14
C GLY C 577 67.56 -36.56 -15.49
N ASN C 578 67.11 -35.67 -16.40
CA ASN C 578 66.59 -36.11 -17.71
C ASN C 578 67.59 -36.11 -18.86
N THR C 579 68.88 -35.77 -18.60
CA THR C 579 69.89 -35.75 -19.64
C THR C 579 69.85 -37.07 -20.39
N GLY C 580 69.82 -36.99 -21.71
CA GLY C 580 69.85 -38.18 -22.56
C GLY C 580 68.51 -38.80 -22.87
N GLY C 581 67.48 -38.41 -22.11
CA GLY C 581 66.12 -38.88 -22.30
C GLY C 581 65.87 -40.33 -21.93
N MET C 582 65.02 -40.99 -22.76
CA MET C 582 64.56 -42.37 -22.59
C MET C 582 65.69 -43.35 -22.80
N LEU C 583 65.55 -44.55 -22.19
CA LEU C 583 66.57 -45.60 -22.28
C LEU C 583 66.98 -45.89 -23.69
N ASP C 584 66.01 -46.01 -24.61
CA ASP C 584 66.27 -46.26 -26.02
C ASP C 584 67.29 -45.30 -26.62
N ASN C 585 67.29 -44.00 -26.21
CA ASN C 585 68.32 -43.07 -26.68
C ASN C 585 69.66 -43.33 -26.01
N ILE C 586 69.65 -43.66 -24.70
CA ILE C 586 70.86 -43.99 -23.94
C ILE C 586 71.56 -45.20 -24.61
N LEU C 587 70.77 -46.20 -25.00
CA LEU C 587 71.26 -47.38 -25.68
C LEU C 587 71.71 -47.09 -27.12
N ALA C 588 70.90 -46.32 -27.86
CA ALA C 588 71.19 -45.92 -29.25
C ALA C 588 72.53 -45.17 -29.40
N SER C 589 72.80 -44.24 -28.47
CA SER C 589 74.01 -43.47 -28.48
C SER C 589 75.07 -44.09 -27.57
N LYS C 590 74.89 -45.39 -27.20
CA LYS C 590 75.80 -46.20 -26.37
C LYS C 590 76.37 -45.40 -25.18
N LEU C 591 75.48 -44.85 -24.37
CA LEU C 591 75.81 -44.03 -23.19
C LEU C 591 75.88 -44.86 -21.89
N TYR C 592 75.73 -46.19 -21.98
CA TYR C 592 75.82 -47.09 -20.83
C TYR C 592 77.29 -47.42 -20.51
N ARG C 593 78.20 -47.02 -21.43
CA ARG C 593 79.61 -47.25 -21.32
C ARG C 593 80.37 -46.02 -21.77
N PRO C 594 81.55 -45.81 -21.15
CA PRO C 594 82.35 -44.62 -21.50
C PRO C 594 83.25 -44.78 -22.70
N GLY C 595 83.61 -43.63 -23.25
CA GLY C 595 84.50 -43.44 -24.39
C GLY C 595 85.68 -42.58 -23.97
N SER C 596 86.24 -41.83 -24.92
CA SER C 596 87.41 -40.97 -24.67
C SER C 596 87.15 -39.49 -24.99
N VAL C 597 85.91 -39.17 -25.44
CA VAL C 597 85.52 -37.82 -25.83
C VAL C 597 84.68 -37.11 -24.78
N ALA C 598 85.12 -35.92 -24.34
CA ALA C 598 84.39 -35.11 -23.36
C ALA C 598 83.90 -33.86 -24.05
N TYR C 599 82.67 -33.45 -23.77
CA TYR C 599 82.14 -32.25 -24.40
C TYR C 599 81.50 -31.30 -23.43
N VAL C 600 81.35 -30.05 -23.86
CA VAL C 600 80.70 -28.99 -23.13
C VAL C 600 79.91 -28.14 -24.13
N SER C 601 78.63 -27.88 -23.83
CA SER C 601 77.69 -27.16 -24.69
C SER C 601 76.86 -26.19 -23.88
N ARG C 602 76.27 -25.17 -24.52
CA ARG C 602 75.38 -24.27 -23.80
C ARG C 602 73.97 -24.88 -23.84
N SER C 603 73.52 -25.29 -25.06
CA SER C 603 72.20 -25.91 -25.31
C SER C 603 72.08 -27.36 -24.79
N GLY C 604 70.98 -27.65 -24.10
CA GLY C 604 70.63 -28.99 -23.65
C GLY C 604 70.21 -29.91 -24.80
N GLY C 605 69.52 -29.34 -25.79
CA GLY C 605 69.07 -30.07 -26.98
C GLY C 605 70.20 -30.47 -27.90
N MET C 606 71.17 -29.56 -28.04
CA MET C 606 72.39 -29.75 -28.83
C MET C 606 73.26 -30.82 -28.22
N SER C 607 73.22 -30.92 -26.87
CA SER C 607 73.97 -31.91 -26.11
C SER C 607 73.52 -33.30 -26.51
N ASN C 608 72.21 -33.46 -26.72
CA ASN C 608 71.65 -34.72 -27.15
C ASN C 608 72.13 -35.08 -28.53
N GLU C 609 72.22 -34.09 -29.45
CA GLU C 609 72.70 -34.31 -30.82
C GLU C 609 74.19 -34.69 -30.81
N LEU C 610 74.99 -34.02 -29.94
CA LEU C 610 76.42 -34.29 -29.76
C LEU C 610 76.68 -35.73 -29.33
N ASN C 611 75.83 -36.28 -28.42
CA ASN C 611 75.93 -37.67 -27.95
C ASN C 611 75.81 -38.61 -29.16
N ASN C 612 74.84 -38.31 -30.04
CA ASN C 612 74.61 -39.05 -31.25
C ASN C 612 75.83 -38.95 -32.18
N ILE C 613 76.32 -37.72 -32.47
CA ILE C 613 77.47 -37.46 -33.34
C ILE C 613 78.70 -38.21 -32.85
N ILE C 614 79.10 -37.97 -31.60
CA ILE C 614 80.25 -38.57 -30.96
C ILE C 614 80.19 -40.10 -30.97
N SER C 615 79.03 -40.70 -30.62
CA SER C 615 78.89 -42.16 -30.60
C SER C 615 79.12 -42.80 -31.98
N ARG C 616 78.68 -42.13 -33.06
CA ARG C 616 78.78 -42.62 -34.43
C ARG C 616 80.17 -42.46 -35.03
N THR C 617 80.90 -41.45 -34.58
CA THR C 617 82.22 -41.12 -35.13
C THR C 617 83.41 -41.63 -34.28
N THR C 618 83.23 -41.76 -32.96
CA THR C 618 84.30 -42.15 -32.04
C THR C 618 83.91 -43.35 -31.17
N ASP C 619 84.70 -43.59 -30.10
CA ASP C 619 84.52 -44.66 -29.14
C ASP C 619 83.47 -44.31 -28.10
N GLY C 620 82.97 -43.09 -28.15
CA GLY C 620 81.91 -42.61 -27.26
C GLY C 620 82.24 -41.45 -26.35
N VAL C 621 81.22 -41.02 -25.60
CA VAL C 621 81.31 -39.92 -24.64
C VAL C 621 81.91 -40.43 -23.34
N TYR C 622 82.93 -39.71 -22.80
CA TYR C 622 83.52 -39.97 -21.51
C TYR C 622 82.64 -39.25 -20.46
N GLU C 623 82.37 -37.93 -20.68
CA GLU C 623 81.58 -37.03 -19.86
C GLU C 623 81.09 -35.88 -20.72
N GLY C 624 79.86 -35.46 -20.52
CA GLY C 624 79.26 -34.35 -21.25
C GLY C 624 78.50 -33.44 -20.32
N VAL C 625 78.56 -32.11 -20.54
CA VAL C 625 77.88 -31.11 -19.72
C VAL C 625 77.22 -30.05 -20.59
N ALA C 626 75.95 -29.68 -20.26
CA ALA C 626 75.20 -28.54 -20.84
C ALA C 626 75.30 -27.45 -19.73
N ILE C 627 76.01 -26.34 -19.96
CA ILE C 627 76.22 -25.32 -18.93
C ILE C 627 74.98 -24.45 -18.67
N GLY C 628 73.96 -24.58 -19.52
CA GLY C 628 72.74 -23.79 -19.39
C GLY C 628 72.81 -22.57 -20.26
N GLY C 629 71.69 -21.92 -20.46
CA GLY C 629 71.65 -20.75 -21.31
C GLY C 629 71.50 -19.41 -20.65
N ASP C 630 71.54 -19.34 -19.30
CA ASP C 630 71.32 -18.05 -18.67
C ASP C 630 72.57 -17.11 -18.90
N ARG C 631 72.41 -15.78 -18.71
CA ARG C 631 73.47 -14.78 -18.94
C ARG C 631 74.71 -15.12 -18.16
N TYR C 632 74.54 -15.44 -16.87
CA TYR C 632 75.66 -15.81 -16.02
C TYR C 632 75.49 -17.26 -15.56
N PRO C 633 76.20 -18.22 -16.19
CA PRO C 633 76.04 -19.62 -15.80
C PRO C 633 76.92 -19.98 -14.60
N GLY C 634 76.41 -20.82 -13.71
CA GLY C 634 77.13 -21.24 -12.52
C GLY C 634 78.53 -21.75 -12.76
N SER C 635 78.72 -22.48 -13.86
CA SER C 635 80.01 -23.03 -14.27
C SER C 635 80.07 -22.75 -15.74
N THR C 636 81.21 -22.21 -16.18
CA THR C 636 81.45 -21.80 -17.54
C THR C 636 82.20 -22.85 -18.34
N PHE C 637 82.38 -22.59 -19.67
CA PHE C 637 83.11 -23.47 -20.60
C PHE C 637 84.53 -23.77 -20.09
N MET C 638 85.25 -22.73 -19.65
CA MET C 638 86.61 -22.91 -19.16
C MET C 638 86.68 -23.79 -17.96
N ASP C 639 85.76 -23.61 -17.02
CA ASP C 639 85.69 -24.39 -15.79
C ASP C 639 85.77 -25.88 -16.11
N HIS C 640 84.89 -26.33 -17.02
CA HIS C 640 84.81 -27.72 -17.45
C HIS C 640 85.93 -28.17 -18.38
N VAL C 641 86.40 -27.30 -19.30
CA VAL C 641 87.51 -27.64 -20.21
C VAL C 641 88.75 -28.01 -19.38
N LEU C 642 89.03 -27.22 -18.31
CA LEU C 642 90.15 -27.48 -17.41
C LEU C 642 89.96 -28.73 -16.63
N ARG C 643 88.69 -29.08 -16.25
CA ARG C 643 88.43 -30.34 -15.54
C ARG C 643 88.84 -31.49 -16.46
N TYR C 644 88.39 -31.41 -17.74
CA TYR C 644 88.62 -32.39 -18.80
C TYR C 644 90.10 -32.51 -19.14
N GLN C 645 90.83 -31.39 -19.18
CA GLN C 645 92.26 -31.38 -19.43
C GLN C 645 92.97 -32.16 -18.31
N ASP C 646 92.45 -32.07 -17.08
CA ASP C 646 93.03 -32.72 -15.90
C ASP C 646 92.51 -34.13 -15.57
N THR C 647 91.56 -34.65 -16.36
CA THR C 647 91.02 -36.00 -16.21
C THR C 647 91.80 -36.91 -17.16
N PRO C 648 92.53 -37.94 -16.66
CA PRO C 648 93.33 -38.77 -17.56
C PRO C 648 92.55 -39.57 -18.62
N GLY C 649 91.32 -39.96 -18.29
CA GLY C 649 90.44 -40.71 -19.18
C GLY C 649 89.96 -39.98 -20.41
N VAL C 650 90.01 -38.64 -20.35
CA VAL C 650 89.63 -37.76 -21.47
C VAL C 650 90.81 -37.68 -22.43
N LYS C 651 90.59 -38.04 -23.70
CA LYS C 651 91.65 -38.00 -24.70
C LYS C 651 91.48 -36.83 -25.69
N MET C 652 90.25 -36.32 -25.81
CA MET C 652 89.90 -35.17 -26.67
C MET C 652 88.65 -34.46 -26.17
N ILE C 653 88.59 -33.14 -26.40
CA ILE C 653 87.51 -32.26 -25.93
C ILE C 653 86.75 -31.59 -27.09
N VAL C 654 85.42 -31.55 -26.99
CA VAL C 654 84.54 -30.93 -28.00
C VAL C 654 83.77 -29.80 -27.33
N VAL C 655 83.88 -28.58 -27.88
CA VAL C 655 83.19 -27.41 -27.31
C VAL C 655 82.19 -26.87 -28.31
N LEU C 656 80.94 -26.76 -27.90
CA LEU C 656 79.96 -26.20 -28.81
C LEU C 656 79.55 -24.83 -28.29
N GLY C 657 80.27 -23.82 -28.78
CA GLY C 657 80.08 -22.43 -28.43
C GLY C 657 78.84 -21.79 -28.99
N GLU C 658 78.80 -20.46 -28.91
CA GLU C 658 77.67 -19.66 -29.38
C GLU C 658 78.10 -18.22 -29.59
N ILE C 659 77.29 -17.49 -30.36
CA ILE C 659 77.46 -16.05 -30.59
C ILE C 659 77.20 -15.34 -29.25
N GLY C 660 77.97 -14.31 -28.99
CA GLY C 660 77.83 -13.57 -27.75
C GLY C 660 78.68 -14.12 -26.63
N GLY C 661 79.26 -13.21 -25.86
CA GLY C 661 80.17 -13.56 -24.79
C GLY C 661 81.57 -13.69 -25.36
N THR C 662 82.56 -13.83 -24.48
CA THR C 662 83.97 -13.92 -24.87
C THR C 662 84.65 -15.10 -24.19
N GLU C 663 83.82 -16.00 -23.61
CA GLU C 663 84.27 -17.19 -22.89
C GLU C 663 85.22 -18.05 -23.74
N GLU C 664 84.83 -18.31 -25.00
CA GLU C 664 85.56 -19.10 -25.99
C GLU C 664 87.02 -18.64 -26.20
N TYR C 665 87.30 -17.36 -25.92
CA TYR C 665 88.64 -16.78 -26.06
C TYR C 665 89.57 -17.23 -24.93
N LYS C 666 88.99 -17.66 -23.76
CA LYS C 666 89.76 -18.16 -22.60
C LYS C 666 90.46 -19.46 -23.00
N ILE C 667 89.84 -20.21 -23.96
CA ILE C 667 90.37 -21.45 -24.53
C ILE C 667 91.63 -21.14 -25.34
N CYS C 668 91.58 -20.08 -26.20
CA CYS C 668 92.71 -19.65 -27.02
C CYS C 668 93.89 -19.34 -26.14
N ARG C 669 93.59 -18.56 -25.07
CA ARG C 669 94.52 -18.13 -24.04
C ARG C 669 95.13 -19.34 -23.34
N GLY C 670 94.29 -20.31 -22.96
CA GLY C 670 94.71 -21.53 -22.30
C GLY C 670 95.70 -22.37 -23.10
N ILE C 671 95.45 -22.46 -24.41
CA ILE C 671 96.27 -23.20 -25.40
C ILE C 671 97.60 -22.50 -25.52
N LYS C 672 97.58 -21.15 -25.75
CA LYS C 672 98.74 -20.25 -25.85
C LYS C 672 99.66 -20.45 -24.64
N GLU C 673 99.10 -20.35 -23.42
CA GLU C 673 99.75 -20.50 -22.12
C GLU C 673 100.28 -21.92 -21.84
N GLY C 674 99.87 -22.88 -22.67
CA GLY C 674 100.30 -24.27 -22.58
C GLY C 674 99.60 -25.07 -21.52
N ARG C 675 98.50 -24.51 -20.99
CA ARG C 675 97.67 -25.17 -19.98
C ARG C 675 96.87 -26.27 -20.62
N LEU C 676 96.26 -26.00 -21.81
CA LEU C 676 95.45 -26.94 -22.59
C LEU C 676 96.32 -27.54 -23.67
N THR C 677 96.59 -28.85 -23.55
CA THR C 677 97.47 -29.62 -24.43
C THR C 677 96.71 -30.69 -25.24
N LYS C 678 95.52 -31.09 -24.72
CA LYS C 678 94.67 -32.08 -25.36
C LYS C 678 94.05 -31.49 -26.62
N PRO C 679 93.77 -32.31 -27.68
CA PRO C 679 93.11 -31.75 -28.87
C PRO C 679 91.71 -31.23 -28.52
N ILE C 680 91.38 -30.02 -29.01
CA ILE C 680 90.06 -29.44 -28.78
C ILE C 680 89.40 -29.18 -30.14
N VAL C 681 88.16 -29.64 -30.29
CA VAL C 681 87.32 -29.44 -31.47
C VAL C 681 86.28 -28.40 -31.09
N CYS C 682 86.16 -27.31 -31.85
CA CYS C 682 85.19 -26.29 -31.48
C CYS C 682 84.42 -25.67 -32.62
N TRP C 683 83.14 -25.34 -32.32
CA TRP C 683 82.18 -24.67 -33.19
C TRP C 683 81.27 -23.74 -32.44
N CYS C 684 81.24 -22.49 -32.88
CA CYS C 684 80.37 -21.48 -32.37
C CYS C 684 79.26 -21.31 -33.33
N ILE C 685 78.07 -21.52 -32.83
CA ILE C 685 76.82 -21.42 -33.58
C ILE C 685 76.32 -19.95 -33.60
N GLY C 686 75.70 -19.55 -34.70
CA GLY C 686 75.16 -18.20 -34.85
C GLY C 686 75.92 -17.33 -35.83
N THR C 687 76.55 -17.96 -36.83
CA THR C 687 77.33 -17.25 -37.85
C THR C 687 76.45 -16.37 -38.76
N CYS C 688 75.14 -16.70 -38.84
CA CYS C 688 74.06 -16.08 -39.62
C CYS C 688 73.51 -14.82 -38.95
N ALA C 689 73.45 -14.81 -37.59
CA ALA C 689 72.90 -13.77 -36.71
C ALA C 689 73.39 -12.34 -36.97
N THR C 690 74.52 -12.20 -37.69
CA THR C 690 75.15 -10.91 -38.04
C THR C 690 74.43 -10.31 -39.29
N MET C 691 73.19 -10.77 -39.53
CA MET C 691 72.33 -10.35 -40.63
C MET C 691 71.09 -9.53 -40.20
N PHE C 692 70.96 -9.26 -38.87
CA PHE C 692 69.85 -8.54 -38.22
C PHE C 692 70.34 -7.76 -36.97
N ALA C 708 81.87 -6.92 -31.32
CA ALA C 708 82.41 -7.31 -32.63
C ALA C 708 83.20 -8.62 -32.56
N SER C 709 83.95 -8.80 -31.46
CA SER C 709 84.74 -10.00 -31.18
C SER C 709 83.79 -11.13 -30.75
N GLU C 710 82.61 -10.75 -30.20
CA GLU C 710 81.56 -11.64 -29.73
C GLU C 710 80.85 -12.41 -30.84
N THR C 711 81.02 -12.00 -32.13
CA THR C 711 80.41 -12.69 -33.28
C THR C 711 80.97 -14.10 -33.38
N ALA C 712 80.14 -15.06 -33.83
CA ALA C 712 80.52 -16.47 -33.94
C ALA C 712 81.55 -16.67 -35.00
N VAL C 713 81.45 -15.86 -36.06
CA VAL C 713 82.32 -15.80 -37.23
C VAL C 713 83.75 -15.40 -36.83
N ALA C 714 83.84 -14.46 -35.87
CA ALA C 714 85.10 -13.97 -35.29
C ALA C 714 85.73 -15.04 -34.42
N LYS C 715 84.93 -15.57 -33.47
CA LYS C 715 85.32 -16.58 -32.50
C LYS C 715 85.87 -17.79 -33.20
N ASN C 716 85.15 -18.33 -34.20
CA ASN C 716 85.61 -19.48 -34.96
C ASN C 716 86.97 -19.24 -35.66
N GLN C 717 87.21 -18.02 -36.19
CA GLN C 717 88.48 -17.67 -36.83
C GLN C 717 89.64 -17.69 -35.82
N ALA C 718 89.44 -16.96 -34.71
CA ALA C 718 90.37 -16.81 -33.59
C ALA C 718 90.81 -18.17 -33.04
N LEU C 719 89.84 -19.08 -32.81
CA LEU C 719 90.06 -20.43 -32.30
C LEU C 719 90.86 -21.29 -33.26
N LYS C 720 90.56 -21.22 -34.57
CA LYS C 720 91.27 -22.00 -35.61
C LYS C 720 92.75 -21.63 -35.65
N GLU C 721 93.04 -20.31 -35.57
CA GLU C 721 94.39 -19.74 -35.57
C GLU C 721 95.12 -20.18 -34.34
N ALA C 722 94.38 -20.31 -33.23
CA ALA C 722 94.89 -20.70 -31.93
C ALA C 722 95.39 -22.17 -31.85
N GLY C 723 94.95 -23.01 -32.79
CA GLY C 723 95.33 -24.42 -32.84
C GLY C 723 94.16 -25.39 -32.69
N VAL C 724 92.99 -24.87 -32.33
CA VAL C 724 91.75 -25.63 -32.16
C VAL C 724 91.31 -26.20 -33.54
N PHE C 725 90.72 -27.40 -33.57
CA PHE C 725 90.24 -28.00 -34.81
C PHE C 725 88.84 -27.48 -35.06
N VAL C 726 88.69 -26.51 -35.98
CA VAL C 726 87.41 -25.85 -36.31
C VAL C 726 86.90 -26.27 -37.70
N PRO C 727 85.67 -26.86 -37.76
CA PRO C 727 85.14 -27.28 -39.05
C PRO C 727 84.72 -26.11 -39.94
N ARG C 728 84.51 -26.38 -41.26
CA ARG C 728 84.03 -25.40 -42.25
C ARG C 728 82.62 -24.90 -41.82
N SER C 729 81.72 -25.82 -41.51
CA SER C 729 80.39 -25.48 -41.00
C SER C 729 80.04 -26.48 -39.90
N PHE C 730 78.82 -26.42 -39.38
CA PHE C 730 78.36 -27.39 -38.40
C PHE C 730 78.28 -28.79 -39.05
N ASP C 731 78.04 -28.86 -40.38
CA ASP C 731 77.98 -30.11 -41.13
C ASP C 731 79.26 -30.92 -41.00
N GLU C 732 80.39 -30.25 -41.08
CA GLU C 732 81.73 -30.85 -41.02
C GLU C 732 82.12 -31.35 -39.63
N LEU C 733 81.35 -30.95 -38.58
CA LEU C 733 81.62 -31.28 -37.19
C LEU C 733 81.79 -32.77 -36.97
N GLY C 734 80.95 -33.58 -37.61
CA GLY C 734 81.05 -35.03 -37.49
C GLY C 734 82.36 -35.54 -38.06
N GLU C 735 82.62 -35.14 -39.31
CA GLU C 735 83.82 -35.50 -40.06
C GLU C 735 85.12 -35.12 -39.31
N ILE C 736 85.23 -33.86 -38.84
CA ILE C 736 86.41 -33.35 -38.12
C ILE C 736 86.65 -34.10 -36.82
N ILE C 737 85.59 -34.38 -36.05
CA ILE C 737 85.63 -35.12 -34.79
C ILE C 737 86.17 -36.50 -35.06
N GLN C 738 85.63 -37.15 -36.13
CA GLN C 738 86.05 -38.47 -36.53
C GLN C 738 87.54 -38.48 -36.87
N SER C 739 88.00 -37.59 -37.78
CA SER C 739 89.42 -37.55 -38.19
C SER C 739 90.38 -37.31 -37.05
N VAL C 740 90.02 -36.48 -36.04
CA VAL C 740 90.84 -36.20 -34.86
C VAL C 740 91.03 -37.53 -34.15
N TYR C 741 89.93 -38.24 -33.85
CA TYR C 741 89.91 -39.54 -33.20
C TYR C 741 90.75 -40.55 -34.01
N GLU C 742 90.47 -40.63 -35.32
CA GLU C 742 91.17 -41.46 -36.30
C GLU C 742 92.70 -41.30 -36.23
N ASP C 743 93.18 -40.18 -35.71
CA ASP C 743 94.61 -39.88 -35.54
C ASP C 743 95.11 -40.42 -34.20
N LEU C 744 94.29 -40.26 -33.16
CA LEU C 744 94.59 -40.67 -31.80
C LEU C 744 94.59 -42.16 -31.63
N VAL C 745 93.75 -42.85 -32.40
CA VAL C 745 93.71 -44.33 -32.36
C VAL C 745 94.96 -44.83 -33.07
N ALA C 746 95.27 -44.24 -34.24
CA ALA C 746 96.42 -44.53 -35.08
C ALA C 746 97.74 -44.33 -34.34
N ASN C 747 97.79 -43.33 -33.45
CA ASN C 747 98.97 -42.97 -32.67
C ASN C 747 99.02 -43.62 -31.27
N GLY C 748 98.11 -44.55 -31.01
CA GLY C 748 98.03 -45.31 -29.76
C GLY C 748 97.64 -44.55 -28.52
N VAL C 749 97.10 -43.33 -28.68
CA VAL C 749 96.64 -42.49 -27.56
C VAL C 749 95.29 -43.06 -27.04
N ILE C 750 94.51 -43.62 -27.97
CA ILE C 750 93.23 -44.28 -27.72
C ILE C 750 93.35 -45.76 -28.11
N VAL C 751 93.02 -46.64 -27.16
CA VAL C 751 93.00 -48.09 -27.37
C VAL C 751 91.55 -48.53 -27.11
N PRO C 752 90.65 -48.44 -28.13
CA PRO C 752 89.23 -48.76 -27.88
C PRO C 752 89.00 -50.12 -27.24
N ALA C 753 88.14 -50.13 -26.22
CA ALA C 753 87.82 -51.32 -25.46
C ALA C 753 86.74 -52.10 -26.14
N GLN C 754 86.94 -53.44 -26.16
CA GLN C 754 86.00 -54.38 -26.73
C GLN C 754 84.67 -54.18 -26.04
N GLU C 755 83.62 -54.15 -26.83
CA GLU C 755 82.29 -53.91 -26.30
C GLU C 755 81.69 -55.15 -25.60
N VAL C 756 80.78 -54.87 -24.65
CA VAL C 756 80.03 -55.81 -23.84
C VAL C 756 78.53 -55.37 -23.84
N PRO C 757 77.57 -56.30 -24.14
CA PRO C 757 76.15 -55.92 -24.16
C PRO C 757 75.63 -55.51 -22.77
N PRO C 758 74.77 -54.47 -22.71
CA PRO C 758 74.29 -53.99 -21.41
C PRO C 758 73.17 -54.85 -20.83
N PRO C 759 72.91 -54.74 -19.49
CA PRO C 759 71.79 -55.49 -18.90
C PRO C 759 70.45 -55.09 -19.51
N THR C 760 69.54 -56.03 -19.54
CA THR C 760 68.24 -55.79 -20.11
C THR C 760 67.21 -55.27 -19.06
N VAL C 761 66.40 -54.27 -19.45
CA VAL C 761 65.34 -53.74 -18.60
C VAL C 761 63.98 -53.84 -19.34
N PRO C 762 62.87 -54.27 -18.66
CA PRO C 762 61.59 -54.43 -19.36
C PRO C 762 60.96 -53.11 -19.72
N MET C 763 60.12 -53.13 -20.78
CA MET C 763 59.44 -51.94 -21.23
C MET C 763 58.35 -51.56 -20.27
N ASP C 764 58.07 -50.26 -20.14
CA ASP C 764 56.99 -49.90 -19.23
C ASP C 764 55.67 -50.09 -19.89
N TYR C 765 54.73 -50.71 -19.16
CA TYR C 765 53.40 -51.03 -19.64
C TYR C 765 52.74 -49.83 -20.25
N SER C 766 52.80 -48.69 -19.55
CA SER C 766 52.25 -47.42 -20.01
C SER C 766 52.75 -47.11 -21.42
N TRP C 767 54.07 -47.19 -21.64
CA TRP C 767 54.73 -46.94 -22.91
C TRP C 767 54.37 -47.94 -24.00
N ALA C 768 54.40 -49.25 -23.69
CA ALA C 768 54.08 -50.33 -24.62
C ALA C 768 52.67 -50.23 -25.13
N ARG C 769 51.75 -49.74 -24.27
CA ARG C 769 50.34 -49.56 -24.56
C ARG C 769 50.16 -48.35 -25.49
N GLU C 770 50.98 -47.29 -25.29
CA GLU C 770 50.97 -46.06 -26.12
C GLU C 770 51.40 -46.39 -27.57
N LEU C 771 52.45 -47.23 -27.73
CA LEU C 771 52.92 -47.67 -29.04
C LEU C 771 52.07 -48.82 -29.63
N GLY C 772 51.06 -49.24 -28.87
CA GLY C 772 50.15 -50.32 -29.25
C GLY C 772 50.81 -51.67 -29.47
N LEU C 773 51.87 -51.94 -28.70
CA LEU C 773 52.63 -53.19 -28.80
C LEU C 773 51.98 -54.32 -28.04
N ILE C 774 51.28 -53.98 -26.95
CA ILE C 774 50.60 -54.99 -26.17
C ILE C 774 49.12 -54.66 -25.98
N ARG C 775 48.30 -55.68 -25.77
CA ARG C 775 46.89 -55.53 -25.51
C ARG C 775 46.56 -56.23 -24.21
N LYS C 776 45.72 -55.60 -23.42
CA LYS C 776 45.29 -56.11 -22.11
C LYS C 776 43.80 -55.85 -22.04
N PRO C 777 43.01 -56.92 -21.87
CA PRO C 777 41.55 -56.75 -21.84
C PRO C 777 41.05 -55.92 -20.66
N ALA C 778 40.02 -55.11 -20.90
CA ALA C 778 39.41 -54.29 -19.84
C ALA C 778 38.56 -55.19 -18.96
N SER C 779 38.63 -55.00 -17.64
CA SER C 779 37.85 -55.77 -16.68
C SER C 779 36.49 -55.10 -16.49
N PHE C 780 36.38 -53.79 -16.82
CA PHE C 780 35.17 -53.02 -16.63
C PHE C 780 34.52 -52.52 -17.90
N MET C 781 33.21 -52.23 -17.82
CA MET C 781 32.42 -51.71 -18.93
C MET C 781 31.40 -50.68 -18.49
N THR C 782 31.44 -49.49 -19.04
CA THR C 782 30.46 -48.45 -18.70
C THR C 782 29.83 -47.86 -19.96
N SER C 783 28.71 -47.17 -19.82
CA SER C 783 28.00 -46.55 -20.94
C SER C 783 27.14 -45.35 -20.51
N ILE C 784 27.36 -44.79 -19.30
CA ILE C 784 26.54 -43.68 -18.85
C ILE C 784 27.27 -42.34 -18.86
N CYS C 785 28.57 -42.34 -18.63
CA CYS C 785 29.31 -41.08 -18.50
C CYS C 785 30.76 -41.23 -18.93
N ASP C 786 31.34 -40.20 -19.59
CA ASP C 786 32.75 -40.19 -19.99
C ASP C 786 33.46 -38.90 -19.57
N GLU C 787 34.26 -39.01 -18.47
CA GLU C 787 35.03 -37.89 -17.89
C GLU C 787 36.42 -37.66 -18.55
N ARG C 788 36.86 -38.59 -19.39
CA ARG C 788 38.18 -38.54 -20.05
C ARG C 788 38.40 -37.42 -21.04
N GLY C 789 37.33 -36.95 -21.67
CA GLY C 789 37.43 -35.95 -22.72
C GLY C 789 37.80 -34.53 -22.35
N GLN C 790 37.70 -33.64 -23.34
CA GLN C 790 37.91 -32.21 -23.20
C GLN C 790 36.66 -31.63 -22.53
N GLU C 791 35.55 -32.36 -22.66
CA GLU C 791 34.30 -32.02 -22.00
C GLU C 791 33.68 -33.26 -21.34
N LEU C 792 32.91 -33.04 -20.26
CA LEU C 792 32.22 -34.11 -19.59
C LEU C 792 31.04 -34.51 -20.48
N ILE C 793 30.83 -35.82 -20.63
CA ILE C 793 29.75 -36.34 -21.46
C ILE C 793 28.83 -37.18 -20.60
N TYR C 794 27.51 -36.89 -20.67
CA TYR C 794 26.48 -37.65 -19.99
C TYR C 794 25.72 -38.33 -21.11
N ALA C 795 25.83 -39.66 -21.20
CA ALA C 795 25.15 -40.49 -22.20
C ALA C 795 25.15 -39.91 -23.63
N GLY C 796 26.33 -39.54 -24.12
CA GLY C 796 26.45 -39.00 -25.47
C GLY C 796 26.26 -37.49 -25.62
N MET C 797 25.56 -36.85 -24.67
CA MET C 797 25.31 -35.42 -24.68
C MET C 797 26.39 -34.68 -23.85
N PRO C 798 27.17 -33.75 -24.44
CA PRO C 798 28.16 -33.01 -23.64
C PRO C 798 27.48 -32.07 -22.64
N ILE C 799 28.09 -31.90 -21.46
CA ILE C 799 27.55 -31.05 -20.37
C ILE C 799 27.08 -29.63 -20.83
N THR C 800 27.77 -28.98 -21.78
CA THR C 800 27.35 -27.66 -22.25
C THR C 800 26.01 -27.71 -22.95
N GLU C 801 25.77 -28.78 -23.73
CA GLU C 801 24.53 -29.02 -24.45
C GLU C 801 23.43 -29.28 -23.44
N VAL C 802 23.73 -30.02 -22.38
CA VAL C 802 22.79 -30.31 -21.29
C VAL C 802 22.20 -29.00 -20.75
N PHE C 803 23.06 -28.01 -20.46
CA PHE C 803 22.60 -26.71 -19.96
C PHE C 803 21.92 -25.88 -21.04
N LYS C 804 22.52 -25.80 -22.25
CA LYS C 804 22.01 -25.06 -23.40
C LYS C 804 20.56 -25.50 -23.72
N GLU C 805 20.31 -26.82 -23.69
CA GLU C 805 19.01 -27.43 -23.98
C GLU C 805 18.06 -27.40 -22.78
N GLU C 806 18.49 -26.82 -21.64
CA GLU C 806 17.72 -26.67 -20.40
C GLU C 806 17.10 -28.00 -19.92
N MET C 807 17.92 -29.05 -19.79
CA MET C 807 17.47 -30.41 -19.41
C MET C 807 16.90 -30.49 -18.00
N GLY C 808 17.59 -29.88 -17.05
CA GLY C 808 17.21 -29.94 -15.65
C GLY C 808 17.55 -31.28 -15.04
N ILE C 809 17.23 -31.44 -13.75
CA ILE C 809 17.52 -32.67 -13.00
C ILE C 809 16.86 -33.88 -13.67
N GLY C 810 15.62 -33.70 -14.11
CA GLY C 810 14.84 -34.71 -14.83
C GLY C 810 15.53 -35.18 -16.08
N GLY C 811 15.98 -34.23 -16.89
CA GLY C 811 16.71 -34.47 -18.14
C GLY C 811 18.00 -35.24 -17.94
N VAL C 812 18.76 -34.85 -16.92
CA VAL C 812 20.02 -35.47 -16.56
C VAL C 812 19.78 -36.92 -16.11
N LEU C 813 18.73 -37.12 -15.31
CA LEU C 813 18.34 -38.44 -14.84
C LEU C 813 17.99 -39.36 -16.03
N GLY C 814 17.32 -38.81 -17.06
CA GLY C 814 17.00 -39.54 -18.28
C GLY C 814 18.24 -40.06 -18.98
N LEU C 815 19.26 -39.21 -19.11
CA LEU C 815 20.54 -39.60 -19.69
C LEU C 815 21.33 -40.61 -18.81
N LEU C 816 21.43 -40.37 -17.49
CA LEU C 816 22.23 -41.29 -16.70
C LEU C 816 21.52 -42.59 -16.43
N TRP C 817 20.23 -42.56 -16.15
CA TRP C 817 19.51 -43.79 -15.87
C TRP C 817 19.04 -44.54 -17.11
N PHE C 818 18.49 -43.86 -18.09
CA PHE C 818 17.96 -44.57 -19.25
C PHE C 818 18.80 -44.45 -20.51
N GLN C 819 19.77 -43.53 -20.49
CA GLN C 819 20.65 -43.17 -21.61
C GLN C 819 19.79 -42.72 -22.77
N LYS C 820 18.79 -41.86 -22.44
CA LYS C 820 17.81 -41.30 -23.39
C LYS C 820 17.59 -39.79 -23.17
N ARG C 821 17.29 -39.11 -24.29
CA ARG C 821 16.93 -37.71 -24.23
C ARG C 821 15.41 -37.77 -24.21
N LEU C 822 14.83 -37.54 -23.05
CA LEU C 822 13.38 -37.66 -22.88
C LEU C 822 12.66 -36.40 -23.25
N PRO C 823 11.35 -36.50 -23.59
CA PRO C 823 10.56 -35.29 -23.82
C PRO C 823 10.52 -34.40 -22.58
N LYS C 824 10.30 -33.09 -22.77
CA LYS C 824 10.27 -32.13 -21.67
C LYS C 824 9.25 -32.51 -20.63
N TYR C 825 8.03 -32.94 -21.08
CA TYR C 825 6.95 -33.34 -20.17
C TYR C 825 7.35 -34.49 -19.26
N SER C 826 8.13 -35.45 -19.80
CA SER C 826 8.65 -36.61 -19.09
C SER C 826 9.62 -36.15 -18.00
N CYS C 827 10.55 -35.24 -18.36
CA CYS C 827 11.53 -34.69 -17.42
C CYS C 827 10.82 -33.98 -16.31
N GLN C 828 9.84 -33.13 -16.65
CA GLN C 828 9.10 -32.35 -15.68
C GLN C 828 8.32 -33.26 -14.74
N PHE C 829 7.82 -34.38 -15.27
CA PHE C 829 7.11 -35.38 -14.47
C PHE C 829 8.05 -36.05 -13.50
N ILE C 830 9.23 -36.52 -13.94
CA ILE C 830 10.23 -37.11 -13.07
C ILE C 830 10.55 -36.19 -11.89
N GLU C 831 10.80 -34.90 -12.17
CA GLU C 831 11.09 -33.87 -11.15
C GLU C 831 9.93 -33.75 -10.15
N MET C 832 8.69 -33.81 -10.65
CA MET C 832 7.46 -33.77 -9.87
C MET C 832 7.37 -34.95 -8.87
N CYS C 833 7.80 -36.14 -9.31
CA CYS C 833 7.85 -37.37 -8.51
C CYS C 833 8.86 -37.27 -7.42
N LEU C 834 10.01 -36.71 -7.75
CA LEU C 834 11.09 -36.52 -6.79
C LEU C 834 10.63 -35.54 -5.73
N MET C 835 9.71 -34.61 -6.10
CA MET C 835 9.23 -33.61 -5.18
C MET C 835 8.24 -34.12 -4.22
N VAL C 836 7.30 -34.95 -4.67
CA VAL C 836 6.28 -35.52 -3.77
C VAL C 836 6.85 -36.62 -2.87
N THR C 837 7.92 -37.28 -3.30
CA THR C 837 8.53 -38.37 -2.52
C THR C 837 9.60 -37.89 -1.60
N ALA C 838 9.96 -36.57 -1.66
CA ALA C 838 11.04 -35.95 -0.91
C ALA C 838 10.99 -36.26 0.56
N ASP C 839 9.85 -35.99 1.23
CA ASP C 839 9.70 -36.43 2.60
C ASP C 839 8.25 -36.79 2.95
N HIS C 840 8.13 -37.53 4.05
CA HIS C 840 6.90 -37.95 4.62
C HIS C 840 7.01 -38.13 6.15
N GLY C 841 7.56 -37.12 6.79
CA GLY C 841 7.69 -37.07 8.24
C GLY C 841 8.73 -37.97 8.86
N PRO C 842 8.92 -37.78 10.20
CA PRO C 842 9.98 -38.51 10.92
C PRO C 842 9.56 -39.82 11.54
N ALA C 843 8.26 -40.15 11.42
CA ALA C 843 7.68 -41.36 12.01
C ALA C 843 8.04 -42.61 11.24
N VAL C 844 8.23 -42.49 9.90
CA VAL C 844 8.60 -43.61 9.02
C VAL C 844 9.95 -44.26 9.42
N SER C 845 10.07 -45.58 9.15
CA SER C 845 11.23 -46.42 9.44
C SER C 845 12.58 -45.81 9.08
N GLY C 846 12.73 -45.31 7.87
CA GLY C 846 13.97 -44.70 7.43
C GLY C 846 14.35 -43.42 8.13
N ALA C 847 13.38 -42.48 8.22
CA ALA C 847 13.62 -41.18 8.86
C ALA C 847 14.05 -41.39 10.30
N HIS C 848 13.33 -42.30 11.00
CA HIS C 848 13.56 -42.68 12.38
C HIS C 848 15.00 -43.09 12.60
N ASN C 849 15.51 -44.06 11.81
CA ASN C 849 16.91 -44.51 11.86
C ASN C 849 17.90 -43.39 11.62
N THR C 850 17.65 -42.52 10.59
CA THR C 850 18.51 -41.37 10.34
C THR C 850 18.57 -40.46 11.54
N ILE C 851 17.40 -40.14 12.11
CA ILE C 851 17.33 -39.30 13.29
C ILE C 851 18.13 -39.92 14.43
N ILE C 852 17.88 -41.22 14.72
CA ILE C 852 18.57 -41.95 15.79
C ILE C 852 20.08 -41.85 15.62
N CYS C 853 20.51 -42.06 14.38
CA CYS C 853 21.88 -42.03 13.96
C CYS C 853 22.56 -40.68 14.14
N ALA C 854 21.89 -39.60 13.69
CA ALA C 854 22.33 -38.20 13.75
C ALA C 854 22.50 -37.87 15.21
N ARG C 855 21.51 -38.31 16.05
CA ARG C 855 21.46 -38.14 17.51
C ARG C 855 22.55 -38.89 18.25
N ALA C 856 23.04 -39.97 17.63
CA ALA C 856 24.14 -40.76 18.18
C ALA C 856 25.53 -40.22 17.77
N GLY C 857 25.51 -38.98 17.28
CA GLY C 857 26.66 -38.18 16.89
C GLY C 857 27.38 -38.54 15.61
N LYS C 858 26.69 -39.18 14.65
CA LYS C 858 27.32 -39.57 13.39
C LYS C 858 27.29 -38.47 12.33
N ASP C 859 28.10 -38.67 11.27
CA ASP C 859 28.23 -37.80 10.09
C ASP C 859 27.05 -38.00 9.13
N LEU C 860 26.96 -37.10 8.14
CA LEU C 860 25.88 -37.10 7.16
C LEU C 860 25.74 -38.40 6.44
N VAL C 861 26.84 -38.89 5.83
CA VAL C 861 26.78 -40.08 5.01
C VAL C 861 26.33 -41.31 5.84
N SER C 862 26.91 -41.50 7.06
CA SER C 862 26.54 -42.61 7.94
C SER C 862 25.08 -42.51 8.31
N SER C 863 24.61 -41.29 8.71
CA SER C 863 23.21 -41.08 9.10
C SER C 863 22.23 -41.36 7.97
N LEU C 864 22.53 -40.83 6.77
CA LEU C 864 21.71 -41.05 5.59
C LEU C 864 21.58 -42.55 5.25
N THR C 865 22.74 -43.26 5.14
CA THR C 865 22.80 -44.68 4.78
C THR C 865 22.05 -45.54 5.79
N SER C 866 22.22 -45.22 7.08
CA SER C 866 21.53 -45.93 8.15
C SER C 866 20.03 -45.96 7.86
N GLY C 867 19.47 -44.84 7.39
CA GLY C 867 18.07 -44.69 7.05
C GLY C 867 17.71 -45.36 5.74
N LEU C 868 18.52 -45.11 4.68
CA LEU C 868 18.31 -45.69 3.35
C LEU C 868 18.29 -47.21 3.36
N LEU C 869 19.09 -47.82 4.27
CA LEU C 869 19.12 -49.28 4.36
C LEU C 869 17.79 -49.90 4.80
N THR C 870 16.80 -49.10 5.26
CA THR C 870 15.48 -49.63 5.63
C THR C 870 14.56 -49.74 4.40
N ILE C 871 14.85 -48.92 3.35
CA ILE C 871 14.09 -48.89 2.09
C ILE C 871 14.22 -50.25 1.43
N GLY C 872 13.16 -50.70 0.78
CA GLY C 872 13.23 -51.95 0.06
C GLY C 872 12.03 -52.85 0.03
N ASP C 873 11.59 -53.30 1.22
CA ASP C 873 10.49 -54.27 1.30
C ASP C 873 9.19 -53.65 1.82
N ARG C 874 9.00 -53.64 3.13
CA ARG C 874 7.81 -53.12 3.78
C ARG C 874 7.83 -51.58 3.80
N PHE C 875 9.03 -50.95 3.67
CA PHE C 875 9.14 -49.52 3.61
C PHE C 875 9.77 -49.11 2.27
N GLY C 876 9.05 -48.29 1.49
CA GLY C 876 9.52 -47.79 0.20
C GLY C 876 9.29 -48.72 -0.97
N GLY C 877 8.76 -49.91 -0.67
CA GLY C 877 8.41 -50.95 -1.62
C GLY C 877 7.30 -50.66 -2.62
N ALA C 878 6.20 -50.11 -2.09
CA ALA C 878 4.91 -49.65 -2.66
C ALA C 878 4.86 -49.25 -4.16
N LEU C 879 5.83 -48.48 -4.66
CA LEU C 879 5.87 -47.99 -6.04
C LEU C 879 6.19 -49.09 -7.03
N ASP C 880 7.26 -49.90 -6.81
CA ASP C 880 7.66 -51.02 -7.69
C ASP C 880 6.53 -51.98 -7.64
N ALA C 881 6.15 -52.38 -6.40
CA ALA C 881 5.05 -53.30 -6.03
C ALA C 881 3.70 -53.05 -6.74
N ALA C 882 3.29 -51.76 -6.81
CA ALA C 882 2.07 -51.28 -7.45
C ALA C 882 2.21 -51.35 -8.99
N ALA C 883 3.28 -50.76 -9.56
CA ALA C 883 3.52 -50.78 -11.00
C ALA C 883 3.59 -52.21 -11.50
N LYS C 884 4.27 -53.07 -10.75
CA LYS C 884 4.43 -54.45 -11.14
C LYS C 884 3.08 -55.16 -11.13
N MET C 885 2.28 -54.99 -10.02
CA MET C 885 0.91 -55.56 -9.82
C MET C 885 -0.09 -55.24 -10.96
N PHE C 886 -0.27 -53.94 -11.25
CA PHE C 886 -1.15 -53.37 -12.25
C PHE C 886 -0.70 -53.69 -13.65
N SER C 887 0.63 -53.65 -13.91
CA SER C 887 1.18 -53.99 -15.22
C SER C 887 0.79 -55.41 -15.52
N LYS C 888 1.05 -56.34 -14.59
CA LYS C 888 0.74 -57.78 -14.70
C LYS C 888 -0.70 -58.03 -15.12
N ALA C 889 -1.65 -57.43 -14.35
CA ALA C 889 -3.11 -57.52 -14.52
C ALA C 889 -3.57 -56.98 -15.85
N PHE C 890 -3.07 -55.79 -16.22
CA PHE C 890 -3.39 -55.13 -17.49
C PHE C 890 -2.91 -55.98 -18.64
N ASP C 891 -1.61 -56.30 -18.67
CA ASP C 891 -0.94 -57.09 -19.68
C ASP C 891 -1.51 -58.50 -19.84
N SER C 892 -2.07 -59.10 -18.75
CA SER C 892 -2.75 -60.40 -18.76
C SER C 892 -4.11 -60.33 -19.48
N GLY C 893 -4.60 -59.11 -19.69
CA GLY C 893 -5.86 -58.83 -20.37
C GLY C 893 -7.14 -58.90 -19.57
N ILE C 894 -7.04 -59.15 -18.25
CA ILE C 894 -8.24 -59.22 -17.39
C ILE C 894 -8.83 -57.83 -17.19
N ILE C 895 -10.17 -57.73 -17.16
CA ILE C 895 -10.85 -56.44 -17.00
C ILE C 895 -10.77 -56.00 -15.52
N PRO C 896 -10.88 -54.69 -15.21
CA PRO C 896 -10.70 -54.26 -13.80
C PRO C 896 -11.54 -55.02 -12.76
N MET C 897 -12.84 -55.26 -13.03
CA MET C 897 -13.71 -56.00 -12.13
C MET C 897 -13.22 -57.44 -11.90
N GLU C 898 -12.78 -58.13 -12.97
CA GLU C 898 -12.21 -59.48 -12.88
C GLU C 898 -11.00 -59.42 -11.97
N PHE C 899 -10.19 -58.38 -12.12
CA PHE C 899 -8.99 -58.13 -11.34
C PHE C 899 -9.27 -57.98 -9.84
N VAL C 900 -10.20 -57.08 -9.49
CA VAL C 900 -10.59 -56.81 -8.11
C VAL C 900 -11.07 -58.11 -7.41
N ASN C 901 -11.85 -58.92 -8.11
CA ASN C 901 -12.35 -60.18 -7.57
C ASN C 901 -11.30 -61.28 -7.49
N LYS C 902 -10.35 -61.32 -8.47
CA LYS C 902 -9.25 -62.30 -8.55
C LYS C 902 -8.46 -62.15 -7.26
N MET C 903 -8.17 -60.89 -6.90
CA MET C 903 -7.47 -60.52 -5.70
C MET C 903 -8.15 -61.04 -4.46
N LYS C 904 -9.45 -60.75 -4.34
CA LYS C 904 -10.27 -61.18 -3.20
C LYS C 904 -10.18 -62.67 -3.03
N LYS C 905 -10.38 -63.45 -4.12
CA LYS C 905 -10.33 -64.92 -4.16
C LYS C 905 -8.96 -65.46 -3.72
N GLU C 906 -7.89 -64.85 -4.18
CA GLU C 906 -6.51 -65.21 -3.84
C GLU C 906 -6.12 -64.76 -2.41
N GLY C 907 -6.97 -63.95 -1.79
CA GLY C 907 -6.76 -63.43 -0.44
C GLY C 907 -5.68 -62.39 -0.37
N LYS C 908 -5.58 -61.57 -1.41
CA LYS C 908 -4.58 -60.51 -1.57
C LYS C 908 -5.20 -59.12 -1.67
N LEU C 909 -4.54 -58.11 -1.07
CA LEU C 909 -5.04 -56.73 -1.15
C LEU C 909 -4.37 -56.03 -2.30
N ILE C 910 -5.09 -55.09 -2.94
CA ILE C 910 -4.51 -54.32 -4.04
C ILE C 910 -3.49 -53.27 -3.51
N MET C 911 -2.27 -53.28 -4.11
CA MET C 911 -1.14 -52.38 -3.88
C MET C 911 -1.44 -51.03 -4.54
N GLY C 912 -1.24 -49.93 -3.79
CA GLY C 912 -1.52 -48.61 -4.32
C GLY C 912 -2.98 -48.18 -4.22
N ILE C 913 -3.75 -48.92 -3.46
CA ILE C 913 -5.13 -48.64 -3.17
C ILE C 913 -5.22 -48.52 -1.65
N GLY C 914 -6.02 -47.57 -1.21
CA GLY C 914 -6.29 -47.30 0.18
C GLY C 914 -5.57 -46.11 0.76
N HIS C 915 -6.23 -45.48 1.74
CA HIS C 915 -5.74 -44.35 2.51
C HIS C 915 -6.43 -44.31 3.87
N ARG C 916 -5.68 -43.86 4.89
CA ARG C 916 -6.14 -43.75 6.27
C ARG C 916 -7.32 -42.78 6.42
N VAL C 917 -7.17 -41.54 5.92
CA VAL C 917 -8.19 -40.50 6.02
C VAL C 917 -8.80 -40.11 4.68
N LYS C 918 -7.95 -39.92 3.67
CA LYS C 918 -8.39 -39.49 2.37
C LYS C 918 -9.37 -40.44 1.73
N SER C 919 -10.44 -39.87 1.17
CA SER C 919 -11.52 -40.62 0.55
C SER C 919 -11.83 -40.08 -0.83
N ILE C 920 -12.90 -40.59 -1.43
CA ILE C 920 -13.34 -40.20 -2.75
C ILE C 920 -13.82 -38.73 -2.75
N ASN C 921 -14.46 -38.29 -1.65
CA ASN C 921 -15.00 -36.94 -1.46
C ASN C 921 -13.94 -35.95 -0.96
N ASN C 922 -12.92 -36.45 -0.22
CA ASN C 922 -11.79 -35.69 0.35
C ASN C 922 -10.50 -36.23 -0.31
N PRO C 923 -10.11 -35.70 -1.48
CA PRO C 923 -8.94 -36.29 -2.19
C PRO C 923 -7.55 -36.00 -1.63
N ASP C 924 -6.55 -36.85 -2.00
CA ASP C 924 -5.13 -36.66 -1.65
C ASP C 924 -4.59 -35.65 -2.66
N MET C 925 -4.06 -34.54 -2.16
CA MET C 925 -3.55 -33.45 -2.99
C MET C 925 -2.39 -33.84 -3.86
N ARG C 926 -1.44 -34.64 -3.33
CA ARG C 926 -0.29 -35.14 -4.08
C ARG C 926 -0.78 -35.91 -5.31
N VAL C 927 -1.79 -36.78 -5.10
CA VAL C 927 -2.38 -37.56 -6.19
C VAL C 927 -3.07 -36.63 -7.17
N GLN C 928 -3.81 -35.62 -6.68
CA GLN C 928 -4.47 -34.66 -7.52
C GLN C 928 -3.49 -33.91 -8.43
N ILE C 929 -2.43 -33.34 -7.86
CA ILE C 929 -1.39 -32.60 -8.57
C ILE C 929 -0.85 -33.43 -9.73
N LEU C 930 -0.37 -34.65 -9.43
CA LEU C 930 0.22 -35.58 -10.38
C LEU C 930 -0.73 -36.08 -11.42
N LYS C 931 -1.94 -36.51 -11.01
CA LYS C 931 -3.02 -37.01 -11.90
C LYS C 931 -3.30 -35.97 -13.00
N ASP C 932 -3.45 -34.70 -12.60
CA ASP C 932 -3.73 -33.58 -13.47
C ASP C 932 -2.62 -33.31 -14.48
N TYR C 933 -1.34 -33.32 -14.03
CA TYR C 933 -0.21 -33.08 -14.94
C TYR C 933 -0.17 -34.17 -16.00
N VAL C 934 -0.23 -35.43 -15.56
CA VAL C 934 -0.21 -36.64 -16.38
C VAL C 934 -1.32 -36.59 -17.43
N ARG C 935 -2.55 -36.31 -17.01
CA ARG C 935 -3.64 -36.27 -18.00
C ARG C 935 -3.31 -35.23 -19.07
N GLN C 936 -2.96 -34.01 -18.63
CA GLN C 936 -2.70 -32.90 -19.51
C GLN C 936 -1.56 -33.10 -20.48
N HIS C 937 -0.46 -33.71 -20.08
CA HIS C 937 0.74 -33.77 -20.95
C HIS C 937 1.09 -35.12 -21.57
N PHE C 938 0.66 -36.22 -20.97
CA PHE C 938 0.99 -37.52 -21.52
C PHE C 938 0.08 -37.82 -22.71
N PRO C 939 0.68 -38.21 -23.85
CA PRO C 939 -0.12 -38.55 -25.04
C PRO C 939 -1.17 -39.64 -24.82
N ALA C 940 -0.80 -40.73 -24.11
CA ALA C 940 -1.63 -41.88 -23.77
C ALA C 940 -1.32 -42.32 -22.35
N THR C 941 -2.36 -42.75 -21.60
CA THR C 941 -2.20 -43.24 -20.21
C THR C 941 -3.01 -44.52 -19.96
N PRO C 942 -2.86 -45.59 -20.77
CA PRO C 942 -3.72 -46.77 -20.63
C PRO C 942 -3.71 -47.46 -19.27
N LEU C 943 -2.52 -47.57 -18.63
CA LEU C 943 -2.42 -48.22 -17.33
C LEU C 943 -3.07 -47.35 -16.27
N LEU C 944 -2.90 -46.03 -16.34
CA LEU C 944 -3.53 -45.11 -15.41
C LEU C 944 -5.07 -45.24 -15.55
N ASP C 945 -5.55 -45.27 -16.78
CA ASP C 945 -6.96 -45.46 -17.06
C ASP C 945 -7.50 -46.73 -16.37
N TYR C 946 -6.77 -47.85 -16.54
CA TYR C 946 -7.08 -49.16 -15.97
C TYR C 946 -7.16 -49.05 -14.43
N ALA C 947 -6.12 -48.44 -13.81
CA ALA C 947 -6.01 -48.26 -12.37
C ALA C 947 -7.15 -47.42 -11.83
N LEU C 948 -7.49 -46.31 -12.51
CA LEU C 948 -8.60 -45.45 -12.08
C LEU C 948 -9.96 -46.15 -12.11
N GLU C 949 -10.11 -47.12 -13.03
CA GLU C 949 -11.28 -47.95 -13.16
C GLU C 949 -11.36 -48.94 -12.00
N VAL C 950 -10.19 -49.44 -11.54
CA VAL C 950 -10.08 -50.33 -10.38
C VAL C 950 -10.55 -49.52 -9.15
N GLU C 951 -10.07 -48.26 -9.05
CA GLU C 951 -10.40 -47.31 -7.98
C GLU C 951 -11.91 -47.05 -7.93
N LYS C 952 -12.56 -46.95 -9.09
CA LYS C 952 -14.02 -46.77 -9.15
C LYS C 952 -14.75 -47.90 -8.39
N ILE C 953 -14.23 -49.15 -8.55
CA ILE C 953 -14.77 -50.36 -7.94
C ILE C 953 -14.48 -50.39 -6.43
N THR C 954 -13.23 -50.15 -6.05
CA THR C 954 -12.83 -50.27 -4.64
C THR C 954 -13.48 -49.17 -3.77
N THR C 955 -13.60 -47.93 -4.30
CA THR C 955 -14.22 -46.82 -3.56
C THR C 955 -15.71 -47.06 -3.37
N SER C 956 -16.31 -47.84 -4.28
CA SER C 956 -17.71 -48.19 -4.19
C SER C 956 -17.95 -49.21 -3.04
N LYS C 957 -16.88 -49.83 -2.55
CA LYS C 957 -16.95 -50.75 -1.42
C LYS C 957 -16.83 -49.90 -0.13
N LYS C 958 -15.63 -49.30 0.12
CA LYS C 958 -15.27 -48.44 1.24
C LYS C 958 -14.79 -47.11 0.58
N PRO C 959 -15.28 -45.91 1.02
CA PRO C 959 -14.87 -44.64 0.38
C PRO C 959 -13.36 -44.29 0.43
N ASN C 960 -12.63 -44.77 1.44
CA ASN C 960 -11.19 -44.49 1.57
C ASN C 960 -10.30 -45.43 0.74
N LEU C 961 -10.91 -46.32 -0.11
CA LEU C 961 -10.11 -47.21 -0.95
C LEU C 961 -9.74 -46.56 -2.29
N ILE C 962 -9.11 -45.38 -2.17
CA ILE C 962 -8.65 -44.52 -3.25
C ILE C 962 -7.31 -45.00 -3.80
N LEU C 963 -6.95 -44.53 -5.01
CA LEU C 963 -5.65 -44.78 -5.62
C LEU C 963 -4.75 -43.79 -4.91
N ASN C 964 -3.77 -44.30 -4.14
CA ASN C 964 -2.82 -43.50 -3.38
C ASN C 964 -1.62 -43.10 -4.24
N VAL C 965 -0.75 -42.21 -3.72
CA VAL C 965 0.38 -41.64 -4.43
C VAL C 965 1.39 -42.71 -4.91
N ASP C 966 1.52 -43.80 -4.14
CA ASP C 966 2.42 -44.94 -4.40
C ASP C 966 1.95 -45.65 -5.67
N GLY C 967 0.64 -45.88 -5.75
CA GLY C 967 -0.01 -46.47 -6.90
C GLY C 967 0.02 -45.51 -8.10
N LEU C 968 -0.33 -44.23 -7.88
CA LEU C 968 -0.35 -43.22 -8.93
C LEU C 968 1.00 -43.10 -9.63
N ILE C 969 2.11 -42.96 -8.86
CA ILE C 969 3.47 -42.83 -9.40
C ILE C 969 3.87 -44.08 -10.17
N GLY C 970 3.64 -45.25 -9.59
CA GLY C 970 3.90 -46.54 -10.21
C GLY C 970 3.30 -46.64 -11.60
N VAL C 971 1.95 -46.53 -11.69
CA VAL C 971 1.25 -46.64 -12.98
C VAL C 971 1.61 -45.50 -13.95
N ALA C 972 1.81 -44.28 -13.44
CA ALA C 972 2.14 -43.12 -14.26
C ALA C 972 3.48 -43.29 -14.91
N PHE C 973 4.44 -43.81 -14.14
CA PHE C 973 5.80 -44.07 -14.57
C PHE C 973 5.86 -45.12 -15.67
N VAL C 974 5.08 -46.20 -15.52
CA VAL C 974 4.97 -47.28 -16.49
C VAL C 974 4.39 -46.68 -17.79
N ASP C 975 3.35 -45.83 -17.67
CA ASP C 975 2.78 -45.17 -18.84
C ASP C 975 3.77 -44.24 -19.49
N MET C 976 4.59 -43.55 -18.69
CA MET C 976 5.61 -42.67 -19.22
C MET C 976 6.64 -43.48 -19.98
N LEU C 977 7.18 -44.58 -19.43
CA LEU C 977 8.18 -45.41 -20.13
C LEU C 977 7.62 -45.98 -21.44
N ARG C 978 6.46 -46.62 -21.37
CA ARG C 978 5.83 -47.28 -22.52
C ARG C 978 5.36 -46.35 -23.64
N ASN C 979 4.76 -45.19 -23.27
CA ASN C 979 4.15 -44.29 -24.24
C ASN C 979 4.86 -42.94 -24.49
N CYS C 980 6.06 -42.71 -23.93
CA CYS C 980 6.74 -41.44 -24.23
C CYS C 980 7.44 -41.50 -25.58
N GLY C 981 7.65 -42.72 -26.07
CA GLY C 981 8.23 -42.94 -27.38
C GLY C 981 9.74 -42.99 -27.45
N SER C 982 10.40 -43.04 -26.30
CA SER C 982 11.85 -43.14 -26.26
C SER C 982 12.26 -44.61 -26.08
N PHE C 983 11.33 -45.46 -25.60
CA PHE C 983 11.65 -46.86 -25.30
C PHE C 983 10.81 -47.85 -26.01
N THR C 984 11.44 -48.99 -26.38
CA THR C 984 10.79 -50.18 -26.95
C THR C 984 10.04 -50.83 -25.80
N ARG C 985 9.11 -51.78 -26.06
CA ARG C 985 8.41 -52.39 -24.95
C ARG C 985 9.36 -53.16 -24.03
N GLU C 986 10.32 -53.88 -24.62
CA GLU C 986 11.38 -54.67 -23.98
C GLU C 986 12.15 -53.77 -22.99
N GLU C 987 12.63 -52.61 -23.50
CA GLU C 987 13.37 -51.60 -22.73
C GLU C 987 12.56 -51.11 -21.55
N ALA C 988 11.28 -50.75 -21.78
CA ALA C 988 10.40 -50.25 -20.73
C ALA C 988 10.18 -51.31 -19.63
N ASP C 989 9.95 -52.56 -20.05
CA ASP C 989 9.73 -53.67 -19.15
C ASP C 989 11.00 -54.06 -18.36
N GLU C 990 12.20 -53.95 -18.98
CA GLU C 990 13.48 -54.23 -18.30
C GLU C 990 13.75 -53.20 -17.24
N TYR C 991 13.53 -51.92 -17.56
CA TYR C 991 13.77 -50.83 -16.60
C TYR C 991 12.95 -50.98 -15.33
N ILE C 992 11.66 -51.41 -15.47
CA ILE C 992 10.77 -51.63 -14.33
C ILE C 992 11.31 -52.76 -13.46
N ASP C 993 11.65 -53.87 -14.13
CA ASP C 993 12.18 -55.07 -13.51
C ASP C 993 13.47 -54.82 -12.74
N ILE C 994 14.49 -54.16 -13.38
CA ILE C 994 15.80 -53.88 -12.76
C ILE C 994 15.71 -52.87 -11.58
N GLY C 995 14.50 -52.32 -11.35
CA GLY C 995 14.13 -51.48 -10.22
C GLY C 995 14.28 -49.98 -10.35
N ALA C 996 14.10 -49.42 -11.56
CA ALA C 996 14.20 -47.98 -11.80
C ALA C 996 13.27 -47.21 -10.86
N LEU C 997 12.09 -47.78 -10.58
CA LEU C 997 11.10 -47.20 -9.71
C LEU C 997 11.57 -47.10 -8.27
N ASN C 998 12.35 -48.11 -7.79
CA ASN C 998 12.97 -48.07 -6.46
C ASN C 998 13.95 -46.91 -6.41
N GLY C 999 14.73 -46.74 -7.47
CA GLY C 999 15.65 -45.62 -7.61
C GLY C 999 14.97 -44.29 -7.41
N ILE C 1000 13.77 -44.08 -8.03
CA ILE C 1000 13.00 -42.83 -7.86
C ILE C 1000 12.74 -42.55 -6.38
N PHE C 1001 12.16 -43.53 -5.65
CA PHE C 1001 11.89 -43.38 -4.23
C PHE C 1001 13.18 -43.10 -3.41
N VAL C 1002 14.24 -43.90 -3.62
CA VAL C 1002 15.52 -43.73 -2.92
C VAL C 1002 16.14 -42.34 -3.16
N LEU C 1003 16.27 -41.94 -4.42
CA LEU C 1003 16.80 -40.64 -4.74
C LEU C 1003 15.92 -39.53 -4.12
N GLY C 1004 14.59 -39.66 -4.31
CA GLY C 1004 13.60 -38.70 -3.82
C GLY C 1004 13.68 -38.49 -2.34
N ARG C 1005 13.56 -39.57 -1.56
CA ARG C 1005 13.60 -39.41 -0.09
C ARG C 1005 14.97 -38.91 0.37
N SER C 1006 16.03 -39.37 -0.27
CA SER C 1006 17.36 -39.00 0.18
C SER C 1006 17.40 -37.55 0.59
N MET C 1007 16.62 -36.70 -0.09
CA MET C 1007 16.51 -35.31 0.25
C MET C 1007 15.95 -35.11 1.67
N GLY C 1008 14.81 -35.74 1.97
CA GLY C 1008 14.16 -35.73 3.28
C GLY C 1008 15.09 -36.16 4.40
N PHE C 1009 15.78 -37.31 4.21
CA PHE C 1009 16.71 -37.85 5.20
C PHE C 1009 17.84 -36.89 5.49
N ILE C 1010 18.47 -36.27 4.44
CA ILE C 1010 19.53 -35.26 4.66
C ILE C 1010 18.94 -34.09 5.45
N GLY C 1011 17.69 -33.73 5.11
CA GLY C 1011 16.93 -32.71 5.80
C GLY C 1011 16.85 -32.97 7.29
N HIS C 1012 16.41 -34.18 7.65
CA HIS C 1012 16.32 -34.59 9.05
C HIS C 1012 17.68 -34.55 9.73
N TYR C 1013 18.73 -35.09 9.06
CA TYR C 1013 20.06 -35.09 9.65
C TYR C 1013 20.47 -33.70 10.06
N LEU C 1014 20.36 -32.74 9.12
CA LEU C 1014 20.74 -31.35 9.39
C LEU C 1014 19.89 -30.80 10.51
N ASP C 1015 18.57 -31.05 10.46
CA ASP C 1015 17.65 -30.58 11.46
C ASP C 1015 18.06 -31.05 12.85
N GLN C 1016 18.30 -32.36 13.00
CA GLN C 1016 18.70 -32.95 14.28
C GLN C 1016 19.98 -32.27 14.85
N LYS C 1017 20.98 -31.98 13.97
CA LYS C 1017 22.26 -31.31 14.28
C LYS C 1017 22.03 -29.86 14.73
N ARG C 1018 21.15 -29.17 14.00
CA ARG C 1018 20.77 -27.80 14.24
C ARG C 1018 19.98 -27.69 15.56
N LEU C 1019 19.12 -28.67 15.86
CA LEU C 1019 18.32 -28.77 17.10
C LEU C 1019 19.16 -29.21 18.31
N LYS C 1020 20.45 -29.56 18.08
CA LYS C 1020 21.42 -29.97 19.10
C LYS C 1020 20.84 -31.06 20.02
N GLN C 1021 20.29 -32.10 19.37
CA GLN C 1021 19.61 -33.23 20.02
C GLN C 1021 20.56 -34.29 20.54
N GLY C 1022 20.38 -34.65 21.81
CA GLY C 1022 21.19 -35.64 22.52
C GLY C 1022 20.96 -37.08 22.13
N LEU C 1023 21.80 -37.98 22.69
CA LEU C 1023 21.70 -39.42 22.42
C LEU C 1023 20.34 -40.03 22.78
N TYR C 1024 19.80 -40.88 21.86
CA TYR C 1024 18.53 -41.55 22.12
C TYR C 1024 18.74 -42.93 22.69
N ARG C 1025 17.92 -43.26 23.66
CA ARG C 1025 17.84 -44.59 24.25
C ARG C 1025 16.37 -44.88 24.37
N HIS C 1026 15.93 -45.98 23.76
CA HIS C 1026 14.54 -46.37 23.81
C HIS C 1026 14.07 -46.70 25.24
N PRO C 1027 12.90 -46.16 25.66
CA PRO C 1027 12.41 -46.46 27.03
C PRO C 1027 12.08 -47.94 27.22
N TRP C 1028 12.45 -48.49 28.37
CA TRP C 1028 12.21 -49.89 28.68
C TRP C 1028 10.77 -50.24 28.74
N ASP C 1029 9.91 -49.27 29.08
CA ASP C 1029 8.45 -49.45 29.17
C ASP C 1029 7.87 -49.87 27.84
N ASP C 1030 8.49 -49.49 26.72
CA ASP C 1030 8.02 -49.87 25.40
C ASP C 1030 8.56 -51.22 24.92
N ILE C 1031 9.34 -51.90 25.77
CA ILE C 1031 9.94 -53.18 25.43
C ILE C 1031 9.38 -54.28 26.31
N SER C 1032 8.90 -55.35 25.66
CA SER C 1032 8.38 -56.53 26.32
C SER C 1032 9.51 -57.59 26.30
N TYR C 1033 10.14 -57.85 27.45
CA TYR C 1033 11.26 -58.80 27.55
C TYR C 1033 10.72 -60.18 27.81
N VAL C 1034 10.88 -61.12 26.85
CA VAL C 1034 10.33 -62.47 26.99
C VAL C 1034 11.45 -63.53 26.85
N LEU C 1035 12.46 -63.45 27.74
CA LEU C 1035 13.64 -64.32 27.74
C LEU C 1035 13.44 -65.73 28.29
N SER D 2 37.59 -96.87 -25.81
CA SER D 2 38.31 -97.94 -26.52
C SER D 2 37.61 -99.30 -26.36
N ALA D 3 37.76 -100.21 -27.36
CA ALA D 3 37.21 -101.57 -27.23
C ALA D 3 38.25 -102.35 -26.43
N LYS D 4 37.84 -102.84 -25.24
CA LYS D 4 38.72 -103.56 -24.31
C LYS D 4 38.21 -104.95 -24.04
N ALA D 5 39.11 -105.94 -24.06
CA ALA D 5 38.76 -107.31 -23.79
C ALA D 5 38.65 -107.53 -22.32
N ILE D 6 37.66 -108.34 -21.95
CA ILE D 6 37.29 -108.73 -20.59
C ILE D 6 37.55 -110.26 -20.36
N SER D 7 37.60 -110.69 -19.08
CA SER D 7 37.80 -112.11 -18.75
C SER D 7 36.54 -112.96 -18.99
N GLU D 8 36.72 -114.28 -19.13
CA GLU D 8 35.64 -115.24 -19.31
C GLU D 8 34.68 -115.15 -18.13
N GLN D 9 35.22 -115.00 -16.88
CA GLN D 9 34.45 -114.86 -15.66
C GLN D 9 33.59 -113.62 -15.69
N THR D 10 34.20 -112.46 -16.03
CA THR D 10 33.50 -111.18 -16.14
C THR D 10 32.35 -111.34 -17.14
N GLY D 11 32.64 -112.02 -18.23
CA GLY D 11 31.72 -112.25 -19.34
C GLY D 11 30.49 -112.95 -18.86
N LYS D 12 30.69 -114.16 -18.32
CA LYS D 12 29.65 -115.04 -17.80
C LYS D 12 28.90 -114.35 -16.67
N GLU D 13 29.65 -113.74 -15.72
CA GLU D 13 29.14 -112.97 -14.60
C GLU D 13 28.01 -112.10 -15.04
N LEU D 14 28.22 -111.32 -16.15
CA LEU D 14 27.26 -110.39 -16.74
C LEU D 14 26.27 -111.08 -17.59
N LEU D 15 26.73 -112.02 -18.41
CA LEU D 15 25.83 -112.77 -19.28
C LEU D 15 24.72 -113.41 -18.48
N TYR D 16 25.10 -114.17 -17.44
CA TYR D 16 24.19 -114.84 -16.52
C TYR D 16 23.26 -113.87 -15.79
N LYS D 17 23.80 -112.73 -15.37
CA LYS D 17 23.05 -111.71 -14.66
C LYS D 17 22.00 -110.99 -15.50
N PHE D 18 22.26 -110.77 -16.83
CA PHE D 18 21.40 -109.91 -17.64
C PHE D 18 20.71 -110.51 -18.87
N ILE D 19 21.15 -111.64 -19.39
CA ILE D 19 20.50 -112.18 -20.58
C ILE D 19 19.01 -112.54 -20.27
N CYS D 20 18.09 -111.98 -21.08
CA CYS D 20 16.65 -112.23 -21.00
C CYS D 20 16.24 -113.05 -22.19
N THR D 21 15.80 -114.29 -21.94
CA THR D 21 15.37 -115.27 -22.95
C THR D 21 14.36 -116.27 -22.38
N THR D 22 13.48 -116.83 -23.25
CA THR D 22 12.50 -117.88 -22.93
C THR D 22 13.27 -119.18 -22.68
N SER D 23 14.42 -119.35 -23.40
CA SER D 23 15.38 -120.45 -23.32
C SER D 23 15.92 -120.57 -21.88
N ALA D 24 15.88 -121.76 -21.31
CA ALA D 24 16.39 -121.91 -19.95
C ALA D 24 17.90 -122.05 -20.01
N ILE D 25 18.64 -121.05 -19.48
CA ILE D 25 20.09 -121.13 -19.44
C ILE D 25 20.49 -121.86 -18.16
N GLN D 26 21.17 -122.99 -18.35
CA GLN D 26 21.61 -123.90 -17.29
C GLN D 26 22.94 -123.49 -16.69
N ASN D 27 23.21 -123.98 -15.46
CA ASN D 27 24.41 -123.71 -14.66
C ASN D 27 24.63 -122.21 -14.40
N ARG D 28 23.52 -121.49 -14.28
CA ARG D 28 23.56 -120.03 -14.00
C ARG D 28 24.33 -119.79 -12.72
N PHE D 29 25.36 -118.98 -12.81
CA PHE D 29 26.25 -118.57 -11.71
C PHE D 29 26.99 -119.78 -11.06
N LYS D 30 27.33 -120.80 -11.87
CA LYS D 30 28.10 -121.96 -11.43
C LYS D 30 29.48 -121.91 -12.09
N TYR D 31 30.41 -121.27 -11.36
CA TYR D 31 31.83 -121.05 -11.70
C TYR D 31 32.54 -120.55 -10.44
N ALA D 32 33.82 -120.94 -10.27
CA ALA D 32 34.67 -120.54 -9.16
C ALA D 32 36.08 -120.19 -9.65
N ARG D 33 36.65 -119.11 -9.12
CA ARG D 33 37.96 -118.60 -9.53
C ARG D 33 39.04 -119.10 -8.59
N VAL D 34 40.16 -119.57 -9.19
CA VAL D 34 41.32 -120.10 -8.46
C VAL D 34 42.62 -119.38 -8.87
N THR D 35 43.33 -118.86 -7.84
CA THR D 35 44.62 -118.16 -7.98
C THR D 35 45.64 -118.84 -7.06
N PRO D 36 46.95 -118.44 -7.04
CA PRO D 36 47.87 -119.07 -6.09
C PRO D 36 47.57 -118.73 -4.62
N ASP D 37 46.71 -117.73 -4.38
CA ASP D 37 46.32 -117.28 -3.03
C ASP D 37 44.95 -117.81 -2.55
N THR D 38 44.37 -118.77 -3.30
CA THR D 38 43.06 -119.35 -3.01
C THR D 38 43.05 -120.17 -1.71
N ASP D 39 42.06 -119.89 -0.85
CA ASP D 39 41.80 -120.63 0.39
C ASP D 39 40.70 -121.61 0.00
N TRP D 40 41.07 -122.88 -0.14
CA TRP D 40 40.18 -123.95 -0.59
C TRP D 40 38.99 -124.19 0.33
N ALA D 41 39.18 -124.02 1.65
CA ALA D 41 38.11 -124.14 2.64
C ALA D 41 37.07 -123.05 2.42
N ARG D 42 37.53 -121.80 2.18
CA ARG D 42 36.68 -120.62 1.90
C ARG D 42 35.93 -120.84 0.59
N LEU D 43 36.66 -121.32 -0.44
CA LEU D 43 36.15 -121.59 -1.79
C LEU D 43 35.00 -122.59 -1.74
N LEU D 44 35.15 -123.65 -0.94
CA LEU D 44 34.13 -124.68 -0.77
C LEU D 44 32.93 -124.23 0.01
N GLN D 45 33.15 -123.28 0.96
CA GLN D 45 32.12 -122.66 1.78
C GLN D 45 31.18 -121.82 0.90
N ASP D 46 31.74 -121.13 -0.10
CA ASP D 46 31.02 -120.28 -1.04
C ASP D 46 30.46 -121.04 -2.23
N HIS D 47 31.10 -122.16 -2.60
CA HIS D 47 30.67 -122.97 -3.73
C HIS D 47 30.50 -124.44 -3.34
N PRO D 48 29.41 -124.77 -2.61
CA PRO D 48 29.21 -126.18 -2.22
C PRO D 48 28.91 -127.11 -3.40
N TRP D 49 28.44 -126.54 -4.54
CA TRP D 49 28.16 -127.29 -5.79
C TRP D 49 29.41 -127.98 -6.36
N LEU D 50 30.61 -127.59 -5.90
CA LEU D 50 31.89 -128.15 -6.35
C LEU D 50 32.02 -129.65 -6.05
N LEU D 51 31.22 -130.15 -5.10
CA LEU D 51 31.21 -131.55 -4.69
C LEU D 51 30.02 -132.33 -5.27
N SER D 52 28.99 -131.59 -5.76
CA SER D 52 27.75 -132.13 -6.33
C SER D 52 27.93 -132.96 -7.61
N GLN D 53 28.86 -132.55 -8.48
CA GLN D 53 29.12 -133.21 -9.77
C GLN D 53 30.56 -133.04 -10.24
N ASN D 54 30.90 -133.67 -11.38
CA ASN D 54 32.21 -133.57 -11.99
C ASN D 54 32.39 -132.21 -12.63
N LEU D 55 33.64 -131.75 -12.70
CA LEU D 55 34.03 -130.41 -13.11
C LEU D 55 34.94 -130.29 -14.34
N VAL D 56 35.15 -129.03 -14.80
CA VAL D 56 36.03 -128.62 -15.90
C VAL D 56 36.82 -127.35 -15.50
N VAL D 57 38.18 -127.44 -15.54
CA VAL D 57 39.12 -126.38 -15.12
C VAL D 57 39.96 -125.89 -16.30
N LYS D 58 40.17 -124.56 -16.41
CA LYS D 58 40.93 -123.94 -17.51
C LYS D 58 41.40 -122.50 -17.14
N PRO D 59 42.56 -122.04 -17.66
CA PRO D 59 43.00 -120.68 -17.33
C PRO D 59 42.16 -119.59 -17.97
N ASP D 60 41.87 -118.54 -17.19
CA ASP D 60 41.09 -117.37 -17.59
C ASP D 60 42.08 -116.18 -17.76
N GLN D 61 43.01 -116.32 -18.73
CA GLN D 61 44.02 -115.28 -18.91
C GLN D 61 44.16 -114.76 -20.33
N LEU D 62 43.07 -114.76 -21.11
CA LEU D 62 43.05 -114.30 -22.51
C LEU D 62 44.02 -115.13 -23.40
N ILE D 63 44.02 -116.46 -23.13
CA ILE D 63 44.79 -117.46 -23.88
C ILE D 63 43.80 -118.14 -24.83
N LYS D 64 44.10 -118.07 -26.13
CA LYS D 64 43.18 -118.70 -27.11
C LYS D 64 43.63 -120.12 -27.40
N ARG D 65 42.72 -120.93 -27.92
CA ARG D 65 42.95 -122.32 -28.33
C ARG D 65 43.46 -123.21 -27.15
N ARG D 66 42.94 -122.97 -25.93
CA ARG D 66 43.31 -123.66 -24.68
C ARG D 66 43.28 -125.16 -24.78
N GLY D 67 42.19 -125.68 -25.35
CA GLY D 67 41.95 -127.10 -25.54
C GLY D 67 43.03 -127.77 -26.35
N LYS D 68 43.43 -127.13 -27.46
CA LYS D 68 44.48 -127.60 -28.35
C LYS D 68 45.88 -127.62 -27.68
N LEU D 69 46.04 -126.83 -26.61
CA LEU D 69 47.28 -126.73 -25.82
C LEU D 69 47.24 -127.64 -24.59
N GLY D 70 46.17 -128.44 -24.43
CA GLY D 70 45.95 -129.34 -23.30
C GLY D 70 45.78 -128.62 -21.97
N LEU D 71 45.38 -127.35 -22.03
CA LEU D 71 45.18 -126.47 -20.89
C LEU D 71 43.74 -126.51 -20.36
N VAL D 72 42.96 -127.52 -20.79
CA VAL D 72 41.57 -127.72 -20.33
C VAL D 72 41.45 -129.14 -19.72
N GLY D 73 41.23 -129.17 -18.40
CA GLY D 73 41.01 -130.37 -17.62
C GLY D 73 39.52 -130.62 -17.60
N VAL D 74 39.09 -131.68 -18.30
CA VAL D 74 37.67 -132.00 -18.48
C VAL D 74 37.27 -133.26 -17.70
N ASN D 75 36.05 -133.20 -17.09
CA ASN D 75 35.38 -134.29 -16.37
C ASN D 75 36.20 -134.82 -15.21
N LEU D 76 36.49 -133.93 -14.23
CA LEU D 76 37.32 -134.25 -13.05
C LEU D 76 36.56 -134.03 -11.76
N THR D 77 36.88 -134.83 -10.72
CA THR D 77 36.34 -134.63 -9.37
C THR D 77 37.13 -133.46 -8.76
N LEU D 78 36.65 -132.83 -7.65
CA LEU D 78 37.38 -131.70 -7.02
C LEU D 78 38.82 -132.08 -6.65
N ASP D 79 39.02 -133.36 -6.26
CA ASP D 79 40.32 -133.93 -5.93
C ASP D 79 41.18 -133.95 -7.21
N GLY D 80 40.58 -134.38 -8.33
CA GLY D 80 41.19 -134.44 -9.65
C GLY D 80 41.58 -133.08 -10.18
N VAL D 81 40.76 -132.06 -9.89
CA VAL D 81 40.99 -130.68 -10.28
C VAL D 81 42.23 -130.17 -9.53
N LYS D 82 42.30 -130.42 -8.21
CA LYS D 82 43.44 -129.99 -7.38
C LYS D 82 44.75 -130.61 -7.89
N SER D 83 44.70 -131.91 -8.24
CA SER D 83 45.79 -132.70 -8.79
C SER D 83 46.26 -132.17 -10.16
N TRP D 84 45.31 -131.70 -10.99
CA TRP D 84 45.55 -131.15 -12.33
C TRP D 84 46.26 -129.81 -12.22
N LEU D 85 45.89 -129.01 -11.19
CA LEU D 85 46.44 -127.66 -10.95
C LEU D 85 47.81 -127.67 -10.30
N LYS D 86 48.10 -128.72 -9.50
CA LYS D 86 49.39 -128.88 -8.83
C LYS D 86 50.57 -128.48 -9.77
N PRO D 87 50.73 -129.08 -10.99
CA PRO D 87 51.87 -128.69 -11.84
C PRO D 87 51.68 -127.44 -12.70
N ARG D 88 50.45 -126.92 -12.81
CA ARG D 88 50.11 -125.81 -13.69
C ARG D 88 50.01 -124.46 -13.03
N LEU D 89 49.37 -124.38 -11.85
CA LEU D 89 49.21 -123.13 -11.13
C LEU D 89 50.58 -122.61 -10.70
N GLY D 90 50.90 -121.39 -11.16
CA GLY D 90 52.17 -120.72 -10.92
C GLY D 90 53.25 -121.00 -11.96
N GLN D 91 53.00 -121.98 -12.85
CA GLN D 91 53.97 -122.35 -13.89
C GLN D 91 54.01 -121.38 -15.04
N GLU D 92 55.19 -121.28 -15.68
CA GLU D 92 55.38 -120.46 -16.87
C GLU D 92 54.91 -121.25 -18.08
N ALA D 93 54.30 -120.57 -19.05
CA ALA D 93 53.77 -121.20 -20.26
C ALA D 93 54.04 -120.31 -21.48
N THR D 94 54.37 -120.94 -22.63
CA THR D 94 54.60 -120.22 -23.89
C THR D 94 53.52 -120.56 -24.92
N VAL D 95 52.65 -119.60 -25.18
CA VAL D 95 51.56 -119.73 -26.14
C VAL D 95 51.89 -118.83 -27.32
N GLY D 96 52.40 -119.45 -28.37
CA GLY D 96 52.84 -118.70 -29.54
C GLY D 96 54.11 -117.95 -29.19
N LYS D 97 54.10 -116.61 -29.38
CA LYS D 97 55.28 -115.82 -29.04
C LYS D 97 55.10 -115.09 -27.71
N ALA D 98 54.18 -115.59 -26.88
CA ALA D 98 53.92 -115.01 -25.57
C ALA D 98 54.33 -115.95 -24.47
N THR D 99 55.12 -115.47 -23.52
CA THR D 99 55.55 -116.24 -22.36
C THR D 99 55.17 -115.52 -21.09
N GLY D 100 54.37 -116.20 -20.27
CA GLY D 100 53.86 -115.69 -19.01
C GLY D 100 53.53 -116.79 -18.04
N PHE D 101 53.02 -116.42 -16.87
CA PHE D 101 52.69 -117.40 -15.85
C PHE D 101 51.21 -117.70 -15.82
N LEU D 102 50.86 -118.93 -15.45
CA LEU D 102 49.47 -119.34 -15.31
C LEU D 102 49.04 -119.07 -13.84
N LYS D 103 48.42 -117.91 -13.62
CA LYS D 103 48.02 -117.39 -12.30
C LYS D 103 46.52 -117.49 -12.01
N ASN D 104 45.69 -117.39 -13.06
CA ASN D 104 44.24 -117.35 -12.89
C ASN D 104 43.50 -118.50 -13.61
N PHE D 105 42.76 -119.33 -12.84
CA PHE D 105 41.97 -120.47 -13.35
C PHE D 105 40.49 -120.38 -13.01
N LEU D 106 39.65 -121.12 -13.77
CA LEU D 106 38.20 -121.09 -13.60
C LEU D 106 37.56 -122.48 -13.63
N ILE D 107 36.86 -122.83 -12.54
CA ILE D 107 36.20 -124.13 -12.38
C ILE D 107 34.70 -123.97 -12.66
N GLU D 108 34.17 -124.89 -13.46
CA GLU D 108 32.77 -124.93 -13.86
C GLU D 108 32.24 -126.36 -13.83
N PRO D 109 30.92 -126.59 -13.73
CA PRO D 109 30.43 -127.98 -13.76
C PRO D 109 30.61 -128.60 -15.16
N PHE D 110 31.04 -129.87 -15.21
CA PHE D 110 31.23 -130.58 -16.49
C PHE D 110 29.86 -130.88 -17.13
N VAL D 111 29.67 -130.42 -18.39
CA VAL D 111 28.42 -130.61 -19.13
C VAL D 111 28.53 -131.79 -20.10
N PRO D 112 27.87 -132.94 -19.81
CA PRO D 112 27.91 -134.06 -20.76
C PRO D 112 27.10 -133.74 -22.02
N HIS D 113 27.74 -133.92 -23.21
CA HIS D 113 27.17 -133.65 -24.54
C HIS D 113 27.95 -134.33 -25.67
N SER D 114 27.34 -134.41 -26.87
CA SER D 114 27.97 -134.94 -28.08
C SER D 114 28.54 -133.77 -28.87
N GLN D 115 29.38 -134.04 -29.86
CA GLN D 115 29.96 -133.00 -30.72
C GLN D 115 28.89 -132.29 -31.61
N ALA D 116 27.76 -132.99 -31.86
CA ALA D 116 26.62 -132.47 -32.63
C ALA D 116 25.86 -131.37 -31.86
N GLU D 117 25.89 -131.43 -30.50
CA GLU D 117 25.27 -130.49 -29.55
C GLU D 117 26.05 -129.17 -29.41
N GLU D 118 27.31 -129.14 -29.91
CA GLU D 118 28.23 -127.99 -29.93
C GLU D 118 27.87 -127.00 -31.07
N PHE D 119 27.71 -125.70 -30.75
CA PHE D 119 27.37 -124.64 -31.72
C PHE D 119 28.29 -123.44 -31.58
N TYR D 120 28.52 -122.75 -32.71
CA TYR D 120 29.36 -121.57 -32.76
C TYR D 120 28.46 -120.34 -32.95
N VAL D 121 28.50 -119.34 -32.00
CA VAL D 121 27.76 -118.05 -32.05
C VAL D 121 28.72 -116.85 -31.76
N CYS D 122 28.67 -115.82 -32.64
CA CYS D 122 29.46 -114.62 -32.49
C CYS D 122 28.71 -113.37 -32.97
N ILE D 123 28.92 -112.22 -32.29
CA ILE D 123 28.40 -110.89 -32.65
C ILE D 123 29.57 -109.91 -32.61
N TYR D 124 29.73 -109.11 -33.64
CA TYR D 124 30.79 -108.11 -33.66
C TYR D 124 30.36 -106.84 -34.41
N ALA D 125 30.69 -105.68 -33.85
CA ALA D 125 30.35 -104.39 -34.43
C ALA D 125 31.37 -103.96 -35.50
N THR D 126 30.83 -103.16 -36.46
CA THR D 126 31.49 -102.55 -37.60
C THR D 126 30.87 -101.14 -37.84
N ARG D 127 31.46 -100.32 -38.72
CA ARG D 127 30.91 -98.98 -39.01
C ARG D 127 29.42 -98.99 -39.40
N GLU D 128 29.02 -100.01 -40.15
CA GLU D 128 27.69 -100.18 -40.72
C GLU D 128 26.68 -101.00 -39.84
N GLY D 129 27.07 -101.31 -38.61
CA GLY D 129 26.20 -102.08 -37.72
C GLY D 129 26.90 -103.32 -37.18
N ASP D 130 26.13 -104.30 -36.71
CA ASP D 130 26.79 -105.47 -36.11
C ASP D 130 26.40 -106.78 -36.79
N TYR D 131 27.38 -107.66 -36.99
CA TYR D 131 27.17 -108.94 -37.65
C TYR D 131 26.94 -110.04 -36.64
N VAL D 132 25.90 -110.86 -36.87
CA VAL D 132 25.56 -112.01 -36.04
C VAL D 132 25.98 -113.21 -36.84
N LEU D 133 26.80 -114.06 -36.23
CA LEU D 133 27.38 -115.27 -36.84
C LEU D 133 26.92 -116.52 -36.15
N PHE D 134 26.47 -117.50 -36.94
CA PHE D 134 26.05 -118.78 -36.43
C PHE D 134 26.64 -119.85 -37.27
N HIS D 135 27.03 -120.96 -36.63
CA HIS D 135 27.50 -122.17 -37.27
C HIS D 135 27.10 -123.36 -36.44
N HIS D 136 26.52 -124.37 -37.09
CA HIS D 136 26.06 -125.62 -36.49
C HIS D 136 27.20 -126.58 -36.14
N GLU D 137 28.40 -126.26 -36.62
CA GLU D 137 29.61 -127.03 -36.38
C GLU D 137 30.54 -126.21 -35.49
N GLY D 138 30.27 -126.22 -34.19
CA GLY D 138 31.09 -125.51 -33.20
C GLY D 138 32.24 -126.36 -32.67
N GLY D 139 32.82 -125.93 -31.54
CA GLY D 139 33.90 -126.65 -30.85
C GLY D 139 35.29 -126.01 -30.87
N VAL D 140 36.30 -126.88 -30.96
CA VAL D 140 37.69 -126.47 -31.05
C VAL D 140 38.20 -126.62 -32.49
N ASP D 141 37.34 -127.22 -33.33
CA ASP D 141 37.59 -127.42 -34.75
C ASP D 141 36.49 -126.72 -35.54
N VAL D 142 36.56 -125.40 -35.55
CA VAL D 142 35.63 -124.55 -36.27
C VAL D 142 36.20 -124.09 -37.62
N GLY D 143 37.51 -123.82 -37.61
CA GLY D 143 38.24 -123.34 -38.78
C GLY D 143 37.90 -121.92 -39.18
N ASP D 144 38.01 -121.60 -40.49
CA ASP D 144 37.69 -120.27 -41.00
C ASP D 144 36.19 -120.04 -40.90
N VAL D 145 35.78 -119.44 -39.79
CA VAL D 145 34.39 -119.20 -39.49
C VAL D 145 33.80 -118.07 -40.36
N ASP D 146 34.64 -117.15 -40.86
CA ASP D 146 34.21 -116.03 -41.69
C ASP D 146 33.55 -116.44 -43.01
N ALA D 147 34.10 -117.47 -43.66
CA ALA D 147 33.55 -118.02 -44.91
C ALA D 147 32.47 -119.07 -44.63
N LYS D 148 32.74 -120.02 -43.69
CA LYS D 148 31.85 -121.14 -43.31
C LYS D 148 30.51 -120.71 -42.70
N ALA D 149 30.53 -119.79 -41.74
CA ALA D 149 29.32 -119.37 -41.03
C ALA D 149 28.38 -118.46 -41.82
N GLN D 150 27.10 -118.47 -41.39
CA GLN D 150 26.01 -117.66 -41.90
C GLN D 150 26.09 -116.33 -41.19
N LYS D 151 26.14 -115.25 -41.97
CA LYS D 151 26.23 -113.87 -41.48
C LYS D 151 24.85 -113.27 -41.56
N LEU D 152 24.66 -112.13 -40.89
CA LEU D 152 23.41 -111.38 -40.82
C LEU D 152 23.72 -110.05 -40.15
N LEU D 153 23.65 -108.95 -40.92
CA LEU D 153 23.95 -107.61 -40.40
C LEU D 153 22.74 -106.91 -39.82
N VAL D 154 22.88 -106.42 -38.58
CA VAL D 154 21.86 -105.63 -37.90
C VAL D 154 22.29 -104.15 -38.11
N GLY D 155 21.47 -103.40 -38.87
CA GLY D 155 21.67 -102.00 -39.21
C GLY D 155 21.94 -101.11 -38.03
N VAL D 156 22.38 -99.85 -38.29
CA VAL D 156 22.74 -98.93 -37.20
C VAL D 156 21.52 -98.73 -36.25
N ASP D 157 20.39 -98.22 -36.70
CA ASP D 157 19.33 -98.09 -35.69
C ASP D 157 18.33 -99.28 -35.71
N GLU D 158 18.65 -100.33 -36.48
CA GLU D 158 17.79 -101.49 -36.65
C GLU D 158 17.86 -102.51 -35.52
N LYS D 159 16.81 -103.38 -35.47
CA LYS D 159 16.49 -104.48 -34.54
C LYS D 159 16.72 -105.83 -35.23
N LEU D 160 17.09 -106.88 -34.46
CA LEU D 160 17.30 -108.24 -35.00
C LEU D 160 16.00 -109.02 -35.11
N ASN D 161 15.46 -109.12 -36.35
CA ASN D 161 14.21 -109.82 -36.65
C ASN D 161 14.38 -111.36 -36.47
N PRO D 162 13.58 -111.96 -35.53
CA PRO D 162 13.73 -113.40 -35.24
C PRO D 162 13.32 -114.32 -36.39
N GLU D 163 12.49 -113.78 -37.31
CA GLU D 163 12.04 -114.44 -38.53
C GLU D 163 13.23 -114.69 -39.46
N ASP D 164 14.12 -113.72 -39.49
CA ASP D 164 15.37 -113.79 -40.24
C ASP D 164 16.42 -114.66 -39.55
N ILE D 165 16.47 -114.71 -38.21
CA ILE D 165 17.37 -115.58 -37.43
C ILE D 165 17.10 -117.02 -37.86
N LYS D 166 15.81 -117.38 -37.94
CA LYS D 166 15.34 -118.71 -38.32
C LYS D 166 15.58 -119.06 -39.78
N LYS D 167 15.12 -118.23 -40.74
CA LYS D 167 15.24 -118.56 -42.16
C LYS D 167 16.61 -118.22 -42.84
N HIS D 168 17.51 -117.43 -42.20
CA HIS D 168 18.78 -117.03 -42.85
C HIS D 168 20.01 -117.15 -42.04
N LEU D 169 19.90 -117.77 -40.86
CA LEU D 169 21.00 -118.00 -39.91
C LEU D 169 21.02 -119.41 -39.42
N LEU D 170 19.84 -119.99 -39.16
CA LEU D 170 19.68 -121.34 -38.61
C LEU D 170 19.26 -122.41 -39.65
N VAL D 171 19.59 -122.18 -40.94
CA VAL D 171 19.27 -123.07 -42.07
C VAL D 171 19.76 -124.51 -41.82
N HIS D 172 21.02 -124.66 -41.37
CA HIS D 172 21.63 -125.98 -41.17
C HIS D 172 21.57 -126.50 -39.72
N ALA D 173 20.81 -125.83 -38.86
CA ALA D 173 20.63 -126.25 -37.48
C ALA D 173 19.57 -127.38 -37.43
N PRO D 174 19.71 -128.37 -36.51
CA PRO D 174 18.66 -129.43 -36.41
C PRO D 174 17.28 -128.80 -36.15
N GLU D 175 16.25 -129.23 -36.90
CA GLU D 175 14.89 -128.68 -36.84
C GLU D 175 14.32 -128.54 -35.41
N ASP D 176 14.48 -129.57 -34.55
CA ASP D 176 13.99 -129.60 -33.17
C ASP D 176 14.65 -128.56 -32.24
N LYS D 177 15.87 -128.09 -32.58
CA LYS D 177 16.61 -127.13 -31.78
C LYS D 177 16.52 -125.70 -32.32
N LYS D 178 15.79 -125.49 -33.43
CA LYS D 178 15.69 -124.17 -34.09
C LYS D 178 15.01 -123.10 -33.24
N GLU D 179 13.90 -123.46 -32.56
CA GLU D 179 13.17 -122.49 -31.74
C GLU D 179 13.97 -121.99 -30.52
N ILE D 180 14.69 -122.92 -29.83
CA ILE D 180 15.51 -122.59 -28.64
C ILE D 180 16.71 -121.76 -29.05
N LEU D 181 17.38 -122.12 -30.14
CA LEU D 181 18.53 -121.38 -30.64
C LEU D 181 18.12 -119.96 -31.02
N ALA D 182 17.00 -119.83 -31.79
CA ALA D 182 16.46 -118.54 -32.23
C ALA D 182 16.18 -117.65 -31.04
N SER D 183 15.53 -118.23 -29.99
CA SER D 183 15.20 -117.52 -28.75
C SER D 183 16.45 -117.04 -28.00
N PHE D 184 17.49 -117.88 -27.94
CA PHE D 184 18.74 -117.52 -27.29
C PHE D 184 19.46 -116.40 -28.05
N ILE D 185 19.71 -116.59 -29.38
CA ILE D 185 20.40 -115.62 -30.23
C ILE D 185 19.73 -114.25 -30.15
N SER D 186 18.39 -114.25 -30.19
CA SER D 186 17.59 -113.02 -30.09
C SER D 186 17.88 -112.27 -28.78
N GLY D 187 17.84 -113.01 -27.65
CA GLY D 187 18.13 -112.49 -26.31
C GLY D 187 19.57 -112.07 -26.07
N LEU D 188 20.52 -112.74 -26.78
CA LEU D 188 21.94 -112.47 -26.74
C LEU D 188 22.23 -111.14 -27.42
N PHE D 189 21.54 -110.90 -28.54
CA PHE D 189 21.72 -109.69 -29.30
C PHE D 189 21.34 -108.43 -28.50
N ASN D 190 20.23 -108.52 -27.74
CA ASN D 190 19.78 -107.42 -26.89
C ASN D 190 20.76 -107.24 -25.74
N PHE D 191 21.36 -108.36 -25.23
CA PHE D 191 22.37 -108.35 -24.18
C PHE D 191 23.58 -107.58 -24.66
N TYR D 192 24.07 -107.98 -25.83
CA TYR D 192 25.22 -107.38 -26.51
C TYR D 192 25.06 -105.87 -26.64
N GLU D 193 23.89 -105.45 -27.11
CA GLU D 193 23.49 -104.06 -27.29
C GLU D 193 23.46 -103.24 -25.97
N ASP D 194 22.70 -103.72 -25.01
CA ASP D 194 22.42 -103.04 -23.75
C ASP D 194 23.61 -102.91 -22.80
N LEU D 195 24.66 -103.74 -22.98
CA LEU D 195 25.82 -103.65 -22.09
C LEU D 195 27.06 -103.11 -22.79
N TYR D 196 26.84 -102.55 -24.01
CA TYR D 196 27.80 -101.89 -24.87
C TYR D 196 29.03 -102.75 -25.25
N PHE D 197 28.78 -103.97 -25.78
CA PHE D 197 29.83 -104.86 -26.24
C PHE D 197 30.23 -104.47 -27.65
N THR D 198 31.48 -104.75 -28.02
CA THR D 198 31.99 -104.50 -29.35
C THR D 198 32.22 -105.85 -30.04
N TYR D 199 32.29 -106.93 -29.23
CA TYR D 199 32.58 -108.29 -29.67
C TYR D 199 32.10 -109.29 -28.64
N LEU D 200 31.44 -110.35 -29.08
CA LEU D 200 30.92 -111.38 -28.20
C LEU D 200 30.96 -112.68 -28.93
N GLU D 201 31.69 -113.64 -28.41
CA GLU D 201 31.82 -114.90 -29.08
C GLU D 201 31.72 -116.06 -28.11
N ILE D 202 30.82 -116.99 -28.40
CA ILE D 202 30.59 -118.18 -27.60
C ILE D 202 30.98 -119.39 -28.46
N ASN D 203 32.08 -120.13 -28.11
CA ASN D 203 32.52 -121.28 -28.91
C ASN D 203 33.14 -122.45 -28.06
N PRO D 204 32.33 -123.45 -27.65
CA PRO D 204 30.93 -123.70 -28.00
C PRO D 204 29.82 -123.11 -27.14
N LEU D 205 28.59 -123.23 -27.68
CA LEU D 205 27.29 -122.97 -27.10
C LEU D 205 26.69 -124.36 -27.22
N VAL D 206 26.44 -125.02 -26.10
CA VAL D 206 25.92 -126.38 -26.14
C VAL D 206 24.42 -126.39 -25.86
N VAL D 207 23.65 -127.09 -26.74
CA VAL D 207 22.21 -127.26 -26.62
C VAL D 207 21.92 -128.75 -26.48
N THR D 208 21.41 -129.16 -25.32
CA THR D 208 21.02 -130.54 -25.01
C THR D 208 19.49 -130.65 -24.90
N LYS D 209 18.98 -131.80 -24.44
CA LYS D 209 17.55 -132.02 -24.20
C LYS D 209 17.06 -131.17 -23.00
N ASP D 210 18.01 -130.77 -22.12
CA ASP D 210 17.78 -130.05 -20.86
C ASP D 210 17.77 -128.53 -21.00
N GLY D 211 18.56 -128.01 -21.93
CA GLY D 211 18.63 -126.57 -22.11
C GLY D 211 19.94 -126.10 -22.71
N VAL D 212 20.23 -124.83 -22.50
CA VAL D 212 21.39 -124.18 -23.08
C VAL D 212 22.48 -123.91 -22.04
N TYR D 213 23.71 -124.28 -22.40
CA TYR D 213 24.89 -124.09 -21.57
C TYR D 213 25.84 -123.27 -22.40
N VAL D 214 26.52 -122.31 -21.75
CA VAL D 214 27.52 -121.46 -22.40
C VAL D 214 28.85 -121.91 -21.81
N LEU D 215 29.66 -122.63 -22.60
CA LEU D 215 30.93 -123.21 -22.15
C LEU D 215 32.15 -122.28 -22.32
N ASP D 216 32.24 -121.55 -23.44
CA ASP D 216 33.33 -120.60 -23.69
C ASP D 216 32.68 -119.24 -23.97
N LEU D 217 33.38 -118.16 -23.61
CA LEU D 217 32.96 -116.79 -23.85
C LEU D 217 34.19 -115.90 -23.98
N ALA D 218 34.24 -115.16 -25.08
CA ALA D 218 35.30 -114.24 -25.45
C ALA D 218 34.62 -112.92 -25.84
N ALA D 219 34.83 -111.83 -25.06
CA ALA D 219 34.14 -110.56 -25.28
C ALA D 219 34.98 -109.33 -25.09
N LYS D 220 34.64 -108.28 -25.83
CA LYS D 220 35.26 -106.96 -25.78
C LYS D 220 34.15 -105.94 -25.53
N VAL D 221 34.40 -105.03 -24.61
CA VAL D 221 33.42 -103.99 -24.29
C VAL D 221 33.97 -102.63 -24.62
N ASP D 222 33.09 -101.65 -24.75
CA ASP D 222 33.53 -100.32 -25.10
C ASP D 222 33.81 -99.56 -23.85
N ALA D 223 35.05 -99.68 -23.35
CA ALA D 223 35.54 -98.99 -22.16
C ALA D 223 34.90 -97.61 -21.95
N THR D 224 34.77 -96.82 -23.04
CA THR D 224 34.28 -95.45 -23.06
C THR D 224 32.83 -95.30 -22.59
N ALA D 225 32.04 -96.39 -22.61
CA ALA D 225 30.63 -96.45 -22.21
C ALA D 225 30.43 -96.65 -20.72
N ASP D 226 31.52 -96.57 -19.94
CA ASP D 226 31.52 -96.75 -18.50
C ASP D 226 30.54 -95.78 -17.81
N TYR D 227 30.45 -94.53 -18.29
CA TYR D 227 29.56 -93.52 -17.71
C TYR D 227 28.10 -93.92 -17.81
N ILE D 228 27.78 -94.81 -18.79
CA ILE D 228 26.45 -95.34 -19.12
C ILE D 228 26.18 -96.66 -18.41
N CYS D 229 27.21 -97.54 -18.26
CA CYS D 229 27.06 -98.89 -17.71
C CYS D 229 27.65 -99.13 -16.33
N LYS D 230 28.29 -98.12 -15.68
CA LYS D 230 28.93 -98.29 -14.36
C LYS D 230 28.10 -99.18 -13.46
N VAL D 231 26.78 -98.93 -13.42
CA VAL D 231 25.79 -99.65 -12.63
C VAL D 231 25.75 -101.14 -12.92
N LYS D 232 25.64 -101.54 -14.21
CA LYS D 232 25.57 -102.94 -14.61
C LYS D 232 26.94 -103.60 -14.63
N TRP D 233 27.95 -102.92 -15.14
CA TRP D 233 29.31 -103.43 -15.21
C TRP D 233 29.94 -103.64 -13.83
N GLY D 234 29.79 -102.68 -12.95
CA GLY D 234 30.37 -102.75 -11.63
C GLY D 234 31.85 -102.45 -11.69
N ASP D 235 32.65 -103.15 -10.86
CA ASP D 235 34.11 -103.00 -10.76
C ASP D 235 34.84 -103.85 -11.78
N ILE D 236 34.48 -103.62 -13.05
CA ILE D 236 34.96 -104.29 -14.24
C ILE D 236 36.47 -104.08 -14.41
N GLU D 237 37.18 -105.20 -14.60
CA GLU D 237 38.62 -105.24 -14.80
C GLU D 237 38.93 -105.66 -16.23
N PHE D 238 39.83 -104.90 -16.89
CA PHE D 238 40.29 -105.20 -18.25
C PHE D 238 41.68 -105.84 -18.21
N PRO D 239 41.73 -107.18 -18.39
CA PRO D 239 43.02 -107.87 -18.30
C PRO D 239 43.99 -107.51 -19.42
N PRO D 240 45.30 -107.45 -19.11
CA PRO D 240 46.28 -107.20 -20.17
C PRO D 240 46.48 -108.49 -20.97
N PRO D 241 46.85 -108.40 -22.25
CA PRO D 241 47.07 -109.62 -23.04
C PRO D 241 48.06 -110.60 -22.39
N PHE D 242 47.92 -111.92 -22.67
CA PHE D 242 48.79 -112.93 -22.05
C PHE D 242 50.31 -112.78 -22.32
N GLY D 243 51.11 -112.80 -21.23
CA GLY D 243 52.57 -112.69 -21.21
C GLY D 243 53.10 -111.42 -20.57
N ARG D 244 52.26 -110.34 -20.57
CA ARG D 244 52.57 -108.97 -20.12
C ARG D 244 52.86 -108.84 -18.58
N GLU D 245 54.10 -109.29 -18.18
CA GLU D 245 54.67 -109.21 -16.83
C GLU D 245 55.40 -107.84 -16.67
N ALA D 246 54.68 -106.86 -16.10
CA ALA D 246 55.10 -105.47 -15.92
C ALA D 246 56.24 -105.26 -14.93
N TYR D 247 57.23 -104.43 -15.35
CA TYR D 247 58.40 -103.95 -14.59
C TYR D 247 57.83 -102.93 -13.56
N PRO D 248 58.52 -102.67 -12.41
CA PRO D 248 57.95 -101.70 -11.44
C PRO D 248 57.83 -100.25 -11.96
N GLU D 249 58.71 -99.87 -12.91
CA GLU D 249 58.75 -98.54 -13.54
C GLU D 249 57.53 -98.34 -14.42
N GLU D 250 57.07 -99.41 -15.14
CA GLU D 250 55.89 -99.40 -16.00
C GLU D 250 54.65 -99.18 -15.15
N ALA D 251 54.59 -99.85 -13.97
CA ALA D 251 53.48 -99.75 -13.00
C ALA D 251 53.35 -98.33 -12.44
N TYR D 252 54.50 -97.67 -12.20
CA TYR D 252 54.62 -96.30 -11.70
C TYR D 252 53.99 -95.29 -12.67
N ILE D 253 54.44 -95.32 -13.95
CA ILE D 253 53.96 -94.47 -15.04
C ILE D 253 52.45 -94.70 -15.27
N ALA D 254 51.98 -95.98 -15.22
CA ALA D 254 50.57 -96.37 -15.36
C ALA D 254 49.71 -95.69 -14.29
N ASP D 255 50.26 -95.61 -13.06
CA ASP D 255 49.61 -94.94 -11.94
C ASP D 255 49.51 -93.43 -12.19
N LEU D 256 50.61 -92.80 -12.70
CA LEU D 256 50.61 -91.36 -13.00
C LEU D 256 49.57 -91.02 -14.06
N ASP D 257 49.47 -91.87 -15.11
CA ASP D 257 48.54 -91.69 -16.22
C ASP D 257 47.09 -91.76 -15.77
N ALA D 258 46.76 -92.76 -14.93
CA ALA D 258 45.42 -92.99 -14.41
C ALA D 258 44.92 -91.86 -13.50
N LYS D 259 45.83 -91.20 -12.76
CA LYS D 259 45.52 -90.13 -11.82
C LYS D 259 45.58 -88.71 -12.42
N SER D 260 45.54 -88.59 -13.77
CA SER D 260 45.63 -87.29 -14.46
C SER D 260 44.99 -87.26 -15.84
N GLY D 261 44.53 -86.06 -16.24
CA GLY D 261 43.94 -85.78 -17.55
C GLY D 261 44.93 -85.87 -18.70
N ALA D 262 46.22 -85.97 -18.35
CA ALA D 262 47.35 -86.11 -19.26
C ALA D 262 47.58 -87.59 -19.59
N SER D 263 48.23 -87.83 -20.74
CA SER D 263 48.61 -89.14 -21.27
C SER D 263 50.10 -89.33 -21.04
N LEU D 264 50.46 -90.33 -20.23
CA LEU D 264 51.83 -90.71 -19.85
C LEU D 264 51.94 -92.20 -20.04
N LYS D 265 52.63 -92.59 -21.11
CA LYS D 265 52.75 -94.00 -21.49
C LYS D 265 54.21 -94.39 -21.53
N LEU D 266 54.51 -95.62 -21.10
CA LEU D 266 55.85 -96.19 -21.13
C LEU D 266 55.83 -97.69 -21.17
N THR D 267 56.51 -98.27 -22.17
CA THR D 267 56.63 -99.70 -22.33
C THR D 267 58.09 -100.02 -22.66
N LEU D 268 58.71 -100.89 -21.86
CA LEU D 268 60.10 -101.25 -22.12
C LEU D 268 60.18 -102.34 -23.18
N LEU D 269 61.03 -102.13 -24.18
CA LEU D 269 61.28 -103.08 -25.27
C LEU D 269 62.53 -103.89 -24.94
N ASN D 270 63.67 -103.21 -24.79
CA ASN D 270 64.96 -103.80 -24.45
C ASN D 270 65.59 -102.96 -23.33
N PRO D 271 65.47 -103.35 -22.04
CA PRO D 271 66.07 -102.55 -20.96
C PRO D 271 67.57 -102.23 -21.14
N LYS D 272 68.30 -103.13 -21.83
CA LYS D 272 69.74 -103.03 -22.10
C LYS D 272 70.08 -102.37 -23.47
N GLY D 273 69.07 -101.73 -24.09
CA GLY D 273 69.22 -101.00 -25.35
C GLY D 273 69.88 -99.65 -25.14
N ARG D 274 70.62 -99.17 -26.15
CA ARG D 274 71.33 -97.88 -26.04
C ARG D 274 70.49 -96.68 -26.54
N ILE D 275 69.36 -96.92 -27.24
CA ILE D 275 68.49 -95.85 -27.74
C ILE D 275 67.25 -95.69 -26.86
N TRP D 276 67.15 -94.54 -26.19
CA TRP D 276 66.03 -94.17 -25.31
C TRP D 276 65.26 -92.98 -25.90
N THR D 277 63.92 -93.04 -25.87
CA THR D 277 63.08 -91.97 -26.43
C THR D 277 62.12 -91.34 -25.43
N MET D 278 62.08 -90.03 -25.42
CA MET D 278 61.14 -89.30 -24.60
C MET D 278 60.44 -88.27 -25.51
N VAL D 279 59.49 -88.78 -26.30
CA VAL D 279 58.75 -88.05 -27.32
C VAL D 279 57.37 -87.56 -26.86
N ALA D 280 57.03 -86.32 -27.23
CA ALA D 280 55.74 -85.69 -26.93
C ALA D 280 54.73 -85.90 -28.06
N GLY D 281 53.55 -86.45 -27.73
CA GLY D 281 52.47 -86.70 -28.68
C GLY D 281 52.42 -88.15 -29.14
N GLY D 282 51.21 -88.68 -29.30
CA GLY D 282 50.97 -90.06 -29.72
C GLY D 282 51.36 -90.37 -31.16
N GLY D 283 51.16 -89.40 -32.05
CA GLY D 283 51.50 -89.48 -33.47
C GLY D 283 53.00 -89.50 -33.70
N ALA D 284 53.73 -88.52 -33.11
CA ALA D 284 55.18 -88.36 -33.18
C ALA D 284 55.95 -89.57 -32.58
N SER D 285 55.46 -90.12 -31.44
CA SER D 285 56.06 -91.29 -30.76
C SER D 285 56.19 -92.49 -31.69
N VAL D 286 55.16 -92.71 -32.55
CA VAL D 286 55.09 -93.77 -33.56
C VAL D 286 56.11 -93.45 -34.62
N VAL D 287 56.03 -92.22 -35.19
CA VAL D 287 56.88 -91.73 -36.27
C VAL D 287 58.38 -91.85 -35.93
N TYR D 288 58.77 -91.51 -34.68
CA TYR D 288 60.16 -91.64 -34.26
C TYR D 288 60.59 -93.11 -34.19
N SER D 289 59.75 -93.98 -33.55
CA SER D 289 59.98 -95.42 -33.41
C SER D 289 60.24 -96.08 -34.77
N ASP D 290 59.46 -95.66 -35.80
CA ASP D 290 59.51 -96.08 -37.22
C ASP D 290 60.92 -95.80 -37.79
N THR D 291 61.43 -94.56 -37.59
CA THR D 291 62.71 -94.03 -38.09
C THR D 291 63.93 -94.73 -37.41
N ILE D 292 63.83 -95.11 -36.11
CA ILE D 292 64.91 -95.83 -35.42
C ILE D 292 65.04 -97.25 -36.00
N CYS D 293 63.92 -97.81 -36.45
CA CYS D 293 63.88 -99.14 -37.05
C CYS D 293 64.44 -99.15 -38.47
N ASP D 294 64.07 -98.14 -39.29
CA ASP D 294 64.52 -97.99 -40.68
C ASP D 294 66.03 -97.73 -40.77
N LEU D 295 66.64 -97.20 -39.69
CA LEU D 295 68.07 -96.93 -39.62
C LEU D 295 68.87 -98.05 -38.92
N GLY D 296 68.22 -99.21 -38.74
CA GLY D 296 68.76 -100.43 -38.16
C GLY D 296 68.80 -100.56 -36.65
N GLY D 297 68.38 -99.52 -35.94
CA GLY D 297 68.40 -99.47 -34.47
C GLY D 297 67.36 -100.27 -33.73
N VAL D 298 66.53 -101.06 -34.45
CA VAL D 298 65.44 -101.89 -33.91
C VAL D 298 65.85 -102.70 -32.66
N ASN D 299 67.01 -103.37 -32.71
CA ASN D 299 67.54 -104.17 -31.61
C ASN D 299 68.13 -103.36 -30.46
N GLU D 300 68.46 -102.05 -30.70
CA GLU D 300 68.98 -101.14 -29.69
C GLU D 300 67.94 -100.20 -29.10
N LEU D 301 66.71 -100.21 -29.66
CA LEU D 301 65.59 -99.40 -29.17
C LEU D 301 65.12 -99.99 -27.84
N ALA D 302 65.22 -99.16 -26.78
CA ALA D 302 64.93 -99.56 -25.40
C ALA D 302 63.49 -99.42 -24.96
N ASN D 303 62.77 -98.44 -25.50
CA ASN D 303 61.42 -98.20 -25.07
C ASN D 303 60.53 -97.56 -26.12
N TYR D 304 59.22 -97.73 -25.91
CA TYR D 304 58.15 -97.07 -26.62
C TYR D 304 57.34 -96.33 -25.56
N GLY D 305 57.21 -95.03 -25.74
CA GLY D 305 56.45 -94.20 -24.81
C GLY D 305 56.12 -92.84 -25.37
N GLU D 306 55.32 -92.08 -24.61
CA GLU D 306 54.90 -90.72 -24.95
C GLU D 306 54.33 -89.98 -23.75
N TYR D 307 54.38 -88.66 -23.82
CA TYR D 307 53.77 -87.79 -22.83
C TYR D 307 53.02 -86.73 -23.62
N SER D 308 51.76 -86.48 -23.27
CA SER D 308 50.92 -85.50 -23.96
C SER D 308 49.74 -85.08 -23.06
N GLY D 309 48.85 -84.24 -23.59
CA GLY D 309 47.67 -83.73 -22.88
C GLY D 309 47.96 -82.70 -21.81
N ALA D 310 49.03 -81.90 -22.01
CA ALA D 310 49.54 -80.84 -21.13
C ALA D 310 49.90 -81.33 -19.70
N PRO D 311 50.97 -82.16 -19.53
CA PRO D 311 51.35 -82.56 -18.16
C PRO D 311 52.08 -81.44 -17.44
N SER D 312 51.96 -81.41 -16.10
CA SER D 312 52.60 -80.41 -15.24
C SER D 312 54.12 -80.59 -15.25
N GLU D 313 54.87 -79.56 -14.82
CA GLU D 313 56.34 -79.62 -14.72
C GLU D 313 56.70 -80.84 -13.85
N GLN D 314 55.96 -81.02 -12.73
CA GLN D 314 56.18 -82.12 -11.78
C GLN D 314 55.98 -83.49 -12.43
N GLN D 315 54.87 -83.67 -13.18
CA GLN D 315 54.58 -84.91 -13.90
C GLN D 315 55.66 -85.22 -14.92
N THR D 316 56.13 -84.19 -15.67
CA THR D 316 57.20 -84.26 -16.67
C THR D 316 58.51 -84.66 -15.98
N TYR D 317 58.76 -84.12 -14.77
CA TYR D 317 59.94 -84.45 -13.97
C TYR D 317 59.91 -85.93 -13.56
N ASP D 318 58.76 -86.39 -13.02
CA ASP D 318 58.53 -87.77 -12.55
C ASP D 318 58.64 -88.78 -13.70
N TYR D 319 58.18 -88.39 -14.90
CA TYR D 319 58.28 -89.19 -16.11
C TYR D 319 59.77 -89.29 -16.51
N ALA D 320 60.45 -88.13 -16.66
CA ALA D 320 61.86 -88.00 -17.05
C ALA D 320 62.83 -88.73 -16.14
N LYS D 321 62.66 -88.61 -14.80
CA LYS D 321 63.50 -89.27 -13.80
C LYS D 321 63.43 -90.79 -13.96
N THR D 322 62.24 -91.34 -14.35
CA THR D 322 62.00 -92.77 -14.58
C THR D 322 62.87 -93.25 -15.75
N ILE D 323 62.85 -92.51 -16.89
CA ILE D 323 63.65 -92.80 -18.10
C ILE D 323 65.14 -92.74 -17.74
N LEU D 324 65.59 -91.63 -17.11
CA LEU D 324 66.98 -91.41 -16.72
C LEU D 324 67.51 -92.47 -15.76
N SER D 325 66.67 -92.88 -14.78
CA SER D 325 66.98 -93.94 -13.82
C SER D 325 67.22 -95.26 -14.58
N LEU D 326 66.28 -95.59 -15.49
CA LEU D 326 66.28 -96.80 -16.33
C LEU D 326 67.46 -96.90 -17.27
N MET D 327 67.98 -95.77 -17.76
CA MET D 327 69.08 -95.84 -18.71
C MET D 327 70.46 -95.78 -18.04
N THR D 328 70.52 -95.52 -16.72
CA THR D 328 71.79 -95.46 -15.97
C THR D 328 71.93 -96.65 -14.99
N ARG D 329 71.48 -97.86 -15.42
CA ARG D 329 71.54 -99.09 -14.62
C ARG D 329 72.79 -99.91 -14.94
N GLU D 330 73.24 -99.87 -16.21
CA GLU D 330 74.41 -100.57 -16.74
C GLU D 330 75.05 -99.78 -17.90
N LYS D 331 76.38 -99.85 -18.01
CA LYS D 331 77.13 -99.13 -19.03
C LYS D 331 77.15 -99.87 -20.38
N HIS D 332 77.11 -99.09 -21.48
CA HIS D 332 77.19 -99.62 -22.84
C HIS D 332 78.55 -99.17 -23.45
N PRO D 333 79.27 -100.06 -24.20
CA PRO D 333 80.58 -99.67 -24.76
C PRO D 333 80.62 -98.44 -25.67
N ASP D 334 79.50 -98.16 -26.36
CA ASP D 334 79.35 -97.04 -27.29
C ASP D 334 78.55 -95.88 -26.68
N GLY D 335 78.29 -95.95 -25.37
CA GLY D 335 77.48 -94.96 -24.67
C GLY D 335 76.01 -95.10 -25.02
N LYS D 336 75.17 -94.14 -24.59
CA LYS D 336 73.73 -94.18 -24.88
C LYS D 336 73.22 -92.87 -25.52
N ILE D 337 72.02 -92.94 -26.10
CA ILE D 337 71.33 -91.80 -26.76
C ILE D 337 69.97 -91.57 -26.10
N LEU D 338 69.60 -90.30 -25.94
CA LEU D 338 68.28 -89.87 -25.48
C LEU D 338 67.69 -88.93 -26.52
N ILE D 339 66.58 -89.33 -27.13
CA ILE D 339 65.88 -88.55 -28.16
C ILE D 339 64.67 -87.86 -27.51
N ILE D 340 64.80 -86.57 -27.18
CA ILE D 340 63.72 -85.78 -26.59
C ILE D 340 63.06 -85.02 -27.75
N GLY D 341 62.09 -85.65 -28.38
CA GLY D 341 61.37 -85.09 -29.53
C GLY D 341 59.95 -84.60 -29.30
N GLY D 342 59.23 -84.56 -30.42
CA GLY D 342 57.86 -84.11 -30.50
C GLY D 342 57.65 -83.17 -31.68
N SER D 343 56.37 -83.06 -32.09
CA SER D 343 55.94 -82.20 -33.17
C SER D 343 55.81 -80.75 -32.63
N ILE D 344 55.12 -79.88 -33.39
CA ILE D 344 54.90 -78.52 -32.95
C ILE D 344 53.72 -78.53 -31.98
N ALA D 345 53.97 -78.09 -30.73
CA ALA D 345 52.98 -78.06 -29.66
C ALA D 345 51.90 -77.07 -29.90
N ASN D 346 50.70 -77.44 -29.47
CA ASN D 346 49.51 -76.62 -29.58
C ASN D 346 49.30 -75.99 -28.18
N PHE D 347 48.81 -76.85 -27.23
CA PHE D 347 48.45 -76.61 -25.81
C PHE D 347 49.53 -77.05 -24.83
N THR D 348 50.36 -78.02 -25.23
CA THR D 348 51.45 -78.54 -24.42
C THR D 348 52.61 -77.46 -24.40
N ASN D 349 52.49 -76.32 -23.62
CA ASN D 349 53.51 -75.25 -23.57
C ASN D 349 54.98 -75.76 -23.46
N VAL D 350 55.94 -75.11 -24.21
CA VAL D 350 57.33 -75.56 -24.41
C VAL D 350 58.29 -75.21 -23.23
N ALA D 351 58.39 -73.95 -22.78
CA ALA D 351 59.25 -73.63 -21.63
C ALA D 351 58.89 -74.42 -20.32
N ALA D 352 57.57 -74.63 -20.05
CA ALA D 352 56.98 -75.32 -18.88
C ALA D 352 57.35 -76.80 -18.73
N THR D 353 57.12 -77.63 -19.78
CA THR D 353 57.43 -79.05 -19.72
C THR D 353 58.94 -79.27 -19.69
N PHE D 354 59.70 -78.42 -20.44
CA PHE D 354 61.17 -78.49 -20.52
C PHE D 354 61.87 -78.21 -19.18
N LYS D 355 61.25 -77.39 -18.31
CA LYS D 355 61.76 -77.08 -16.98
C LYS D 355 61.78 -78.34 -16.08
N GLY D 356 60.77 -79.19 -16.23
CA GLY D 356 60.66 -80.46 -15.51
C GLY D 356 61.76 -81.42 -15.91
N ILE D 357 62.00 -81.54 -17.23
CA ILE D 357 63.06 -82.36 -17.84
C ILE D 357 64.46 -81.88 -17.40
N VAL D 358 64.71 -80.53 -17.49
CA VAL D 358 65.96 -79.85 -17.10
C VAL D 358 66.32 -80.15 -15.62
N ARG D 359 65.29 -80.17 -14.74
CA ARG D 359 65.43 -80.50 -13.33
C ARG D 359 65.90 -81.95 -13.15
N ALA D 360 65.29 -82.91 -13.89
CA ALA D 360 65.65 -84.34 -13.86
C ALA D 360 67.09 -84.57 -14.34
N ILE D 361 67.52 -83.84 -15.42
CA ILE D 361 68.89 -83.92 -15.98
C ILE D 361 69.92 -83.45 -14.95
N ARG D 362 69.65 -82.35 -14.22
CA ARG D 362 70.53 -81.82 -13.17
C ARG D 362 70.71 -82.81 -12.03
N ASP D 363 69.63 -83.51 -11.65
CA ASP D 363 69.64 -84.52 -10.59
C ASP D 363 70.39 -85.80 -10.98
N TYR D 364 70.36 -86.16 -12.28
CA TYR D 364 71.02 -87.34 -12.79
C TYR D 364 72.30 -87.03 -13.60
N GLN D 365 72.90 -85.84 -13.40
CA GLN D 365 74.08 -85.45 -14.17
C GLN D 365 75.30 -86.39 -13.97
N GLY D 366 75.52 -86.87 -12.74
CA GLY D 366 76.61 -87.80 -12.42
C GLY D 366 76.51 -89.10 -13.20
N PRO D 367 75.39 -89.86 -13.04
CA PRO D 367 75.21 -91.10 -13.81
C PRO D 367 75.17 -90.92 -15.34
N LEU D 368 74.60 -89.80 -15.83
CA LEU D 368 74.52 -89.49 -17.27
C LEU D 368 75.88 -89.27 -17.92
N LYS D 369 76.82 -88.62 -17.21
CA LYS D 369 78.19 -88.41 -17.69
C LYS D 369 78.94 -89.74 -17.66
N GLU D 370 78.73 -90.55 -16.59
CA GLU D 370 79.33 -91.87 -16.39
C GLU D 370 78.91 -92.89 -17.43
N HIS D 371 77.66 -92.81 -17.89
CA HIS D 371 77.11 -93.70 -18.91
C HIS D 371 77.26 -93.14 -20.34
N GLU D 372 78.00 -92.01 -20.52
CA GLU D 372 78.29 -91.33 -21.79
C GLU D 372 77.03 -91.06 -22.64
N VAL D 373 76.00 -90.48 -22.00
CA VAL D 373 74.71 -90.19 -22.62
C VAL D 373 74.76 -88.88 -23.40
N THR D 374 74.27 -88.92 -24.66
CA THR D 374 74.16 -87.75 -25.55
C THR D 374 72.66 -87.49 -25.82
N ILE D 375 72.20 -86.26 -25.54
CA ILE D 375 70.80 -85.87 -25.65
C ILE D 375 70.53 -85.08 -26.94
N PHE D 376 69.41 -85.41 -27.66
CA PHE D 376 68.98 -84.75 -28.90
C PHE D 376 67.57 -84.12 -28.80
N VAL D 377 67.51 -82.84 -28.37
CA VAL D 377 66.28 -82.05 -28.21
C VAL D 377 65.78 -81.54 -29.58
N ARG D 378 64.47 -81.70 -29.87
CA ARG D 378 63.80 -81.21 -31.08
C ARG D 378 62.34 -80.97 -30.77
N ARG D 379 61.93 -79.70 -30.76
CA ARG D 379 60.57 -79.35 -30.37
C ARG D 379 60.17 -77.98 -30.91
N GLY D 380 58.87 -77.84 -31.18
CA GLY D 380 58.25 -76.60 -31.61
C GLY D 380 57.04 -76.28 -30.74
N GLY D 381 56.51 -75.07 -30.89
CA GLY D 381 55.31 -74.65 -30.16
C GLY D 381 55.45 -73.37 -29.35
N PRO D 382 54.45 -73.08 -28.43
CA PRO D 382 54.50 -71.84 -27.62
C PRO D 382 55.84 -71.56 -26.90
N ASN D 383 56.48 -70.40 -27.26
CA ASN D 383 57.79 -69.82 -26.84
C ASN D 383 58.94 -70.85 -26.88
N TYR D 384 58.85 -71.86 -27.79
CA TYR D 384 59.85 -72.92 -27.96
C TYR D 384 61.29 -72.39 -27.96
N GLN D 385 61.50 -71.17 -28.50
CA GLN D 385 62.79 -70.48 -28.57
C GLN D 385 63.46 -70.37 -27.19
N GLU D 386 62.68 -69.89 -26.20
CA GLU D 386 63.04 -69.73 -24.80
C GLU D 386 63.16 -71.13 -24.13
N GLY D 387 62.26 -72.05 -24.52
CA GLY D 387 62.22 -73.42 -24.03
C GLY D 387 63.43 -74.25 -24.40
N LEU D 388 64.05 -73.95 -25.58
CA LEU D 388 65.24 -74.60 -26.16
C LEU D 388 66.55 -74.02 -25.57
N ARG D 389 66.52 -72.74 -25.16
CA ARG D 389 67.64 -72.05 -24.52
C ARG D 389 68.00 -72.75 -23.19
N VAL D 390 66.99 -73.11 -22.36
CA VAL D 390 67.22 -73.78 -21.06
C VAL D 390 67.87 -75.16 -21.26
N MET D 391 67.57 -75.82 -22.38
CA MET D 391 68.13 -77.12 -22.74
C MET D 391 69.61 -77.01 -23.08
N GLY D 392 69.97 -76.01 -23.88
CA GLY D 392 71.35 -75.75 -24.27
C GLY D 392 72.21 -75.37 -23.08
N GLU D 393 71.62 -74.59 -22.16
CA GLU D 393 72.26 -74.12 -20.95
C GLU D 393 72.57 -75.22 -19.94
N VAL D 394 71.64 -76.19 -19.74
CA VAL D 394 71.87 -77.31 -18.82
C VAL D 394 73.01 -78.21 -19.37
N GLY D 395 73.17 -78.25 -20.71
CA GLY D 395 74.22 -79.01 -21.40
C GLY D 395 75.61 -78.44 -21.23
N LYS D 396 75.70 -77.13 -20.98
CA LYS D 396 76.94 -76.40 -20.74
C LYS D 396 77.33 -76.49 -19.26
N THR D 397 76.38 -76.21 -18.35
CA THR D 397 76.57 -76.19 -16.90
C THR D 397 76.87 -77.58 -16.28
N THR D 398 76.35 -78.67 -16.88
CA THR D 398 76.57 -80.04 -16.38
C THR D 398 77.73 -80.76 -17.07
N GLY D 399 77.94 -80.43 -18.35
CA GLY D 399 78.98 -81.05 -19.18
C GLY D 399 78.45 -82.14 -20.07
N ILE D 400 77.14 -82.45 -19.97
CA ILE D 400 76.44 -83.47 -20.77
C ILE D 400 76.26 -82.93 -22.22
N PRO D 401 76.61 -83.73 -23.28
CA PRO D 401 76.44 -83.21 -24.65
C PRO D 401 74.96 -83.14 -25.06
N ILE D 402 74.42 -81.92 -25.25
CA ILE D 402 73.02 -81.74 -25.63
C ILE D 402 72.95 -80.98 -26.94
N HIS D 403 72.31 -81.59 -27.96
CA HIS D 403 72.14 -80.98 -29.29
C HIS D 403 70.68 -80.58 -29.46
N VAL D 404 70.44 -79.27 -29.49
CA VAL D 404 69.12 -78.66 -29.50
C VAL D 404 68.68 -78.14 -30.88
N PHE D 405 67.49 -78.57 -31.35
CA PHE D 405 66.92 -78.22 -32.65
C PHE D 405 65.46 -77.73 -32.57
N GLY D 406 65.07 -76.87 -33.52
CA GLY D 406 63.74 -76.29 -33.59
C GLY D 406 62.90 -76.80 -34.73
N THR D 407 61.89 -76.00 -35.13
CA THR D 407 60.96 -76.33 -36.24
C THR D 407 61.70 -76.35 -37.60
N GLU D 408 62.84 -75.62 -37.70
CA GLU D 408 63.69 -75.51 -38.89
C GLU D 408 64.23 -76.86 -39.34
N THR D 409 64.47 -77.75 -38.37
CA THR D 409 64.96 -79.11 -38.53
C THR D 409 63.74 -80.02 -38.83
N HIS D 410 63.90 -81.02 -39.73
CA HIS D 410 62.84 -81.99 -40.02
C HIS D 410 62.68 -82.81 -38.72
N MET D 411 61.44 -83.12 -38.32
CA MET D 411 61.15 -83.85 -37.07
C MET D 411 62.07 -85.04 -36.79
N THR D 412 62.23 -85.92 -37.78
CA THR D 412 62.99 -87.16 -37.70
C THR D 412 64.49 -87.03 -38.08
N ALA D 413 64.98 -85.80 -38.34
CA ALA D 413 66.38 -85.58 -38.68
C ALA D 413 67.33 -85.88 -37.52
N ILE D 414 66.90 -85.62 -36.26
CA ILE D 414 67.70 -85.87 -35.05
C ILE D 414 68.08 -87.36 -34.89
N VAL D 415 67.26 -88.27 -35.48
CA VAL D 415 67.46 -89.72 -35.49
C VAL D 415 68.68 -90.07 -36.34
N GLY D 416 68.79 -89.43 -37.51
CA GLY D 416 69.91 -89.62 -38.44
C GLY D 416 71.24 -89.20 -37.85
N MET D 417 71.25 -88.02 -37.18
CA MET D 417 72.39 -87.40 -36.50
C MET D 417 72.86 -88.23 -35.30
N ALA D 418 71.92 -88.62 -34.40
CA ALA D 418 72.18 -89.39 -33.18
C ALA D 418 72.91 -90.70 -33.47
N LEU D 419 72.51 -91.39 -34.54
CA LEU D 419 73.13 -92.65 -34.93
C LEU D 419 74.42 -92.48 -35.72
N GLY D 420 74.74 -91.23 -36.07
CA GLY D 420 75.95 -90.87 -36.81
C GLY D 420 75.90 -91.24 -38.28
N HIS D 421 74.75 -91.01 -38.92
CA HIS D 421 74.54 -91.28 -40.34
C HIS D 421 74.65 -89.99 -41.14
N ARG D 422 74.24 -88.88 -40.51
CA ARG D 422 74.27 -87.53 -41.07
C ARG D 422 74.94 -86.57 -40.06
N PRO D 423 75.66 -85.53 -40.51
CA PRO D 423 76.34 -84.63 -39.56
C PRO D 423 75.41 -83.73 -38.75
N ILE D 424 75.88 -83.33 -37.54
CA ILE D 424 75.17 -82.40 -36.66
C ILE D 424 75.54 -80.99 -37.14
N PRO D 425 74.55 -80.17 -37.57
CA PRO D 425 74.87 -78.82 -38.06
C PRO D 425 75.15 -77.82 -36.93
N LYS D 428 26.71 -85.12 -50.39
CA LYS D 428 27.31 -84.15 -49.48
C LYS D 428 28.28 -83.18 -50.17
N SER D 429 28.40 -81.97 -49.58
CA SER D 429 29.12 -80.76 -49.99
C SER D 429 30.61 -80.92 -50.34
N THR D 430 31.08 -80.21 -51.38
CA THR D 430 32.48 -80.17 -51.79
C THR D 430 33.19 -79.09 -50.97
N THR D 431 32.53 -77.92 -50.82
CA THR D 431 33.04 -76.77 -50.08
C THR D 431 32.47 -76.76 -48.67
N LEU D 432 33.35 -76.69 -47.68
CA LEU D 432 32.86 -76.68 -46.32
C LEU D 432 32.95 -75.28 -45.72
N PHE D 433 34.05 -74.56 -46.04
CA PHE D 433 34.36 -73.25 -45.50
C PHE D 433 34.69 -72.24 -46.58
N SER D 434 34.37 -70.96 -46.32
CA SER D 434 34.64 -69.80 -47.17
C SER D 434 35.13 -68.66 -46.27
N ARG D 435 35.51 -67.51 -46.86
CA ARG D 435 35.93 -66.36 -46.07
C ARG D 435 34.71 -65.64 -45.48
N HIS D 436 33.52 -66.18 -45.79
CA HIS D 436 32.21 -65.70 -45.35
C HIS D 436 31.57 -66.65 -44.32
N THR D 437 32.19 -67.82 -44.06
CA THR D 437 31.69 -68.81 -43.11
C THR D 437 31.55 -68.24 -41.70
N LYS D 438 30.36 -68.41 -41.12
CA LYS D 438 30.04 -67.99 -39.76
C LYS D 438 29.65 -69.26 -38.99
N ALA D 439 30.15 -69.40 -37.74
CA ALA D 439 29.93 -70.58 -36.90
C ALA D 439 29.36 -70.27 -35.53
N ILE D 440 28.78 -71.27 -34.88
CA ILE D 440 28.29 -71.19 -33.51
C ILE D 440 29.21 -72.13 -32.72
N VAL D 441 29.74 -71.63 -31.59
CA VAL D 441 30.57 -72.47 -30.74
C VAL D 441 29.71 -72.94 -29.60
N TRP D 442 29.56 -74.27 -29.47
CA TRP D 442 28.79 -74.86 -28.38
C TRP D 442 29.77 -75.09 -27.27
N GLY D 443 29.57 -74.35 -26.18
CA GLY D 443 30.44 -74.41 -25.01
C GLY D 443 31.04 -73.07 -24.66
N MET D 444 31.60 -72.97 -23.46
CA MET D 444 32.22 -71.73 -23.00
C MET D 444 33.75 -71.80 -23.21
N GLN D 445 34.18 -71.58 -24.45
CA GLN D 445 35.58 -71.68 -24.87
C GLN D 445 36.12 -70.35 -25.33
N THR D 446 36.49 -69.51 -24.38
CA THR D 446 37.01 -68.18 -24.60
C THR D 446 38.32 -68.15 -25.37
N ARG D 447 39.31 -69.00 -24.98
CA ARG D 447 40.61 -69.06 -25.66
C ARG D 447 40.49 -69.50 -27.13
N ALA D 448 39.63 -70.56 -27.39
CA ALA D 448 39.39 -71.09 -28.74
C ALA D 448 38.80 -70.03 -29.64
N VAL D 449 37.74 -69.33 -29.17
CA VAL D 449 37.06 -68.25 -29.87
C VAL D 449 38.03 -67.13 -30.18
N GLN D 450 38.81 -66.67 -29.18
CA GLN D 450 39.77 -65.60 -29.43
C GLN D 450 40.82 -66.00 -30.45
N GLY D 451 41.22 -67.27 -30.39
CA GLY D 451 42.19 -67.83 -31.33
C GLY D 451 41.71 -67.75 -32.76
N MET D 452 40.43 -68.15 -32.96
CA MET D 452 39.74 -68.11 -34.25
C MET D 452 39.68 -66.69 -34.75
N LEU D 453 39.28 -65.74 -33.90
CA LEU D 453 39.18 -64.33 -34.19
C LEU D 453 40.51 -63.65 -34.57
N ASP D 454 41.64 -64.17 -34.07
CA ASP D 454 42.94 -63.61 -34.39
C ASP D 454 43.38 -64.14 -35.73
N PHE D 455 43.03 -65.38 -36.03
CA PHE D 455 43.30 -65.98 -37.33
C PHE D 455 42.51 -65.20 -38.38
N ASP D 456 41.23 -64.93 -38.11
CA ASP D 456 40.37 -64.19 -39.02
C ASP D 456 40.92 -62.79 -39.32
N TYR D 457 41.40 -62.07 -38.30
CA TYR D 457 41.94 -60.73 -38.46
C TYR D 457 43.13 -60.74 -39.36
N VAL D 458 44.05 -61.67 -39.08
CA VAL D 458 45.30 -61.85 -39.79
C VAL D 458 45.06 -62.36 -41.24
N CYS D 459 43.92 -63.01 -41.51
CA CYS D 459 43.55 -63.49 -42.85
C CYS D 459 42.93 -62.39 -43.69
N SER D 460 42.76 -61.22 -43.04
CA SER D 460 42.16 -60.00 -43.57
C SER D 460 40.66 -60.23 -43.90
N ARG D 461 39.99 -61.08 -43.08
CA ARG D 461 38.56 -61.34 -43.19
C ARG D 461 37.82 -60.06 -42.81
N ASP D 462 36.65 -59.81 -43.42
CA ASP D 462 35.90 -58.59 -43.11
C ASP D 462 35.11 -58.71 -41.82
N GLU D 463 34.71 -59.94 -41.47
CA GLU D 463 33.95 -60.21 -40.25
C GLU D 463 34.48 -61.40 -39.48
N PRO D 464 34.27 -61.45 -38.14
CA PRO D 464 34.74 -62.62 -37.35
C PRO D 464 33.99 -63.90 -37.72
N SER D 465 34.67 -65.06 -37.63
CA SER D 465 34.08 -66.34 -37.98
C SER D 465 33.14 -66.90 -36.88
N VAL D 466 33.22 -66.40 -35.63
CA VAL D 466 32.33 -66.84 -34.56
C VAL D 466 31.17 -65.86 -34.45
N ALA D 467 29.93 -66.33 -34.74
CA ALA D 467 28.73 -65.49 -34.67
C ALA D 467 28.09 -65.42 -33.28
N ALA D 468 28.07 -66.58 -32.58
CA ALA D 468 27.51 -66.71 -31.25
C ALA D 468 28.06 -67.94 -30.54
N MET D 469 27.80 -68.01 -29.23
CA MET D 469 28.18 -69.14 -28.38
C MET D 469 26.96 -69.68 -27.66
N VAL D 470 26.91 -71.01 -27.42
CA VAL D 470 25.83 -71.67 -26.70
C VAL D 470 26.35 -72.28 -25.40
N TYR D 471 25.93 -71.74 -24.27
CA TYR D 471 26.36 -72.25 -22.98
C TYR D 471 25.12 -72.34 -22.09
N PRO D 472 24.63 -73.60 -21.90
CA PRO D 472 23.35 -73.82 -21.22
C PRO D 472 23.21 -73.44 -19.75
N PHE D 473 24.31 -73.12 -19.06
CA PHE D 473 24.29 -72.86 -17.61
C PHE D 473 24.09 -71.42 -17.22
N THR D 474 24.41 -70.52 -18.12
CA THR D 474 24.24 -69.07 -17.90
C THR D 474 23.06 -68.58 -18.71
N GLY D 475 22.50 -67.46 -18.31
CA GLY D 475 21.46 -66.79 -19.06
C GLY D 475 22.09 -66.08 -20.24
N ASP D 476 21.27 -65.65 -21.22
CA ASP D 476 21.79 -64.95 -22.40
C ASP D 476 22.56 -63.70 -21.97
N HIS D 477 23.75 -63.49 -22.56
CA HIS D 477 24.65 -62.35 -22.29
C HIS D 477 25.61 -62.11 -23.45
N LYS D 478 26.48 -61.08 -23.36
CA LYS D 478 27.46 -60.79 -24.40
C LYS D 478 28.86 -60.90 -23.81
N GLN D 479 29.79 -61.50 -24.56
CA GLN D 479 31.15 -61.67 -24.12
C GLN D 479 32.09 -60.76 -24.92
N LYS D 480 33.03 -60.09 -24.21
CA LYS D 480 34.03 -59.19 -24.80
C LYS D 480 35.18 -59.99 -25.44
N PHE D 481 35.58 -59.57 -26.66
CA PHE D 481 36.66 -60.20 -27.44
C PHE D 481 37.43 -59.17 -28.20
N TYR D 482 38.54 -59.56 -28.85
CA TYR D 482 39.39 -58.66 -29.61
C TYR D 482 39.40 -58.90 -31.11
N TRP D 483 39.10 -57.84 -31.88
CA TRP D 483 39.17 -57.82 -33.33
C TRP D 483 40.38 -56.94 -33.67
N GLY D 484 41.55 -57.54 -33.47
CA GLY D 484 42.82 -56.88 -33.62
C GLY D 484 43.21 -56.23 -32.32
N HIS D 485 42.77 -55.00 -32.14
CA HIS D 485 43.02 -54.19 -30.94
C HIS D 485 41.72 -53.50 -30.51
N LYS D 486 40.67 -53.74 -31.28
CA LYS D 486 39.35 -53.23 -31.05
C LYS D 486 38.55 -54.29 -30.27
N GLU D 487 37.88 -53.88 -29.19
CA GLU D 487 37.04 -54.80 -28.46
C GLU D 487 35.70 -54.92 -29.17
N ILE D 488 35.22 -56.16 -29.30
CA ILE D 488 33.93 -56.54 -29.91
C ILE D 488 33.14 -57.42 -28.94
N LEU D 489 31.82 -57.49 -29.14
CA LEU D 489 30.99 -58.32 -28.30
C LEU D 489 30.36 -59.48 -29.06
N ILE D 490 30.50 -60.70 -28.51
CA ILE D 490 29.89 -61.88 -29.12
C ILE D 490 28.73 -62.35 -28.25
N PRO D 491 27.53 -62.60 -28.83
CA PRO D 491 26.41 -63.06 -27.99
C PRO D 491 26.55 -64.52 -27.50
N VAL D 492 26.17 -64.75 -26.25
CA VAL D 492 26.16 -66.06 -25.61
C VAL D 492 24.68 -66.40 -25.28
N PHE D 493 24.20 -67.58 -25.77
CA PHE D 493 22.82 -68.04 -25.61
C PHE D 493 22.68 -69.25 -24.72
N LYS D 494 21.62 -69.29 -23.91
CA LYS D 494 21.32 -70.41 -23.04
C LYS D 494 20.79 -71.55 -23.94
N ASN D 495 19.89 -71.19 -24.89
CA ASN D 495 19.25 -72.15 -25.78
C ASN D 495 19.75 -72.04 -27.21
N MET D 496 20.07 -73.18 -27.84
CA MET D 496 20.54 -73.26 -29.22
C MET D 496 19.46 -72.77 -30.16
N ALA D 497 18.19 -73.01 -29.82
CA ALA D 497 17.04 -72.57 -30.61
C ALA D 497 17.09 -71.06 -30.86
N ASP D 498 17.41 -70.26 -29.82
CA ASP D 498 17.53 -68.79 -29.89
C ASP D 498 18.70 -68.35 -30.74
N ALA D 499 19.86 -69.03 -30.60
CA ALA D 499 21.06 -68.74 -31.36
C ALA D 499 20.81 -68.90 -32.85
N MET D 500 20.20 -70.02 -33.24
CA MET D 500 19.86 -70.36 -34.62
C MET D 500 18.90 -69.32 -35.21
N ARG D 501 17.87 -68.95 -34.43
CA ARG D 501 16.85 -67.99 -34.81
C ARG D 501 17.48 -66.62 -35.11
N LYS D 502 18.31 -66.12 -34.21
CA LYS D 502 18.96 -64.82 -34.34
C LYS D 502 20.13 -64.83 -35.31
N HIS D 503 20.65 -66.02 -35.65
CA HIS D 503 21.78 -66.12 -36.56
C HIS D 503 21.54 -67.12 -37.72
N PRO D 504 20.66 -66.77 -38.69
CA PRO D 504 20.41 -67.67 -39.82
C PRO D 504 21.59 -67.83 -40.78
N GLU D 505 22.55 -66.86 -40.77
CA GLU D 505 23.78 -66.86 -41.57
C GLU D 505 24.78 -68.00 -41.21
N VAL D 506 24.66 -68.57 -39.98
CA VAL D 506 25.51 -69.64 -39.46
C VAL D 506 25.21 -70.96 -40.15
N ASP D 507 26.26 -71.66 -40.61
CA ASP D 507 26.14 -72.97 -41.26
C ASP D 507 27.09 -74.01 -40.67
N VAL D 508 27.95 -73.57 -39.72
CA VAL D 508 28.92 -74.45 -39.09
C VAL D 508 28.70 -74.44 -37.59
N LEU D 509 28.85 -75.59 -36.95
CA LEU D 509 28.80 -75.66 -35.51
C LEU D 509 30.04 -76.36 -34.99
N ILE D 510 30.77 -75.70 -34.08
CA ILE D 510 31.96 -76.27 -33.41
C ILE D 510 31.51 -76.72 -32.03
N ASN D 511 31.51 -78.06 -31.79
CA ASN D 511 30.98 -78.64 -30.59
C ASN D 511 32.03 -79.07 -29.55
N PHE D 512 32.18 -78.21 -28.54
CA PHE D 512 33.07 -78.45 -27.41
C PHE D 512 32.39 -79.16 -26.23
N ALA D 513 31.19 -79.75 -26.46
CA ALA D 513 30.47 -80.48 -25.41
C ALA D 513 31.35 -81.64 -24.97
N SER D 514 31.28 -81.99 -23.65
CA SER D 514 32.02 -83.11 -23.05
C SER D 514 31.57 -84.39 -23.68
N LEU D 515 32.36 -85.46 -23.56
CA LEU D 515 31.91 -86.74 -24.12
C LEU D 515 30.45 -87.14 -23.71
N ARG D 516 30.06 -86.86 -22.46
CA ARG D 516 28.74 -87.16 -21.93
C ARG D 516 27.62 -86.41 -22.64
N SER D 517 27.75 -85.11 -22.81
CA SER D 517 26.72 -84.34 -23.49
C SER D 517 26.97 -84.09 -25.01
N ALA D 518 27.95 -84.77 -25.59
CA ALA D 518 28.33 -84.61 -27.00
C ALA D 518 27.36 -85.20 -28.01
N TYR D 519 26.79 -86.34 -27.68
CA TYR D 519 25.89 -87.00 -28.61
C TYR D 519 24.60 -86.22 -28.77
N ASP D 520 23.95 -85.92 -27.67
CA ASP D 520 22.69 -85.21 -27.65
C ASP D 520 22.76 -83.82 -28.27
N SER D 521 23.82 -83.05 -27.96
CA SER D 521 24.01 -81.71 -28.51
C SER D 521 24.16 -81.73 -30.02
N THR D 522 24.86 -82.75 -30.57
CA THR D 522 25.04 -82.91 -32.02
C THR D 522 23.72 -83.29 -32.68
N MET D 523 23.01 -84.25 -32.09
CA MET D 523 21.72 -84.72 -32.53
C MET D 523 20.72 -83.56 -32.62
N GLU D 524 20.76 -82.66 -31.64
CA GLU D 524 19.93 -81.45 -31.56
C GLU D 524 20.23 -80.51 -32.71
N THR D 525 21.53 -80.28 -32.98
CA THR D 525 21.99 -79.38 -34.03
C THR D 525 21.43 -79.79 -35.38
N MET D 526 21.27 -81.11 -35.60
CA MET D 526 20.80 -81.66 -36.86
C MET D 526 19.33 -81.38 -37.13
N ASN D 527 18.65 -80.79 -36.14
CA ASN D 527 17.26 -80.37 -36.27
C ASN D 527 17.19 -78.97 -36.85
N TYR D 528 18.35 -78.32 -36.99
CA TYR D 528 18.48 -77.00 -37.62
C TYR D 528 19.20 -77.22 -38.94
N ALA D 529 18.39 -77.14 -40.02
CA ALA D 529 18.81 -77.39 -41.40
C ALA D 529 19.86 -76.40 -41.93
N GLN D 530 19.99 -75.21 -41.28
CA GLN D 530 21.00 -74.21 -41.66
C GLN D 530 22.42 -74.73 -41.48
N ILE D 531 22.62 -75.57 -40.45
CA ILE D 531 23.90 -76.19 -40.09
C ILE D 531 24.19 -77.35 -41.05
N ARG D 532 25.31 -77.22 -41.77
CA ARG D 532 25.76 -78.15 -42.79
C ARG D 532 27.05 -78.89 -42.46
N THR D 533 27.81 -78.39 -41.47
CA THR D 533 29.08 -78.96 -41.00
C THR D 533 29.13 -78.86 -39.49
N ILE D 534 29.46 -79.96 -38.84
CA ILE D 534 29.56 -79.99 -37.39
C ILE D 534 30.96 -80.53 -37.08
N ALA D 535 31.70 -79.85 -36.21
CA ALA D 535 32.99 -80.34 -35.77
C ALA D 535 32.83 -80.86 -34.32
N ILE D 536 33.11 -82.14 -34.08
CA ILE D 536 32.99 -82.73 -32.75
C ILE D 536 34.39 -82.90 -32.18
N ILE D 537 34.69 -82.12 -31.15
CA ILE D 537 36.03 -82.06 -30.53
C ILE D 537 36.30 -83.19 -29.52
N ALA D 538 35.27 -83.54 -28.74
CA ALA D 538 35.33 -84.53 -27.66
C ALA D 538 35.95 -85.89 -28.01
N GLU D 539 36.90 -86.33 -27.16
CA GLU D 539 37.51 -87.66 -27.29
C GLU D 539 36.92 -88.53 -26.18
N GLY D 540 36.26 -89.62 -26.57
CA GLY D 540 35.69 -90.53 -25.60
C GLY D 540 34.22 -90.89 -25.75
N ILE D 541 33.63 -90.53 -26.90
CA ILE D 541 32.23 -90.85 -27.19
C ILE D 541 32.12 -92.35 -27.53
N PRO D 542 31.25 -93.14 -26.83
CA PRO D 542 31.10 -94.57 -27.18
C PRO D 542 30.86 -94.76 -28.69
N GLU D 543 31.48 -95.82 -29.25
CA GLU D 543 31.46 -96.16 -30.68
C GLU D 543 30.04 -96.16 -31.26
N ALA D 544 29.11 -96.86 -30.53
CA ALA D 544 27.66 -97.03 -30.78
C ALA D 544 26.96 -95.70 -30.99
N LEU D 545 27.31 -94.70 -30.19
CA LEU D 545 26.71 -93.38 -30.28
C LEU D 545 27.16 -92.66 -31.51
N THR D 546 28.48 -92.69 -31.79
CA THR D 546 29.09 -92.10 -32.99
C THR D 546 28.46 -92.72 -34.27
N ARG D 547 28.22 -94.05 -34.26
CA ARG D 547 27.59 -94.78 -35.37
C ARG D 547 26.28 -94.19 -35.72
N LYS D 548 25.47 -93.87 -34.69
CA LYS D 548 24.14 -93.31 -34.81
C LYS D 548 24.15 -91.89 -35.38
N LEU D 549 25.18 -91.08 -34.97
CA LEU D 549 25.42 -89.71 -35.43
C LEU D 549 25.72 -89.77 -36.89
N ILE D 550 26.63 -90.68 -37.29
CA ILE D 550 26.97 -90.86 -38.70
C ILE D 550 25.68 -91.16 -39.50
N LYS D 551 24.79 -92.03 -38.95
CA LYS D 551 23.52 -92.38 -39.59
C LYS D 551 22.72 -91.13 -39.85
N LYS D 552 22.39 -90.33 -38.82
CA LYS D 552 21.61 -89.11 -39.01
C LYS D 552 22.32 -88.11 -39.93
N ALA D 553 23.65 -87.98 -39.76
CA ALA D 553 24.46 -87.05 -40.54
C ALA D 553 24.31 -87.30 -42.00
N ASP D 554 24.55 -88.55 -42.39
CA ASP D 554 24.51 -88.97 -43.77
C ASP D 554 23.17 -88.68 -44.37
N GLN D 555 22.08 -89.09 -43.68
CA GLN D 555 20.71 -88.93 -44.16
C GLN D 555 20.25 -87.49 -44.21
N LYS D 556 20.89 -86.60 -43.45
CA LYS D 556 20.54 -85.18 -43.43
C LYS D 556 21.50 -84.34 -44.28
N GLY D 557 22.59 -84.96 -44.73
CA GLY D 557 23.61 -84.35 -45.58
C GLY D 557 24.59 -83.46 -44.87
N VAL D 558 24.67 -83.61 -43.54
CA VAL D 558 25.59 -82.83 -42.72
C VAL D 558 26.97 -83.50 -42.60
N THR D 559 28.03 -82.75 -42.89
CA THR D 559 29.39 -83.23 -42.82
C THR D 559 29.88 -83.16 -41.38
N ILE D 560 30.36 -84.29 -40.85
CA ILE D 560 30.87 -84.34 -39.47
C ILE D 560 32.38 -84.38 -39.52
N ILE D 561 33.05 -83.42 -38.88
CA ILE D 561 34.49 -83.48 -38.76
C ILE D 561 34.73 -83.87 -37.30
N GLY D 562 35.27 -85.07 -37.10
CA GLY D 562 35.48 -85.60 -35.77
C GLY D 562 34.68 -86.88 -35.61
N PRO D 563 34.46 -87.40 -34.38
CA PRO D 563 34.88 -86.88 -33.06
C PRO D 563 36.36 -87.02 -32.82
N ALA D 564 36.81 -86.57 -31.64
CA ALA D 564 38.19 -86.64 -31.15
C ALA D 564 39.16 -85.97 -32.10
N THR D 565 38.79 -84.78 -32.54
CA THR D 565 39.59 -83.98 -33.45
C THR D 565 39.85 -82.59 -32.93
N VAL D 566 40.94 -81.98 -33.44
CA VAL D 566 41.29 -80.60 -33.18
C VAL D 566 40.49 -79.77 -34.19
N GLY D 567 40.23 -80.39 -35.35
CA GLY D 567 39.45 -79.84 -36.44
C GLY D 567 40.23 -79.80 -37.74
N GLY D 568 40.27 -78.62 -38.33
CA GLY D 568 40.96 -78.38 -39.58
C GLY D 568 41.20 -76.91 -39.76
N ILE D 569 41.82 -76.57 -40.90
CA ILE D 569 42.19 -75.20 -41.24
C ILE D 569 42.13 -74.95 -42.76
N LYS D 570 41.46 -73.87 -43.15
CA LYS D 570 41.42 -73.41 -44.52
C LYS D 570 42.08 -72.01 -44.53
N PRO D 571 43.42 -71.94 -44.75
CA PRO D 571 44.13 -70.64 -44.75
C PRO D 571 43.44 -69.56 -45.58
N GLY D 572 43.26 -68.43 -44.92
CA GLY D 572 42.59 -67.27 -45.47
C GLY D 572 41.09 -67.27 -45.23
N CYS D 573 40.51 -68.40 -44.81
CA CYS D 573 39.05 -68.51 -44.68
C CYS D 573 38.56 -68.82 -43.32
N PHE D 574 38.92 -69.99 -42.79
CA PHE D 574 38.36 -70.46 -41.54
C PHE D 574 39.28 -71.47 -40.86
N LYS D 575 39.29 -71.46 -39.53
CA LYS D 575 40.09 -72.37 -38.70
C LYS D 575 39.16 -72.95 -37.64
N ILE D 576 39.09 -74.27 -37.53
CA ILE D 576 38.22 -74.92 -36.54
C ILE D 576 38.88 -74.86 -35.15
N GLY D 577 38.28 -74.05 -34.29
CA GLY D 577 38.69 -73.90 -32.90
C GLY D 577 40.17 -73.71 -32.66
N ASN D 578 40.85 -74.75 -32.12
CA ASN D 578 42.27 -74.64 -31.75
C ASN D 578 43.29 -75.12 -32.79
N THR D 579 42.81 -75.53 -33.98
CA THR D 579 43.70 -75.99 -35.05
C THR D 579 44.76 -74.92 -35.30
N GLY D 580 46.02 -75.33 -35.35
CA GLY D 580 47.13 -74.43 -35.62
C GLY D 580 47.72 -73.74 -34.42
N GLY D 581 46.99 -73.71 -33.30
CA GLY D 581 47.46 -73.11 -32.05
C GLY D 581 47.53 -71.59 -32.04
N MET D 582 48.61 -71.05 -31.38
CA MET D 582 48.87 -69.61 -31.20
C MET D 582 49.17 -68.92 -32.55
N LEU D 583 48.91 -67.61 -32.61
CA LEU D 583 49.15 -66.81 -33.81
C LEU D 583 50.54 -67.01 -34.34
N ASP D 584 51.56 -66.98 -33.48
CA ASP D 584 52.94 -67.16 -33.88
C ASP D 584 53.15 -68.42 -34.73
N ASN D 585 52.42 -69.53 -34.45
CA ASN D 585 52.50 -70.73 -35.30
C ASN D 585 51.76 -70.53 -36.64
N ILE D 586 50.61 -69.85 -36.61
CA ILE D 586 49.84 -69.52 -37.81
C ILE D 586 50.70 -68.68 -38.77
N LEU D 587 51.44 -67.70 -38.21
CA LEU D 587 52.36 -66.84 -38.95
C LEU D 587 53.60 -67.60 -39.42
N ALA D 588 54.20 -68.42 -38.52
CA ALA D 588 55.39 -69.24 -38.81
C ALA D 588 55.19 -70.19 -40.00
N SER D 589 54.03 -70.84 -40.04
CA SER D 589 53.69 -71.79 -41.10
C SER D 589 52.89 -71.09 -42.22
N LYS D 590 52.90 -69.73 -42.25
CA LYS D 590 52.23 -68.86 -43.24
C LYS D 590 50.79 -69.37 -43.57
N LEU D 591 49.97 -69.54 -42.53
CA LEU D 591 48.60 -70.05 -42.64
C LEU D 591 47.57 -68.93 -42.79
N TYR D 592 48.02 -67.67 -42.91
CA TYR D 592 47.16 -66.51 -43.10
C TYR D 592 46.78 -66.35 -44.61
N ARG D 593 47.46 -67.11 -45.46
CA ARG D 593 47.22 -67.04 -46.93
C ARG D 593 47.23 -68.45 -47.50
N PRO D 594 46.44 -68.74 -48.55
CA PRO D 594 46.37 -70.10 -49.13
C PRO D 594 47.46 -70.44 -50.13
N GLY D 595 47.66 -71.76 -50.28
CA GLY D 595 48.59 -72.39 -51.20
C GLY D 595 47.84 -73.28 -52.16
N SER D 596 48.50 -74.35 -52.63
CA SER D 596 47.92 -75.29 -53.59
C SER D 596 47.88 -76.74 -53.09
N VAL D 597 48.36 -76.95 -51.85
CA VAL D 597 48.43 -78.28 -51.22
C VAL D 597 47.33 -78.53 -50.20
N ALA D 598 46.56 -79.62 -50.38
CA ALA D 598 45.50 -80.01 -49.44
C ALA D 598 45.90 -81.30 -48.75
N TYR D 599 45.67 -81.40 -47.44
CA TYR D 599 46.03 -82.61 -46.74
C TYR D 599 44.92 -83.16 -45.84
N VAL D 600 45.04 -84.43 -45.48
CA VAL D 600 44.14 -85.13 -44.59
C VAL D 600 44.97 -86.07 -43.71
N SER D 601 44.74 -86.02 -42.39
CA SER D 601 45.46 -86.79 -41.38
C SER D 601 44.51 -87.36 -40.32
N ARG D 602 44.92 -88.40 -39.58
CA ARG D 602 44.10 -88.91 -38.47
C ARG D 602 44.44 -88.07 -37.21
N SER D 603 45.77 -87.95 -36.92
CA SER D 603 46.38 -87.23 -35.79
C SER D 603 46.27 -85.70 -35.92
N GLY D 604 45.80 -85.04 -34.85
CA GLY D 604 45.71 -83.58 -34.77
C GLY D 604 47.07 -82.91 -34.64
N GLY D 605 48.00 -83.58 -33.93
CA GLY D 605 49.36 -83.12 -33.71
C GLY D 605 50.25 -83.23 -34.92
N MET D 606 50.04 -84.30 -35.69
CA MET D 606 50.73 -84.57 -36.94
C MET D 606 50.24 -83.65 -38.07
N SER D 607 49.05 -83.07 -37.90
CA SER D 607 48.47 -82.10 -38.81
C SER D 607 49.27 -80.81 -38.66
N ASN D 608 49.71 -80.49 -37.42
CA ASN D 608 50.52 -79.31 -37.15
C ASN D 608 51.87 -79.43 -37.76
N GLU D 609 52.44 -80.65 -37.71
CA GLU D 609 53.74 -80.91 -38.31
C GLU D 609 53.67 -80.77 -39.84
N LEU D 610 52.58 -81.30 -40.44
CA LEU D 610 52.30 -81.21 -41.88
C LEU D 610 52.23 -79.77 -42.38
N ASN D 611 51.59 -78.86 -41.59
CA ASN D 611 51.49 -77.41 -41.88
C ASN D 611 52.89 -76.86 -42.02
N ASN D 612 53.78 -77.22 -41.08
CA ASN D 612 55.18 -76.82 -41.06
C ASN D 612 55.92 -77.36 -42.29
N ILE D 613 55.81 -78.69 -42.56
CA ILE D 613 56.46 -79.34 -43.71
C ILE D 613 56.05 -78.68 -45.02
N ILE D 614 54.73 -78.64 -45.29
CA ILE D 614 54.14 -78.08 -46.51
C ILE D 614 54.55 -76.64 -46.72
N SER D 615 54.49 -75.78 -45.68
CA SER D 615 54.88 -74.36 -45.79
C SER D 615 56.34 -74.16 -46.23
N ARG D 616 57.25 -75.02 -45.74
CA ARG D 616 58.68 -74.95 -46.02
C ARG D 616 59.07 -75.49 -47.38
N THR D 617 58.29 -76.44 -47.91
CA THR D 617 58.59 -77.10 -49.18
C THR D 617 57.78 -76.59 -50.38
N THR D 618 56.55 -76.09 -50.14
CA THR D 618 55.64 -75.64 -51.21
C THR D 618 55.16 -74.20 -50.99
N ASP D 619 54.10 -73.81 -51.75
CA ASP D 619 53.46 -72.51 -51.70
C ASP D 619 52.49 -72.39 -50.54
N GLY D 620 52.30 -73.50 -49.82
CA GLY D 620 51.44 -73.54 -48.65
C GLY D 620 50.23 -74.44 -48.72
N VAL D 621 49.51 -74.47 -47.60
CA VAL D 621 48.31 -75.27 -47.43
C VAL D 621 47.11 -74.53 -48.03
N TYR D 622 46.29 -75.24 -48.83
CA TYR D 622 45.05 -74.73 -49.39
C TYR D 622 43.97 -74.98 -48.33
N GLU D 623 43.87 -76.25 -47.84
CA GLU D 623 42.93 -76.77 -46.85
C GLU D 623 43.52 -78.03 -46.21
N GLY D 624 43.36 -78.16 -44.89
CA GLY D 624 43.85 -79.30 -44.12
C GLY D 624 42.83 -79.77 -43.12
N VAL D 625 42.69 -81.10 -42.93
CA VAL D 625 41.71 -81.70 -42.01
C VAL D 625 42.35 -82.85 -41.21
N ALA D 626 42.06 -82.90 -39.88
CA ALA D 626 42.38 -84.00 -38.97
C ALA D 626 41.04 -84.74 -38.78
N ILE D 627 40.90 -85.99 -39.27
CA ILE D 627 39.61 -86.69 -39.23
C ILE D 627 39.26 -87.23 -37.84
N GLY D 628 40.21 -87.17 -36.91
CA GLY D 628 40.02 -87.66 -35.56
C GLY D 628 40.53 -89.07 -35.42
N GLY D 629 40.67 -89.53 -34.18
CA GLY D 629 41.20 -90.86 -33.90
C GLY D 629 40.22 -91.94 -33.48
N ASP D 630 38.92 -91.61 -33.36
CA ASP D 630 37.87 -92.60 -32.98
C ASP D 630 37.78 -93.78 -34.00
N ARG D 631 37.17 -94.91 -33.57
CA ARG D 631 37.04 -96.08 -34.44
C ARG D 631 36.29 -95.76 -35.73
N TYR D 632 35.17 -95.05 -35.63
CA TYR D 632 34.48 -94.72 -36.87
C TYR D 632 34.34 -93.23 -36.91
N PRO D 633 35.22 -92.51 -37.67
CA PRO D 633 35.10 -91.05 -37.73
C PRO D 633 33.95 -90.62 -38.63
N GLY D 634 33.36 -89.47 -38.30
CA GLY D 634 32.23 -88.87 -39.01
C GLY D 634 32.46 -88.69 -40.49
N SER D 635 33.69 -88.31 -40.86
CA SER D 635 34.11 -88.15 -42.26
C SER D 635 35.46 -88.85 -42.35
N THR D 636 35.59 -89.72 -43.37
CA THR D 636 36.74 -90.58 -43.67
C THR D 636 37.82 -89.86 -44.55
N PHE D 637 38.96 -90.53 -44.80
CA PHE D 637 40.00 -90.05 -45.70
C PHE D 637 39.43 -89.84 -47.10
N MET D 638 38.67 -90.84 -47.61
CA MET D 638 38.09 -90.78 -48.94
C MET D 638 37.16 -89.63 -49.12
N ASP D 639 36.29 -89.39 -48.14
CA ASP D 639 35.33 -88.29 -48.16
C ASP D 639 36.01 -86.98 -48.51
N HIS D 640 37.11 -86.66 -47.82
CA HIS D 640 37.88 -85.44 -48.02
C HIS D 640 38.75 -85.44 -49.25
N VAL D 641 39.37 -86.60 -49.60
CA VAL D 641 40.20 -86.71 -50.82
C VAL D 641 39.36 -86.34 -52.06
N LEU D 642 38.12 -86.84 -52.11
CA LEU D 642 37.17 -86.55 -53.17
C LEU D 642 36.76 -85.09 -53.18
N ARG D 643 36.62 -84.45 -52.00
CA ARG D 643 36.30 -83.03 -51.94
C ARG D 643 37.44 -82.26 -52.61
N TYR D 644 38.71 -82.61 -52.25
CA TYR D 644 39.94 -82.01 -52.74
C TYR D 644 40.12 -82.23 -54.22
N GLN D 645 39.77 -83.42 -54.73
CA GLN D 645 39.83 -83.74 -56.15
C GLN D 645 38.88 -82.81 -56.91
N ASP D 646 37.75 -82.47 -56.31
CA ASP D 646 36.69 -81.64 -56.91
C ASP D 646 36.82 -80.13 -56.67
N THR D 647 37.83 -79.69 -55.89
CA THR D 647 38.09 -78.27 -55.61
C THR D 647 39.15 -77.81 -56.61
N PRO D 648 38.84 -76.83 -57.49
CA PRO D 648 39.83 -76.43 -58.52
C PRO D 648 41.15 -75.86 -58.00
N GLY D 649 41.09 -75.15 -56.86
CA GLY D 649 42.23 -74.54 -56.19
C GLY D 649 43.28 -75.51 -55.67
N VAL D 650 42.88 -76.77 -55.43
CA VAL D 650 43.76 -77.84 -54.94
C VAL D 650 44.51 -78.38 -56.15
N LYS D 651 45.85 -78.35 -56.08
CA LYS D 651 46.69 -78.84 -57.19
C LYS D 651 47.35 -80.17 -56.86
N MET D 652 47.49 -80.49 -55.56
CA MET D 652 48.06 -81.74 -55.06
C MET D 652 47.53 -82.08 -53.67
N ILE D 653 47.42 -83.40 -53.37
CA ILE D 653 46.87 -83.93 -52.12
C ILE D 653 47.91 -84.74 -51.31
N VAL D 654 47.98 -84.53 -49.99
CA VAL D 654 48.87 -85.25 -49.07
C VAL D 654 48.03 -86.02 -48.06
N VAL D 655 48.24 -87.34 -47.96
CA VAL D 655 47.49 -88.20 -47.03
C VAL D 655 48.45 -88.81 -46.00
N LEU D 656 48.21 -88.53 -44.71
CA LEU D 656 49.03 -89.13 -43.67
C LEU D 656 48.23 -90.27 -43.01
N GLY D 657 48.42 -91.46 -43.57
CA GLY D 657 47.77 -92.70 -43.14
C GLY D 657 48.31 -93.33 -41.85
N GLU D 658 47.74 -94.48 -41.48
CA GLU D 658 48.09 -95.20 -40.26
C GLU D 658 47.93 -96.71 -40.45
N ILE D 659 48.57 -97.48 -39.56
CA ILE D 659 48.45 -98.94 -39.49
C ILE D 659 47.02 -99.24 -39.00
N GLY D 660 46.41 -100.27 -39.58
CA GLY D 660 45.06 -100.64 -39.22
C GLY D 660 44.03 -99.96 -40.10
N GLY D 661 42.99 -100.70 -40.43
CA GLY D 661 41.95 -100.20 -41.32
C GLY D 661 42.33 -100.45 -42.76
N THR D 662 41.41 -100.22 -43.67
CA THR D 662 41.64 -100.44 -45.10
C THR D 662 41.20 -99.24 -45.93
N GLU D 663 40.96 -98.09 -45.25
CA GLU D 663 40.52 -96.84 -45.85
C GLU D 663 41.45 -96.41 -47.00
N GLU D 664 42.76 -96.44 -46.76
CA GLU D 664 43.84 -96.05 -47.68
C GLU D 664 43.78 -96.79 -49.04
N TYR D 665 43.18 -97.98 -49.06
CA TYR D 665 43.00 -98.77 -50.26
C TYR D 665 41.91 -98.21 -51.18
N LYS D 666 40.96 -97.42 -50.62
CA LYS D 666 39.89 -96.76 -51.40
C LYS D 666 40.49 -95.75 -52.37
N ILE D 667 41.67 -95.18 -51.97
CA ILE D 667 42.44 -94.23 -52.77
C ILE D 667 43.01 -94.95 -53.98
N CYS D 668 43.60 -96.17 -53.79
CA CYS D 668 44.18 -97.00 -54.87
C CYS D 668 43.10 -97.26 -55.90
N ARG D 669 41.94 -97.68 -55.41
CA ARG D 669 40.75 -97.98 -56.16
C ARG D 669 40.28 -96.74 -56.94
N GLY D 670 40.22 -95.57 -56.27
CA GLY D 670 39.83 -94.30 -56.88
C GLY D 670 40.71 -93.88 -58.04
N ILE D 671 42.04 -94.09 -57.90
CA ILE D 671 43.06 -93.79 -58.91
C ILE D 671 42.86 -94.70 -60.10
N LYS D 672 42.76 -96.03 -59.84
CA LYS D 672 42.52 -97.10 -60.81
C LYS D 672 41.29 -96.75 -61.69
N GLU D 673 40.15 -96.43 -61.03
CA GLU D 673 38.87 -96.06 -61.63
C GLU D 673 38.89 -94.72 -62.38
N GLY D 674 39.98 -93.96 -62.22
CA GLY D 674 40.18 -92.68 -62.89
C GLY D 674 39.44 -91.52 -62.26
N ARG D 675 38.91 -91.73 -61.05
CA ARG D 675 38.20 -90.71 -60.29
C ARG D 675 39.19 -89.68 -59.75
N LEU D 676 40.32 -90.16 -59.18
CA LEU D 676 41.40 -89.34 -58.62
C LEU D 676 42.49 -89.20 -59.66
N THR D 677 42.68 -87.98 -60.16
CA THR D 677 43.62 -87.63 -61.24
C THR D 677 44.76 -86.73 -60.76
N LYS D 678 44.52 -85.99 -59.67
CA LYS D 678 45.48 -85.08 -59.06
C LYS D 678 46.60 -85.89 -58.42
N PRO D 679 47.86 -85.35 -58.38
CA PRO D 679 48.94 -86.10 -57.70
C PRO D 679 48.65 -86.27 -56.21
N ILE D 680 48.85 -87.49 -55.69
CA ILE D 680 48.63 -87.78 -54.27
C ILE D 680 49.94 -88.28 -53.66
N VAL D 681 50.34 -87.70 -52.50
CA VAL D 681 51.52 -88.07 -51.72
C VAL D 681 51.00 -88.77 -50.49
N CYS D 682 51.49 -89.99 -50.22
CA CYS D 682 50.98 -90.72 -49.05
C CYS D 682 52.06 -91.50 -48.29
N TRP D 683 51.88 -91.59 -46.96
CA TRP D 683 52.69 -92.36 -46.04
C TRP D 683 51.79 -92.90 -44.95
N CYS D 684 52.01 -94.15 -44.54
CA CYS D 684 51.28 -94.79 -43.47
C CYS D 684 52.18 -95.02 -42.29
N ILE D 685 51.86 -94.35 -41.18
CA ILE D 685 52.66 -94.43 -39.95
C ILE D 685 52.40 -95.78 -39.24
N GLY D 686 53.45 -96.33 -38.63
CA GLY D 686 53.35 -97.60 -37.92
C GLY D 686 54.01 -98.77 -38.63
N THR D 687 55.04 -98.50 -39.44
CA THR D 687 55.81 -99.52 -40.17
C THR D 687 56.64 -100.41 -39.20
N CYS D 688 56.93 -99.90 -37.99
CA CYS D 688 57.67 -100.53 -36.89
C CYS D 688 56.81 -101.51 -36.07
N ALA D 689 55.47 -101.20 -35.92
CA ALA D 689 54.45 -101.92 -35.14
C ALA D 689 54.36 -103.42 -35.41
N THR D 690 54.90 -103.88 -36.55
CA THR D 690 54.95 -105.27 -36.99
C THR D 690 56.10 -106.05 -36.24
N MET D 691 56.82 -105.36 -35.32
CA MET D 691 57.88 -105.91 -34.46
C MET D 691 57.35 -106.07 -33.01
N PHE D 692 56.02 -106.28 -32.86
CA PHE D 692 55.33 -106.42 -31.57
C PHE D 692 54.94 -107.89 -31.22
N SER D 693 54.67 -108.14 -29.93
CA SER D 693 54.23 -109.44 -29.39
C SER D 693 53.17 -109.24 -28.30
N GLN D 707 44.52 -107.54 -39.38
CA GLN D 707 44.85 -108.50 -40.44
C GLN D 707 46.24 -108.23 -41.09
N ALA D 708 46.49 -108.71 -42.35
CA ALA D 708 47.78 -108.62 -43.05
C ALA D 708 47.87 -107.46 -44.03
N SER D 709 46.73 -107.13 -44.66
CA SER D 709 46.60 -106.03 -45.61
C SER D 709 46.60 -104.72 -44.83
N GLU D 710 46.14 -104.77 -43.56
CA GLU D 710 46.03 -103.63 -42.66
C GLU D 710 47.38 -103.04 -42.19
N THR D 711 48.53 -103.71 -42.46
CA THR D 711 49.84 -103.19 -42.06
C THR D 711 50.29 -102.01 -42.91
N ALA D 712 50.96 -101.03 -42.26
CA ALA D 712 51.50 -99.81 -42.87
C ALA D 712 52.54 -100.11 -43.97
N VAL D 713 53.23 -101.26 -43.87
CA VAL D 713 54.24 -101.69 -44.85
C VAL D 713 53.54 -102.14 -46.12
N ALA D 714 52.45 -102.94 -45.95
CA ALA D 714 51.62 -103.49 -47.03
C ALA D 714 50.93 -102.39 -47.80
N LYS D 715 50.29 -101.45 -47.08
CA LYS D 715 49.57 -100.30 -47.62
C LYS D 715 50.47 -99.43 -48.49
N ASN D 716 51.63 -99.02 -47.94
CA ASN D 716 52.62 -98.20 -48.62
C ASN D 716 53.09 -98.87 -49.90
N GLN D 717 53.29 -100.20 -49.89
CA GLN D 717 53.67 -100.90 -51.10
C GLN D 717 52.55 -100.81 -52.16
N ALA D 718 51.31 -101.17 -51.75
CA ALA D 718 50.07 -101.15 -52.56
C ALA D 718 49.84 -99.79 -53.20
N LEU D 719 49.96 -98.71 -52.40
CA LEU D 719 49.78 -97.33 -52.82
C LEU D 719 50.83 -96.88 -53.83
N LYS D 720 52.12 -97.23 -53.62
CA LYS D 720 53.23 -96.88 -54.53
C LYS D 720 53.01 -97.49 -55.91
N GLU D 721 52.58 -98.78 -55.95
CA GLU D 721 52.26 -99.52 -57.16
C GLU D 721 51.06 -98.91 -57.87
N ALA D 722 50.11 -98.37 -57.07
CA ALA D 722 48.88 -97.72 -57.55
C ALA D 722 49.11 -96.39 -58.27
N GLY D 723 50.28 -95.77 -58.08
CA GLY D 723 50.65 -94.51 -58.71
C GLY D 723 50.88 -93.36 -57.76
N VAL D 724 50.56 -93.56 -56.47
CA VAL D 724 50.73 -92.59 -55.40
C VAL D 724 52.24 -92.34 -55.19
N PHE D 725 52.64 -91.09 -54.84
CA PHE D 725 54.04 -90.76 -54.57
C PHE D 725 54.33 -91.11 -53.11
N VAL D 726 55.00 -92.25 -52.87
CA VAL D 726 55.30 -92.74 -51.52
C VAL D 726 56.79 -92.63 -51.17
N PRO D 727 57.16 -91.89 -50.10
CA PRO D 727 58.59 -91.81 -49.72
C PRO D 727 59.08 -93.13 -49.08
N ARG D 728 60.39 -93.44 -49.11
CA ARG D 728 60.90 -94.68 -48.52
C ARG D 728 60.73 -94.68 -46.99
N SER D 729 61.03 -93.53 -46.35
CA SER D 729 60.89 -93.30 -44.92
C SER D 729 60.11 -91.97 -44.72
N PHE D 730 59.66 -91.69 -43.47
CA PHE D 730 58.96 -90.44 -43.16
C PHE D 730 59.91 -89.24 -43.37
N ASP D 731 61.24 -89.45 -43.23
CA ASP D 731 62.27 -88.43 -43.44
C ASP D 731 62.21 -87.85 -44.85
N GLU D 732 61.97 -88.72 -45.84
CA GLU D 732 61.89 -88.36 -47.26
C GLU D 732 60.61 -87.61 -47.62
N LEU D 733 59.60 -87.57 -46.71
CA LEU D 733 58.31 -86.90 -46.91
C LEU D 733 58.45 -85.44 -47.32
N GLY D 734 59.37 -84.73 -46.67
CA GLY D 734 59.64 -83.34 -47.01
C GLY D 734 60.12 -83.23 -48.45
N GLU D 735 61.20 -83.97 -48.75
CA GLU D 735 61.83 -84.02 -50.06
C GLU D 735 60.83 -84.37 -51.19
N ILE D 736 60.02 -85.43 -51.00
CA ILE D 736 59.04 -85.92 -51.99
C ILE D 736 57.93 -84.90 -52.25
N ILE D 737 57.38 -84.27 -51.19
CA ILE D 737 56.33 -83.23 -51.27
C ILE D 737 56.87 -82.04 -52.05
N GLN D 738 58.17 -81.74 -51.84
CA GLN D 738 58.90 -80.66 -52.50
C GLN D 738 59.11 -80.96 -53.98
N SER D 739 59.52 -82.21 -54.32
CA SER D 739 59.79 -82.63 -55.71
C SER D 739 58.51 -82.76 -56.58
N VAL D 740 57.33 -83.02 -55.98
CA VAL D 740 56.05 -83.10 -56.72
C VAL D 740 55.67 -81.67 -57.18
N TYR D 741 55.71 -80.71 -56.24
CA TYR D 741 55.42 -79.29 -56.39
C TYR D 741 56.31 -78.61 -57.45
N GLU D 742 57.64 -78.91 -57.45
CA GLU D 742 58.70 -78.40 -58.37
C GLU D 742 58.34 -78.63 -59.84
N ASP D 743 57.81 -79.82 -60.14
CA ASP D 743 57.41 -80.21 -61.48
C ASP D 743 56.09 -79.53 -61.84
N LEU D 744 55.16 -79.38 -60.86
CA LEU D 744 53.86 -78.72 -61.05
C LEU D 744 54.02 -77.25 -61.40
N VAL D 745 55.03 -76.56 -60.78
CA VAL D 745 55.33 -75.15 -61.05
C VAL D 745 56.00 -75.07 -62.42
N ALA D 746 56.94 -76.00 -62.70
CA ALA D 746 57.68 -76.13 -63.96
C ALA D 746 56.75 -76.37 -65.15
N ASN D 747 55.64 -77.08 -64.92
CA ASN D 747 54.66 -77.41 -65.96
C ASN D 747 53.46 -76.43 -66.03
N GLY D 748 53.56 -75.33 -65.28
CA GLY D 748 52.57 -74.26 -65.26
C GLY D 748 51.22 -74.58 -64.63
N VAL D 749 51.14 -75.68 -63.89
CA VAL D 749 49.93 -76.12 -63.19
C VAL D 749 49.75 -75.25 -61.95
N ILE D 750 50.88 -74.80 -61.37
CA ILE D 750 50.94 -73.89 -60.22
C ILE D 750 51.65 -72.60 -60.65
N VAL D 751 51.00 -71.48 -60.41
CA VAL D 751 51.51 -70.13 -60.66
C VAL D 751 51.54 -69.41 -59.28
N PRO D 752 52.62 -69.61 -58.47
CA PRO D 752 52.65 -69.00 -57.12
C PRO D 752 52.42 -67.48 -57.14
N ALA D 753 51.57 -67.01 -56.22
CA ALA D 753 51.23 -65.60 -56.12
C ALA D 753 52.19 -64.86 -55.21
N GLN D 754 52.45 -63.55 -55.51
CA GLN D 754 53.32 -62.66 -54.74
C GLN D 754 52.87 -62.60 -53.27
N GLU D 755 53.83 -62.41 -52.37
CA GLU D 755 53.54 -62.39 -50.94
C GLU D 755 53.19 -61.01 -50.41
N VAL D 756 52.02 -60.93 -49.76
CA VAL D 756 51.46 -59.75 -49.11
C VAL D 756 51.63 -59.88 -47.55
N PRO D 757 52.20 -58.85 -46.87
CA PRO D 757 52.40 -58.97 -45.41
C PRO D 757 51.06 -58.99 -44.66
N PRO D 758 50.91 -59.83 -43.60
CA PRO D 758 49.62 -59.88 -42.91
C PRO D 758 49.41 -58.75 -41.92
N PRO D 759 48.15 -58.45 -41.54
CA PRO D 759 47.91 -57.40 -40.54
C PRO D 759 48.58 -57.74 -39.19
N THR D 760 48.97 -56.72 -38.48
CA THR D 760 49.65 -56.89 -37.20
C THR D 760 48.64 -56.91 -36.04
N VAL D 761 48.86 -57.83 -35.08
CA VAL D 761 48.02 -57.90 -33.88
C VAL D 761 48.94 -57.75 -32.62
N PRO D 762 48.58 -56.91 -31.62
CA PRO D 762 49.45 -56.70 -30.46
C PRO D 762 49.57 -57.92 -29.56
N MET D 763 50.69 -58.00 -28.83
CA MET D 763 50.98 -59.10 -27.92
C MET D 763 50.05 -59.09 -26.73
N ASP D 764 49.69 -60.25 -26.22
CA ASP D 764 48.84 -60.26 -25.05
C ASP D 764 49.63 -59.97 -23.81
N TYR D 765 49.10 -59.09 -22.96
CA TYR D 765 49.74 -58.66 -21.72
C TYR D 765 50.16 -59.86 -20.90
N SER D 766 49.25 -60.84 -20.76
CA SER D 766 49.50 -62.09 -20.03
C SER D 766 50.81 -62.71 -20.51
N TRP D 767 50.94 -62.86 -21.82
CA TRP D 767 52.09 -63.45 -22.51
C TRP D 767 53.35 -62.65 -22.35
N ALA D 768 53.29 -61.32 -22.56
CA ALA D 768 54.44 -60.41 -22.44
C ALA D 768 55.02 -60.40 -21.03
N ARG D 769 54.15 -60.55 -20.02
CA ARG D 769 54.51 -60.59 -18.62
C ARG D 769 55.18 -61.93 -18.29
N GLU D 770 54.71 -63.04 -18.92
CA GLU D 770 55.27 -64.39 -18.77
C GLU D 770 56.69 -64.45 -19.30
N LEU D 771 56.95 -63.82 -20.45
CA LEU D 771 58.29 -63.76 -21.05
C LEU D 771 59.15 -62.65 -20.42
N GLY D 772 58.57 -61.93 -19.45
CA GLY D 772 59.21 -60.83 -18.70
C GLY D 772 59.64 -59.64 -19.54
N LEU D 773 58.90 -59.37 -20.61
CA LEU D 773 59.18 -58.29 -21.56
C LEU D 773 58.72 -56.93 -21.06
N ILE D 774 57.65 -56.91 -20.26
CA ILE D 774 57.13 -55.64 -19.75
C ILE D 774 56.97 -55.67 -18.25
N ARG D 775 56.97 -54.47 -17.64
CA ARG D 775 56.78 -54.27 -16.20
C ARG D 775 55.61 -53.33 -15.97
N LYS D 776 54.78 -53.69 -14.98
CA LYS D 776 53.61 -52.95 -14.61
C LYS D 776 53.56 -52.92 -13.08
N PRO D 777 53.61 -51.70 -12.50
CA PRO D 777 53.56 -51.58 -11.04
C PRO D 777 52.20 -51.90 -10.46
N ALA D 778 52.19 -52.54 -9.29
CA ALA D 778 50.96 -52.92 -8.60
C ALA D 778 50.30 -51.71 -7.98
N SER D 779 48.97 -51.61 -8.07
CA SER D 779 48.20 -50.50 -7.50
C SER D 779 47.85 -50.82 -6.06
N PHE D 780 47.87 -52.11 -5.68
CA PHE D 780 47.54 -52.57 -4.34
C PHE D 780 48.69 -53.20 -3.57
N MET D 781 48.60 -53.18 -2.23
CA MET D 781 49.58 -53.73 -1.32
C MET D 781 48.93 -54.34 -0.09
N THR D 782 49.19 -55.60 0.20
CA THR D 782 48.60 -56.22 1.40
C THR D 782 49.67 -56.93 2.25
N SER D 783 49.31 -57.27 3.50
CA SER D 783 50.24 -57.96 4.40
C SER D 783 49.54 -58.77 5.49
N ILE D 784 48.25 -59.04 5.36
CA ILE D 784 47.56 -59.80 6.41
C ILE D 784 47.22 -61.22 6.01
N CYS D 785 46.94 -61.46 4.73
CA CYS D 785 46.51 -62.78 4.30
C CYS D 785 46.91 -63.07 2.84
N ASP D 786 47.35 -64.34 2.56
CA ASP D 786 47.72 -64.80 1.21
C ASP D 786 46.97 -66.07 0.79
N GLU D 787 45.95 -65.88 -0.07
CA GLU D 787 45.10 -66.94 -0.60
C GLU D 787 45.66 -67.65 -1.87
N ARG D 788 46.73 -67.11 -2.47
CA ARG D 788 47.33 -67.61 -3.70
C ARG D 788 48.00 -68.99 -3.60
N GLY D 789 48.51 -69.32 -2.41
CA GLY D 789 49.29 -70.53 -2.18
C GLY D 789 48.58 -71.86 -2.28
N GLN D 790 49.34 -72.94 -1.95
CA GLN D 790 48.80 -74.30 -1.88
C GLN D 790 47.96 -74.40 -0.60
N GLU D 791 48.27 -73.52 0.38
CA GLU D 791 47.53 -73.39 1.62
C GLU D 791 47.22 -71.92 1.91
N LEU D 792 46.14 -71.68 2.64
CA LEU D 792 45.79 -70.32 3.06
C LEU D 792 46.79 -69.89 4.16
N ILE D 793 47.29 -68.64 4.07
CA ILE D 793 48.22 -68.11 5.04
C ILE D 793 47.62 -66.88 5.71
N TYR D 794 47.64 -66.87 7.06
CA TYR D 794 47.20 -65.73 7.87
C TYR D 794 48.47 -65.18 8.48
N ALA D 795 48.90 -63.99 8.07
CA ALA D 795 50.09 -63.30 8.59
C ALA D 795 51.32 -64.22 8.78
N GLY D 796 51.68 -64.95 7.73
CA GLY D 796 52.84 -65.84 7.78
C GLY D 796 52.62 -67.25 8.30
N MET D 797 51.56 -67.44 9.11
CA MET D 797 51.19 -68.72 9.68
C MET D 797 50.17 -69.46 8.78
N PRO D 798 50.49 -70.67 8.27
CA PRO D 798 49.52 -71.41 7.44
C PRO D 798 48.33 -71.87 8.28
N ILE D 799 47.13 -71.88 7.69
CA ILE D 799 45.88 -72.26 8.36
C ILE D 799 45.96 -73.59 9.20
N THR D 800 46.70 -74.61 8.72
CA THR D 800 46.82 -75.87 9.46
C THR D 800 47.55 -75.67 10.78
N GLU D 801 48.58 -74.80 10.81
CA GLU D 801 49.37 -74.45 11.98
C GLU D 801 48.48 -73.69 12.95
N VAL D 802 47.63 -72.82 12.41
CA VAL D 802 46.68 -72.03 13.21
C VAL D 802 45.85 -73.00 14.10
N PHE D 803 45.30 -74.06 13.49
CA PHE D 803 44.50 -75.03 14.22
C PHE D 803 45.34 -75.92 15.11
N LYS D 804 46.48 -76.44 14.59
CA LYS D 804 47.43 -77.30 15.31
C LYS D 804 47.89 -76.64 16.62
N GLU D 805 48.18 -75.32 16.55
CA GLU D 805 48.65 -74.51 17.70
C GLU D 805 47.50 -74.03 18.59
N GLU D 806 46.24 -74.39 18.25
CA GLU D 806 45.02 -74.04 18.99
C GLU D 806 44.93 -72.53 19.29
N MET D 807 45.04 -71.69 18.24
CA MET D 807 45.04 -70.22 18.36
C MET D 807 43.71 -69.65 18.90
N GLY D 808 42.61 -70.14 18.35
CA GLY D 808 41.29 -69.65 18.69
C GLY D 808 41.01 -68.33 18.01
N ILE D 809 39.82 -67.78 18.23
CA ILE D 809 39.40 -66.53 17.62
C ILE D 809 40.36 -65.41 17.97
N GLY D 810 40.76 -65.37 19.25
CA GLY D 810 41.72 -64.42 19.80
C GLY D 810 43.05 -64.45 19.06
N GLY D 811 43.57 -65.66 18.88
CA GLY D 811 44.82 -65.91 18.17
C GLY D 811 44.80 -65.45 16.73
N VAL D 812 43.70 -65.76 16.03
CA VAL D 812 43.48 -65.41 14.64
C VAL D 812 43.39 -63.88 14.51
N LEU D 813 42.68 -63.25 15.44
CA LEU D 813 42.55 -61.80 15.47
C LEU D 813 43.93 -61.13 15.65
N GLY D 814 44.80 -61.72 16.48
CA GLY D 814 46.17 -61.24 16.70
C GLY D 814 46.93 -61.23 15.40
N LEU D 815 46.76 -62.32 14.63
CA LEU D 815 47.36 -62.53 13.32
C LEU D 815 46.87 -61.54 12.26
N LEU D 816 45.55 -61.39 12.13
CA LEU D 816 45.00 -60.53 11.10
C LEU D 816 45.06 -59.05 11.46
N TRP D 817 44.77 -58.70 12.72
CA TRP D 817 44.80 -57.30 13.10
C TRP D 817 46.18 -56.78 13.43
N PHE D 818 47.00 -57.53 14.18
CA PHE D 818 48.31 -57.02 14.58
C PHE D 818 49.49 -57.65 13.85
N GLN D 819 49.21 -58.75 13.12
CA GLN D 819 50.20 -59.57 12.41
C GLN D 819 51.25 -60.06 13.41
N LYS D 820 50.74 -60.55 14.57
CA LYS D 820 51.53 -61.05 15.70
C LYS D 820 50.97 -62.37 16.27
N ARG D 821 51.88 -63.19 16.78
CA ARG D 821 51.51 -64.40 17.49
C ARG D 821 51.54 -63.97 18.96
N LEU D 822 50.36 -63.76 19.52
CA LEU D 822 50.23 -63.24 20.87
C LEU D 822 50.32 -64.30 21.93
N PRO D 823 50.66 -63.91 23.19
CA PRO D 823 50.61 -64.89 24.29
C PRO D 823 49.19 -65.42 24.48
N LYS D 824 49.06 -66.63 25.04
CA LYS D 824 47.76 -67.27 25.25
C LYS D 824 46.83 -66.40 26.09
N TYR D 825 47.38 -65.78 27.19
CA TYR D 825 46.61 -64.88 28.07
C TYR D 825 46.02 -63.68 27.33
N SER D 826 46.77 -63.13 26.36
CA SER D 826 46.36 -62.00 25.52
C SER D 826 45.19 -62.43 24.65
N CYS D 827 45.30 -63.61 23.99
CA CYS D 827 44.25 -64.17 23.14
C CYS D 827 43.00 -64.36 23.95
N GLN D 828 43.13 -64.99 25.14
CA GLN D 828 42.01 -65.28 26.01
C GLN D 828 41.34 -63.98 26.46
N PHE D 829 42.14 -62.93 26.71
CA PHE D 829 41.64 -61.64 27.10
C PHE D 829 40.82 -61.01 25.95
N ILE D 830 41.34 -61.02 24.69
CA ILE D 830 40.61 -60.48 23.52
C ILE D 830 39.23 -61.15 23.41
N GLU D 831 39.22 -62.48 23.52
CA GLU D 831 38.00 -63.29 23.46
C GLU D 831 37.00 -62.87 24.55
N MET D 832 37.53 -62.59 25.77
CA MET D 832 36.78 -62.13 26.94
C MET D 832 36.08 -60.79 26.67
N CYS D 833 36.79 -59.88 25.98
CA CYS D 833 36.30 -58.56 25.59
C CYS D 833 35.21 -58.68 24.61
N LEU D 834 35.39 -59.57 23.64
CA LEU D 834 34.38 -59.81 22.62
C LEU D 834 33.12 -60.38 23.24
N MET D 835 33.27 -61.11 24.35
CA MET D 835 32.15 -61.71 25.05
C MET D 835 31.34 -60.74 25.87
N VAL D 836 32.01 -59.83 26.60
CA VAL D 836 31.29 -58.84 27.42
C VAL D 836 30.66 -57.73 26.56
N THR D 837 31.22 -57.49 25.36
CA THR D 837 30.71 -56.44 24.48
C THR D 837 29.69 -56.95 23.52
N ALA D 838 29.44 -58.30 23.51
CA ALA D 838 28.53 -58.99 22.59
C ALA D 838 27.19 -58.33 22.50
N ASP D 839 26.51 -58.15 23.64
CA ASP D 839 25.25 -57.41 23.64
C ASP D 839 25.01 -56.69 24.95
N HIS D 840 24.12 -55.71 24.85
CA HIS D 840 23.62 -54.89 25.93
C HIS D 840 22.19 -54.41 25.69
N GLY D 841 21.32 -55.35 25.37
CA GLY D 841 19.91 -55.09 25.17
C GLY D 841 19.53 -54.33 23.91
N PRO D 842 18.20 -54.26 23.70
CA PRO D 842 17.67 -53.66 22.49
C PRO D 842 17.39 -52.14 22.56
N ALA D 843 17.60 -51.54 23.74
CA ALA D 843 17.32 -50.13 23.99
C ALA D 843 18.40 -49.21 23.42
N VAL D 844 19.65 -49.72 23.29
CA VAL D 844 20.78 -48.97 22.71
C VAL D 844 20.53 -48.58 21.24
N SER D 845 21.11 -47.46 20.83
CA SER D 845 21.01 -46.87 19.50
C SER D 845 21.17 -47.86 18.34
N GLY D 846 22.24 -48.63 18.38
CA GLY D 846 22.52 -49.61 17.33
C GLY D 846 21.52 -50.74 17.22
N ALA D 847 21.22 -51.37 18.38
CA ALA D 847 20.27 -52.50 18.43
C ALA D 847 18.90 -52.06 17.91
N HIS D 848 18.46 -50.88 18.38
CA HIS D 848 17.21 -50.26 18.01
C HIS D 848 17.07 -50.16 16.47
N ASN D 849 18.08 -49.56 15.79
CA ASN D 849 18.12 -49.46 14.33
C ASN D 849 18.07 -50.81 13.64
N THR D 850 18.85 -51.81 14.11
CA THR D 850 18.83 -53.15 13.54
C THR D 850 17.42 -53.73 13.68
N ILE D 851 16.82 -53.61 14.87
CA ILE D 851 15.48 -54.12 15.08
C ILE D 851 14.51 -53.48 14.12
N ILE D 852 14.53 -52.12 14.02
CA ILE D 852 13.66 -51.32 13.13
C ILE D 852 13.76 -51.82 11.70
N CYS D 853 15.00 -52.02 11.30
CA CYS D 853 15.39 -52.47 10.00
C CYS D 853 14.90 -53.87 9.66
N ALA D 854 15.10 -54.83 10.61
CA ALA D 854 14.70 -56.23 10.51
C ALA D 854 13.19 -56.27 10.37
N ARG D 855 12.50 -55.42 11.19
CA ARG D 855 11.04 -55.25 11.24
C ARG D 855 10.49 -54.66 9.96
N ALA D 856 11.32 -53.88 9.25
CA ALA D 856 10.98 -53.27 7.96
C ALA D 856 11.23 -54.23 6.77
N GLY D 857 11.41 -55.50 7.11
CA GLY D 857 11.57 -56.61 6.19
C GLY D 857 12.88 -56.74 5.45
N LYS D 858 13.98 -56.15 6.00
CA LYS D 858 15.28 -56.23 5.35
C LYS D 858 16.06 -57.50 5.68
N ASP D 859 17.11 -57.77 4.89
CA ASP D 859 18.03 -58.89 5.02
C ASP D 859 19.04 -58.65 6.16
N LEU D 860 19.79 -59.71 6.52
CA LEU D 860 20.77 -59.67 7.60
C LEU D 860 21.79 -58.59 7.43
N VAL D 861 22.47 -58.55 6.26
CA VAL D 861 23.55 -57.59 6.08
C VAL D 861 23.05 -56.14 6.20
N SER D 862 21.89 -55.81 5.53
CA SER D 862 21.30 -54.48 5.59
C SER D 862 20.96 -54.13 7.02
N SER D 863 20.29 -55.05 7.74
CA SER D 863 19.89 -54.82 9.13
C SER D 863 21.06 -54.60 10.08
N LEU D 864 22.11 -55.42 9.94
CA LEU D 864 23.32 -55.30 10.73
C LEU D 864 24.02 -53.94 10.51
N THR D 865 24.27 -53.60 9.23
CA THR D 865 24.95 -52.34 8.85
C THR D 865 24.18 -51.12 9.34
N SER D 866 22.85 -51.14 9.19
CA SER D 866 21.98 -50.07 9.69
C SER D 866 22.30 -49.77 11.17
N GLY D 867 22.51 -50.81 11.96
CA GLY D 867 22.83 -50.67 13.37
C GLY D 867 24.27 -50.25 13.62
N LEU D 868 25.23 -50.94 12.93
CA LEU D 868 26.68 -50.64 13.04
C LEU D 868 27.00 -49.19 12.70
N LEU D 869 26.26 -48.59 11.76
CA LEU D 869 26.50 -47.21 11.39
C LEU D 869 26.25 -46.20 12.52
N THR D 870 25.65 -46.61 13.65
CA THR D 870 25.43 -45.71 14.78
C THR D 870 26.65 -45.68 15.70
N ILE D 871 27.47 -46.78 15.64
CA ILE D 871 28.71 -46.93 16.44
C ILE D 871 29.74 -45.89 16.04
N GLY D 872 30.36 -45.27 17.04
CA GLY D 872 31.40 -44.32 16.75
C GLY D 872 31.60 -43.24 17.76
N ASP D 873 30.59 -42.34 17.94
CA ASP D 873 30.76 -41.21 18.84
C ASP D 873 30.08 -41.39 20.18
N ARG D 874 28.80 -41.02 20.27
CA ARG D 874 28.05 -41.09 21.51
C ARG D 874 27.68 -42.53 21.88
N PHE D 875 27.66 -43.43 20.86
CA PHE D 875 27.40 -44.85 21.07
C PHE D 875 28.60 -45.68 20.60
N GLY D 876 29.20 -46.43 21.53
CA GLY D 876 30.36 -47.29 21.29
C GLY D 876 31.74 -46.63 21.32
N GLY D 877 31.75 -45.29 21.39
CA GLY D 877 32.98 -44.50 21.36
C GLY D 877 33.90 -44.60 22.56
N ALA D 878 33.28 -44.65 23.77
CA ALA D 878 33.88 -44.67 25.11
C ALA D 878 35.14 -45.52 25.29
N LEU D 879 35.25 -46.73 24.71
CA LEU D 879 36.44 -47.60 24.86
C LEU D 879 37.66 -46.92 24.30
N ASP D 880 37.55 -46.42 23.05
CA ASP D 880 38.64 -45.72 22.37
C ASP D 880 38.99 -44.44 23.13
N ALA D 881 37.95 -43.62 23.44
CA ALA D 881 38.01 -42.35 24.17
C ALA D 881 38.71 -42.48 25.51
N ALA D 882 38.29 -43.46 26.35
CA ALA D 882 38.86 -43.73 27.67
C ALA D 882 40.29 -44.09 27.49
N ALA D 883 40.59 -45.06 26.59
CA ALA D 883 41.95 -45.51 26.32
C ALA D 883 42.87 -44.35 26.01
N LYS D 884 42.41 -43.45 25.13
CA LYS D 884 43.16 -42.29 24.65
C LYS D 884 43.41 -41.26 25.75
N MET D 885 42.35 -40.91 26.52
CA MET D 885 42.31 -39.93 27.61
C MET D 885 43.27 -40.27 28.71
N PHE D 886 43.15 -41.49 29.25
CA PHE D 886 43.96 -42.03 30.31
C PHE D 886 45.40 -42.19 29.89
N SER D 887 45.66 -42.67 28.65
CA SER D 887 47.02 -42.83 28.14
C SER D 887 47.67 -41.48 28.14
N LYS D 888 47.02 -40.44 27.55
CA LYS D 888 47.50 -39.06 27.48
C LYS D 888 47.93 -38.54 28.85
N ALA D 889 47.02 -38.63 29.84
CA ALA D 889 47.20 -38.19 31.22
C ALA D 889 48.34 -38.89 31.90
N PHE D 890 48.39 -40.23 31.80
CA PHE D 890 49.44 -41.05 32.39
C PHE D 890 50.80 -40.67 31.81
N ASP D 891 50.92 -40.75 30.47
CA ASP D 891 52.11 -40.45 29.69
C ASP D 891 52.62 -39.01 29.88
N SER D 892 51.71 -38.06 30.14
CA SER D 892 52.04 -36.65 30.42
C SER D 892 52.71 -36.49 31.80
N GLY D 893 52.60 -37.53 32.64
CA GLY D 893 53.17 -37.57 33.97
C GLY D 893 52.38 -36.93 35.09
N ILE D 894 51.16 -36.44 34.80
CA ILE D 894 50.32 -35.82 35.84
C ILE D 894 49.78 -36.90 36.79
N ILE D 895 49.71 -36.58 38.09
CA ILE D 895 49.22 -37.53 39.09
C ILE D 895 47.69 -37.62 39.03
N PRO D 896 47.05 -38.73 39.48
CA PRO D 896 45.59 -38.86 39.33
C PRO D 896 44.76 -37.66 39.80
N MET D 897 45.07 -37.09 40.99
CA MET D 897 44.35 -35.93 41.51
C MET D 897 44.48 -34.70 40.61
N GLU D 898 45.70 -34.46 40.07
CA GLU D 898 45.97 -33.35 39.13
C GLU D 898 45.07 -33.55 37.91
N PHE D 899 44.99 -34.80 37.40
CA PHE D 899 44.17 -35.16 36.26
C PHE D 899 42.70 -34.84 36.48
N VAL D 900 42.13 -35.29 37.62
CA VAL D 900 40.72 -35.07 37.98
C VAL D 900 40.39 -33.57 37.96
N ASN D 901 41.22 -32.75 38.57
CA ASN D 901 41.03 -31.31 38.62
C ASN D 901 41.22 -30.61 37.28
N LYS D 902 42.18 -31.09 36.44
CA LYS D 902 42.48 -30.58 35.10
C LYS D 902 41.23 -30.68 34.26
N MET D 903 40.62 -31.86 34.28
CA MET D 903 39.39 -32.16 33.58
C MET D 903 38.25 -31.24 34.00
N LYS D 904 38.08 -31.01 35.34
CA LYS D 904 37.04 -30.14 35.89
C LYS D 904 37.20 -28.74 35.34
N LYS D 905 38.44 -28.21 35.38
CA LYS D 905 38.82 -26.87 34.90
C LYS D 905 38.55 -26.70 33.40
N GLU D 906 38.88 -27.71 32.62
CA GLU D 906 38.66 -27.75 31.17
C GLU D 906 37.17 -27.95 30.78
N GLY D 907 36.34 -28.28 31.78
CA GLY D 907 34.92 -28.52 31.63
C GLY D 907 34.59 -29.81 30.92
N LYS D 908 35.43 -30.83 31.17
CA LYS D 908 35.32 -32.16 30.57
C LYS D 908 35.06 -33.24 31.62
N LEU D 909 34.23 -34.25 31.24
CA LEU D 909 33.99 -35.38 32.14
C LEU D 909 34.97 -36.50 31.82
N ILE D 910 35.30 -37.36 32.79
CA ILE D 910 36.24 -38.43 32.50
C ILE D 910 35.53 -39.58 31.76
N MET D 911 36.11 -40.01 30.62
CA MET D 911 35.62 -41.09 29.76
C MET D 911 35.96 -42.43 30.42
N GLY D 912 34.93 -43.25 30.66
CA GLY D 912 35.14 -44.54 31.31
C GLY D 912 34.89 -44.52 32.80
N ILE D 913 34.34 -43.40 33.30
CA ILE D 913 33.96 -43.13 34.69
C ILE D 913 32.46 -42.86 34.73
N GLY D 914 31.80 -43.49 35.70
CA GLY D 914 30.38 -43.32 35.94
C GLY D 914 29.54 -44.49 35.55
N HIS D 915 28.43 -44.65 36.28
CA HIS D 915 27.41 -45.68 36.06
C HIS D 915 26.08 -45.20 36.61
N ARG D 916 25.01 -45.60 35.93
CA ARG D 916 23.63 -45.25 36.26
C ARG D 916 23.24 -45.77 37.66
N VAL D 917 23.41 -47.08 37.92
CA VAL D 917 23.06 -47.72 39.19
C VAL D 917 24.23 -48.24 39.99
N LYS D 918 25.18 -48.88 39.31
CA LYS D 918 26.34 -49.47 39.96
C LYS D 918 27.17 -48.42 40.68
N SER D 919 27.55 -48.76 41.91
CA SER D 919 28.33 -47.89 42.77
C SER D 919 29.55 -48.62 43.32
N ILE D 920 30.24 -47.96 44.26
CA ILE D 920 31.44 -48.50 44.89
C ILE D 920 31.08 -49.74 45.74
N ASN D 921 29.88 -49.71 46.38
CA ASN D 921 29.36 -50.77 47.26
C ASN D 921 28.68 -51.90 46.47
N ASN D 922 28.11 -51.56 45.30
CA ASN D 922 27.39 -52.46 44.39
C ASN D 922 28.18 -52.49 43.07
N PRO D 923 29.18 -53.37 42.92
CA PRO D 923 30.01 -53.36 41.70
C PRO D 923 29.39 -53.93 40.42
N ASP D 924 29.95 -53.53 39.24
CA ASP D 924 29.57 -54.04 37.92
C ASP D 924 30.33 -55.37 37.75
N MET D 925 29.56 -56.45 37.50
CA MET D 925 30.09 -57.79 37.34
C MET D 925 31.01 -57.96 36.17
N ARG D 926 30.70 -57.33 35.04
CA ARG D 926 31.52 -57.38 33.84
C ARG D 926 32.91 -56.80 34.16
N VAL D 927 32.94 -55.68 34.90
CA VAL D 927 34.19 -55.04 35.31
C VAL D 927 34.93 -55.97 36.27
N GLN D 928 34.21 -56.57 37.22
CA GLN D 928 34.80 -57.52 38.17
C GLN D 928 35.48 -58.70 37.47
N ILE D 929 34.75 -59.38 36.55
CA ILE D 929 35.24 -60.51 35.75
C ILE D 929 36.59 -60.16 35.08
N LEU D 930 36.57 -59.08 34.29
CA LEU D 930 37.72 -58.58 33.55
C LEU D 930 38.87 -58.14 34.41
N LYS D 931 38.60 -57.30 35.44
CA LYS D 931 39.58 -56.78 36.39
C LYS D 931 40.40 -57.95 36.98
N ASP D 932 39.69 -58.99 37.42
CA ASP D 932 40.28 -60.18 38.04
C ASP D 932 41.14 -60.98 37.07
N TYR D 933 40.71 -61.18 35.81
CA TYR D 933 41.52 -61.92 34.82
C TYR D 933 42.81 -61.18 34.57
N VAL D 934 42.70 -59.88 34.32
CA VAL D 934 43.79 -58.94 34.03
C VAL D 934 44.82 -58.96 35.18
N ARG D 935 44.35 -58.85 36.42
CA ARG D 935 45.31 -58.86 37.55
C ARG D 935 46.09 -60.18 37.53
N GLN D 936 45.35 -61.28 37.45
CA GLN D 936 45.90 -62.62 37.50
C GLN D 936 46.90 -62.96 36.40
N HIS D 937 46.65 -62.55 35.16
CA HIS D 937 47.48 -62.99 34.03
C HIS D 937 48.40 -61.96 33.38
N PHE D 938 48.12 -60.68 33.56
CA PHE D 938 48.96 -59.64 32.94
C PHE D 938 50.18 -59.40 33.79
N PRO D 939 51.38 -59.46 33.17
CA PRO D 939 52.62 -59.20 33.91
C PRO D 939 52.66 -57.84 34.62
N ALA D 940 52.23 -56.77 33.93
CA ALA D 940 52.19 -55.41 34.45
C ALA D 940 50.92 -54.72 33.98
N THR D 941 50.31 -53.86 34.83
CA THR D 941 49.08 -53.11 34.46
C THR D 941 49.17 -51.63 34.93
N PRO D 942 50.24 -50.88 34.58
CA PRO D 942 50.39 -49.50 35.09
C PRO D 942 49.24 -48.53 34.83
N LEU D 943 48.67 -48.58 33.61
CA LEU D 943 47.57 -47.70 33.25
C LEU D 943 46.33 -48.07 34.03
N LEU D 944 46.05 -49.37 34.20
CA LEU D 944 44.91 -49.81 35.00
C LEU D 944 45.07 -49.30 36.43
N ASP D 945 46.27 -49.45 36.98
CA ASP D 945 46.59 -48.97 38.33
C ASP D 945 46.25 -47.47 38.47
N TYR D 946 46.68 -46.66 37.46
CA TYR D 946 46.44 -45.20 37.37
C TYR D 946 44.95 -44.90 37.39
N ALA D 947 44.19 -45.60 36.52
CA ALA D 947 42.74 -45.46 36.35
C ALA D 947 42.02 -45.79 37.66
N LEU D 948 42.41 -46.88 38.33
CA LEU D 948 41.78 -47.28 39.60
C LEU D 948 41.95 -46.25 40.69
N GLU D 949 43.08 -45.52 40.63
CA GLU D 949 43.41 -44.44 41.54
C GLU D 949 42.54 -43.21 41.28
N VAL D 950 42.21 -42.97 39.98
CA VAL D 950 41.31 -41.89 39.54
C VAL D 950 39.91 -42.22 40.09
N GLU D 951 39.52 -43.50 39.98
CA GLU D 951 38.25 -44.04 40.47
C GLU D 951 38.12 -43.81 41.99
N LYS D 952 39.21 -43.99 42.73
CA LYS D 952 39.22 -43.75 44.18
C LYS D 952 38.75 -42.32 44.50
N ILE D 953 39.22 -41.35 43.67
CA ILE D 953 38.92 -39.92 43.80
C ILE D 953 37.47 -39.60 43.39
N THR D 954 37.05 -40.06 42.21
CA THR D 954 35.70 -39.76 41.72
C THR D 954 34.60 -40.40 42.59
N THR D 955 34.79 -41.66 43.07
CA THR D 955 33.79 -42.31 43.92
C THR D 955 33.67 -41.61 45.26
N SER D 956 34.74 -40.90 45.68
CA SER D 956 34.73 -40.15 46.91
C SER D 956 33.87 -38.86 46.76
N LYS D 957 33.55 -38.48 45.51
CA LYS D 957 32.68 -37.34 45.21
C LYS D 957 31.22 -37.85 45.26
N LYS D 958 30.83 -38.70 44.27
CA LYS D 958 29.54 -39.35 44.08
C LYS D 958 29.86 -40.88 44.05
N PRO D 959 29.15 -41.74 44.82
CA PRO D 959 29.47 -43.19 44.84
C PRO D 959 29.33 -43.96 43.52
N ASN D 960 28.48 -43.50 42.59
CA ASN D 960 28.28 -44.16 41.29
C ASN D 960 29.35 -43.74 40.25
N LEU D 961 30.36 -42.95 40.63
CA LEU D 961 31.43 -42.55 39.69
C LEU D 961 32.56 -43.58 39.62
N ILE D 962 32.17 -44.85 39.39
CA ILE D 962 33.02 -46.04 39.26
C ILE D 962 33.67 -46.13 37.87
N LEU D 963 34.73 -46.96 37.76
CA LEU D 963 35.38 -47.24 36.49
C LEU D 963 34.45 -48.27 35.85
N ASN D 964 33.84 -47.89 34.71
CA ASN D 964 32.90 -48.72 33.96
C ASN D 964 33.63 -49.65 32.98
N VAL D 965 32.89 -50.59 32.37
CA VAL D 965 33.43 -51.62 31.46
C VAL D 965 34.17 -51.02 30.22
N ASP D 966 33.70 -49.88 29.71
CA ASP D 966 34.32 -49.20 28.58
C ASP D 966 35.68 -48.69 28.97
N GLY D 967 35.76 -48.09 30.16
CA GLY D 967 37.01 -47.60 30.72
C GLY D 967 37.94 -48.75 31.03
N LEU D 968 37.42 -49.80 31.68
CA LEU D 968 38.21 -50.99 32.04
C LEU D 968 38.87 -51.63 30.83
N ILE D 969 38.07 -51.91 29.75
CA ILE D 969 38.56 -52.51 28.49
C ILE D 969 39.61 -51.60 27.86
N GLY D 970 39.29 -50.29 27.80
CA GLY D 970 40.13 -49.22 27.27
C GLY D 970 41.54 -49.23 27.82
N VAL D 971 41.67 -49.18 29.14
CA VAL D 971 42.97 -49.16 29.84
C VAL D 971 43.64 -50.55 29.84
N ALA D 972 42.84 -51.63 29.96
CA ALA D 972 43.36 -53.01 29.98
C ALA D 972 44.01 -53.36 28.67
N PHE D 973 43.39 -52.94 27.57
CA PHE D 973 43.86 -53.17 26.22
C PHE D 973 45.17 -52.48 25.96
N VAL D 974 45.29 -51.22 26.42
CA VAL D 974 46.52 -50.42 26.30
C VAL D 974 47.64 -51.13 27.05
N ASP D 975 47.33 -51.61 28.27
CA ASP D 975 48.30 -52.35 29.07
C ASP D 975 48.69 -53.64 28.40
N MET D 976 47.73 -54.31 27.75
CA MET D 976 48.02 -55.54 27.02
C MET D 976 48.95 -55.26 25.86
N LEU D 977 48.65 -54.24 24.99
CA LEU D 977 49.54 -53.91 23.86
C LEU D 977 50.96 -53.55 24.31
N ARG D 978 51.06 -52.62 25.27
CA ARG D 978 52.35 -52.12 25.77
C ARG D 978 53.20 -53.14 26.51
N ASN D 979 52.58 -53.95 27.38
CA ASN D 979 53.30 -54.86 28.27
C ASN D 979 53.22 -56.37 27.93
N CYS D 980 52.57 -56.78 26.82
CA CYS D 980 52.56 -58.21 26.47
C CYS D 980 53.90 -58.68 25.87
N GLY D 981 54.68 -57.71 25.40
CA GLY D 981 55.99 -57.96 24.83
C GLY D 981 56.04 -58.31 23.36
N SER D 982 54.91 -58.19 22.64
CA SER D 982 54.87 -58.46 21.20
C SER D 982 55.06 -57.17 20.41
N PHE D 983 54.82 -56.00 21.06
CA PHE D 983 54.85 -54.69 20.40
C PHE D 983 55.81 -53.72 20.99
N THR D 984 56.42 -52.90 20.12
CA THR D 984 57.28 -51.75 20.46
C THR D 984 56.32 -50.67 20.97
N ARG D 985 56.82 -49.60 21.64
CA ARG D 985 55.90 -48.57 22.11
C ARG D 985 55.18 -47.88 20.97
N GLU D 986 55.92 -47.60 19.87
CA GLU D 986 55.46 -46.98 18.62
C GLU D 986 54.28 -47.79 18.06
N GLU D 987 54.47 -49.12 17.91
CA GLU D 987 53.49 -50.07 17.42
C GLU D 987 52.21 -50.03 18.27
N ALA D 988 52.38 -50.10 19.60
CA ALA D 988 51.25 -50.09 20.53
C ALA D 988 50.46 -48.80 20.41
N ASP D 989 51.16 -47.65 20.36
CA ASP D 989 50.56 -46.34 20.26
C ASP D 989 49.88 -46.11 18.89
N GLU D 990 50.43 -46.67 17.80
CA GLU D 990 49.82 -46.56 16.45
C GLU D 990 48.53 -47.33 16.40
N TYR D 991 48.52 -48.58 16.94
CA TYR D 991 47.33 -49.42 16.93
C TYR D 991 46.16 -48.78 17.65
N ILE D 992 46.42 -48.08 18.78
CA ILE D 992 45.38 -47.35 19.53
C ILE D 992 44.80 -46.22 18.69
N ASP D 993 45.71 -45.41 18.12
CA ASP D 993 45.41 -44.28 17.28
C ASP D 993 44.59 -44.66 16.05
N ILE D 994 45.03 -45.69 15.28
CA ILE D 994 44.30 -46.11 14.06
C ILE D 994 42.90 -46.72 14.38
N GLY D 995 42.57 -46.91 15.67
CA GLY D 995 41.27 -47.34 16.17
C GLY D 995 41.02 -48.82 16.35
N ALA D 996 42.07 -49.62 16.68
CA ALA D 996 41.96 -51.06 16.91
C ALA D 996 40.88 -51.35 17.98
N LEU D 997 40.78 -50.45 18.99
CA LEU D 997 39.82 -50.53 20.08
C LEU D 997 38.39 -50.40 19.58
N ASN D 998 38.16 -49.55 18.57
CA ASN D 998 36.85 -49.44 17.94
C ASN D 998 36.49 -50.78 17.27
N GLY D 999 37.46 -51.38 16.60
CA GLY D 999 37.32 -52.69 16.00
C GLY D 999 36.82 -53.73 16.98
N ILE D 1000 37.39 -53.74 18.21
CA ILE D 1000 36.94 -54.70 19.25
C ILE D 1000 35.45 -54.56 19.53
N PHE D 1001 34.98 -53.31 19.81
CA PHE D 1001 33.57 -53.04 20.06
C PHE D 1001 32.68 -53.44 18.87
N VAL D 1002 33.06 -53.02 17.66
CA VAL D 1002 32.33 -53.32 16.44
C VAL D 1002 32.21 -54.82 16.19
N LEU D 1003 33.33 -55.54 16.22
CA LEU D 1003 33.28 -56.98 16.03
C LEU D 1003 32.45 -57.64 17.13
N GLY D 1004 32.67 -57.23 18.38
CA GLY D 1004 31.97 -57.74 19.55
C GLY D 1004 30.47 -57.60 19.46
N ARG D 1005 30.00 -56.32 19.34
CA ARG D 1005 28.59 -55.99 19.25
C ARG D 1005 27.89 -56.51 17.95
N SER D 1006 28.67 -56.90 16.92
CA SER D 1006 28.13 -57.45 15.70
C SER D 1006 27.39 -58.73 15.99
N MET D 1007 27.86 -59.47 17.00
CA MET D 1007 27.20 -60.68 17.42
C MET D 1007 25.79 -60.44 17.94
N GLY D 1008 25.66 -59.51 18.87
CA GLY D 1008 24.39 -59.09 19.46
C GLY D 1008 23.41 -58.62 18.41
N PHE D 1009 23.87 -57.73 17.49
CA PHE D 1009 23.03 -57.22 16.40
C PHE D 1009 22.48 -58.34 15.52
N ILE D 1010 23.34 -59.30 15.10
CA ILE D 1010 22.86 -60.45 14.30
C ILE D 1010 21.82 -61.22 15.13
N GLY D 1011 22.10 -61.35 16.44
CA GLY D 1011 21.19 -61.98 17.38
C GLY D 1011 19.81 -61.35 17.33
N HIS D 1012 19.75 -60.02 17.45
CA HIS D 1012 18.48 -59.29 17.39
C HIS D 1012 17.79 -59.50 16.07
N TYR D 1013 18.53 -59.39 14.95
CA TYR D 1013 17.94 -59.56 13.62
C TYR D 1013 17.21 -60.88 13.53
N LEU D 1014 17.89 -61.98 13.91
CA LEU D 1014 17.31 -63.31 13.86
C LEU D 1014 16.10 -63.39 14.77
N ASP D 1015 16.23 -62.87 15.98
CA ASP D 1015 15.19 -62.86 16.98
C ASP D 1015 13.93 -62.18 16.43
N GLN D 1016 14.05 -60.96 15.88
CA GLN D 1016 12.90 -60.24 15.35
C GLN D 1016 12.23 -61.07 14.26
N LYS D 1017 13.01 -61.72 13.34
CA LYS D 1017 12.50 -62.56 12.26
C LYS D 1017 11.73 -63.76 12.81
N ARG D 1018 12.30 -64.39 13.85
CA ARG D 1018 11.75 -65.55 14.52
C ARG D 1018 10.48 -65.16 15.29
N LEU D 1019 10.45 -63.94 15.88
CA LEU D 1019 9.29 -63.38 16.62
C LEU D 1019 8.18 -62.88 15.69
N LYS D 1020 8.42 -62.94 14.37
CA LYS D 1020 7.48 -62.57 13.31
C LYS D 1020 6.88 -61.17 13.55
N GLN D 1021 7.76 -60.21 13.81
CA GLN D 1021 7.46 -58.83 14.15
C GLN D 1021 7.18 -57.97 12.94
N GLY D 1022 6.05 -57.26 12.98
CA GLY D 1022 5.59 -56.38 11.93
C GLY D 1022 6.31 -55.05 11.82
N LEU D 1023 5.98 -54.28 10.78
CA LEU D 1023 6.60 -52.99 10.49
C LEU D 1023 6.42 -52.00 11.62
N TYR D 1024 7.50 -51.28 11.99
CA TYR D 1024 7.39 -50.27 13.03
C TYR D 1024 7.17 -48.90 12.44
N ARG D 1025 6.29 -48.15 13.09
CA ARG D 1025 6.07 -46.74 12.76
C ARG D 1025 6.03 -46.05 14.10
N HIS D 1026 6.89 -45.05 14.28
CA HIS D 1026 6.96 -44.33 15.53
C HIS D 1026 5.67 -43.54 15.82
N PRO D 1027 5.15 -43.64 17.07
CA PRO D 1027 3.93 -42.91 17.40
C PRO D 1027 4.11 -41.39 17.38
N TRP D 1028 3.13 -40.68 16.83
CA TRP D 1028 3.20 -39.24 16.73
C TRP D 1028 3.26 -38.55 18.05
N ASP D 1029 2.68 -39.17 19.09
CA ASP D 1029 2.66 -38.64 20.46
C ASP D 1029 4.06 -38.44 20.99
N ASP D 1030 5.04 -39.22 20.52
CA ASP D 1030 6.43 -39.09 20.95
C ASP D 1030 7.24 -38.08 20.15
N ILE D 1031 6.58 -37.42 19.19
CA ILE D 1031 7.24 -36.45 18.34
C ILE D 1031 6.70 -35.07 18.59
N SER D 1032 7.63 -34.13 18.85
CA SER D 1032 7.33 -32.71 19.05
C SER D 1032 7.61 -32.00 17.70
N TYR D 1033 6.53 -31.64 16.95
CA TYR D 1033 6.61 -30.95 15.65
C TYR D 1033 6.66 -29.46 15.91
N VAL D 1034 7.79 -28.84 15.58
CA VAL D 1034 8.06 -27.41 15.80
C VAL D 1034 8.41 -26.73 14.47
N LEU D 1035 7.45 -26.75 13.53
CA LEU D 1035 7.58 -26.18 12.19
C LEU D 1035 7.38 -24.66 12.15
N PRO D 1036 8.03 -23.97 11.16
CA PRO D 1036 7.89 -22.50 11.05
C PRO D 1036 6.45 -22.03 10.83
N GLU D 1037 6.15 -20.77 11.23
CA GLU D 1037 4.80 -20.20 11.15
C GLU D 1037 4.22 -20.16 9.73
N HIS D 1038 3.13 -20.97 9.48
CA HIS D 1038 2.37 -21.20 8.22
C HIS D 1038 3.00 -20.48 7.00
N MET D 1039 2.27 -19.64 6.26
CA MET D 1039 2.91 -18.89 5.20
C MET D 1039 2.48 -17.43 5.24
N SER D 1040 3.15 -16.76 6.18
CA SER D 1040 3.12 -15.35 6.55
C SER D 1040 4.28 -15.23 7.56
N MET D 1041 5.33 -14.47 7.18
CA MET D 1041 6.55 -14.28 7.98
C MET D 1041 6.83 -12.78 8.18
#